data_6B45
#
_entry.id   6B45
#
_cell.length_a   1
_cell.length_b   1
_cell.length_c   1
_cell.angle_alpha   90.00
_cell.angle_beta   90.00
_cell.angle_gamma   90.00
#
_symmetry.space_group_name_H-M   'P 1'
#
loop_
_entity.id
_entity.type
_entity.pdbx_description
1 polymer 'CRISPR-associated protein Csy1'
2 polymer 'CRISPR-associated protein Csy2'
3 polymer 'CRISPR-associated protein Csy3'
4 polymer 'CRISPR-associated endonuclease Cas6/Csy4'
5 polymer 'Pseudomonas aeruginosa strain SMC4485 CRISPR repeat sequence'
#
loop_
_entity_poly.entity_id
_entity_poly.type
_entity_poly.pdbx_seq_one_letter_code
_entity_poly.pdbx_strand_id
1 'polypeptide(L)'
;GSMTSPLPTPTWQELRQFIESFIQERLQGKLDKLQPDEDDKRQTLLATHRREAWLADAARRVGQLQLVTHTLKPIHPDAR
GSNLHSLPQAPGQPGLAGSHELGDRLVSDVVGNAAALDVFKFLSLQYQGKNLLNWLTEDSAEALQALSDNAEQAREWRQA
FIGITTVKGAPASHSLAKQLYFPLPGSGYHLLAPLFPTSLVHHVHALLREARFGDAAKAAREARSRQESWPHGFSEYPNL
AIQKFGGTKPQNISQLNNERRGENWLLPSLPPNWQRQNVNAPMRHSSVFEHDFGRTPEVSRLTRTLQRFLAKTVHNNLAI
RQRRAQLVAQICDEALQYAARLRELEPGWSATPGCQLHDAEQLWLDPLRAQTDETFLQRRLRGDWPAEVGNRFANWLNRA
VSSDSQILGSPEAAQWSQELSKELTMFKEILEDERD
;
A
2 'polypeptide(L)'
;MAMSVTDPEALLLLPRLSIQNANAISSPLTWGFPSPGAFTGFVHALQRRVGISLDIELDGVGIVCHRFEAQISQPAGKRT
KVFNLTRNPLNRDGSTAAIVEEGRAHLEVSLLLGVHGDGLDDHPAQEIARQVQEQAGAMRLAGGSILPWCNERFPAPNAE
LLMLGGSDEQRRKNQRRLTRRLLPGFALVSREALLQQHLETLRTTLPEATTLDALLDLCRINFEPPATSSEEEASPPDAA
WQVRDKPGWLVPIPAGYNALSPLYLPGEVRNARDRETPLRFVENLFGLGEWLSPHRVAALSDLLWYHHAEPDKGLYRWST
PRFVEHAIA
;
B
3 'polypeptide(L)'
;MAMSKPILSTASVLAFERKLDPSDALMSAGAWAQRDASQEWPAVTVREKSVRGTISNRLKTKDRDPAKLDASIQSPNLQT
VDVANLPSDADTLKVRFTLRVLGGAGTPSACNDAAYRDKLLQTVATYVNDQGFAELARRYAHNLANARFLWRNRVGAEAV
EVRINHIRQGEVARAWRFDALAIGLRDFKADAELDALAELIASGLSGSGHVLLEVVAFARIGDGQEVFPSQELILDKGDK
KGQKSKTLYSVRDAAAIHSQKIGNALRTIDTWYPDEDGLGPIAVEPYGSVTSQGKAYRQPKQKLDFYTLLDNWVLRDEAP
AVEQQHYVIANLIRGGVFGEAEEK
;
C,D,E,F,G,H
4 'polypeptide(L)'
;MAMDHYLDIRLRPDPEFPPAQLMSVLFGKLHQALVAQGGDRIGVSFPDLDESRSRLGERLRIHASADDLRALLARPWLEG
LRDHLQFGEPAVVPHPTPYRQVSRVQAKSNPERLRRRLMRRHDLSEEEARKRIPDTVARALDLPFVTLRSQSTGQHFRLF
IRHGPLQVTAEEGGFTCYGLSKGGFVPWF
;
L
5 'polyribonucleotide' CUAAGAAAUUCACGGCGGGCUUGAUGUCCGCGUCUACCUGGUUCACUGCCGUGUAGGCAG M
#
loop_
_chem_comp.id
_chem_comp.type
_chem_comp.name
_chem_comp.formula
A RNA linking ADENOSINE-5'-MONOPHOSPHATE 'C10 H14 N5 O7 P'
C RNA linking CYTIDINE-5'-MONOPHOSPHATE 'C9 H14 N3 O8 P'
G RNA linking GUANOSINE-5'-MONOPHOSPHATE 'C10 H14 N5 O8 P'
U RNA linking URIDINE-5'-MONOPHOSPHATE 'C9 H13 N2 O9 P'
#
# COMPACT_ATOMS: atom_id res chain seq x y z
N GLN A 13 13.08 75.49 -4.66
CA GLN A 13 14.26 75.80 -3.87
C GLN A 13 14.25 75.07 -2.51
N GLU A 14 13.91 73.78 -2.55
CA GLU A 14 13.71 72.98 -1.34
C GLU A 14 15.05 72.45 -0.78
N LEU A 15 15.97 73.39 -0.58
CA LEU A 15 17.17 73.16 0.21
C LEU A 15 17.52 74.33 1.11
N ARG A 16 16.78 75.43 1.04
CA ARG A 16 16.83 76.51 2.03
C ARG A 16 15.46 76.74 2.67
N GLN A 17 14.40 76.89 1.88
CA GLN A 17 13.06 77.09 2.41
C GLN A 17 12.43 75.79 2.91
N PHE A 18 13.02 74.66 2.56
CA PHE A 18 12.72 73.38 3.16
C PHE A 18 13.95 72.74 3.77
N ILE A 19 15.13 73.28 3.50
CA ILE A 19 16.36 72.72 4.07
C ILE A 19 16.72 73.37 5.39
N GLU A 20 16.44 74.67 5.56
CA GLU A 20 16.52 75.27 6.88
C GLU A 20 15.45 74.70 7.79
N SER A 21 14.25 74.46 7.26
CA SER A 21 13.20 73.79 8.00
C SER A 21 13.52 72.33 8.26
N PHE A 22 14.29 71.67 7.38
CA PHE A 22 14.69 70.29 7.64
C PHE A 22 15.81 70.20 8.66
N ILE A 23 16.74 71.15 8.63
CA ILE A 23 17.74 71.22 9.68
C ILE A 23 17.12 71.67 11.00
N GLN A 24 16.02 72.41 10.95
CA GLN A 24 15.28 72.76 12.17
C GLN A 24 14.46 71.58 12.69
N GLU A 25 13.86 70.80 11.80
CA GLU A 25 13.14 69.59 12.18
C GLU A 25 14.09 68.47 12.60
N ARG A 26 15.38 68.61 12.30
CA ARG A 26 16.42 67.84 12.96
C ARG A 26 16.99 68.58 14.17
N LEU A 27 16.67 69.86 14.33
CA LEU A 27 16.94 70.62 15.55
C LEU A 27 15.78 70.57 16.53
N GLN A 28 14.77 69.74 16.24
CA GLN A 28 13.83 69.24 17.23
C GLN A 28 14.08 67.77 17.53
N GLY A 29 14.77 67.08 16.63
CA GLY A 29 15.35 65.77 16.89
C GLY A 29 16.84 65.91 17.12
N LYS A 30 17.25 67.11 17.55
CA LYS A 30 18.59 67.36 18.05
C LYS A 30 18.60 67.73 19.52
N LEU A 31 17.45 68.09 20.09
CA LEU A 31 17.35 68.25 21.53
C LEU A 31 17.39 66.92 22.26
N ASP A 32 17.13 65.82 21.55
CA ASP A 32 17.36 64.50 22.13
C ASP A 32 18.84 64.21 22.29
N LYS A 33 19.65 64.65 21.33
CA LYS A 33 21.11 64.50 21.38
C LYS A 33 21.69 65.82 21.89
N LEU A 34 21.36 66.14 23.15
CA LEU A 34 21.80 67.41 23.73
C LEU A 34 21.82 67.28 25.25
N GLN A 35 23.03 67.20 25.82
CA GLN A 35 23.31 67.46 27.22
C GLN A 35 23.65 68.94 27.32
N PRO A 36 24.02 69.46 28.50
CA PRO A 36 24.37 70.88 28.57
C PRO A 36 25.63 71.29 27.80
N ASP A 37 26.78 70.73 28.17
CA ASP A 37 28.07 71.22 27.67
C ASP A 37 28.59 70.40 26.50
N GLU A 38 28.70 69.08 26.68
CA GLU A 38 29.01 68.20 25.57
C GLU A 38 27.90 68.20 24.54
N ASP A 39 26.65 68.39 24.99
CA ASP A 39 25.55 68.57 24.06
C ASP A 39 25.49 69.98 23.47
N ASP A 40 26.05 70.99 24.14
CA ASP A 40 26.18 72.28 23.49
C ASP A 40 27.23 72.24 22.39
N LYS A 41 28.29 71.46 22.61
CA LYS A 41 29.27 71.20 21.55
C LYS A 41 28.67 70.35 20.44
N ARG A 42 27.80 69.40 20.77
CA ARG A 42 27.13 68.61 19.75
C ARG A 42 26.10 69.44 18.98
N GLN A 43 25.51 70.44 19.63
CA GLN A 43 24.63 71.36 18.92
C GLN A 43 25.42 72.30 18.03
N THR A 44 26.64 72.69 18.44
CA THR A 44 27.51 73.48 17.57
C THR A 44 27.99 72.65 16.37
N LEU A 45 28.28 71.36 16.58
CA LEU A 45 28.68 70.48 15.50
C LEU A 45 27.53 70.23 14.52
N LEU A 46 26.40 69.72 15.01
CA LEU A 46 25.24 69.43 14.17
C LEU A 46 24.44 70.67 13.78
N ALA A 47 24.79 71.86 14.27
CA ALA A 47 24.24 73.11 13.77
C ALA A 47 25.24 73.86 12.92
N THR A 48 26.44 73.30 12.74
CA THR A 48 27.24 73.65 11.58
C THR A 48 26.79 72.90 10.33
N HIS A 49 25.81 72.01 10.46
CA HIS A 49 25.18 71.35 9.32
C HIS A 49 23.67 71.64 9.25
N ARG A 50 22.96 71.44 10.35
CA ARG A 50 21.52 71.61 10.38
C ARG A 50 21.10 73.05 10.63
N ARG A 51 22.00 74.02 10.51
CA ARG A 51 21.59 75.41 10.58
C ARG A 51 21.84 76.10 9.24
N GLU A 52 23.09 76.08 8.77
CA GLU A 52 23.44 76.78 7.54
C GLU A 52 24.38 76.02 6.62
N ALA A 53 24.98 74.92 7.08
CA ALA A 53 26.13 74.34 6.39
C ALA A 53 26.02 72.82 6.26
N TRP A 54 24.89 72.32 5.78
CA TRP A 54 24.72 70.88 5.58
C TRP A 54 25.55 70.32 4.44
N LEU A 55 25.71 71.09 3.36
CA LEU A 55 26.40 70.57 2.17
C LEU A 55 27.89 70.40 2.42
N ALA A 56 28.52 71.36 3.09
CA ALA A 56 29.96 71.31 3.33
C ALA A 56 30.33 70.17 4.28
N ASP A 57 29.56 70.00 5.36
CA ASP A 57 29.85 68.94 6.32
C ASP A 57 29.53 67.56 5.74
N ALA A 58 28.46 67.46 4.94
CA ALA A 58 28.14 66.19 4.31
C ALA A 58 29.14 65.80 3.23
N ALA A 59 29.65 66.78 2.47
CA ALA A 59 30.64 66.48 1.44
C ALA A 59 32.02 66.23 2.04
N ARG A 60 32.31 66.82 3.20
CA ARG A 60 33.57 66.51 3.88
C ARG A 60 33.54 65.11 4.50
N ARG A 61 32.43 64.73 5.15
CA ARG A 61 32.39 63.46 5.84
C ARG A 61 32.01 62.27 4.96
N VAL A 62 31.27 62.48 3.86
CA VAL A 62 30.76 61.36 3.07
C VAL A 62 31.09 61.51 1.59
N GLY A 63 32.19 62.18 1.27
CA GLY A 63 32.50 62.53 -0.09
C GLY A 63 33.11 61.45 -0.97
N GLN A 64 33.52 60.32 -0.41
CA GLN A 64 34.26 59.30 -1.17
C GLN A 64 33.69 57.91 -0.91
N LEU A 65 32.37 57.78 -1.00
CA LEU A 65 31.70 56.52 -0.77
C LEU A 65 31.34 55.86 -2.11
N GLN A 66 30.56 54.77 -2.04
CA GLN A 66 30.14 54.05 -3.23
C GLN A 66 28.80 53.37 -2.96
N LEU A 67 27.72 53.96 -3.47
CA LEU A 67 26.42 53.33 -3.45
C LEU A 67 26.32 52.31 -4.59
N VAL A 68 25.39 51.38 -4.46
CA VAL A 68 25.26 50.31 -5.45
C VAL A 68 23.84 49.79 -5.54
N THR A 69 23.57 48.95 -6.54
CA THR A 69 22.35 48.16 -6.64
C THR A 69 22.60 46.67 -6.65
N HIS A 70 23.82 46.24 -6.99
CA HIS A 70 24.20 44.83 -6.93
C HIS A 70 25.71 44.76 -6.79
N THR A 71 26.19 44.52 -5.57
CA THR A 71 27.61 44.46 -5.26
C THR A 71 27.99 43.02 -4.90
N LEU A 72 29.26 42.83 -4.50
CA LEU A 72 29.76 41.49 -4.22
C LEU A 72 30.66 41.44 -2.98
N LYS A 73 30.61 42.44 -2.11
CA LYS A 73 31.39 42.47 -0.89
C LYS A 73 30.87 41.44 0.11
N PRO A 74 29.58 41.12 0.07
CA PRO A 74 28.99 40.18 1.04
C PRO A 74 29.09 38.71 0.67
N ILE A 75 29.92 38.36 -0.31
CA ILE A 75 30.19 36.96 -0.61
C ILE A 75 31.36 36.41 0.19
N HIS A 76 32.00 37.23 1.02
CA HIS A 76 33.10 36.82 1.88
C HIS A 76 33.22 37.85 2.99
N PRO A 77 33.88 37.51 4.10
CA PRO A 77 33.97 38.45 5.24
C PRO A 77 34.80 39.70 4.96
N ASP A 78 36.03 39.50 4.47
CA ASP A 78 36.98 40.59 4.26
C ASP A 78 37.49 40.63 2.83
N ALA A 79 36.57 40.58 1.86
CA ALA A 79 36.89 40.49 0.44
C ALA A 79 36.73 41.86 -0.23
N ARG A 80 36.86 41.85 -1.56
CA ARG A 80 36.70 43.03 -2.40
C ARG A 80 35.90 42.65 -3.63
N GLY A 81 35.35 43.66 -4.32
CA GLY A 81 34.50 43.36 -5.46
C GLY A 81 34.19 44.54 -6.36
N SER A 82 33.01 44.51 -6.98
CA SER A 82 32.62 45.49 -7.99
C SER A 82 31.48 46.37 -7.50
N ASN A 83 31.34 47.52 -8.15
CA ASN A 83 30.30 48.49 -7.81
C ASN A 83 29.79 49.09 -9.11
N LEU A 84 28.69 48.54 -9.61
CA LEU A 84 28.07 49.04 -10.84
C LEU A 84 26.65 48.51 -10.87
N HIS A 85 25.68 49.43 -10.93
CA HIS A 85 24.27 49.08 -11.04
C HIS A 85 23.65 49.61 -12.33
N SER A 86 24.50 50.02 -13.27
CA SER A 86 24.08 50.65 -14.51
C SER A 86 23.62 49.62 -15.54
N LEU A 87 23.55 50.03 -16.80
CA LEU A 87 22.90 49.24 -17.84
C LEU A 87 21.42 49.15 -17.54
N PRO A 88 20.69 50.27 -17.65
CA PRO A 88 19.25 50.26 -17.41
C PRO A 88 18.42 49.85 -18.62
N GLN A 89 19.05 49.24 -19.61
CA GLN A 89 18.35 48.78 -20.79
C GLN A 89 19.06 47.58 -21.39
N ALA A 90 18.30 46.79 -22.15
CA ALA A 90 18.85 45.65 -22.89
C ALA A 90 17.97 45.49 -24.13
N PRO A 91 18.30 46.16 -25.22
CA PRO A 91 17.37 46.23 -26.36
C PRO A 91 17.42 45.06 -27.33
N GLY A 92 17.92 43.91 -26.86
CA GLY A 92 18.20 42.80 -27.75
C GLY A 92 17.12 41.74 -27.87
N GLN A 93 17.35 40.58 -27.27
CA GLN A 93 16.50 39.43 -27.58
C GLN A 93 15.41 39.27 -26.51
N PRO A 94 14.16 39.11 -26.95
CA PRO A 94 13.03 38.96 -26.00
C PRO A 94 12.76 37.51 -25.63
N GLY A 95 13.79 36.82 -25.14
CA GLY A 95 13.64 35.44 -24.74
C GLY A 95 14.15 35.15 -23.35
N LEU A 96 14.64 36.17 -22.67
CA LEU A 96 15.19 36.05 -21.32
C LEU A 96 14.50 37.02 -20.39
N ALA A 97 14.80 36.91 -19.10
CA ALA A 97 14.19 37.77 -18.08
C ALA A 97 15.23 38.03 -17.00
N GLY A 98 15.56 39.29 -16.77
CA GLY A 98 16.59 39.63 -15.81
C GLY A 98 16.47 41.00 -15.19
N SER A 99 17.60 41.70 -15.09
CA SER A 99 17.68 43.01 -14.47
C SER A 99 17.88 44.11 -15.52
N HIS A 100 17.18 43.97 -16.65
CA HIS A 100 17.24 44.97 -17.71
C HIS A 100 16.50 46.26 -17.35
N GLU A 101 15.55 46.19 -16.40
CA GLU A 101 14.87 47.39 -15.93
C GLU A 101 13.92 47.00 -14.81
N LEU A 102 13.65 47.95 -13.90
CA LEU A 102 12.67 47.75 -12.85
C LEU A 102 11.30 48.32 -13.21
N GLY A 103 11.28 49.46 -13.90
CA GLY A 103 10.05 50.01 -14.44
C GLY A 103 9.32 50.97 -13.52
N ASP A 104 8.98 50.51 -12.33
CA ASP A 104 8.23 51.31 -11.37
C ASP A 104 8.69 50.95 -9.98
N ARG A 105 8.72 51.97 -9.11
CA ARG A 105 9.32 51.85 -7.78
C ARG A 105 10.81 51.56 -7.87
N LEU A 106 11.53 52.50 -8.49
CA LEU A 106 12.98 52.40 -8.64
C LEU A 106 13.66 52.62 -7.31
N VAL A 107 14.42 51.62 -6.84
CA VAL A 107 15.10 51.72 -5.56
C VAL A 107 16.59 51.53 -5.78
N SER A 108 17.40 52.12 -4.91
CA SER A 108 18.85 52.03 -4.97
C SER A 108 19.39 52.15 -3.54
N ASP A 109 19.90 51.04 -3.02
CA ASP A 109 20.43 51.03 -1.65
C ASP A 109 21.60 50.03 -1.62
N VAL A 110 22.81 50.55 -1.74
CA VAL A 110 24.04 49.76 -1.64
C VAL A 110 24.79 50.21 -0.40
N VAL A 111 25.51 49.25 0.19
CA VAL A 111 26.13 49.49 1.50
C VAL A 111 27.36 50.38 1.37
N GLY A 112 28.39 49.88 0.70
CA GLY A 112 29.64 50.62 0.63
C GLY A 112 30.30 50.66 1.99
N ASN A 113 30.54 51.87 2.48
CA ASN A 113 31.03 52.07 3.84
C ASN A 113 30.39 53.27 4.53
N ALA A 114 29.22 53.70 4.08
CA ALA A 114 28.61 54.94 4.56
C ALA A 114 28.01 54.71 5.95
N ALA A 115 28.65 55.28 6.97
CA ALA A 115 28.25 55.06 8.35
C ALA A 115 27.29 56.11 8.88
N ALA A 116 27.35 57.33 8.36
CA ALA A 116 26.50 58.42 8.86
C ALA A 116 25.18 58.38 8.09
N LEU A 117 24.16 57.78 8.70
CA LEU A 117 22.84 57.75 8.08
C LEU A 117 22.08 59.05 8.24
N ASP A 118 22.37 59.83 9.30
CA ASP A 118 21.72 61.10 9.54
C ASP A 118 22.19 62.21 8.61
N VAL A 119 23.28 61.99 7.87
CA VAL A 119 23.68 62.91 6.81
C VAL A 119 23.09 62.52 5.46
N PHE A 120 22.67 61.26 5.30
CA PHE A 120 21.95 60.80 4.12
C PHE A 120 20.50 60.45 4.42
N LYS A 121 19.99 60.93 5.56
CA LYS A 121 18.57 60.84 5.88
C LYS A 121 17.87 62.19 5.89
N PHE A 122 18.63 63.28 5.95
CA PHE A 122 18.10 64.62 5.79
C PHE A 122 18.44 65.21 4.43
N LEU A 123 18.49 64.36 3.41
CA LEU A 123 18.72 64.79 2.04
C LEU A 123 17.92 64.05 1.00
N SER A 124 17.02 63.15 1.40
CA SER A 124 16.29 62.30 0.46
C SER A 124 14.90 62.82 0.14
N LEU A 125 14.29 63.60 1.05
CA LEU A 125 12.94 64.12 0.87
C LEU A 125 12.92 65.41 0.07
N GLN A 126 14.06 65.83 -0.49
CA GLN A 126 14.11 66.96 -1.40
C GLN A 126 13.80 66.57 -2.84
N TYR A 127 13.69 65.27 -3.11
CA TYR A 127 13.34 64.78 -4.44
C TYR A 127 12.06 63.97 -4.45
N GLN A 128 11.39 63.80 -3.31
CA GLN A 128 10.11 63.11 -3.24
C GLN A 128 9.02 64.17 -3.43
N GLY A 129 8.62 64.36 -4.69
CA GLY A 129 7.68 65.38 -5.08
C GLY A 129 8.31 66.50 -5.89
N LYS A 130 9.63 66.62 -5.89
CA LYS A 130 10.34 67.65 -6.64
C LYS A 130 11.49 66.97 -7.38
N ASN A 131 12.37 67.77 -7.97
CA ASN A 131 13.50 67.28 -8.74
C ASN A 131 14.82 67.53 -8.02
N LEU A 132 14.82 67.40 -6.70
CA LEU A 132 16.05 67.54 -5.93
C LEU A 132 16.91 66.28 -5.95
N LEU A 133 16.36 65.16 -6.41
CA LEU A 133 17.14 63.97 -6.71
C LEU A 133 17.68 64.00 -8.14
N ASN A 134 17.38 65.05 -8.91
CA ASN A 134 17.90 65.22 -10.25
C ASN A 134 19.18 66.06 -10.30
N TRP A 135 19.63 66.58 -9.16
CA TRP A 135 20.88 67.30 -9.06
C TRP A 135 21.96 66.48 -8.36
N LEU A 136 21.78 65.16 -8.28
CA LEU A 136 22.71 64.29 -7.58
C LEU A 136 23.97 63.97 -8.37
N THR A 137 24.05 64.38 -9.64
CA THR A 137 25.24 64.15 -10.46
C THR A 137 25.86 65.44 -10.97
N GLU A 138 25.05 66.37 -11.48
CA GLU A 138 25.56 67.63 -12.00
C GLU A 138 24.37 68.53 -12.32
N ASP A 139 24.65 69.70 -12.89
CA ASP A 139 23.62 70.66 -13.28
C ASP A 139 22.95 71.27 -12.05
N SER A 140 23.77 71.66 -11.08
CA SER A 140 23.32 72.23 -9.82
C SER A 140 23.24 73.75 -9.88
N ALA A 141 22.30 74.29 -10.66
CA ALA A 141 22.03 75.72 -10.63
C ALA A 141 21.10 76.07 -9.47
N GLU A 142 19.97 75.36 -9.38
CA GLU A 142 19.12 75.48 -8.20
C GLU A 142 19.78 74.84 -6.98
N ALA A 143 20.70 73.89 -7.19
CA ALA A 143 21.46 73.30 -6.11
C ALA A 143 22.52 74.23 -5.55
N LEU A 144 22.91 75.25 -6.32
CA LEU A 144 23.75 76.32 -5.81
C LEU A 144 22.96 77.54 -5.38
N GLN A 145 21.72 77.68 -5.86
CA GLN A 145 20.80 78.70 -5.37
C GLN A 145 20.06 78.26 -4.11
N ALA A 146 19.88 76.95 -3.90
CA ALA A 146 19.19 76.42 -2.74
C ALA A 146 20.15 76.08 -1.60
N LEU A 147 21.26 76.79 -1.51
CA LEU A 147 22.19 76.65 -0.40
C LEU A 147 22.24 77.84 0.52
N SER A 148 22.12 79.06 -0.02
CA SER A 148 22.23 80.33 0.69
C SER A 148 23.67 80.75 0.94
N ASP A 149 24.66 79.93 0.56
CA ASP A 149 26.07 80.21 0.77
C ASP A 149 26.76 80.40 -0.58
N ASN A 150 28.08 80.55 -0.53
CA ASN A 150 28.88 80.81 -1.72
C ASN A 150 29.13 79.51 -2.49
N ALA A 151 30.04 79.57 -3.47
CA ALA A 151 30.33 78.40 -4.29
C ALA A 151 31.14 77.34 -3.56
N GLU A 152 31.75 77.67 -2.42
CA GLU A 152 32.60 76.72 -1.72
C GLU A 152 31.79 75.63 -1.02
N GLN A 153 30.78 76.02 -0.22
CA GLN A 153 30.00 75.03 0.51
C GLN A 153 29.11 74.22 -0.42
N ALA A 154 28.51 74.88 -1.42
CA ALA A 154 27.72 74.18 -2.44
C ALA A 154 28.60 73.29 -3.30
N ARG A 155 29.87 73.66 -3.50
CA ARG A 155 30.80 72.80 -4.22
C ARG A 155 31.23 71.60 -3.38
N GLU A 156 31.35 71.77 -2.06
CA GLU A 156 31.61 70.63 -1.19
C GLU A 156 30.43 69.66 -1.19
N TRP A 157 29.20 70.19 -1.17
CA TRP A 157 28.02 69.35 -1.27
C TRP A 157 27.91 68.67 -2.63
N ARG A 158 28.27 69.38 -3.70
CA ARG A 158 28.30 68.77 -5.03
C ARG A 158 29.38 67.71 -5.15
N GLN A 159 30.50 67.86 -4.45
CA GLN A 159 31.52 66.81 -4.43
C GLN A 159 31.04 65.59 -3.67
N ALA A 160 30.35 65.80 -2.54
CA ALA A 160 29.80 64.69 -1.78
C ALA A 160 28.62 64.03 -2.48
N PHE A 161 27.97 64.73 -3.41
CA PHE A 161 26.92 64.12 -4.22
C PHE A 161 27.43 63.43 -5.48
N ILE A 162 28.49 63.98 -6.10
CA ILE A 162 29.08 63.34 -7.27
C ILE A 162 30.00 62.19 -6.90
N GLY A 163 30.39 62.07 -5.63
CA GLY A 163 31.08 60.88 -5.19
C GLY A 163 30.17 59.80 -4.64
N ILE A 164 28.88 60.08 -4.49
CA ILE A 164 27.95 59.09 -3.94
C ILE A 164 27.58 58.02 -4.95
N THR A 165 27.84 58.27 -6.24
CA THR A 165 27.67 57.29 -7.30
C THR A 165 28.88 57.31 -8.23
N THR A 166 30.07 57.27 -7.64
CA THR A 166 31.31 57.39 -8.41
C THR A 166 31.53 56.13 -9.24
N VAL A 167 31.74 56.32 -10.54
CA VAL A 167 31.89 55.21 -11.49
C VAL A 167 33.13 55.49 -12.33
N LYS A 168 34.22 54.77 -12.03
CA LYS A 168 35.47 54.94 -12.77
C LYS A 168 35.47 54.19 -14.09
N GLY A 169 34.63 53.18 -14.23
CA GLY A 169 34.55 52.42 -15.47
C GLY A 169 35.26 51.09 -15.36
N ALA A 170 36.39 51.06 -14.66
CA ALA A 170 37.23 49.88 -14.50
C ALA A 170 37.31 49.50 -13.03
N PRO A 171 36.40 48.66 -12.53
CA PRO A 171 36.48 48.21 -11.13
C PRO A 171 37.67 47.30 -10.84
N ALA A 172 37.77 46.87 -9.59
CA ALA A 172 38.76 45.91 -9.15
C ALA A 172 38.05 44.64 -8.69
N SER A 173 38.83 43.67 -8.24
CA SER A 173 38.26 42.40 -7.85
C SER A 173 39.20 41.71 -6.85
N HIS A 174 38.62 40.76 -6.12
CA HIS A 174 39.34 39.92 -5.17
C HIS A 174 39.33 38.49 -5.71
N SER A 175 40.19 37.65 -5.15
CA SER A 175 40.34 36.27 -5.59
C SER A 175 39.08 35.43 -5.40
N LEU A 176 38.19 35.82 -4.49
CA LEU A 176 36.98 35.05 -4.20
C LEU A 176 35.75 35.69 -4.84
N ALA A 177 35.88 36.24 -6.04
CA ALA A 177 34.76 36.87 -6.73
C ALA A 177 34.02 35.93 -7.66
N LYS A 178 34.38 34.63 -7.65
CA LYS A 178 33.73 33.57 -8.41
C LYS A 178 33.77 33.84 -9.92
N GLN A 179 35.00 33.81 -10.43
CA GLN A 179 35.30 34.17 -11.81
C GLN A 179 35.22 32.96 -12.72
N LEU A 180 34.40 33.04 -13.76
CA LEU A 180 33.98 31.87 -14.53
C LEU A 180 34.27 32.06 -16.01
N TYR A 181 34.96 31.09 -16.61
CA TYR A 181 35.15 31.08 -18.06
C TYR A 181 33.86 30.77 -18.77
N PHE A 182 33.58 31.51 -19.84
CA PHE A 182 32.46 31.22 -20.71
C PHE A 182 32.98 31.01 -22.12
N PRO A 183 32.65 29.88 -22.76
CA PRO A 183 33.26 29.57 -24.06
C PRO A 183 32.58 30.31 -25.22
N LEU A 184 33.39 30.96 -26.03
CA LEU A 184 32.95 31.61 -27.26
C LEU A 184 32.64 30.55 -28.31
N PRO A 185 31.97 30.91 -29.45
CA PRO A 185 31.71 29.90 -30.48
C PRO A 185 32.94 29.46 -31.25
N GLY A 186 33.68 28.49 -30.72
CA GLY A 186 34.90 28.03 -31.35
C GLY A 186 36.08 28.96 -31.21
N SER A 187 36.11 29.77 -30.17
CA SER A 187 37.03 30.89 -30.05
C SER A 187 37.51 30.96 -28.61
N GLY A 188 38.04 32.12 -28.20
CA GLY A 188 38.61 32.31 -26.88
C GLY A 188 37.65 32.32 -25.72
N TYR A 189 38.01 33.00 -24.63
CA TYR A 189 37.27 32.90 -23.38
C TYR A 189 37.20 34.27 -22.71
N HIS A 190 35.97 34.77 -22.53
CA HIS A 190 35.71 35.96 -21.75
C HIS A 190 35.29 35.54 -20.35
N LEU A 191 36.16 35.71 -19.37
CA LEU A 191 35.89 35.18 -18.04
C LEU A 191 34.94 36.10 -17.29
N LEU A 192 33.91 35.52 -16.69
CA LEU A 192 32.81 36.27 -16.11
C LEU A 192 32.83 36.14 -14.59
N ALA A 193 32.69 37.26 -13.90
CA ALA A 193 32.55 37.28 -12.45
C ALA A 193 31.14 37.77 -12.11
N PRO A 194 30.19 36.88 -11.82
CA PRO A 194 28.85 37.34 -11.45
C PRO A 194 28.81 37.88 -10.03
N LEU A 195 27.75 38.63 -9.76
CA LEU A 195 27.57 39.34 -8.49
C LEU A 195 26.20 39.03 -7.91
N PHE A 196 25.79 39.76 -6.88
CA PHE A 196 24.54 39.48 -6.16
C PHE A 196 23.64 40.70 -6.13
N PRO A 197 22.63 40.78 -7.02
CA PRO A 197 21.79 41.99 -7.13
C PRO A 197 20.87 42.22 -5.96
N THR A 198 21.20 43.21 -5.11
CA THR A 198 20.59 43.30 -3.79
C THR A 198 19.19 43.91 -3.87
N SER A 199 19.02 45.03 -4.58
CA SER A 199 17.71 45.64 -4.72
C SER A 199 16.79 44.82 -5.61
N LEU A 200 17.35 43.98 -6.48
CA LEU A 200 16.52 43.06 -7.28
C LEU A 200 15.95 41.95 -6.41
N VAL A 201 16.78 41.38 -5.53
CA VAL A 201 16.30 40.36 -4.59
C VAL A 201 15.31 40.97 -3.60
N HIS A 202 15.52 42.23 -3.20
CA HIS A 202 14.52 42.87 -2.35
C HIS A 202 13.26 43.29 -3.12
N HIS A 203 13.33 43.45 -4.44
CA HIS A 203 12.13 43.63 -5.25
C HIS A 203 11.31 42.35 -5.27
N VAL A 204 12.01 41.21 -5.42
CA VAL A 204 11.35 39.91 -5.29
C VAL A 204 10.74 39.74 -3.90
N HIS A 205 11.45 40.24 -2.87
CA HIS A 205 10.90 40.24 -1.51
C HIS A 205 9.70 41.17 -1.35
N ALA A 206 9.67 42.27 -2.10
CA ALA A 206 8.50 43.15 -2.07
C ALA A 206 7.27 42.43 -2.59
N LEU A 207 7.39 41.81 -3.76
CA LEU A 207 6.26 41.05 -4.32
C LEU A 207 5.89 39.85 -3.45
N LEU A 208 6.89 39.15 -2.90
CA LEU A 208 6.61 37.97 -2.09
C LEU A 208 6.00 38.34 -0.74
N ARG A 209 6.53 39.34 -0.04
CA ARG A 209 5.93 39.73 1.23
C ARG A 209 4.57 40.38 1.02
N GLU A 210 4.32 40.96 -0.15
CA GLU A 210 2.96 41.40 -0.47
C GLU A 210 2.02 40.22 -0.64
N ALA A 211 2.49 39.13 -1.26
CA ALA A 211 1.59 38.03 -1.58
C ALA A 211 1.76 36.79 -0.69
N ARG A 212 2.47 36.90 0.45
CA ARG A 212 2.65 35.78 1.38
C ARG A 212 1.91 35.95 2.69
N PHE A 213 1.91 37.16 3.25
CA PHE A 213 1.06 37.47 4.40
C PHE A 213 0.65 38.93 4.35
N GLY A 214 -0.29 39.29 5.24
CA GLY A 214 -0.92 40.59 5.18
C GLY A 214 -2.22 40.57 4.42
N ASP A 215 -2.16 40.93 3.13
CA ASP A 215 -3.37 41.03 2.32
C ASP A 215 -3.82 39.67 1.81
N ALA A 216 -2.98 39.05 0.98
CA ALA A 216 -3.44 37.95 0.14
C ALA A 216 -3.60 36.66 0.94
N ALA A 217 -2.82 36.49 2.02
CA ALA A 217 -2.94 35.29 2.84
C ALA A 217 -4.24 35.30 3.63
N LYS A 218 -4.50 36.38 4.36
CA LYS A 218 -5.76 36.54 5.11
C LYS A 218 -6.96 36.44 4.18
N ALA A 219 -6.86 37.10 3.01
CA ALA A 219 -7.92 37.07 2.01
C ALA A 219 -8.17 35.65 1.49
N ALA A 220 -7.11 34.94 1.08
CA ALA A 220 -7.26 33.63 0.46
C ALA A 220 -7.70 32.57 1.47
N ARG A 221 -7.09 32.58 2.67
CA ARG A 221 -7.44 31.59 3.69
C ARG A 221 -8.86 31.76 4.16
N GLU A 222 -9.29 32.99 4.50
CA GLU A 222 -10.66 33.16 4.98
C GLU A 222 -11.67 33.00 3.85
N ALA A 223 -11.28 33.42 2.64
CA ALA A 223 -12.15 33.39 1.47
C ALA A 223 -12.45 31.97 1.02
N ARG A 224 -11.41 31.17 0.81
CA ARG A 224 -11.57 29.78 0.45
C ARG A 224 -11.82 28.90 1.67
N SER A 225 -11.83 29.49 2.88
CA SER A 225 -12.40 28.79 4.03
C SER A 225 -13.91 28.76 3.91
N ARG A 226 -14.57 29.93 3.93
CA ARG A 226 -16.02 29.90 3.80
C ARG A 226 -16.58 30.57 2.56
N GLN A 227 -16.59 31.91 2.49
CA GLN A 227 -17.27 32.57 1.36
C GLN A 227 -16.67 33.90 0.93
N GLU A 228 -15.60 34.39 1.56
CA GLU A 228 -15.37 35.83 1.59
C GLU A 228 -14.43 36.26 0.46
N SER A 229 -14.90 36.06 -0.77
CA SER A 229 -14.06 36.34 -1.93
C SER A 229 -14.85 37.02 -3.03
N TRP A 230 -14.40 38.21 -3.41
CA TRP A 230 -14.36 38.56 -4.81
C TRP A 230 -13.05 37.98 -5.34
N PRO A 231 -13.08 37.10 -6.33
CA PRO A 231 -11.85 36.41 -6.75
C PRO A 231 -10.82 37.35 -7.35
N HIS A 232 -9.64 37.37 -6.75
CA HIS A 232 -8.61 38.36 -6.99
C HIS A 232 -7.29 37.61 -7.13
N GLY A 233 -6.18 38.32 -7.01
CA GLY A 233 -4.89 37.66 -7.09
C GLY A 233 -4.46 37.07 -5.76
N PHE A 234 -4.71 35.78 -5.57
CA PHE A 234 -4.36 35.09 -4.33
C PHE A 234 -3.77 33.73 -4.65
N SER A 235 -2.73 33.35 -3.90
CA SER A 235 -1.90 32.21 -4.24
C SER A 235 -1.06 31.79 -3.05
N GLU A 236 -0.40 30.64 -3.20
CA GLU A 236 0.44 30.05 -2.16
C GLU A 236 1.84 29.84 -2.71
N TYR A 237 2.85 30.06 -1.86
CA TYR A 237 4.26 29.95 -2.24
C TYR A 237 4.91 28.83 -1.44
N PRO A 238 4.99 27.62 -1.99
CA PRO A 238 5.67 26.53 -1.30
C PRO A 238 7.16 26.48 -1.66
N ASN A 239 7.91 25.82 -0.77
CA ASN A 239 9.30 25.41 -1.01
C ASN A 239 10.22 26.60 -1.26
N LEU A 240 10.36 27.45 -0.24
CA LEU A 240 11.29 28.56 -0.28
C LEU A 240 12.25 28.43 0.90
N ALA A 241 13.55 28.61 0.63
CA ALA A 241 14.58 28.36 1.62
C ALA A 241 15.26 29.66 2.03
N ILE A 242 15.75 29.68 3.27
CA ILE A 242 16.32 30.89 3.86
C ILE A 242 17.83 30.91 3.59
N GLN A 243 18.32 32.05 3.09
CA GLN A 243 19.73 32.27 2.77
C GLN A 243 20.19 33.49 3.55
N LYS A 244 21.12 33.28 4.50
CA LYS A 244 21.56 34.36 5.39
C LYS A 244 22.96 34.82 5.04
N PHE A 245 23.27 36.07 5.37
CA PHE A 245 24.51 36.73 4.96
C PHE A 245 25.13 37.46 6.15
N GLY A 246 25.25 36.76 7.27
CA GLY A 246 25.83 37.28 8.49
C GLY A 246 25.21 36.74 9.76
N GLY A 247 24.00 36.19 9.66
CA GLY A 247 23.34 35.58 10.79
C GLY A 247 22.96 36.55 11.89
N THR A 248 23.70 36.50 13.00
CA THR A 248 23.48 37.37 14.14
C THR A 248 24.48 38.50 14.24
N LYS A 249 25.39 38.65 13.28
CA LYS A 249 26.16 39.87 13.08
C LYS A 249 26.12 40.33 11.62
N PRO A 250 24.96 40.84 11.16
CA PRO A 250 24.84 41.25 9.74
C PRO A 250 25.30 42.68 9.42
N GLN A 251 26.58 42.83 9.08
CA GLN A 251 27.08 44.08 8.51
C GLN A 251 27.81 43.86 7.19
N ASN A 252 27.23 43.05 6.30
CA ASN A 252 27.84 42.76 5.02
C ASN A 252 27.32 43.66 3.90
N ILE A 253 26.02 43.59 3.63
CA ILE A 253 25.43 44.23 2.46
C ILE A 253 24.41 45.24 3.02
N SER A 254 23.67 45.93 2.16
CA SER A 254 22.69 46.93 2.59
C SER A 254 21.30 46.30 2.70
N GLN A 255 20.31 47.14 3.01
CA GLN A 255 18.91 46.76 3.26
C GLN A 255 18.83 45.68 4.34
N LEU A 256 19.49 45.95 5.47
CA LEU A 256 19.78 44.90 6.44
C LEU A 256 19.47 45.45 7.84
N ASN A 257 18.20 45.34 8.26
CA ASN A 257 17.76 45.81 9.58
C ASN A 257 17.19 44.60 10.34
N ASN A 258 16.61 44.85 11.52
CA ASN A 258 16.40 43.78 12.48
C ASN A 258 15.16 42.92 12.19
N GLU A 259 14.51 43.11 11.04
CA GLU A 259 13.63 42.07 10.50
C GLU A 259 14.27 41.40 9.29
N ARG A 260 15.26 42.05 8.68
CA ARG A 260 15.94 41.57 7.48
C ARG A 260 17.35 41.09 7.82
N ARG A 261 17.52 40.42 8.96
CA ARG A 261 18.82 39.95 9.45
C ARG A 261 19.28 38.77 8.60
N GLY A 262 19.69 39.06 7.37
CA GLY A 262 19.97 38.00 6.42
C GLY A 262 18.74 37.27 5.96
N GLU A 263 17.62 37.96 5.80
CA GLU A 263 16.32 37.31 5.60
C GLU A 263 16.00 37.21 4.10
N ASN A 264 17.03 36.91 3.32
CA ASN A 264 16.86 36.73 1.87
C ASN A 264 16.42 35.29 1.61
N TRP A 265 15.16 35.11 1.20
CA TRP A 265 14.65 33.80 0.87
C TRP A 265 14.59 33.61 -0.66
N LEU A 266 14.23 32.39 -1.06
CA LEU A 266 14.78 31.81 -2.27
C LEU A 266 13.77 30.86 -2.91
N LEU A 267 13.27 31.21 -4.10
CA LEU A 267 12.18 30.48 -4.73
C LEU A 267 12.59 29.05 -5.14
N PRO A 268 11.62 28.16 -5.31
CA PRO A 268 11.95 26.73 -5.47
C PRO A 268 12.40 26.39 -6.88
N SER A 269 13.24 25.34 -6.96
CA SER A 269 13.77 24.91 -8.25
C SER A 269 13.91 23.39 -8.36
N LEU A 270 13.06 22.64 -7.67
CA LEU A 270 13.27 21.21 -7.50
C LEU A 270 13.03 20.44 -8.81
N PRO A 271 13.59 19.24 -8.91
CA PRO A 271 13.41 18.44 -10.13
C PRO A 271 12.11 17.66 -10.08
N PRO A 272 11.86 16.80 -11.06
CA PRO A 272 10.62 16.01 -11.08
C PRO A 272 10.55 14.88 -10.08
N ASN A 273 11.61 14.66 -9.30
CA ASN A 273 11.64 13.65 -8.25
C ASN A 273 12.19 14.25 -6.96
N TRP A 274 11.67 15.41 -6.59
CA TRP A 274 12.16 16.13 -5.41
C TRP A 274 11.86 15.35 -4.14
N GLN A 275 10.58 15.08 -3.86
CA GLN A 275 10.19 14.28 -2.72
C GLN A 275 10.31 12.81 -3.06
N ARG A 276 9.83 11.95 -2.17
CA ARG A 276 9.89 10.51 -2.38
C ARG A 276 8.52 10.02 -2.83
N GLN A 277 8.50 8.79 -3.35
CA GLN A 277 7.26 8.16 -3.79
C GLN A 277 7.22 6.71 -3.33
N ASN A 278 6.09 6.35 -2.72
CA ASN A 278 5.91 4.99 -2.23
C ASN A 278 5.59 4.04 -3.38
N VAL A 279 6.00 2.78 -3.21
CA VAL A 279 5.76 1.77 -4.23
C VAL A 279 4.32 1.29 -4.15
N ASN A 280 3.80 0.79 -5.29
CA ASN A 280 2.43 0.32 -5.36
C ASN A 280 2.27 -1.01 -6.10
N ALA A 281 3.37 -1.65 -6.50
CA ALA A 281 3.33 -2.91 -7.25
C ALA A 281 4.49 -3.77 -6.82
N PRO A 282 4.54 -4.17 -5.55
CA PRO A 282 5.55 -5.13 -5.11
C PRO A 282 5.18 -6.54 -5.55
N MET A 283 6.11 -7.48 -5.30
CA MET A 283 5.92 -8.87 -5.68
C MET A 283 5.19 -9.66 -4.60
N ARG A 284 4.00 -9.18 -4.26
CA ARG A 284 3.13 -9.78 -3.25
C ARG A 284 1.74 -10.00 -3.85
N HIS A 285 0.81 -10.44 -3.02
CA HIS A 285 -0.56 -10.68 -3.48
C HIS A 285 -1.26 -9.36 -3.80
N SER A 286 -1.44 -8.50 -2.78
CA SER A 286 -2.08 -7.20 -2.99
C SER A 286 -1.20 -6.22 -3.75
N SER A 287 0.08 -6.52 -3.94
CA SER A 287 0.98 -5.71 -4.73
C SER A 287 1.01 -6.10 -6.20
N VAL A 288 1.29 -7.38 -6.50
CA VAL A 288 1.42 -7.84 -7.87
C VAL A 288 0.54 -9.04 -8.18
N PHE A 289 0.17 -9.80 -7.14
CA PHE A 289 -0.64 -11.00 -7.33
C PHE A 289 -2.08 -10.69 -7.69
N GLU A 290 -2.56 -9.50 -7.32
CA GLU A 290 -3.83 -8.95 -7.80
C GLU A 290 -3.42 -7.80 -8.73
N HIS A 291 -3.30 -8.11 -10.02
CA HIS A 291 -2.63 -7.23 -10.96
C HIS A 291 -3.57 -6.53 -11.93
N ASP A 292 -4.87 -6.60 -11.71
CA ASP A 292 -5.82 -5.79 -12.48
C ASP A 292 -6.17 -4.48 -11.76
N PHE A 293 -5.14 -3.76 -11.32
CA PHE A 293 -5.34 -2.50 -10.60
C PHE A 293 -4.73 -1.31 -11.31
N GLY A 294 -3.43 -1.33 -11.60
CA GLY A 294 -2.76 -0.15 -12.10
C GLY A 294 -2.72 1.00 -11.12
N ARG A 295 -2.57 0.70 -9.83
CA ARG A 295 -2.76 1.70 -8.78
C ARG A 295 -1.58 2.66 -8.71
N THR A 296 -1.89 3.93 -8.43
CA THR A 296 -0.89 4.98 -8.28
C THR A 296 -1.56 6.26 -7.75
N PRO A 297 -0.88 7.02 -6.89
CA PRO A 297 -1.47 8.28 -6.40
C PRO A 297 -1.37 9.40 -7.43
N GLU A 298 -0.26 9.43 -8.17
CA GLU A 298 -0.13 10.38 -9.26
C GLU A 298 -1.10 10.04 -10.39
N VAL A 299 -1.37 8.76 -10.61
CA VAL A 299 -2.41 8.34 -11.55
C VAL A 299 -3.79 8.77 -11.05
N SER A 300 -4.00 8.78 -9.73
CA SER A 300 -5.24 9.31 -9.18
C SER A 300 -5.36 10.81 -9.39
N ARG A 301 -4.26 11.54 -9.26
CA ARG A 301 -4.28 12.98 -9.51
C ARG A 301 -4.50 13.28 -10.98
N LEU A 302 -3.92 12.48 -11.87
CA LEU A 302 -4.15 12.66 -13.30
C LEU A 302 -5.59 12.31 -13.69
N THR A 303 -6.17 11.29 -13.03
CA THR A 303 -7.56 10.96 -13.28
C THR A 303 -8.50 12.04 -12.77
N ARG A 304 -8.18 12.66 -11.63
CA ARG A 304 -8.98 13.76 -11.12
C ARG A 304 -8.85 14.99 -12.02
N THR A 305 -7.65 15.24 -12.55
CA THR A 305 -7.46 16.36 -13.47
C THR A 305 -8.14 16.11 -14.81
N LEU A 306 -8.34 14.85 -15.18
CA LEU A 306 -9.13 14.55 -16.37
C LEU A 306 -10.62 14.72 -16.10
N GLN A 307 -11.09 14.21 -14.96
CA GLN A 307 -12.51 14.24 -14.63
C GLN A 307 -13.01 15.63 -14.27
N ARG A 308 -12.12 16.54 -13.89
CA ARG A 308 -12.52 17.94 -13.70
C ARG A 308 -12.80 18.65 -15.01
N PHE A 309 -12.40 18.09 -16.15
CA PHE A 309 -12.68 18.63 -17.48
C PHE A 309 -13.18 17.53 -18.41
N LEU A 310 -14.14 16.75 -17.93
CA LEU A 310 -14.68 15.65 -18.72
C LEU A 310 -15.83 16.05 -19.63
N ALA A 311 -16.09 17.36 -19.77
CA ALA A 311 -17.16 17.86 -20.64
C ALA A 311 -16.57 18.92 -21.55
N LYS A 312 -16.64 18.68 -22.86
CA LYS A 312 -16.10 19.61 -23.85
C LYS A 312 -17.17 20.65 -24.19
N THR A 313 -16.96 21.89 -23.75
CA THR A 313 -17.94 22.95 -23.90
C THR A 313 -17.91 23.52 -25.32
N VAL A 314 -18.69 24.57 -25.54
CA VAL A 314 -18.83 25.18 -26.85
C VAL A 314 -17.85 26.32 -27.08
N HIS A 315 -16.94 26.57 -26.14
CA HIS A 315 -15.97 27.66 -26.23
C HIS A 315 -14.53 27.17 -26.26
N ASN A 316 -14.14 26.32 -25.30
CA ASN A 316 -12.74 25.98 -25.08
C ASN A 316 -12.29 24.77 -25.87
N ASN A 317 -12.89 24.52 -27.04
CA ASN A 317 -12.45 23.42 -27.89
C ASN A 317 -11.07 23.67 -28.50
N LEU A 318 -10.69 24.95 -28.64
CA LEU A 318 -9.35 25.28 -29.11
C LEU A 318 -8.28 24.95 -28.07
N ALA A 319 -8.59 25.11 -26.78
CA ALA A 319 -7.68 24.69 -25.73
C ALA A 319 -7.92 23.26 -25.26
N ILE A 320 -9.10 22.71 -25.52
CA ILE A 320 -9.42 21.33 -25.18
C ILE A 320 -9.31 20.41 -26.39
N ARG A 321 -8.55 20.80 -27.41
CA ARG A 321 -8.35 20.00 -28.60
C ARG A 321 -7.01 19.26 -28.61
N GLN A 322 -6.08 19.63 -27.74
CA GLN A 322 -4.81 18.91 -27.62
C GLN A 322 -4.38 18.75 -26.17
N ARG A 323 -5.32 18.80 -25.22
CA ARG A 323 -4.99 18.74 -23.80
C ARG A 323 -5.57 17.52 -23.09
N ARG A 324 -6.41 16.73 -23.77
CA ARG A 324 -6.98 15.52 -23.20
C ARG A 324 -6.24 14.26 -23.62
N ALA A 325 -6.10 14.04 -24.93
CA ALA A 325 -5.37 12.86 -25.41
C ALA A 325 -3.88 12.98 -25.12
N GLN A 326 -3.34 14.21 -25.16
CA GLN A 326 -1.97 14.43 -24.75
C GLN A 326 -1.78 14.16 -23.26
N LEU A 327 -2.78 14.51 -22.44
CA LEU A 327 -2.71 14.21 -21.01
C LEU A 327 -2.84 12.72 -20.76
N VAL A 328 -3.59 12.01 -21.60
CA VAL A 328 -3.70 10.56 -21.47
C VAL A 328 -2.40 9.88 -21.88
N ALA A 329 -1.73 10.42 -22.90
CA ALA A 329 -0.39 9.94 -23.26
C ALA A 329 0.62 10.25 -22.16
N GLN A 330 0.46 11.38 -21.48
CA GLN A 330 1.32 11.69 -20.33
C GLN A 330 1.03 10.76 -19.17
N ILE A 331 -0.22 10.32 -19.02
CA ILE A 331 -0.56 9.34 -17.98
C ILE A 331 0.02 7.97 -18.32
N CYS A 332 0.02 7.62 -19.60
CA CYS A 332 0.68 6.37 -20.03
C CYS A 332 2.20 6.46 -19.85
N ASP A 333 2.76 7.65 -20.06
CA ASP A 333 4.18 7.86 -19.79
C ASP A 333 4.47 7.81 -18.29
N GLU A 334 3.54 8.26 -17.45
CA GLU A 334 3.71 8.13 -16.00
C GLU A 334 3.60 6.67 -15.58
N ALA A 335 2.77 5.89 -16.26
CA ALA A 335 2.74 4.44 -16.02
C ALA A 335 4.04 3.78 -16.45
N LEU A 336 4.63 4.27 -17.55
CA LEU A 336 5.94 3.78 -17.98
C LEU A 336 7.03 4.16 -16.99
N GLN A 337 6.92 5.35 -16.40
CA GLN A 337 7.86 5.76 -15.36
C GLN A 337 7.69 4.93 -14.09
N TYR A 338 6.45 4.54 -13.77
CA TYR A 338 6.22 3.66 -12.64
C TYR A 338 6.78 2.27 -12.91
N ALA A 339 6.68 1.81 -14.16
CA ALA A 339 7.30 0.53 -14.53
C ALA A 339 8.82 0.61 -14.46
N ALA A 340 9.39 1.75 -14.83
CA ALA A 340 10.84 1.93 -14.73
C ALA A 340 11.30 1.98 -13.28
N ARG A 341 10.51 2.63 -12.41
CA ARG A 341 10.83 2.66 -10.99
C ARG A 341 10.70 1.28 -10.36
N LEU A 342 9.73 0.48 -10.81
CA LEU A 342 9.62 -0.90 -10.36
C LEU A 342 10.70 -1.78 -10.97
N ARG A 343 11.33 -1.35 -12.07
CA ARG A 343 12.36 -2.12 -12.76
C ARG A 343 13.74 -2.02 -12.13
N GLU A 344 13.85 -1.55 -10.89
CA GLU A 344 15.12 -1.55 -10.17
C GLU A 344 15.05 -2.08 -8.75
N LEU A 345 13.88 -2.06 -8.11
CA LEU A 345 13.74 -2.49 -6.72
C LEU A 345 13.21 -3.91 -6.59
N GLU A 346 13.56 -4.78 -7.52
CA GLU A 346 13.12 -6.18 -7.52
C GLU A 346 14.34 -7.08 -7.62
N PRO A 347 14.97 -7.42 -6.49
CA PRO A 347 16.07 -8.37 -6.52
C PRO A 347 15.61 -9.79 -6.80
N GLY A 348 14.56 -10.22 -6.11
CA GLY A 348 13.98 -11.53 -6.36
C GLY A 348 12.70 -11.48 -7.16
N TRP A 349 12.80 -11.78 -8.44
CA TRP A 349 11.64 -11.79 -9.35
C TRP A 349 11.47 -13.22 -9.86
N SER A 350 10.45 -13.90 -9.36
CA SER A 350 10.18 -15.30 -9.72
C SER A 350 8.82 -15.66 -9.14
N ALA A 351 8.45 -16.93 -9.26
CA ALA A 351 7.19 -17.42 -8.73
C ALA A 351 7.26 -17.47 -7.21
N THR A 352 6.18 -17.07 -6.55
CA THR A 352 6.14 -16.97 -5.10
C THR A 352 4.70 -16.84 -4.65
N PRO A 353 4.44 -16.74 -3.34
CA PRO A 353 3.06 -16.53 -2.87
C PRO A 353 2.53 -15.15 -3.23
N GLY A 354 1.58 -15.10 -4.15
CA GLY A 354 1.09 -13.83 -4.66
C GLY A 354 1.73 -13.45 -5.98
N CYS A 355 1.73 -14.38 -6.94
CA CYS A 355 2.30 -14.10 -8.25
C CYS A 355 1.46 -14.66 -9.39
N GLN A 356 0.17 -14.87 -9.16
CA GLN A 356 -0.70 -15.39 -10.22
C GLN A 356 -0.97 -14.32 -11.27
N LEU A 357 -1.55 -13.19 -10.85
CA LEU A 357 -1.71 -12.06 -11.74
C LEU A 357 -0.38 -11.41 -12.09
N HIS A 358 0.63 -11.57 -11.25
CA HIS A 358 1.98 -11.07 -11.51
C HIS A 358 2.80 -12.01 -12.39
N ASP A 359 2.27 -13.17 -12.76
CA ASP A 359 2.94 -14.03 -13.73
C ASP A 359 2.78 -13.49 -15.14
N ALA A 360 1.62 -12.90 -15.45
CA ALA A 360 1.44 -12.14 -16.67
C ALA A 360 1.66 -10.66 -16.46
N GLU A 361 1.45 -10.17 -15.23
CA GLU A 361 1.74 -8.78 -14.89
C GLU A 361 3.23 -8.51 -14.72
N GLN A 362 4.06 -9.54 -14.70
CA GLN A 362 5.51 -9.39 -14.61
C GLN A 362 6.18 -9.27 -15.99
N LEU A 363 5.41 -8.97 -17.03
CA LEU A 363 5.99 -8.76 -18.35
C LEU A 363 6.78 -7.46 -18.41
N TRP A 364 6.12 -6.34 -18.11
CA TRP A 364 6.81 -5.05 -18.05
C TRP A 364 7.71 -4.98 -16.81
N LEU A 365 7.22 -5.47 -15.67
CA LEU A 365 8.03 -5.61 -14.46
C LEU A 365 8.79 -6.94 -14.52
N ASP A 366 9.78 -6.98 -15.41
CA ASP A 366 10.55 -8.18 -15.67
C ASP A 366 11.49 -8.46 -14.51
N PRO A 367 11.28 -9.52 -13.73
CA PRO A 367 12.18 -9.84 -12.62
C PRO A 367 13.45 -10.50 -13.13
N LEU A 368 14.33 -10.83 -12.19
CA LEU A 368 15.62 -11.44 -12.51
C LEU A 368 15.42 -12.85 -13.08
N ARG A 369 16.40 -13.27 -13.88
CA ARG A 369 16.32 -14.56 -14.58
C ARG A 369 16.36 -15.71 -13.60
N ALA A 370 15.33 -16.55 -13.63
CA ALA A 370 15.15 -17.62 -12.65
C ALA A 370 16.17 -18.71 -12.89
N GLN A 371 16.84 -19.15 -11.81
CA GLN A 371 17.83 -20.20 -11.94
C GLN A 371 17.18 -21.57 -12.15
N THR A 372 15.97 -21.74 -11.61
CA THR A 372 15.26 -23.02 -11.70
C THR A 372 14.70 -23.32 -13.08
N ASP A 373 14.77 -22.36 -14.01
CA ASP A 373 14.29 -22.59 -15.36
C ASP A 373 15.24 -23.50 -16.13
N GLU A 374 14.66 -24.27 -17.04
CA GLU A 374 15.41 -25.19 -17.90
C GLU A 374 15.81 -24.48 -19.18
N THR A 375 16.20 -25.25 -20.19
CA THR A 375 16.49 -24.67 -21.51
C THR A 375 15.27 -24.07 -22.18
N PHE A 376 14.07 -24.49 -21.80
CA PHE A 376 12.83 -23.83 -22.23
C PHE A 376 12.36 -22.84 -21.15
N LEU A 377 13.25 -21.90 -20.84
CA LEU A 377 13.00 -20.92 -19.78
C LEU A 377 12.29 -19.67 -20.28
N GLN A 378 11.89 -19.62 -21.55
CA GLN A 378 11.23 -18.46 -22.13
C GLN A 378 9.72 -18.60 -22.21
N ARG A 379 9.11 -19.24 -21.21
CA ARG A 379 7.66 -19.41 -21.19
C ARG A 379 7.01 -18.93 -19.90
N ARG A 380 7.66 -19.13 -18.76
CA ARG A 380 7.11 -18.71 -17.47
C ARG A 380 8.00 -17.75 -16.72
N LEU A 381 9.31 -17.84 -16.88
CA LEU A 381 10.25 -16.90 -16.30
C LEU A 381 10.92 -16.02 -17.34
N ARG A 382 10.65 -16.26 -18.62
CA ARG A 382 11.18 -15.45 -19.72
C ARG A 382 10.07 -15.16 -20.73
N GLY A 383 8.91 -14.77 -20.23
CA GLY A 383 7.77 -14.55 -21.09
C GLY A 383 7.84 -13.25 -21.87
N ASP A 384 8.11 -13.35 -23.17
CA ASP A 384 8.13 -12.20 -24.06
C ASP A 384 6.81 -12.09 -24.80
N TRP A 385 5.73 -11.97 -24.02
CA TRP A 385 4.37 -11.89 -24.54
C TRP A 385 3.69 -10.67 -23.95
N PRO A 386 4.07 -9.46 -24.39
CA PRO A 386 3.40 -8.24 -23.95
C PRO A 386 2.21 -7.86 -24.84
N ALA A 387 1.36 -8.84 -25.13
CA ALA A 387 0.13 -8.61 -25.87
C ALA A 387 -1.09 -8.51 -24.97
N GLU A 388 -1.05 -9.14 -23.80
CA GLU A 388 -2.09 -8.94 -22.81
C GLU A 388 -1.90 -7.65 -22.04
N VAL A 389 -0.73 -7.01 -22.18
CA VAL A 389 -0.56 -5.64 -21.69
C VAL A 389 -1.46 -4.68 -22.44
N GLY A 390 -1.71 -4.97 -23.73
CA GLY A 390 -2.74 -4.24 -24.46
C GLY A 390 -4.12 -4.47 -23.90
N ASN A 391 -4.37 -5.68 -23.39
CA ASN A 391 -5.63 -5.96 -22.71
C ASN A 391 -5.73 -5.21 -21.39
N ARG A 392 -4.60 -5.06 -20.68
CA ARG A 392 -4.59 -4.28 -19.45
C ARG A 392 -4.80 -2.80 -19.71
N PHE A 393 -4.20 -2.29 -20.80
CA PHE A 393 -4.45 -0.91 -21.21
C PHE A 393 -5.90 -0.71 -21.66
N ALA A 394 -6.49 -1.72 -22.30
CA ALA A 394 -7.90 -1.63 -22.67
C ALA A 394 -8.80 -1.64 -21.44
N ASN A 395 -8.45 -2.44 -20.42
CA ASN A 395 -9.21 -2.44 -19.18
C ASN A 395 -9.08 -1.11 -18.45
N TRP A 396 -7.89 -0.52 -18.44
CA TRP A 396 -7.70 0.78 -17.83
C TRP A 396 -8.42 1.89 -18.58
N LEU A 397 -8.49 1.78 -19.91
CA LEU A 397 -9.22 2.78 -20.69
C LEU A 397 -10.73 2.65 -20.51
N ASN A 398 -11.22 1.41 -20.37
CA ASN A 398 -12.65 1.21 -20.14
C ASN A 398 -13.03 1.63 -18.72
N ARG A 399 -12.13 1.50 -17.75
CA ARG A 399 -12.39 1.87 -16.38
C ARG A 399 -11.96 3.29 -16.03
N ALA A 400 -11.38 4.02 -16.98
CA ALA A 400 -10.98 5.39 -16.70
C ALA A 400 -12.18 6.32 -16.65
N VAL A 401 -12.94 6.39 -17.74
CA VAL A 401 -14.13 7.22 -17.81
C VAL A 401 -15.23 6.42 -18.51
N SER A 402 -16.43 6.44 -17.96
CA SER A 402 -17.55 5.63 -18.45
C SER A 402 -18.04 6.22 -19.77
N SER A 403 -17.70 5.57 -20.87
CA SER A 403 -18.14 6.02 -22.19
C SER A 403 -19.62 5.73 -22.36
N ASP A 404 -20.42 6.78 -22.53
CA ASP A 404 -21.85 6.64 -22.63
C ASP A 404 -22.26 6.25 -24.05
N SER A 405 -23.52 5.80 -24.18
CA SER A 405 -24.02 5.34 -25.47
C SER A 405 -24.38 6.48 -26.41
N GLN A 406 -24.47 7.71 -25.90
CA GLN A 406 -24.85 8.87 -26.72
C GLN A 406 -23.95 10.08 -26.48
N ILE A 407 -22.67 9.84 -26.19
CA ILE A 407 -21.70 10.92 -26.02
C ILE A 407 -20.72 10.97 -27.18
N LEU A 408 -21.11 10.48 -28.35
CA LEU A 408 -20.27 10.45 -29.53
C LEU A 408 -20.91 11.10 -30.74
N GLY A 409 -21.88 12.01 -30.53
CA GLY A 409 -22.50 12.70 -31.65
C GLY A 409 -21.57 13.65 -32.36
N SER A 410 -20.58 14.18 -31.66
CA SER A 410 -19.60 15.05 -32.27
C SER A 410 -18.38 14.25 -32.71
N PRO A 411 -17.41 14.90 -33.35
CA PRO A 411 -16.20 14.20 -33.81
C PRO A 411 -15.12 14.01 -32.77
N GLU A 412 -15.44 14.19 -31.48
CA GLU A 412 -14.49 13.96 -30.40
C GLU A 412 -14.99 12.96 -29.37
N ALA A 413 -16.12 12.30 -29.63
CA ALA A 413 -16.65 11.27 -28.75
C ALA A 413 -16.18 9.88 -29.14
N ALA A 414 -16.27 9.55 -30.43
CA ALA A 414 -15.58 8.37 -30.94
C ALA A 414 -14.08 8.65 -31.09
N GLN A 415 -13.71 9.93 -31.17
CA GLN A 415 -12.30 10.32 -31.12
C GLN A 415 -11.66 10.01 -29.77
N TRP A 416 -12.46 9.86 -28.70
CA TRP A 416 -11.94 9.32 -27.46
C TRP A 416 -11.50 7.87 -27.64
N SER A 417 -12.26 7.09 -28.40
CA SER A 417 -11.84 5.73 -28.73
C SER A 417 -10.64 5.73 -29.68
N GLN A 418 -10.56 6.72 -30.56
CA GLN A 418 -9.38 6.84 -31.44
C GLN A 418 -8.14 7.19 -30.64
N GLU A 419 -8.27 8.06 -29.63
CA GLU A 419 -7.15 8.36 -28.73
C GLU A 419 -6.80 7.17 -27.85
N LEU A 420 -7.79 6.37 -27.45
CA LEU A 420 -7.51 5.15 -26.71
C LEU A 420 -6.78 4.14 -27.58
N SER A 421 -7.11 4.09 -28.87
CA SER A 421 -6.40 3.21 -29.79
C SER A 421 -4.99 3.72 -30.06
N LYS A 422 -4.80 5.03 -30.08
CA LYS A 422 -3.44 5.58 -30.21
C LYS A 422 -2.60 5.28 -28.96
N GLU A 423 -3.21 5.36 -27.78
CA GLU A 423 -2.52 5.00 -26.55
C GLU A 423 -2.22 3.50 -26.50
N LEU A 424 -3.12 2.68 -27.03
CA LEU A 424 -2.86 1.24 -27.11
C LEU A 424 -1.77 0.91 -28.12
N THR A 425 -1.68 1.69 -29.21
CA THR A 425 -0.59 1.50 -30.18
C THR A 425 0.75 1.93 -29.58
N MET A 426 0.76 3.01 -28.81
CA MET A 426 1.98 3.44 -28.12
C MET A 426 2.39 2.42 -27.06
N PHE A 427 1.41 1.84 -26.36
CA PHE A 427 1.72 0.80 -25.37
C PHE A 427 2.22 -0.47 -26.03
N LYS A 428 1.70 -0.82 -27.21
CA LYS A 428 2.18 -1.99 -27.93
C LYS A 428 3.59 -1.76 -28.47
N GLU A 429 3.89 -0.55 -28.92
CA GLU A 429 5.24 -0.23 -29.37
C GLU A 429 6.21 -0.20 -28.19
N ILE A 430 5.75 0.23 -27.02
CA ILE A 430 6.61 0.28 -25.85
C ILE A 430 6.89 -1.12 -25.31
N LEU A 431 5.85 -1.96 -25.22
CA LEU A 431 5.97 -3.32 -24.74
C LEU A 431 6.17 -4.32 -25.87
N GLU A 432 6.66 -3.87 -27.03
CA GLU A 432 7.03 -4.80 -28.10
C GLU A 432 8.27 -5.61 -27.76
N ASP A 433 9.12 -5.13 -26.85
CA ASP A 433 10.31 -5.83 -26.42
C ASP A 433 10.47 -5.75 -24.91
N GLU A 434 9.38 -5.97 -24.17
CA GLU A 434 9.39 -5.80 -22.72
C GLU A 434 10.16 -6.94 -22.05
N ARG A 435 9.73 -8.18 -22.26
CA ARG A 435 10.45 -9.35 -21.77
C ARG A 435 11.36 -9.88 -22.87
N ASP A 436 12.38 -9.08 -23.18
CA ASP A 436 13.33 -9.41 -24.24
C ASP A 436 14.11 -8.18 -24.67
N VAL B 5 26.51 23.14 -33.75
CA VAL B 5 25.13 23.61 -33.65
C VAL B 5 24.21 22.66 -34.41
N THR B 6 24.70 21.44 -34.64
CA THR B 6 24.05 20.47 -35.53
C THR B 6 23.78 19.20 -34.74
N ASP B 7 22.77 18.45 -35.18
CA ASP B 7 22.49 17.14 -34.63
C ASP B 7 23.69 16.21 -34.84
N PRO B 8 23.97 15.30 -33.91
CA PRO B 8 25.29 14.67 -33.86
C PRO B 8 25.47 13.57 -34.90
N GLU B 9 26.75 13.22 -35.09
CA GLU B 9 27.07 11.97 -35.76
C GLU B 9 26.67 10.78 -34.91
N ALA B 10 26.77 10.91 -33.59
CA ALA B 10 26.53 9.80 -32.68
C ALA B 10 26.31 10.32 -31.27
N LEU B 11 25.42 9.67 -30.53
CA LEU B 11 25.13 10.01 -29.15
C LEU B 11 26.05 9.24 -28.21
N LEU B 12 26.05 9.63 -26.94
CA LEU B 12 26.93 9.01 -25.95
C LEU B 12 26.30 9.17 -24.58
N LEU B 13 25.82 8.08 -24.00
CA LEU B 13 25.05 8.11 -22.76
C LEU B 13 25.89 7.51 -21.64
N LEU B 14 25.65 7.97 -20.41
CA LEU B 14 26.39 7.55 -19.23
C LEU B 14 25.39 7.33 -18.10
N PRO B 15 24.96 6.09 -17.85
CA PRO B 15 23.60 5.86 -17.33
C PRO B 15 23.37 6.25 -15.88
N ARG B 16 24.32 6.00 -15.00
CA ARG B 16 24.21 6.48 -13.63
C ARG B 16 25.47 7.29 -13.35
N LEU B 17 25.42 8.58 -13.70
CA LEU B 17 26.45 9.53 -13.32
C LEU B 17 26.08 10.01 -11.92
N SER B 18 26.33 9.13 -10.95
CA SER B 18 26.01 9.42 -9.56
C SER B 18 27.01 10.42 -9.03
N ILE B 19 26.55 11.63 -8.75
CA ILE B 19 27.44 12.69 -8.29
C ILE B 19 27.00 13.08 -6.88
N GLN B 20 27.77 13.96 -6.28
CA GLN B 20 27.76 14.08 -4.83
C GLN B 20 28.33 15.43 -4.42
N ASN B 21 27.76 16.01 -3.37
CA ASN B 21 28.19 17.28 -2.77
C ASN B 21 28.09 18.44 -3.76
N ALA B 22 27.00 18.46 -4.52
CA ALA B 22 26.84 19.42 -5.60
C ALA B 22 26.53 20.80 -5.04
N ASN B 23 26.32 21.77 -5.92
CA ASN B 23 25.89 23.10 -5.54
C ASN B 23 24.39 23.15 -5.79
N ALA B 24 23.64 23.60 -4.79
CA ALA B 24 22.19 23.58 -4.89
C ALA B 24 21.66 24.90 -5.43
N ILE B 25 22.16 26.02 -4.91
CA ILE B 25 21.54 27.32 -5.18
C ILE B 25 21.84 27.78 -6.61
N SER B 26 23.13 27.85 -6.97
CA SER B 26 23.65 28.05 -8.33
C SER B 26 23.30 29.41 -8.94
N SER B 27 22.53 30.25 -8.24
CA SER B 27 21.98 31.53 -8.67
C SER B 27 21.28 32.14 -7.46
N PRO B 28 21.13 33.46 -7.38
CA PRO B 28 20.54 34.06 -6.17
C PRO B 28 19.05 33.89 -6.02
N LEU B 29 18.34 33.25 -6.95
CA LEU B 29 16.90 33.20 -6.86
C LEU B 29 16.31 31.80 -6.85
N THR B 30 17.11 30.75 -6.96
CA THR B 30 16.62 29.39 -6.84
C THR B 30 17.55 28.54 -6.00
N TRP B 31 17.09 27.35 -5.63
CA TRP B 31 17.92 26.45 -4.84
C TRP B 31 17.87 24.99 -5.27
N GLY B 32 17.16 24.64 -6.32
CA GLY B 32 16.95 23.25 -6.61
C GLY B 32 18.06 22.62 -7.44
N PHE B 33 17.68 22.11 -8.61
CA PHE B 33 18.64 21.48 -9.50
C PHE B 33 19.58 22.54 -10.06
N PRO B 34 20.89 22.27 -10.16
CA PRO B 34 21.84 23.32 -10.55
C PRO B 34 21.73 23.77 -12.00
N SER B 35 22.55 24.75 -12.35
CA SER B 35 22.43 25.41 -13.63
C SER B 35 22.84 24.47 -14.77
N PRO B 36 22.19 24.57 -15.93
CA PRO B 36 22.64 23.78 -17.09
C PRO B 36 23.95 24.26 -17.66
N GLY B 37 24.34 25.51 -17.39
CA GLY B 37 25.64 26.00 -17.80
C GLY B 37 26.78 25.29 -17.09
N ALA B 38 26.53 24.78 -15.89
CA ALA B 38 27.51 23.93 -15.22
C ALA B 38 27.76 22.66 -16.02
N PHE B 39 26.72 22.10 -16.62
CA PHE B 39 26.89 20.89 -17.42
C PHE B 39 27.52 21.20 -18.78
N THR B 40 27.20 22.35 -19.38
CA THR B 40 27.87 22.73 -20.62
C THR B 40 29.34 23.00 -20.41
N GLY B 41 29.70 23.61 -19.27
CA GLY B 41 31.10 23.76 -18.93
C GLY B 41 31.76 22.45 -18.60
N PHE B 42 31.01 21.51 -17.98
CA PHE B 42 31.50 20.16 -17.74
C PHE B 42 31.88 19.47 -19.04
N VAL B 43 31.06 19.60 -20.07
CA VAL B 43 31.39 18.91 -21.31
C VAL B 43 32.39 19.70 -22.16
N HIS B 44 32.51 21.02 -21.97
CA HIS B 44 33.63 21.72 -22.59
C HIS B 44 34.96 21.30 -21.98
N ALA B 45 35.00 21.10 -20.65
CA ALA B 45 36.24 20.64 -20.04
C ALA B 45 36.54 19.19 -20.39
N LEU B 46 35.50 18.36 -20.55
CA LEU B 46 35.70 17.01 -21.03
C LEU B 46 36.22 17.01 -22.46
N GLN B 47 35.70 17.90 -23.30
CA GLN B 47 36.20 18.05 -24.66
C GLN B 47 37.64 18.52 -24.67
N ARG B 48 38.00 19.41 -23.73
CA ARG B 48 39.38 19.89 -23.65
C ARG B 48 40.35 18.79 -23.25
N ARG B 49 39.97 17.95 -22.30
CA ARG B 49 40.92 16.93 -21.88
C ARG B 49 40.75 15.60 -22.62
N VAL B 50 39.83 15.51 -23.59
CA VAL B 50 39.70 14.28 -24.37
C VAL B 50 39.81 14.53 -25.88
N GLY B 51 38.96 15.39 -26.43
CA GLY B 51 38.78 15.49 -27.85
C GLY B 51 39.86 16.22 -28.61
N ILE B 52 40.87 16.74 -27.93
CA ILE B 52 42.02 17.27 -28.64
C ILE B 52 43.00 16.16 -28.98
N SER B 53 42.91 15.02 -28.29
CA SER B 53 43.69 13.84 -28.62
C SER B 53 42.88 12.75 -29.31
N LEU B 54 41.57 12.73 -29.13
CA LEU B 54 40.73 11.72 -29.75
C LEU B 54 39.84 12.25 -30.86
N ASP B 55 39.91 13.56 -31.15
CA ASP B 55 39.27 14.22 -32.30
C ASP B 55 37.76 14.01 -32.35
N ILE B 56 37.08 14.50 -31.31
CA ILE B 56 35.64 14.64 -31.33
C ILE B 56 35.33 16.09 -30.96
N GLU B 57 34.05 16.41 -30.80
CA GLU B 57 33.60 17.77 -30.59
C GLU B 57 32.24 17.70 -29.91
N LEU B 58 32.11 18.36 -28.76
CA LEU B 58 30.90 18.26 -27.94
C LEU B 58 30.21 19.62 -27.85
N ASP B 59 28.91 19.65 -28.14
CA ASP B 59 28.15 20.89 -28.12
C ASP B 59 27.07 20.89 -27.05
N GLY B 60 26.15 19.92 -27.06
CA GLY B 60 25.03 19.98 -26.16
C GLY B 60 24.99 18.90 -25.11
N VAL B 61 24.16 19.08 -24.08
CA VAL B 61 24.05 18.12 -23.00
C VAL B 61 22.61 17.65 -22.89
N GLY B 62 22.43 16.54 -22.18
CA GLY B 62 21.10 16.05 -21.91
C GLY B 62 20.95 15.67 -20.45
N ILE B 63 20.06 16.33 -19.76
CA ILE B 63 19.82 16.08 -18.35
C ILE B 63 18.66 15.11 -18.25
N VAL B 64 18.71 14.17 -17.30
CA VAL B 64 17.53 13.34 -17.02
C VAL B 64 17.11 13.34 -15.56
N CYS B 65 18.02 13.61 -14.61
CA CYS B 65 17.71 13.93 -13.20
C CYS B 65 16.89 12.82 -12.52
N HIS B 66 17.56 11.69 -12.31
CA HIS B 66 16.89 10.50 -11.75
C HIS B 66 16.34 10.77 -10.35
N ARG B 67 17.23 11.04 -9.39
CA ARG B 67 16.81 11.30 -8.03
C ARG B 67 17.59 12.49 -7.48
N PHE B 68 16.93 13.27 -6.62
CA PHE B 68 17.47 14.56 -6.18
C PHE B 68 16.92 14.86 -4.78
N GLU B 69 17.78 14.74 -3.78
CA GLU B 69 17.48 15.27 -2.47
C GLU B 69 18.28 16.54 -2.26
N ALA B 70 18.06 17.19 -1.12
CA ALA B 70 18.84 18.37 -0.76
C ALA B 70 18.97 18.39 0.75
N GLN B 71 20.14 18.81 1.23
CA GLN B 71 20.34 18.97 2.67
C GLN B 71 19.61 20.23 3.11
N ILE B 72 18.31 20.07 3.34
CA ILE B 72 17.40 21.11 3.75
C ILE B 72 16.59 20.61 4.93
N SER B 73 16.11 21.53 5.74
CA SER B 73 15.34 21.19 6.93
C SER B 73 14.18 22.16 7.09
N GLN B 74 13.21 21.73 7.89
CA GLN B 74 12.02 22.54 8.13
C GLN B 74 12.10 23.16 9.51
N PRO B 75 12.21 24.48 9.64
CA PRO B 75 12.28 25.09 10.97
C PRO B 75 10.91 25.27 11.63
N ALA B 76 10.63 24.43 12.66
CA ALA B 76 9.48 24.56 13.55
C ALA B 76 8.14 24.56 12.82
N GLY B 77 8.06 23.87 11.70
CA GLY B 77 6.81 23.78 10.97
C GLY B 77 6.36 25.06 10.28
N LYS B 78 7.29 25.93 9.93
CA LYS B 78 6.94 27.14 9.19
C LYS B 78 6.67 26.81 7.73
N ARG B 79 6.26 27.82 6.97
CA ARG B 79 6.12 27.65 5.51
C ARG B 79 7.39 28.08 4.78
N THR B 80 8.52 27.52 5.20
CA THR B 80 9.81 27.83 4.62
C THR B 80 10.72 26.62 4.78
N LYS B 81 11.99 26.79 4.41
CA LYS B 81 13.02 25.78 4.61
C LYS B 81 14.31 26.48 4.97
N VAL B 82 15.29 25.69 5.43
CA VAL B 82 16.63 26.17 5.71
C VAL B 82 17.62 25.26 4.99
N PHE B 83 18.91 25.54 5.19
CA PHE B 83 19.99 24.75 4.61
C PHE B 83 20.81 24.10 5.71
N ASN B 84 21.34 22.92 5.41
CA ASN B 84 22.36 22.33 6.24
C ASN B 84 23.73 22.82 5.79
N LEU B 85 24.63 22.99 6.74
CA LEU B 85 25.90 23.66 6.48
C LEU B 85 27.07 22.74 6.78
N THR B 86 28.26 23.28 6.53
CA THR B 86 29.52 22.63 6.85
C THR B 86 30.37 23.55 7.71
N ARG B 87 31.12 22.95 8.64
CA ARG B 87 31.91 23.73 9.58
C ARG B 87 33.18 24.26 8.90
N ASN B 88 33.26 25.58 8.78
CA ASN B 88 34.48 26.23 8.32
C ASN B 88 35.58 26.01 9.36
N PRO B 89 36.85 25.97 8.94
CA PRO B 89 37.93 25.79 9.92
C PRO B 89 38.16 27.04 10.76
N LEU B 90 39.10 26.98 11.70
CA LEU B 90 39.23 28.04 12.69
C LEU B 90 39.85 29.29 12.10
N ASN B 91 39.37 30.43 12.59
CA ASN B 91 39.89 31.73 12.21
C ASN B 91 41.28 31.92 12.84
N ARG B 92 42.01 32.93 12.34
CA ARG B 92 43.35 33.20 12.84
C ARG B 92 43.33 33.65 14.30
N ASP B 93 42.28 34.34 14.72
CA ASP B 93 42.13 34.69 16.13
C ASP B 93 41.72 33.48 16.96
N GLY B 94 41.11 32.49 16.32
CA GLY B 94 40.81 31.23 16.97
C GLY B 94 39.64 31.26 17.93
N SER B 95 38.54 31.87 17.52
CA SER B 95 37.29 31.81 18.28
C SER B 95 36.21 31.07 17.50
N THR B 96 35.89 31.55 16.31
CA THR B 96 35.02 30.92 15.33
C THR B 96 35.22 31.65 14.01
N ALA B 97 34.83 31.00 12.92
CA ALA B 97 34.99 31.57 11.60
C ALA B 97 33.78 32.41 11.22
N ALA B 98 33.96 33.23 10.19
CA ALA B 98 32.85 33.94 9.58
C ALA B 98 32.02 32.95 8.80
N ILE B 99 30.96 32.41 9.43
CA ILE B 99 30.17 31.35 8.83
C ILE B 99 29.35 31.92 7.66
N VAL B 100 29.41 31.22 6.53
CA VAL B 100 28.73 31.64 5.31
C VAL B 100 27.91 30.46 4.79
N GLU B 101 26.69 30.76 4.34
CA GLU B 101 25.71 29.74 4.00
C GLU B 101 25.69 29.49 2.50
N GLU B 102 25.60 28.21 2.13
CA GLU B 102 25.36 27.81 0.75
C GLU B 102 24.67 26.46 0.77
N GLY B 103 23.87 26.20 -0.27
CA GLY B 103 23.17 24.93 -0.39
C GLY B 103 24.04 23.89 -1.06
N ARG B 104 23.97 22.66 -0.56
CA ARG B 104 24.78 21.55 -1.06
C ARG B 104 23.87 20.34 -1.19
N ALA B 105 23.71 19.84 -2.43
CA ALA B 105 22.79 18.76 -2.73
C ALA B 105 23.55 17.55 -3.28
N HIS B 106 22.85 16.42 -3.34
CA HIS B 106 23.43 15.12 -3.73
C HIS B 106 22.48 14.50 -4.76
N LEU B 107 22.74 14.76 -6.04
CA LEU B 107 21.78 14.42 -7.09
C LEU B 107 22.29 13.26 -7.93
N GLU B 108 21.46 12.88 -8.91
CA GLU B 108 21.72 11.80 -9.84
C GLU B 108 21.34 12.30 -11.23
N VAL B 109 22.17 11.99 -12.22
CA VAL B 109 21.99 12.51 -13.57
C VAL B 109 22.59 11.50 -14.55
N SER B 110 22.23 11.62 -15.82
CA SER B 110 22.88 10.89 -16.90
C SER B 110 22.96 11.80 -18.11
N LEU B 111 24.15 12.01 -18.65
CA LEU B 111 24.38 13.01 -19.67
C LEU B 111 24.56 12.36 -21.04
N LEU B 112 23.73 12.78 -22.00
CA LEU B 112 23.88 12.44 -23.40
C LEU B 112 24.34 13.67 -24.17
N LEU B 113 25.23 13.48 -25.15
CA LEU B 113 25.97 14.57 -25.74
C LEU B 113 25.78 14.60 -27.25
N GLY B 114 26.58 15.43 -27.92
CA GLY B 114 26.53 15.54 -29.37
C GLY B 114 27.91 15.62 -29.98
N VAL B 115 28.23 14.69 -30.89
CA VAL B 115 29.60 14.43 -31.32
C VAL B 115 29.75 14.75 -32.81
N HIS B 116 30.77 15.54 -33.15
CA HIS B 116 31.16 15.81 -34.53
C HIS B 116 32.49 15.14 -34.87
N GLY B 117 32.72 13.92 -34.39
CA GLY B 117 34.05 13.34 -34.45
C GLY B 117 34.21 12.00 -35.14
N ASP B 118 35.36 11.36 -34.93
CA ASP B 118 35.74 10.12 -35.59
C ASP B 118 35.65 8.90 -34.69
N GLY B 119 34.60 8.82 -33.86
CA GLY B 119 34.43 7.70 -32.93
C GLY B 119 34.22 6.36 -33.62
N LEU B 120 33.73 6.35 -34.85
CA LEU B 120 33.70 5.16 -35.68
C LEU B 120 34.13 5.47 -37.11
N ASP B 121 34.95 6.50 -37.29
CA ASP B 121 35.51 6.83 -38.59
C ASP B 121 36.96 6.35 -38.72
N ASP B 122 37.79 6.64 -37.71
CA ASP B 122 39.16 6.15 -37.66
C ASP B 122 39.52 5.49 -36.34
N HIS B 123 38.62 5.48 -35.36
CA HIS B 123 38.79 4.81 -34.09
C HIS B 123 37.62 3.85 -33.87
N PRO B 124 37.78 2.83 -33.02
CA PRO B 124 36.68 1.90 -32.76
C PRO B 124 35.73 2.44 -31.70
N ALA B 125 34.58 1.75 -31.58
CA ALA B 125 33.42 2.34 -30.91
C ALA B 125 33.55 2.33 -29.39
N GLN B 126 33.55 1.14 -28.80
CA GLN B 126 33.49 1.07 -27.34
C GLN B 126 34.84 1.35 -26.72
N GLU B 127 35.92 1.37 -27.52
CA GLU B 127 37.19 1.90 -27.04
C GLU B 127 37.10 3.38 -26.71
N ILE B 128 36.54 4.16 -27.64
CA ILE B 128 36.33 5.59 -27.41
C ILE B 128 35.34 5.82 -26.28
N ALA B 129 34.23 5.06 -26.30
CA ALA B 129 33.20 5.23 -25.26
C ALA B 129 33.74 4.84 -23.87
N ARG B 130 34.53 3.77 -23.81
CA ARG B 130 35.07 3.29 -22.53
C ARG B 130 36.16 4.22 -22.01
N GLN B 131 37.01 4.75 -22.89
CA GLN B 131 38.03 5.69 -22.42
C GLN B 131 37.41 7.00 -21.97
N VAL B 132 36.37 7.49 -22.66
CA VAL B 132 35.70 8.71 -22.21
C VAL B 132 34.95 8.47 -20.90
N GLN B 133 34.32 7.31 -20.74
CA GLN B 133 33.60 7.01 -19.49
C GLN B 133 34.56 6.82 -18.32
N GLU B 134 35.69 6.14 -18.56
CA GLU B 134 36.71 5.96 -17.54
C GLU B 134 37.42 7.26 -17.20
N GLN B 135 37.52 8.20 -18.14
CA GLN B 135 38.22 9.44 -17.89
C GLN B 135 37.29 10.52 -17.35
N ALA B 136 35.97 10.35 -17.50
CA ALA B 136 35.03 11.35 -17.03
C ALA B 136 34.96 11.40 -15.50
N GLY B 137 35.15 10.27 -14.84
CA GLY B 137 35.07 10.22 -13.39
C GLY B 137 36.35 10.65 -12.69
N ALA B 138 36.92 11.77 -13.10
CA ALA B 138 38.08 12.35 -12.45
C ALA B 138 37.98 13.86 -12.41
N MET B 139 36.76 14.40 -12.44
CA MET B 139 36.59 15.84 -12.52
C MET B 139 35.23 16.19 -11.96
N ARG B 140 35.11 17.39 -11.40
CA ARG B 140 33.87 17.86 -10.80
C ARG B 140 33.01 18.57 -11.83
N LEU B 141 31.72 18.69 -11.51
CA LEU B 141 30.74 19.12 -12.51
C LEU B 141 29.85 20.24 -12.01
N ALA B 142 29.57 20.27 -10.72
CA ALA B 142 28.78 21.34 -10.13
C ALA B 142 29.33 21.70 -8.76
N GLY B 143 30.65 21.81 -8.67
CA GLY B 143 31.26 22.01 -7.37
C GLY B 143 31.28 20.77 -6.51
N GLY B 144 31.00 19.61 -7.08
CA GLY B 144 30.91 18.39 -6.29
C GLY B 144 31.51 17.21 -7.01
N SER B 145 32.20 16.37 -6.25
CA SER B 145 32.87 15.21 -6.81
C SER B 145 31.87 14.14 -7.22
N ILE B 146 32.18 13.48 -8.33
CA ILE B 146 31.36 12.37 -8.79
C ILE B 146 31.57 11.18 -7.87
N LEU B 147 30.48 10.60 -7.38
CA LEU B 147 30.55 9.34 -6.66
C LEU B 147 31.03 8.28 -7.64
N PRO B 148 32.19 7.67 -7.40
CA PRO B 148 32.80 6.79 -8.40
C PRO B 148 32.11 5.44 -8.52
N TRP B 149 32.77 4.56 -9.27
CA TRP B 149 32.19 3.28 -9.64
C TRP B 149 32.10 2.33 -8.46
N CYS B 150 30.97 1.65 -8.36
CA CYS B 150 30.53 0.81 -7.25
C CYS B 150 29.66 -0.28 -7.86
N ASN B 151 28.70 -0.80 -7.09
CA ASN B 151 27.66 -1.67 -7.65
C ASN B 151 26.84 -1.03 -8.79
N GLU B 152 26.88 0.30 -8.95
CA GLU B 152 26.27 0.98 -10.10
C GLU B 152 27.10 0.89 -11.36
N ARG B 153 28.32 0.34 -11.30
CA ARG B 153 29.12 0.10 -12.50
C ARG B 153 28.54 -1.04 -13.35
N PHE B 154 27.71 -1.88 -12.76
CA PHE B 154 27.21 -3.09 -13.41
C PHE B 154 26.27 -2.83 -14.59
N PRO B 155 25.49 -1.74 -14.65
CA PRO B 155 24.96 -1.31 -15.96
C PRO B 155 25.73 -0.20 -16.66
N ALA B 156 26.87 0.24 -16.14
CA ALA B 156 27.49 1.47 -16.62
C ALA B 156 28.20 1.44 -17.98
N PRO B 157 28.85 0.35 -18.45
CA PRO B 157 29.40 0.39 -19.82
C PRO B 157 28.29 0.51 -20.86
N ASN B 158 28.58 1.28 -21.91
CA ASN B 158 27.56 1.77 -22.83
C ASN B 158 27.96 1.47 -24.26
N ALA B 159 27.02 1.71 -25.16
CA ALA B 159 27.32 1.79 -26.58
C ALA B 159 27.78 3.21 -26.92
N GLU B 160 27.95 3.47 -28.20
CA GLU B 160 28.19 4.83 -28.69
C GLU B 160 27.18 4.99 -29.82
N LEU B 161 25.96 5.38 -29.46
CA LEU B 161 24.78 5.14 -30.27
C LEU B 161 24.70 6.19 -31.39
N LEU B 162 24.85 5.74 -32.63
CA LEU B 162 24.82 6.65 -33.77
C LEU B 162 23.40 7.13 -34.04
N MET B 163 23.28 8.33 -34.58
CA MET B 163 22.03 8.93 -35.01
C MET B 163 22.02 9.28 -36.49
N LEU B 164 23.09 9.93 -36.96
CA LEU B 164 23.17 10.51 -38.29
C LEU B 164 23.29 9.45 -39.38
N GLY B 165 23.67 8.21 -39.04
CA GLY B 165 23.80 7.16 -40.03
C GLY B 165 23.07 5.89 -39.68
N GLY B 166 22.11 5.50 -40.52
CA GLY B 166 21.36 4.29 -40.28
C GLY B 166 20.03 4.32 -41.01
N SER B 167 19.30 3.22 -40.89
CA SER B 167 17.95 3.13 -41.43
C SER B 167 17.02 4.07 -40.65
N ASP B 168 15.98 4.56 -41.33
CA ASP B 168 15.03 5.48 -40.71
C ASP B 168 14.23 4.79 -39.60
N GLU B 169 13.68 3.61 -39.89
CA GLU B 169 12.99 2.86 -38.86
C GLU B 169 13.96 2.40 -37.78
N GLN B 170 15.22 2.13 -38.16
CA GLN B 170 16.21 1.86 -37.15
C GLN B 170 16.82 3.12 -36.54
N ARG B 171 16.65 4.28 -37.16
CA ARG B 171 16.89 5.53 -36.43
C ARG B 171 15.90 5.66 -35.29
N ARG B 172 14.62 5.37 -35.56
CA ARG B 172 13.59 5.34 -34.52
C ARG B 172 13.91 4.32 -33.44
N LYS B 173 14.27 3.11 -33.85
CA LYS B 173 14.49 2.06 -32.85
C LYS B 173 15.85 2.19 -32.18
N ASN B 174 16.81 2.93 -32.75
CA ASN B 174 18.03 3.20 -32.02
C ASN B 174 17.81 4.29 -30.97
N GLN B 175 17.05 5.34 -31.30
CA GLN B 175 16.82 6.36 -30.28
C GLN B 175 15.87 5.87 -29.19
N ARG B 176 14.98 4.93 -29.49
CA ARG B 176 14.20 4.31 -28.43
C ARG B 176 14.79 2.99 -27.94
N ARG B 177 15.95 2.59 -28.47
CA ARG B 177 16.87 1.67 -27.84
C ARG B 177 17.74 2.40 -26.83
N LEU B 178 17.80 3.72 -26.96
CA LEU B 178 18.40 4.58 -25.95
C LEU B 178 17.38 5.05 -24.91
N THR B 179 16.10 5.11 -25.28
CA THR B 179 15.06 5.48 -24.32
C THR B 179 14.76 4.38 -23.31
N ARG B 180 14.99 3.10 -23.65
CA ARG B 180 14.66 1.99 -22.75
C ARG B 180 15.53 1.96 -21.49
N ARG B 181 16.68 2.62 -21.52
CA ARG B 181 17.57 2.68 -20.38
C ARG B 181 17.47 4.00 -19.63
N LEU B 182 16.34 4.70 -19.78
CA LEU B 182 16.24 6.06 -19.30
C LEU B 182 14.89 6.36 -18.66
N LEU B 183 14.24 5.36 -18.05
CA LEU B 183 12.83 5.51 -17.67
C LEU B 183 12.59 6.38 -16.44
N PRO B 184 13.14 6.08 -15.20
CA PRO B 184 12.58 6.71 -14.01
C PRO B 184 12.95 8.17 -13.78
N GLY B 185 13.62 8.80 -14.74
CA GLY B 185 13.99 10.19 -14.64
C GLY B 185 12.99 11.10 -15.33
N PHE B 186 13.32 12.40 -15.34
CA PHE B 186 12.51 13.42 -15.98
C PHE B 186 13.45 14.45 -16.57
N ALA B 187 13.47 14.54 -17.90
CA ALA B 187 14.46 15.38 -18.57
C ALA B 187 14.14 16.86 -18.43
N LEU B 188 15.17 17.69 -18.54
CA LEU B 188 15.05 19.14 -18.49
C LEU B 188 15.24 19.72 -19.88
N VAL B 189 14.25 20.46 -20.36
CA VAL B 189 14.35 21.23 -21.59
C VAL B 189 13.84 22.63 -21.31
N SER B 190 14.27 23.57 -22.13
CA SER B 190 13.81 24.94 -21.96
C SER B 190 12.50 25.14 -22.70
N ARG B 191 11.88 26.29 -22.45
CA ARG B 191 10.58 26.68 -22.98
C ARG B 191 10.63 28.10 -23.51
N GLU B 192 11.61 28.36 -24.39
CA GLU B 192 11.91 29.71 -24.86
C GLU B 192 10.73 30.32 -25.61
N ALA B 193 10.14 29.56 -26.54
CA ALA B 193 8.95 30.04 -27.24
C ALA B 193 7.76 30.13 -26.31
N LEU B 194 7.70 29.26 -25.30
CA LEU B 194 6.64 29.37 -24.30
C LEU B 194 6.84 30.58 -23.41
N LEU B 195 8.10 30.89 -23.05
CA LEU B 195 8.43 32.17 -22.41
C LEU B 195 7.92 33.35 -23.21
N GLN B 196 8.25 33.37 -24.50
CA GLN B 196 7.86 34.46 -25.41
C GLN B 196 6.35 34.61 -25.49
N GLN B 197 5.66 33.57 -25.93
CA GLN B 197 4.23 33.71 -26.19
C GLN B 197 3.39 33.61 -24.92
N HIS B 198 3.97 33.22 -23.80
CA HIS B 198 3.27 33.21 -22.52
C HIS B 198 3.44 34.50 -21.76
N LEU B 199 4.50 35.27 -22.03
CA LEU B 199 4.51 36.63 -21.55
C LEU B 199 3.72 37.54 -22.48
N GLU B 200 3.76 37.26 -23.80
CA GLU B 200 3.08 38.14 -24.76
C GLU B 200 1.57 37.89 -24.78
N THR B 201 1.15 36.63 -24.61
CA THR B 201 -0.28 36.32 -24.50
C THR B 201 -0.87 36.95 -23.24
N LEU B 202 -0.14 36.91 -22.13
CA LEU B 202 -0.62 37.42 -20.86
C LEU B 202 -0.25 38.88 -20.62
N ARG B 203 -0.11 39.66 -21.70
CA ARG B 203 0.21 41.08 -21.61
C ARG B 203 -1.04 41.95 -21.55
N THR B 204 -2.15 41.43 -21.03
CA THR B 204 -3.39 42.18 -20.91
C THR B 204 -3.46 43.01 -19.64
N THR B 205 -2.42 42.98 -18.80
CA THR B 205 -2.35 43.80 -17.60
C THR B 205 -1.16 44.74 -17.60
N LEU B 206 0.04 44.23 -17.89
CA LEU B 206 1.25 45.06 -17.88
C LEU B 206 2.28 44.40 -18.79
N PRO B 207 3.21 45.19 -19.35
CA PRO B 207 4.25 44.66 -20.25
C PRO B 207 5.56 44.24 -19.59
N GLU B 208 5.60 44.04 -18.27
CA GLU B 208 6.86 43.76 -17.61
C GLU B 208 7.38 42.37 -17.96
N ALA B 209 8.70 42.24 -18.02
CA ALA B 209 9.38 41.05 -18.53
C ALA B 209 9.90 40.13 -17.43
N THR B 210 10.43 40.68 -16.35
CA THR B 210 10.93 39.87 -15.25
C THR B 210 9.83 39.35 -14.34
N THR B 211 8.58 39.78 -14.55
CA THR B 211 7.44 39.30 -13.77
C THR B 211 6.87 37.99 -14.31
N LEU B 212 7.45 37.44 -15.38
CA LEU B 212 6.91 36.20 -15.94
C LEU B 212 7.20 35.02 -15.03
N ASP B 213 8.48 34.70 -14.85
CA ASP B 213 8.87 33.62 -13.95
C ASP B 213 8.70 33.99 -12.49
N ALA B 214 8.54 35.28 -12.18
CA ALA B 214 8.22 35.74 -10.83
C ALA B 214 6.75 35.55 -10.49
N LEU B 215 5.96 34.99 -11.39
CA LEU B 215 4.53 34.80 -11.21
C LEU B 215 4.11 33.44 -11.77
N LEU B 216 5.00 32.45 -11.64
CA LEU B 216 4.69 31.08 -12.07
C LEU B 216 5.02 29.98 -11.06
N ASP B 217 5.88 30.22 -10.08
CA ASP B 217 6.18 29.21 -9.05
C ASP B 217 5.19 29.31 -7.89
N LEU B 218 3.91 29.22 -8.22
CA LEU B 218 2.79 29.50 -7.33
C LEU B 218 1.51 29.04 -7.99
N CYS B 219 0.48 28.85 -7.17
CA CYS B 219 -0.82 28.35 -7.61
C CYS B 219 -1.68 29.52 -8.04
N ARG B 220 -1.56 29.91 -9.31
CA ARG B 220 -2.41 30.97 -9.86
C ARG B 220 -3.84 30.46 -9.98
N ILE B 221 -4.79 31.27 -9.50
CA ILE B 221 -6.20 30.91 -9.57
C ILE B 221 -7.01 32.20 -9.51
N ASN B 222 -8.01 32.30 -10.39
CA ASN B 222 -9.10 33.25 -10.27
C ASN B 222 -10.33 32.38 -10.02
N PHE B 223 -10.62 32.14 -8.74
CA PHE B 223 -11.54 31.10 -8.32
C PHE B 223 -13.00 31.53 -8.53
N GLU B 224 -13.91 30.81 -7.90
CA GLU B 224 -15.34 30.92 -8.21
C GLU B 224 -15.91 32.23 -7.68
N PRO B 225 -16.59 33.03 -8.52
CA PRO B 225 -17.35 34.18 -8.04
C PRO B 225 -18.78 33.80 -7.66
N TRP B 241 -13.60 26.55 -5.84
CA TRP B 241 -12.65 25.43 -5.84
C TRP B 241 -12.48 24.83 -7.23
N GLN B 242 -11.55 25.37 -8.01
CA GLN B 242 -11.16 24.77 -9.29
C GLN B 242 -9.73 25.21 -9.58
N VAL B 243 -8.77 24.34 -9.29
CA VAL B 243 -7.36 24.67 -9.50
C VAL B 243 -7.06 24.68 -11.00
N ARG B 244 -6.37 25.73 -11.44
CA ARG B 244 -6.15 26.00 -12.86
C ARG B 244 -5.28 24.94 -13.51
N ASP B 245 -5.36 24.88 -14.84
CA ASP B 245 -4.72 23.84 -15.64
C ASP B 245 -3.23 24.11 -15.66
N LYS B 246 -2.50 23.41 -14.79
CA LYS B 246 -1.05 23.47 -14.82
C LYS B 246 -0.54 22.78 -16.09
N PRO B 247 0.27 23.45 -16.90
CA PRO B 247 0.79 22.82 -18.13
C PRO B 247 2.05 21.98 -17.95
N GLY B 248 2.41 21.60 -16.73
CA GLY B 248 3.64 20.87 -16.51
C GLY B 248 4.23 21.09 -15.13
N TRP B 249 5.48 21.56 -15.09
CA TRP B 249 6.15 21.92 -13.84
C TRP B 249 6.80 23.28 -14.10
N LEU B 250 6.04 24.35 -13.82
CA LEU B 250 6.48 25.71 -14.11
C LEU B 250 7.50 26.14 -13.07
N VAL B 251 8.76 26.30 -13.50
CA VAL B 251 9.84 26.59 -12.55
C VAL B 251 10.95 27.41 -13.21
N PRO B 252 11.42 28.49 -12.59
CA PRO B 252 12.47 29.31 -13.19
C PRO B 252 13.83 28.64 -13.15
N ILE B 253 14.63 28.93 -14.18
CA ILE B 253 15.99 28.40 -14.31
C ILE B 253 16.92 29.56 -14.66
N PRO B 254 18.22 29.45 -14.29
CA PRO B 254 19.19 30.45 -14.76
C PRO B 254 19.56 30.19 -16.22
N ALA B 255 19.09 31.07 -17.10
CA ALA B 255 19.13 30.81 -18.54
C ALA B 255 20.07 31.75 -19.28
N GLY B 256 21.24 32.03 -18.71
CA GLY B 256 22.24 32.79 -19.42
C GLY B 256 22.78 33.91 -18.58
N TYR B 257 23.66 34.70 -19.20
CA TYR B 257 24.51 35.66 -18.51
C TYR B 257 24.55 36.96 -19.31
N ASN B 258 23.89 38.00 -18.82
CA ASN B 258 23.96 39.31 -19.48
C ASN B 258 25.15 40.10 -18.94
N ALA B 259 26.10 40.40 -19.81
CA ALA B 259 27.28 41.17 -19.43
C ALA B 259 27.06 42.64 -19.69
N LEU B 260 26.68 43.37 -18.63
CA LEU B 260 26.22 44.75 -18.76
C LEU B 260 27.38 45.70 -19.04
N SER B 261 28.40 45.68 -18.20
CA SER B 261 29.57 46.51 -18.39
C SER B 261 30.39 46.00 -19.57
N PRO B 262 31.17 46.88 -20.24
CA PRO B 262 31.97 46.45 -21.39
C PRO B 262 33.13 45.51 -21.07
N LEU B 263 33.93 45.19 -22.08
CA LEU B 263 35.05 44.29 -21.92
C LEU B 263 36.17 44.94 -21.11
N TYR B 264 37.15 44.12 -20.72
CA TYR B 264 38.32 44.59 -20.01
C TYR B 264 39.53 43.79 -20.49
N LEU B 265 40.66 44.01 -19.83
CA LEU B 265 41.93 43.39 -20.18
C LEU B 265 42.53 42.74 -18.94
N PRO B 266 43.46 41.79 -19.11
CA PRO B 266 44.17 41.24 -17.95
C PRO B 266 45.01 42.25 -17.17
N GLY B 267 45.54 43.27 -17.83
CA GLY B 267 46.22 44.34 -17.12
C GLY B 267 45.33 45.47 -16.67
N GLU B 268 44.11 45.54 -17.19
CA GLU B 268 43.18 46.61 -16.84
C GLU B 268 42.48 46.32 -15.53
N VAL B 269 41.81 45.17 -15.44
CA VAL B 269 41.27 44.68 -14.18
C VAL B 269 42.17 43.53 -13.74
N ARG B 270 42.89 43.75 -12.64
CA ARG B 270 43.76 42.71 -12.10
C ARG B 270 42.89 41.77 -11.25
N ASN B 271 43.52 40.70 -10.75
CA ASN B 271 42.87 39.59 -10.04
C ASN B 271 41.80 38.92 -10.91
N ALA B 272 42.23 38.48 -12.09
CA ALA B 272 41.49 37.52 -12.91
C ALA B 272 42.04 36.14 -12.58
N ARG B 273 41.62 35.11 -13.31
CA ARG B 273 42.24 33.81 -13.04
C ARG B 273 43.50 33.61 -13.86
N ASP B 274 43.39 33.66 -15.18
CA ASP B 274 44.56 33.73 -16.03
C ASP B 274 44.71 35.13 -16.61
N ARG B 275 45.96 35.57 -16.75
CA ARG B 275 46.27 36.90 -17.25
C ARG B 275 46.44 36.93 -18.76
N GLU B 276 45.80 36.01 -19.48
CA GLU B 276 45.81 36.00 -20.94
C GLU B 276 44.40 35.77 -21.49
N THR B 277 43.39 36.25 -20.76
CA THR B 277 42.00 36.12 -21.14
C THR B 277 41.16 37.25 -20.53
N PRO B 278 40.29 37.89 -21.29
CA PRO B 278 39.65 39.12 -20.83
C PRO B 278 38.49 38.89 -19.86
N LEU B 279 38.14 39.96 -19.15
CA LEU B 279 37.24 39.95 -18.02
C LEU B 279 36.01 40.81 -18.31
N ARG B 280 34.84 40.30 -17.94
CA ARG B 280 33.58 41.02 -18.02
C ARG B 280 32.73 40.71 -16.79
N PHE B 281 32.31 41.76 -16.08
CA PHE B 281 31.40 41.60 -14.96
C PHE B 281 30.00 41.30 -15.50
N VAL B 282 29.31 40.35 -14.88
CA VAL B 282 28.13 39.75 -15.49
C VAL B 282 27.03 39.61 -14.44
N GLU B 283 25.82 39.33 -14.91
CA GLU B 283 24.63 39.25 -14.09
C GLU B 283 23.82 38.05 -14.59
N ASN B 284 22.80 37.65 -13.83
CA ASN B 284 22.02 36.45 -14.12
C ASN B 284 20.79 36.75 -14.98
N LEU B 285 20.26 35.71 -15.61
CA LEU B 285 19.09 35.79 -16.46
C LEU B 285 18.20 34.59 -16.24
N PHE B 286 16.89 34.80 -16.17
CA PHE B 286 15.94 33.78 -15.74
C PHE B 286 14.91 33.48 -16.82
N GLY B 287 15.10 32.35 -17.51
CA GLY B 287 14.02 31.68 -18.21
C GLY B 287 13.39 30.62 -17.33
N LEU B 288 12.50 29.82 -17.92
CA LEU B 288 11.95 28.70 -17.19
C LEU B 288 12.21 27.42 -17.97
N GLY B 289 12.40 26.34 -17.23
CA GLY B 289 12.63 25.05 -17.85
C GLY B 289 11.67 23.99 -17.35
N GLU B 290 10.82 23.50 -18.23
CA GLU B 290 9.91 22.43 -17.86
C GLU B 290 10.65 21.11 -17.69
N TRP B 291 10.01 20.22 -16.94
CA TRP B 291 10.51 18.87 -16.75
C TRP B 291 9.63 17.93 -17.57
N LEU B 292 10.27 17.07 -18.36
CA LEU B 292 9.57 16.18 -19.28
C LEU B 292 10.05 14.76 -19.11
N SER B 293 9.12 13.82 -19.20
CA SER B 293 9.50 12.43 -19.39
C SER B 293 10.11 12.29 -20.79
N PRO B 294 11.09 11.40 -20.95
CA PRO B 294 11.76 11.28 -22.26
C PRO B 294 10.88 10.71 -23.37
N HIS B 295 9.73 10.11 -23.05
CA HIS B 295 8.81 9.58 -24.05
C HIS B 295 8.13 10.68 -24.86
N ARG B 296 7.98 11.87 -24.30
CA ARG B 296 7.14 12.91 -24.88
C ARG B 296 7.94 13.92 -25.70
N VAL B 297 8.95 13.45 -26.42
CA VAL B 297 9.85 14.32 -27.19
C VAL B 297 9.61 14.10 -28.67
N ALA B 298 10.25 14.93 -29.51
CA ALA B 298 10.27 14.67 -30.94
C ALA B 298 11.38 13.67 -31.29
N ALA B 299 12.61 13.99 -30.90
CA ALA B 299 13.74 13.07 -30.97
C ALA B 299 14.74 13.50 -29.91
N LEU B 300 15.68 12.61 -29.60
CA LEU B 300 16.65 12.90 -28.54
C LEU B 300 17.72 13.89 -28.96
N SER B 301 17.88 14.17 -30.25
CA SER B 301 18.76 15.23 -30.71
C SER B 301 18.11 16.60 -30.63
N ASP B 302 16.86 16.67 -30.16
CA ASP B 302 16.09 17.90 -30.09
C ASP B 302 15.98 18.42 -28.66
N LEU B 303 16.96 18.12 -27.80
CA LEU B 303 16.86 18.55 -26.42
C LEU B 303 18.18 19.02 -25.83
N LEU B 304 19.18 19.30 -26.67
CA LEU B 304 20.53 19.60 -26.18
C LEU B 304 20.64 21.05 -25.74
N TRP B 305 21.27 21.26 -24.57
CA TRP B 305 21.63 22.59 -24.10
C TRP B 305 22.92 23.01 -24.78
N TYR B 306 22.82 23.82 -25.82
CA TYR B 306 24.01 24.30 -26.51
C TYR B 306 24.66 25.46 -25.77
N HIS B 307 25.54 26.16 -26.45
CA HIS B 307 26.21 27.32 -25.88
C HIS B 307 26.45 28.32 -27.00
N HIS B 308 26.34 29.60 -26.69
CA HIS B 308 26.76 30.66 -27.60
C HIS B 308 27.01 31.92 -26.80
N ALA B 309 27.82 32.81 -27.37
CA ALA B 309 28.11 34.10 -26.78
C ALA B 309 27.95 35.16 -27.85
N GLU B 310 27.17 36.21 -27.52
CA GLU B 310 26.97 37.36 -28.40
C GLU B 310 27.63 38.57 -27.77
N PRO B 311 28.92 38.84 -28.06
CA PRO B 311 29.61 39.95 -27.40
C PRO B 311 29.24 41.32 -27.93
N ASP B 312 28.49 41.39 -29.04
CA ASP B 312 27.86 42.64 -29.44
C ASP B 312 26.80 43.06 -28.43
N LYS B 313 26.06 42.10 -27.91
CA LYS B 313 25.13 42.31 -26.81
C LYS B 313 25.89 42.14 -25.50
N GLY B 314 25.17 42.03 -24.40
CA GLY B 314 25.71 41.46 -23.19
C GLY B 314 25.38 40.00 -23.05
N LEU B 315 24.56 39.45 -23.95
CA LEU B 315 23.98 38.13 -23.80
C LEU B 315 25.04 37.06 -24.00
N TYR B 316 25.49 36.46 -22.90
CA TYR B 316 26.28 35.23 -22.92
C TYR B 316 25.33 34.13 -22.46
N ARG B 317 24.60 33.56 -23.42
CA ARG B 317 23.39 32.79 -23.14
C ARG B 317 23.50 31.40 -23.75
N TRP B 318 23.21 30.38 -22.96
CA TRP B 318 23.03 29.03 -23.47
C TRP B 318 21.55 28.78 -23.76
N SER B 319 21.29 27.71 -24.50
CA SER B 319 19.96 27.53 -25.07
C SER B 319 19.74 26.08 -25.48
N THR B 320 18.48 25.69 -25.58
CA THR B 320 18.08 24.49 -26.31
C THR B 320 17.43 24.90 -27.62
N PRO B 321 18.16 24.91 -28.74
CA PRO B 321 17.50 25.06 -30.03
C PRO B 321 16.64 23.84 -30.32
N ARG B 322 15.48 24.11 -30.95
CA ARG B 322 14.46 23.14 -31.40
C ARG B 322 14.12 22.11 -30.31
N PHE B 323 13.56 22.60 -29.20
CA PHE B 323 13.13 21.71 -28.13
C PHE B 323 11.89 20.92 -28.48
N VAL B 324 11.11 21.35 -29.47
CA VAL B 324 10.05 20.55 -30.07
C VAL B 324 10.21 20.55 -31.59
N LEU C 8 -20.72 -1.60 -46.56
CA LEU C 8 -21.64 -2.18 -45.61
C LEU C 8 -20.91 -3.27 -44.82
N SER C 9 -21.15 -3.34 -43.51
CA SER C 9 -20.45 -4.26 -42.63
C SER C 9 -21.38 -5.37 -42.19
N THR C 10 -20.78 -6.51 -41.84
CA THR C 10 -21.52 -7.65 -41.33
C THR C 10 -21.75 -7.47 -39.83
N ALA C 11 -22.22 -8.53 -39.18
CA ALA C 11 -22.56 -8.44 -37.77
C ALA C 11 -21.30 -8.37 -36.91
N SER C 12 -21.39 -7.62 -35.82
CA SER C 12 -20.26 -7.46 -34.91
C SER C 12 -20.03 -8.73 -34.10
N VAL C 13 -21.05 -9.16 -33.36
CA VAL C 13 -21.03 -10.43 -32.63
C VAL C 13 -21.79 -11.46 -33.46
N LEU C 14 -21.23 -12.67 -33.56
CA LEU C 14 -21.72 -13.64 -34.51
C LEU C 14 -21.21 -15.01 -34.08
N ALA C 15 -22.10 -15.99 -33.98
CA ALA C 15 -21.69 -17.29 -33.46
C ALA C 15 -22.61 -18.38 -34.00
N PHE C 16 -22.16 -19.63 -33.85
CA PHE C 16 -22.88 -20.81 -34.31
C PHE C 16 -22.72 -21.92 -33.29
N GLU C 17 -23.80 -22.64 -33.01
CA GLU C 17 -23.71 -23.84 -32.20
C GLU C 17 -22.98 -24.92 -33.00
N ARG C 18 -22.21 -25.75 -32.31
CA ARG C 18 -21.55 -26.84 -32.99
C ARG C 18 -22.57 -27.95 -33.28
N LYS C 19 -22.50 -28.48 -34.48
CA LYS C 19 -23.13 -29.75 -34.79
C LYS C 19 -22.07 -30.82 -34.58
N LEU C 20 -22.45 -32.08 -34.87
CA LEU C 20 -21.58 -33.25 -34.79
C LEU C 20 -21.01 -33.42 -33.39
N ASP C 21 -21.84 -33.24 -32.38
CA ASP C 21 -21.36 -33.14 -31.00
C ASP C 21 -21.04 -34.53 -30.46
N PRO C 22 -19.77 -34.81 -30.12
CA PRO C 22 -19.39 -36.17 -29.73
C PRO C 22 -19.40 -36.37 -28.23
N SER C 23 -19.14 -37.58 -27.78
CA SER C 23 -18.92 -37.87 -26.37
C SER C 23 -17.44 -38.18 -26.13
N ASP C 24 -17.02 -38.03 -24.89
CA ASP C 24 -15.66 -38.37 -24.50
C ASP C 24 -15.52 -39.87 -24.30
N ALA C 25 -14.48 -40.45 -24.90
CA ALA C 25 -14.41 -41.89 -25.16
C ALA C 25 -13.63 -42.60 -24.05
N LEU C 26 -14.35 -43.14 -23.07
CA LEU C 26 -13.69 -43.95 -22.04
C LEU C 26 -13.20 -45.27 -22.65
N MET C 27 -12.12 -45.80 -22.08
CA MET C 27 -11.41 -46.92 -22.66
C MET C 27 -11.44 -48.15 -21.77
N SER C 28 -11.40 -49.31 -22.42
CA SER C 28 -11.22 -50.59 -21.73
C SER C 28 -10.60 -51.56 -22.73
N ALA C 29 -10.06 -52.65 -22.20
CA ALA C 29 -9.55 -53.74 -23.02
C ALA C 29 -10.60 -54.81 -23.17
N GLY C 30 -10.39 -55.70 -24.13
CA GLY C 30 -11.36 -56.76 -24.34
C GLY C 30 -10.85 -57.84 -25.27
N ALA C 31 -11.80 -58.67 -25.72
CA ALA C 31 -11.51 -59.86 -26.49
C ALA C 31 -12.02 -59.71 -27.92
N TRP C 32 -11.16 -60.01 -28.88
CA TRP C 32 -11.55 -60.12 -30.27
C TRP C 32 -12.46 -61.32 -30.42
N ALA C 33 -13.45 -61.19 -31.30
CA ALA C 33 -14.66 -62.02 -31.35
C ALA C 33 -15.42 -62.01 -30.02
N GLN C 34 -15.43 -60.89 -29.32
CA GLN C 34 -16.40 -60.60 -28.28
C GLN C 34 -16.96 -59.19 -28.49
N ARG C 35 -17.36 -58.94 -29.73
CA ARG C 35 -18.25 -57.83 -30.05
C ARG C 35 -19.70 -58.20 -29.76
N ASP C 36 -19.97 -59.50 -29.67
CA ASP C 36 -21.35 -59.99 -29.54
C ASP C 36 -21.97 -59.60 -28.20
N ALA C 37 -21.17 -59.60 -27.13
CA ALA C 37 -21.67 -59.23 -25.81
C ALA C 37 -20.64 -58.36 -25.06
N SER C 38 -20.09 -57.36 -25.74
CA SER C 38 -19.10 -56.48 -25.13
C SER C 38 -19.73 -55.53 -24.12
N GLN C 39 -19.91 -55.98 -22.89
CA GLN C 39 -20.67 -55.24 -21.89
C GLN C 39 -20.04 -55.23 -20.51
N GLU C 40 -19.05 -56.08 -20.23
CA GLU C 40 -18.60 -56.37 -18.88
C GLU C 40 -17.15 -55.97 -18.62
N TRP C 41 -16.52 -55.28 -19.53
CA TRP C 41 -15.07 -55.20 -19.54
C TRP C 41 -14.55 -54.13 -18.58
N PRO C 42 -13.51 -54.43 -17.80
CA PRO C 42 -12.90 -53.42 -16.93
C PRO C 42 -11.95 -52.53 -17.71
N ALA C 43 -11.74 -51.33 -17.16
CA ALA C 43 -11.10 -50.25 -17.90
C ALA C 43 -9.58 -50.38 -17.86
N VAL C 44 -8.90 -49.33 -18.33
CA VAL C 44 -7.45 -49.21 -18.24
C VAL C 44 -7.14 -48.34 -17.03
N THR C 45 -7.00 -48.97 -15.86
CA THR C 45 -6.90 -48.24 -14.60
C THR C 45 -5.51 -47.63 -14.45
N VAL C 46 -5.47 -46.34 -14.14
CA VAL C 46 -4.23 -45.57 -14.14
C VAL C 46 -3.50 -45.79 -12.82
N ARG C 47 -2.18 -45.97 -12.90
CA ARG C 47 -1.34 -46.20 -11.73
C ARG C 47 -0.17 -45.24 -11.72
N GLU C 48 0.14 -44.71 -10.54
CA GLU C 48 1.35 -43.94 -10.30
C GLU C 48 2.42 -44.87 -9.70
N LYS C 49 3.62 -44.80 -10.28
CA LYS C 49 4.73 -45.63 -9.82
C LYS C 49 6.03 -44.99 -10.32
N SER C 50 7.02 -44.93 -9.45
CA SER C 50 8.33 -44.39 -9.83
C SER C 50 9.31 -45.51 -10.18
N GLN C 79 10.37 -38.59 -11.24
CA GLN C 79 9.53 -38.87 -12.40
C GLN C 79 8.64 -40.08 -12.21
N THR C 80 7.33 -39.86 -12.23
CA THR C 80 6.37 -40.93 -12.42
C THR C 80 5.78 -40.81 -13.83
N VAL C 81 5.43 -41.95 -14.42
CA VAL C 81 5.04 -42.02 -15.81
C VAL C 81 3.63 -42.58 -15.92
N ASP C 82 3.15 -42.69 -17.15
CA ASP C 82 1.79 -43.13 -17.44
C ASP C 82 1.85 -44.15 -18.57
N VAL C 83 1.52 -45.40 -18.25
CA VAL C 83 1.52 -46.48 -19.22
C VAL C 83 0.09 -47.00 -19.33
N ALA C 84 -0.45 -47.03 -20.54
CA ALA C 84 -1.78 -47.57 -20.80
C ALA C 84 -1.62 -49.06 -21.08
N ASN C 85 -1.61 -49.86 -20.02
CA ASN C 85 -1.31 -51.28 -20.13
C ASN C 85 -2.56 -52.12 -20.34
N LEU C 86 -2.40 -53.19 -21.11
CA LEU C 86 -3.48 -54.06 -21.56
C LEU C 86 -3.21 -55.51 -21.15
N PRO C 87 -4.22 -56.21 -20.64
CA PRO C 87 -4.00 -57.58 -20.14
C PRO C 87 -3.71 -58.58 -21.25
N SER C 88 -3.19 -59.74 -20.83
CA SER C 88 -2.78 -60.81 -21.73
C SER C 88 -3.92 -61.78 -22.04
N ASP C 89 -4.98 -61.78 -21.25
CA ASP C 89 -6.19 -62.52 -21.57
C ASP C 89 -7.21 -61.65 -22.29
N ALA C 90 -6.91 -60.37 -22.48
CA ALA C 90 -7.72 -59.48 -23.32
C ALA C 90 -6.77 -58.44 -23.91
N ASP C 91 -6.26 -58.72 -25.11
CA ASP C 91 -5.29 -57.85 -25.77
C ASP C 91 -5.92 -56.72 -26.57
N THR C 92 -7.23 -56.72 -26.79
CA THR C 92 -7.80 -55.76 -27.73
C THR C 92 -8.22 -54.51 -26.96
N LEU C 93 -9.02 -53.67 -27.60
CA LEU C 93 -9.37 -52.35 -27.10
C LEU C 93 -10.88 -52.18 -27.14
N LYS C 94 -11.39 -51.19 -26.41
CA LYS C 94 -12.82 -50.88 -26.39
C LYS C 94 -13.01 -49.42 -26.02
N VAL C 95 -13.58 -48.64 -26.94
CA VAL C 95 -13.62 -47.18 -26.82
C VAL C 95 -15.07 -46.73 -27.03
N ARG C 96 -15.84 -46.63 -25.93
CA ARG C 96 -17.24 -46.25 -26.01
C ARG C 96 -17.35 -44.73 -26.08
N PHE C 97 -17.82 -44.21 -27.21
CA PHE C 97 -18.37 -42.85 -27.23
C PHE C 97 -19.47 -42.81 -28.28
N THR C 98 -20.17 -41.68 -28.32
CA THR C 98 -21.33 -41.55 -29.17
C THR C 98 -21.31 -40.22 -29.92
N LEU C 99 -22.21 -40.09 -30.88
CA LEU C 99 -22.21 -38.96 -31.80
C LEU C 99 -23.63 -38.69 -32.29
N ARG C 100 -24.00 -37.42 -32.38
CA ARG C 100 -25.29 -37.05 -32.97
C ARG C 100 -25.18 -35.68 -33.62
N VAL C 101 -26.31 -35.22 -34.15
CA VAL C 101 -26.40 -34.05 -35.03
C VAL C 101 -27.49 -33.13 -34.50
N LEU C 102 -27.15 -31.86 -34.31
CA LEU C 102 -28.15 -30.85 -33.98
C LEU C 102 -29.01 -30.49 -35.19
N GLY C 103 -28.39 -30.27 -36.34
CA GLY C 103 -29.14 -29.90 -37.53
C GLY C 103 -29.54 -28.44 -37.57
N GLY C 104 -29.64 -27.90 -38.77
CA GLY C 104 -29.92 -26.48 -38.91
C GLY C 104 -28.68 -25.62 -38.89
N ALA C 105 -27.78 -25.86 -39.85
CA ALA C 105 -26.55 -25.07 -39.96
C ALA C 105 -26.80 -23.66 -40.45
N GLY C 106 -27.94 -23.41 -41.10
CA GLY C 106 -28.27 -22.08 -41.56
C GLY C 106 -28.56 -21.09 -40.45
N THR C 107 -29.07 -21.55 -39.32
CA THR C 107 -29.47 -20.66 -38.23
C THR C 107 -28.25 -20.25 -37.42
N PRO C 108 -27.96 -18.95 -37.32
CA PRO C 108 -26.88 -18.51 -36.42
C PRO C 108 -27.32 -18.59 -34.97
N SER C 109 -26.33 -18.85 -34.10
CA SER C 109 -26.60 -18.92 -32.67
C SER C 109 -26.95 -17.56 -32.11
N ALA C 110 -26.10 -16.57 -32.36
CA ALA C 110 -26.35 -15.20 -31.89
C ALA C 110 -25.76 -14.27 -32.94
N CYS C 111 -26.59 -13.87 -33.90
CA CYS C 111 -26.21 -12.91 -34.91
C CYS C 111 -26.79 -11.55 -34.55
N ASN C 112 -25.97 -10.52 -34.61
CA ASN C 112 -26.36 -9.22 -34.10
C ASN C 112 -27.39 -8.56 -35.01
N ASP C 113 -27.09 -8.45 -36.30
CA ASP C 113 -27.86 -7.59 -37.19
C ASP C 113 -29.14 -8.29 -37.66
N ALA C 114 -29.90 -7.58 -38.50
CA ALA C 114 -31.17 -8.07 -39.03
C ALA C 114 -31.21 -8.09 -40.55
N ALA C 115 -30.39 -7.30 -41.23
CA ALA C 115 -30.24 -7.38 -42.67
C ALA C 115 -29.14 -8.34 -43.09
N TYR C 116 -28.77 -9.26 -42.22
CA TYR C 116 -27.72 -10.24 -42.46
C TYR C 116 -28.20 -11.67 -42.23
N ARG C 117 -29.07 -11.87 -41.24
CA ARG C 117 -29.64 -13.18 -40.98
C ARG C 117 -30.52 -13.64 -42.13
N ASP C 118 -31.35 -12.73 -42.66
CA ASP C 118 -32.30 -13.04 -43.71
C ASP C 118 -31.62 -13.39 -45.03
N LYS C 119 -30.36 -13.00 -45.21
CA LYS C 119 -29.62 -13.43 -46.39
C LYS C 119 -28.70 -14.62 -46.13
N LEU C 120 -28.25 -14.81 -44.88
CA LEU C 120 -27.44 -16.01 -44.59
C LEU C 120 -28.32 -17.25 -44.56
N LEU C 121 -29.58 -17.12 -44.12
CA LEU C 121 -30.53 -18.23 -44.15
C LEU C 121 -30.75 -18.72 -45.57
N GLN C 122 -31.08 -17.82 -46.49
CA GLN C 122 -31.27 -18.22 -47.88
C GLN C 122 -29.95 -18.61 -48.55
N THR C 123 -28.82 -18.06 -48.09
CA THR C 123 -27.52 -18.43 -48.65
C THR C 123 -27.22 -19.89 -48.37
N VAL C 124 -27.36 -20.33 -47.12
CA VAL C 124 -27.08 -21.73 -46.80
C VAL C 124 -28.20 -22.65 -47.30
N ALA C 125 -29.44 -22.17 -47.30
CA ALA C 125 -30.56 -22.99 -47.76
C ALA C 125 -30.50 -23.25 -49.25
N THR C 126 -30.25 -22.22 -50.05
CA THR C 126 -30.15 -22.37 -51.49
C THR C 126 -28.76 -22.83 -51.90
N TYR C 127 -27.78 -22.82 -50.98
CA TYR C 127 -26.64 -23.70 -51.14
C TYR C 127 -27.09 -25.15 -51.19
N VAL C 128 -27.74 -25.62 -50.11
CA VAL C 128 -28.08 -27.03 -49.95
C VAL C 128 -29.03 -27.50 -51.05
N ASN C 129 -30.00 -26.65 -51.43
CA ASN C 129 -30.89 -27.05 -52.50
C ASN C 129 -30.26 -26.80 -53.88
N ASP C 130 -29.32 -25.87 -53.98
CA ASP C 130 -28.52 -25.71 -55.19
C ASP C 130 -27.59 -26.91 -55.36
N GLN C 131 -26.71 -27.12 -54.37
CA GLN C 131 -25.87 -28.30 -54.32
C GLN C 131 -25.95 -28.91 -52.93
N GLY C 132 -26.40 -30.16 -52.86
CA GLY C 132 -26.45 -30.86 -51.60
C GLY C 132 -25.07 -31.05 -51.02
N PHE C 133 -25.03 -31.16 -49.69
CA PHE C 133 -23.77 -31.43 -48.98
C PHE C 133 -23.51 -32.92 -48.85
N ALA C 134 -24.00 -33.71 -49.81
CA ALA C 134 -23.73 -35.15 -49.86
C ALA C 134 -22.24 -35.45 -49.95
N GLU C 135 -21.45 -34.57 -50.58
CA GLU C 135 -20.00 -34.78 -50.58
C GLU C 135 -19.41 -34.57 -49.18
N LEU C 136 -19.96 -33.63 -48.41
CA LEU C 136 -19.57 -33.50 -47.01
C LEU C 136 -20.03 -34.70 -46.19
N ALA C 137 -21.22 -35.23 -46.51
CA ALA C 137 -21.70 -36.43 -45.85
C ALA C 137 -20.79 -37.62 -46.12
N ARG C 138 -20.32 -37.73 -47.37
CA ARG C 138 -19.31 -38.73 -47.73
C ARG C 138 -18.05 -38.55 -46.92
N ARG C 139 -17.53 -37.32 -46.83
CA ARG C 139 -16.25 -37.10 -46.16
C ARG C 139 -16.35 -37.27 -44.65
N TYR C 140 -17.47 -36.91 -44.03
CA TYR C 140 -17.64 -37.24 -42.62
C TYR C 140 -17.85 -38.73 -42.41
N ALA C 141 -18.47 -39.42 -43.37
CA ALA C 141 -18.51 -40.88 -43.31
C ALA C 141 -17.13 -41.49 -43.53
N HIS C 142 -16.23 -40.80 -44.25
CA HIS C 142 -14.86 -41.27 -44.39
C HIS C 142 -14.05 -41.04 -43.13
N ASN C 143 -14.34 -39.97 -42.39
CA ASN C 143 -13.75 -39.80 -41.06
C ASN C 143 -14.30 -40.79 -40.04
N LEU C 144 -15.58 -41.16 -40.13
CA LEU C 144 -16.04 -42.32 -39.36
C LEU C 144 -15.45 -43.62 -39.87
N ALA C 145 -15.09 -43.69 -41.16
CA ALA C 145 -14.65 -44.94 -41.75
C ALA C 145 -13.26 -45.33 -41.27
N ASN C 146 -12.37 -44.35 -41.16
CA ASN C 146 -11.05 -44.61 -40.61
C ASN C 146 -11.02 -44.28 -39.13
N ALA C 147 -10.19 -45.02 -38.40
CA ALA C 147 -10.09 -44.89 -36.95
C ALA C 147 -9.09 -43.82 -36.56
N ARG C 148 -9.29 -42.59 -37.05
CA ARG C 148 -8.33 -41.53 -36.79
C ARG C 148 -8.49 -40.93 -35.41
N PHE C 149 -9.62 -41.17 -34.73
CA PHE C 149 -9.90 -40.48 -33.48
C PHE C 149 -9.05 -40.96 -32.32
N LEU C 150 -8.32 -42.05 -32.52
CA LEU C 150 -7.30 -42.52 -31.59
C LEU C 150 -5.95 -42.29 -32.27
N TRP C 151 -5.16 -41.35 -31.72
CA TRP C 151 -4.03 -40.78 -32.46
C TRP C 151 -2.77 -41.64 -32.37
N ARG C 152 -2.21 -41.77 -31.18
CA ARG C 152 -1.13 -42.71 -30.95
C ARG C 152 -1.68 -44.12 -30.73
N ASN C 153 -2.95 -44.22 -30.35
CA ASN C 153 -3.60 -45.49 -30.07
C ASN C 153 -3.92 -46.26 -31.36
N ARG C 154 -3.80 -45.63 -32.53
CA ARG C 154 -4.09 -46.35 -33.77
C ARG C 154 -2.94 -47.26 -34.19
N VAL C 155 -1.71 -46.75 -34.12
CA VAL C 155 -0.63 -47.24 -34.97
C VAL C 155 -0.03 -48.52 -34.39
N GLY C 156 -0.03 -49.57 -35.21
CA GLY C 156 0.66 -50.79 -34.88
C GLY C 156 -0.18 -51.94 -34.37
N ALA C 157 -1.46 -51.98 -34.73
CA ALA C 157 -2.37 -53.00 -34.23
C ALA C 157 -2.33 -54.24 -35.11
N GLU C 158 -3.25 -55.19 -34.85
CA GLU C 158 -3.46 -56.28 -35.79
C GLU C 158 -4.41 -55.86 -36.90
N ALA C 159 -5.64 -55.51 -36.54
CA ALA C 159 -6.65 -55.09 -37.50
C ALA C 159 -7.65 -54.23 -36.77
N VAL C 160 -8.16 -53.21 -37.44
CA VAL C 160 -9.16 -52.33 -36.85
C VAL C 160 -10.50 -52.59 -37.52
N GLU C 161 -11.58 -52.47 -36.74
CA GLU C 161 -12.93 -52.62 -37.27
C GLU C 161 -13.80 -51.58 -36.56
N VAL C 162 -13.93 -50.41 -37.17
CA VAL C 162 -14.77 -49.36 -36.61
C VAL C 162 -16.23 -49.78 -36.72
N ARG C 163 -16.94 -49.76 -35.59
CA ARG C 163 -18.35 -50.04 -35.59
C ARG C 163 -19.14 -48.75 -35.45
N ILE C 164 -20.44 -48.85 -35.75
CA ILE C 164 -21.37 -47.74 -35.67
C ILE C 164 -22.76 -48.34 -35.64
N ASN C 165 -23.73 -47.60 -35.12
CA ASN C 165 -25.11 -48.05 -35.10
C ASN C 165 -26.06 -46.88 -35.23
N HIS C 166 -27.23 -47.15 -35.81
CA HIS C 166 -28.27 -46.17 -36.04
C HIS C 166 -29.21 -46.18 -34.83
N ILE C 167 -29.40 -45.02 -34.21
CA ILE C 167 -30.17 -44.91 -32.97
C ILE C 167 -31.04 -43.65 -33.04
N ARG C 168 -32.35 -43.80 -32.80
CA ARG C 168 -33.15 -42.69 -32.31
C ARG C 168 -33.85 -42.97 -30.99
N GLN C 169 -34.12 -44.24 -30.65
CA GLN C 169 -34.46 -44.61 -29.29
C GLN C 169 -33.61 -45.79 -28.85
N GLY C 170 -33.96 -46.40 -27.70
CA GLY C 170 -33.05 -47.30 -27.00
C GLY C 170 -32.68 -48.56 -27.76
N GLU C 171 -33.55 -49.00 -28.66
CA GLU C 171 -33.25 -50.14 -29.51
C GLU C 171 -32.53 -49.71 -30.79
N VAL C 172 -31.78 -50.65 -31.37
CA VAL C 172 -30.98 -50.37 -32.56
C VAL C 172 -31.84 -50.54 -33.81
N ALA C 173 -31.47 -49.83 -34.87
CA ALA C 173 -32.21 -49.84 -36.12
C ALA C 173 -31.51 -50.66 -37.19
N ARG C 174 -30.25 -50.38 -37.48
CA ARG C 174 -29.50 -51.10 -38.51
C ARG C 174 -28.06 -51.22 -38.03
N ALA C 175 -27.60 -52.45 -37.78
CA ALA C 175 -26.26 -52.68 -37.28
C ALA C 175 -25.25 -52.58 -38.42
N TRP C 176 -23.97 -52.56 -38.06
CA TRP C 176 -22.91 -52.27 -39.00
C TRP C 176 -21.66 -53.08 -38.68
N ARG C 177 -20.82 -53.24 -39.70
CA ARG C 177 -19.47 -53.80 -39.61
C ARG C 177 -18.62 -53.10 -40.67
N PHE C 178 -17.35 -52.88 -40.37
CA PHE C 178 -16.42 -52.37 -41.39
C PHE C 178 -15.44 -53.46 -41.81
N ASP C 179 -14.49 -53.09 -42.66
CA ASP C 179 -13.64 -54.02 -43.38
C ASP C 179 -12.18 -53.80 -42.95
N ALA C 180 -11.28 -54.59 -43.52
CA ALA C 180 -9.84 -54.41 -43.36
C ALA C 180 -9.23 -53.55 -44.47
N LEU C 181 -9.59 -53.82 -45.73
CA LEU C 181 -9.04 -53.04 -46.83
C LEU C 181 -9.61 -51.63 -46.91
N ALA C 182 -10.84 -51.42 -46.44
CA ALA C 182 -11.52 -50.15 -46.56
C ALA C 182 -11.26 -49.21 -45.39
N ILE C 183 -10.12 -49.33 -44.72
CA ILE C 183 -9.82 -48.47 -43.59
C ILE C 183 -9.22 -47.16 -44.08
N GLY C 184 -8.01 -47.22 -44.64
CA GLY C 184 -7.37 -46.04 -45.19
C GLY C 184 -6.76 -45.15 -44.12
N LEU C 185 -5.49 -44.76 -44.27
CA LEU C 185 -4.97 -43.76 -43.36
C LEU C 185 -5.19 -42.36 -43.90
N ARG C 186 -5.16 -42.20 -45.21
CA ARG C 186 -5.61 -40.99 -45.87
C ARG C 186 -6.66 -41.25 -46.96
N ASP C 187 -6.69 -42.44 -47.55
CA ASP C 187 -7.53 -42.75 -48.69
C ASP C 187 -9.01 -42.74 -48.32
N PHE C 188 -9.85 -42.64 -49.33
CA PHE C 188 -11.30 -42.54 -49.13
C PHE C 188 -12.01 -43.19 -50.32
N LYS C 189 -13.08 -43.92 -50.02
CA LYS C 189 -13.85 -44.63 -51.04
C LYS C 189 -15.25 -44.90 -50.52
N ALA C 190 -16.20 -44.95 -51.44
CA ALA C 190 -17.60 -45.19 -51.13
C ALA C 190 -18.00 -46.62 -51.47
N ASP C 191 -19.08 -47.08 -50.83
CA ASP C 191 -19.49 -48.48 -50.90
C ASP C 191 -20.99 -48.57 -51.16
N ALA C 192 -21.44 -49.78 -51.49
CA ALA C 192 -22.84 -50.12 -51.63
C ALA C 192 -23.47 -50.57 -50.32
N GLU C 193 -22.80 -50.32 -49.20
CA GLU C 193 -23.39 -50.39 -47.88
C GLU C 193 -23.22 -49.07 -47.11
N LEU C 194 -22.15 -48.34 -47.40
CA LEU C 194 -21.77 -47.11 -46.72
C LEU C 194 -22.51 -45.89 -47.27
N ASP C 195 -23.13 -46.00 -48.46
CA ASP C 195 -23.79 -44.85 -49.06
C ASP C 195 -25.05 -44.46 -48.31
N ALA C 196 -25.80 -45.44 -47.81
CA ALA C 196 -27.00 -45.13 -47.05
C ALA C 196 -26.64 -44.50 -45.70
N LEU C 197 -25.52 -44.91 -45.12
CA LEU C 197 -24.98 -44.22 -43.93
C LEU C 197 -24.61 -42.78 -44.26
N ALA C 198 -24.01 -42.56 -45.44
CA ALA C 198 -23.65 -41.22 -45.87
C ALA C 198 -24.88 -40.34 -45.99
N GLU C 199 -25.90 -40.82 -46.70
CA GLU C 199 -27.09 -39.97 -46.84
C GLU C 199 -27.99 -39.94 -45.60
N LEU C 200 -27.83 -40.85 -44.64
CA LEU C 200 -28.56 -40.62 -43.39
C LEU C 200 -27.87 -39.54 -42.56
N ILE C 201 -26.54 -39.48 -42.60
CA ILE C 201 -25.84 -38.34 -41.99
C ILE C 201 -26.23 -37.05 -42.71
N ALA C 202 -26.42 -37.13 -44.03
CA ALA C 202 -26.85 -35.97 -44.81
C ALA C 202 -28.25 -35.51 -44.41
N SER C 203 -29.20 -36.45 -44.33
CA SER C 203 -30.57 -36.09 -43.99
C SER C 203 -30.74 -35.69 -42.54
N GLY C 204 -29.87 -36.17 -41.64
CA GLY C 204 -29.88 -35.64 -40.28
C GLY C 204 -29.31 -34.25 -40.21
N LEU C 205 -28.19 -34.02 -40.91
CA LEU C 205 -27.64 -32.68 -41.01
C LEU C 205 -28.51 -31.77 -41.89
N SER C 206 -29.41 -32.32 -42.69
CA SER C 206 -30.37 -31.50 -43.41
C SER C 206 -31.44 -30.98 -42.46
N GLY C 207 -31.98 -31.86 -41.61
CA GLY C 207 -33.09 -31.51 -40.74
C GLY C 207 -34.32 -32.35 -40.98
N SER C 208 -34.12 -33.59 -41.43
CA SER C 208 -35.23 -34.50 -41.72
C SER C 208 -35.13 -35.76 -40.87
N GLY C 209 -34.90 -35.59 -39.57
CA GLY C 209 -34.79 -36.72 -38.68
C GLY C 209 -33.40 -36.86 -38.12
N HIS C 210 -33.21 -36.40 -36.89
CA HIS C 210 -31.92 -36.46 -36.24
C HIS C 210 -31.79 -37.79 -35.54
N VAL C 211 -30.61 -38.40 -35.64
CA VAL C 211 -30.37 -39.73 -35.08
C VAL C 211 -29.04 -39.74 -34.33
N LEU C 212 -28.91 -40.73 -33.47
CA LEU C 212 -27.73 -40.93 -32.65
C LEU C 212 -26.85 -42.01 -33.25
N LEU C 213 -25.54 -41.80 -33.21
CA LEU C 213 -24.55 -42.80 -33.55
C LEU C 213 -23.73 -43.10 -32.30
N GLU C 214 -23.35 -44.36 -32.10
CA GLU C 214 -22.50 -44.73 -30.98
C GLU C 214 -21.27 -45.46 -31.54
N VAL C 215 -20.10 -44.85 -31.35
CA VAL C 215 -18.90 -45.23 -32.10
C VAL C 215 -18.02 -46.12 -31.23
N VAL C 216 -17.43 -47.15 -31.85
CA VAL C 216 -16.35 -47.91 -31.24
C VAL C 216 -15.47 -48.46 -32.36
N ALA C 217 -14.18 -48.62 -32.08
CA ALA C 217 -13.22 -49.13 -33.05
C ALA C 217 -12.33 -50.18 -32.39
N PHE C 218 -12.21 -51.34 -33.04
CA PHE C 218 -11.30 -52.38 -32.57
C PHE C 218 -9.85 -51.96 -32.76
N ALA C 219 -8.98 -52.46 -31.88
CA ALA C 219 -7.54 -52.39 -32.07
C ALA C 219 -6.92 -53.48 -31.20
N ARG C 220 -6.29 -54.48 -31.83
CA ARG C 220 -5.64 -55.58 -31.12
C ARG C 220 -4.15 -55.25 -31.02
N ILE C 221 -3.85 -54.18 -30.29
CA ILE C 221 -2.59 -53.51 -30.56
C ILE C 221 -1.42 -54.15 -29.80
N GLY C 222 -1.70 -54.80 -28.66
CA GLY C 222 -0.63 -55.57 -28.04
C GLY C 222 -0.49 -55.48 -26.54
N ASP C 223 0.29 -56.40 -25.99
CA ASP C 223 0.61 -56.45 -24.56
C ASP C 223 1.99 -55.83 -24.36
N GLY C 224 2.00 -54.65 -23.76
CA GLY C 224 3.23 -53.91 -23.56
C GLY C 224 3.29 -52.71 -24.48
N GLN C 225 2.12 -52.34 -25.01
CA GLN C 225 1.97 -51.14 -25.81
C GLN C 225 1.40 -50.03 -24.94
N GLU C 226 2.12 -48.91 -24.87
CA GLU C 226 1.65 -47.75 -24.13
C GLU C 226 0.97 -46.77 -25.09
N VAL C 227 -0.24 -47.15 -25.52
CA VAL C 227 -0.98 -46.43 -26.53
C VAL C 227 -1.90 -45.41 -25.88
N PHE C 228 -1.68 -44.15 -26.23
CA PHE C 228 -2.07 -43.02 -25.38
C PHE C 228 -3.35 -42.35 -25.85
N PRO C 229 -4.26 -42.05 -24.93
CA PRO C 229 -5.29 -41.04 -25.19
C PRO C 229 -4.75 -39.63 -25.00
N SER C 230 -5.64 -38.64 -25.03
CA SER C 230 -5.27 -37.26 -24.77
C SER C 230 -4.86 -37.08 -23.31
N GLN C 231 -4.17 -35.97 -23.04
CA GLN C 231 -3.59 -35.76 -21.72
C GLN C 231 -3.83 -34.33 -21.25
N GLU C 232 -3.69 -34.14 -19.94
CA GLU C 232 -3.98 -32.87 -19.27
C GLU C 232 -2.82 -31.89 -19.47
N LEU C 233 -2.85 -30.80 -18.70
CA LEU C 233 -1.74 -29.86 -18.69
C LEU C 233 -0.69 -30.28 -17.66
N LYS C 246 3.21 -35.17 -16.66
CA LYS C 246 2.46 -35.77 -17.75
C LYS C 246 1.24 -36.51 -17.20
N THR C 247 0.12 -35.80 -17.14
CA THR C 247 -1.13 -36.34 -16.62
C THR C 247 -2.05 -36.65 -17.79
N LEU C 248 -2.37 -37.93 -17.98
CA LEU C 248 -3.28 -38.30 -19.03
C LEU C 248 -4.73 -38.20 -18.55
N TYR C 249 -5.61 -37.86 -19.50
CA TYR C 249 -6.99 -37.47 -19.21
C TYR C 249 -7.78 -38.66 -18.69
N SER C 250 -8.11 -38.61 -17.40
CA SER C 250 -8.70 -39.74 -16.68
C SER C 250 -10.15 -39.45 -16.33
N VAL C 251 -11.05 -39.78 -17.25
CA VAL C 251 -12.46 -39.94 -16.87
C VAL C 251 -12.55 -41.17 -15.97
N ARG C 252 -13.47 -41.11 -14.99
CA ARG C 252 -13.32 -41.76 -13.68
C ARG C 252 -13.07 -43.26 -13.74
N ASP C 253 -11.96 -43.66 -13.11
CA ASP C 253 -11.48 -45.05 -13.01
C ASP C 253 -11.24 -45.65 -14.40
N ALA C 254 -10.73 -44.83 -15.30
CA ALA C 254 -10.47 -45.21 -16.69
C ALA C 254 -9.44 -44.24 -17.26
N ALA C 255 -9.31 -44.23 -18.57
CA ALA C 255 -8.60 -43.20 -19.31
C ALA C 255 -9.43 -42.88 -20.55
N ALA C 256 -9.38 -41.62 -20.99
CA ALA C 256 -10.27 -41.21 -22.06
C ALA C 256 -9.64 -40.09 -22.87
N ILE C 257 -10.35 -39.69 -23.92
CA ILE C 257 -9.95 -38.63 -24.83
C ILE C 257 -10.93 -37.48 -24.63
N HIS C 258 -10.47 -36.26 -24.86
CA HIS C 258 -11.38 -35.13 -24.84
C HIS C 258 -12.30 -35.17 -26.05
N SER C 259 -13.39 -34.42 -25.97
CA SER C 259 -14.38 -34.46 -27.04
C SER C 259 -14.04 -33.49 -28.18
N GLN C 260 -13.29 -32.43 -27.90
CA GLN C 260 -12.88 -31.53 -28.97
C GLN C 260 -11.78 -32.15 -29.83
N LYS C 261 -10.85 -32.87 -29.21
CA LYS C 261 -9.80 -33.57 -29.94
C LYS C 261 -10.35 -34.77 -30.69
N ILE C 262 -11.37 -35.42 -30.13
CA ILE C 262 -12.07 -36.47 -30.87
C ILE C 262 -12.95 -35.84 -31.96
N GLY C 263 -13.27 -34.55 -31.84
CA GLY C 263 -13.89 -33.83 -32.94
C GLY C 263 -12.96 -33.51 -34.08
N ASN C 264 -11.67 -33.30 -33.79
CA ASN C 264 -10.65 -33.06 -34.81
C ASN C 264 -10.61 -34.13 -35.89
N ALA C 265 -10.46 -35.38 -35.45
CA ALA C 265 -10.31 -36.50 -36.38
C ALA C 265 -11.66 -37.01 -36.87
N LEU C 266 -12.72 -36.25 -36.62
CA LEU C 266 -13.99 -36.39 -37.32
C LEU C 266 -14.28 -35.19 -38.20
N ARG C 267 -13.29 -34.31 -38.41
CA ARG C 267 -13.51 -33.14 -39.26
C ARG C 267 -12.36 -32.86 -40.22
N THR C 268 -11.53 -33.87 -40.52
CA THR C 268 -10.47 -33.69 -41.51
C THR C 268 -11.09 -33.63 -42.90
N ILE C 269 -11.37 -32.40 -43.38
CA ILE C 269 -12.15 -32.18 -44.59
C ILE C 269 -11.40 -31.32 -45.60
N ASP C 270 -10.73 -30.26 -45.15
CA ASP C 270 -10.25 -29.18 -46.03
C ASP C 270 -9.10 -29.66 -46.90
N THR C 271 -9.44 -30.09 -48.12
CA THR C 271 -8.40 -30.48 -49.06
C THR C 271 -7.84 -29.30 -49.85
N TRP C 272 -8.65 -28.27 -50.13
CA TRP C 272 -8.22 -27.21 -51.06
C TRP C 272 -7.68 -25.99 -50.32
N TYR C 273 -6.56 -26.19 -49.65
CA TYR C 273 -5.69 -25.06 -49.34
C TYR C 273 -4.78 -24.83 -50.55
N PRO C 274 -4.60 -23.57 -50.98
CA PRO C 274 -4.16 -23.32 -52.37
C PRO C 274 -2.70 -23.65 -52.65
N ASP C 275 -1.94 -24.15 -51.68
CA ASP C 275 -0.57 -24.60 -51.98
C ASP C 275 -0.61 -25.90 -52.77
N GLU C 276 -1.18 -26.95 -52.18
CA GLU C 276 -1.25 -28.28 -52.78
C GLU C 276 -2.36 -29.05 -52.07
N ASP C 277 -2.54 -30.31 -52.47
CA ASP C 277 -3.40 -31.22 -51.72
C ASP C 277 -2.84 -32.64 -51.66
N GLY C 278 -1.55 -32.84 -51.99
CA GLY C 278 -0.97 -34.17 -51.99
C GLY C 278 -0.63 -34.70 -50.61
N LEU C 279 -0.48 -33.83 -49.62
CA LEU C 279 -0.34 -34.31 -48.25
C LEU C 279 -1.67 -34.75 -47.66
N GLY C 280 -2.78 -34.26 -48.20
CA GLY C 280 -4.10 -34.64 -47.74
C GLY C 280 -4.87 -33.49 -47.15
N PRO C 281 -6.17 -33.71 -46.92
CA PRO C 281 -6.98 -32.68 -46.25
C PRO C 281 -6.65 -32.57 -44.77
N ILE C 282 -7.09 -31.46 -44.20
CA ILE C 282 -6.82 -31.12 -42.80
C ILE C 282 -8.15 -30.91 -42.09
N ALA C 283 -8.06 -30.80 -40.77
CA ALA C 283 -9.23 -30.46 -39.96
C ALA C 283 -9.64 -29.02 -40.22
N VAL C 284 -10.93 -28.81 -40.40
CA VAL C 284 -11.44 -27.52 -40.85
C VAL C 284 -11.47 -26.53 -39.69
N GLU C 285 -10.81 -25.39 -39.88
CA GLU C 285 -10.94 -24.20 -39.05
C GLU C 285 -10.45 -23.01 -39.85
N PRO C 286 -10.89 -21.79 -39.51
CA PRO C 286 -10.29 -20.61 -40.12
C PRO C 286 -8.83 -20.48 -39.74
N TYR C 287 -8.04 -19.96 -40.68
CA TYR C 287 -6.57 -19.96 -40.65
C TYR C 287 -6.04 -21.37 -40.40
N GLY C 288 -6.61 -22.33 -41.11
CA GLY C 288 -6.49 -23.74 -40.76
C GLY C 288 -5.11 -24.33 -40.81
N SER C 289 -4.53 -24.54 -39.64
CA SER C 289 -3.17 -25.03 -39.50
C SER C 289 -3.12 -26.00 -38.34
N VAL C 290 -2.01 -26.71 -38.24
CA VAL C 290 -1.81 -27.76 -37.25
C VAL C 290 -0.42 -27.60 -36.65
N THR C 291 -0.18 -28.33 -35.56
CA THR C 291 1.14 -28.33 -34.94
C THR C 291 2.08 -29.32 -35.61
N SER C 292 1.56 -30.30 -36.34
CA SER C 292 2.41 -31.25 -37.03
C SER C 292 3.13 -30.60 -38.21
N GLN C 293 2.40 -29.89 -39.05
CA GLN C 293 3.04 -29.10 -40.09
C GLN C 293 3.75 -27.89 -39.49
N GLY C 294 3.11 -27.24 -38.51
CA GLY C 294 3.68 -26.06 -37.90
C GLY C 294 3.79 -24.88 -38.84
N LYS C 295 2.96 -24.83 -39.88
CA LYS C 295 2.98 -23.71 -40.81
C LYS C 295 1.54 -23.29 -41.07
N ALA C 296 1.36 -21.98 -41.26
CA ALA C 296 0.03 -21.41 -41.48
C ALA C 296 -0.46 -21.77 -42.87
N TYR C 297 -1.00 -22.99 -42.99
CA TYR C 297 -1.82 -23.32 -44.15
C TYR C 297 -3.04 -22.41 -44.19
N ARG C 298 -3.53 -22.18 -45.40
CA ARG C 298 -4.43 -21.08 -45.74
C ARG C 298 -3.83 -19.77 -45.24
N GLN C 299 -2.71 -19.43 -45.89
CA GLN C 299 -1.95 -18.24 -45.58
C GLN C 299 -2.81 -17.00 -45.85
N PRO C 300 -2.84 -16.03 -44.93
CA PRO C 300 -3.88 -14.99 -45.00
C PRO C 300 -3.74 -13.94 -46.10
N LYS C 301 -2.82 -14.08 -47.04
CA LYS C 301 -2.62 -13.10 -48.10
C LYS C 301 -3.14 -13.54 -49.46
N GLN C 302 -4.27 -14.24 -49.50
CA GLN C 302 -4.97 -14.42 -50.75
C GLN C 302 -6.46 -14.45 -50.45
N LYS C 303 -7.27 -14.14 -51.47
CA LYS C 303 -8.72 -14.08 -51.39
C LYS C 303 -9.38 -15.37 -50.90
N LEU C 304 -8.72 -16.52 -51.04
CA LEU C 304 -9.34 -17.80 -50.74
C LEU C 304 -9.30 -18.17 -49.26
N ASP C 305 -9.10 -17.22 -48.35
CA ASP C 305 -9.26 -17.49 -46.94
C ASP C 305 -10.74 -17.65 -46.61
N PHE C 306 -11.02 -18.16 -45.41
CA PHE C 306 -12.41 -18.24 -44.98
C PHE C 306 -12.97 -16.85 -44.68
N TYR C 307 -12.26 -16.08 -43.85
CA TYR C 307 -12.68 -14.75 -43.46
C TYR C 307 -12.60 -13.75 -44.61
N THR C 308 -11.82 -14.05 -45.66
CA THR C 308 -11.64 -13.14 -46.78
C THR C 308 -12.67 -13.37 -47.89
N LEU C 309 -13.07 -14.63 -48.13
CA LEU C 309 -14.09 -14.84 -49.15
C LEU C 309 -15.49 -14.91 -48.56
N LEU C 310 -15.66 -15.05 -47.24
CA LEU C 310 -17.02 -15.19 -46.71
C LEU C 310 -17.78 -13.88 -46.72
N ASP C 311 -17.13 -12.79 -46.32
CA ASP C 311 -17.75 -11.47 -46.43
C ASP C 311 -17.89 -11.00 -47.88
N ASN C 312 -17.14 -11.59 -48.81
CA ASN C 312 -17.37 -11.35 -50.24
C ASN C 312 -18.31 -12.37 -50.86
N TRP C 313 -18.71 -13.41 -50.12
CA TRP C 313 -19.67 -14.40 -50.58
C TRP C 313 -21.06 -14.17 -49.98
N VAL C 314 -21.16 -13.36 -48.94
CA VAL C 314 -22.47 -12.87 -48.51
C VAL C 314 -22.80 -11.52 -49.15
N LEU C 315 -21.84 -10.60 -49.26
CA LEU C 315 -22.15 -9.22 -49.67
C LEU C 315 -21.80 -8.96 -51.14
N ARG C 316 -20.60 -9.31 -51.57
CA ARG C 316 -20.18 -9.06 -52.95
C ARG C 316 -20.31 -10.29 -53.82
N ASP C 317 -20.81 -11.40 -53.24
CA ASP C 317 -21.32 -12.59 -53.94
C ASP C 317 -20.22 -13.37 -54.67
N GLU C 318 -19.01 -13.38 -54.12
CA GLU C 318 -17.89 -14.12 -54.74
C GLU C 318 -18.04 -15.60 -54.41
N ALA C 319 -18.54 -16.36 -55.38
CA ALA C 319 -18.83 -17.77 -55.17
C ALA C 319 -17.62 -18.61 -55.53
N PRO C 320 -17.04 -19.37 -54.59
CA PRO C 320 -15.93 -20.26 -54.96
C PRO C 320 -16.44 -21.57 -55.55
N ALA C 321 -15.54 -22.52 -55.76
CA ALA C 321 -15.89 -23.82 -56.31
C ALA C 321 -16.62 -24.67 -55.27
N VAL C 322 -16.97 -25.89 -55.68
CA VAL C 322 -17.70 -26.81 -54.82
C VAL C 322 -16.84 -27.23 -53.63
N GLU C 323 -15.58 -27.49 -53.89
CA GLU C 323 -14.70 -28.07 -52.90
C GLU C 323 -13.85 -27.03 -52.18
N GLN C 324 -14.20 -25.76 -52.32
CA GLN C 324 -13.91 -24.73 -51.34
C GLN C 324 -15.12 -24.43 -50.47
N GLN C 325 -16.32 -24.60 -51.03
CA GLN C 325 -17.53 -24.49 -50.23
C GLN C 325 -17.73 -25.67 -49.28
N HIS C 326 -17.14 -26.84 -49.55
CA HIS C 326 -17.24 -27.85 -48.48
C HIS C 326 -16.39 -27.46 -47.28
N TYR C 327 -15.26 -26.78 -47.50
CA TYR C 327 -14.51 -26.18 -46.39
C TYR C 327 -15.31 -25.12 -45.67
N VAL C 328 -16.00 -24.26 -46.45
CA VAL C 328 -16.79 -23.16 -45.87
C VAL C 328 -17.88 -23.70 -44.96
N ILE C 329 -18.68 -24.64 -45.46
CA ILE C 329 -19.75 -25.20 -44.62
C ILE C 329 -19.17 -26.13 -43.54
N ALA C 330 -18.00 -26.72 -43.78
CA ALA C 330 -17.42 -27.64 -42.81
C ALA C 330 -16.89 -26.93 -41.58
N ASN C 331 -16.32 -25.73 -41.72
CA ASN C 331 -16.04 -24.96 -40.51
C ASN C 331 -17.13 -23.95 -40.20
N LEU C 332 -18.22 -23.95 -40.98
CA LEU C 332 -19.46 -23.35 -40.51
C LEU C 332 -20.17 -24.26 -39.52
N ILE C 333 -19.90 -25.56 -39.57
CA ILE C 333 -20.50 -26.47 -38.60
C ILE C 333 -19.48 -26.87 -37.54
N ARG C 334 -18.49 -26.01 -37.31
CA ARG C 334 -17.72 -26.05 -36.06
C ARG C 334 -18.00 -24.87 -35.16
N GLY C 335 -18.77 -23.89 -35.63
CA GLY C 335 -19.06 -22.71 -34.83
C GLY C 335 -17.84 -21.82 -34.67
N GLY C 336 -17.94 -20.93 -33.71
CA GLY C 336 -16.84 -20.05 -33.33
C GLY C 336 -17.32 -18.65 -33.05
N VAL C 337 -16.51 -17.92 -32.30
CA VAL C 337 -16.72 -16.49 -32.13
C VAL C 337 -16.33 -15.79 -33.43
N PHE C 338 -17.33 -15.29 -34.14
CA PHE C 338 -17.16 -14.71 -35.46
C PHE C 338 -17.59 -13.24 -35.44
N GLY C 339 -17.47 -12.58 -36.58
CA GLY C 339 -17.63 -11.16 -36.63
C GLY C 339 -16.42 -10.45 -36.05
N GLU C 340 -16.56 -9.15 -35.86
CA GLU C 340 -15.44 -8.36 -35.36
C GLU C 340 -15.31 -8.51 -33.84
N LEU D 8 -50.69 15.17 -10.65
CA LEU D 8 -50.74 13.83 -10.10
C LEU D 8 -49.86 12.91 -10.96
N SER D 9 -48.61 12.77 -10.56
CA SER D 9 -47.63 11.99 -11.30
C SER D 9 -47.50 10.59 -10.70
N THR D 10 -46.49 9.85 -11.14
CA THR D 10 -46.19 8.52 -10.63
C THR D 10 -45.10 8.61 -9.56
N ALA D 11 -44.72 7.45 -9.03
CA ALA D 11 -43.79 7.39 -7.93
C ALA D 11 -42.35 7.54 -8.41
N SER D 12 -41.46 7.88 -7.47
CA SER D 12 -40.03 7.98 -7.74
C SER D 12 -39.31 6.68 -7.45
N VAL D 13 -39.71 5.95 -6.40
CA VAL D 13 -39.31 4.57 -6.20
C VAL D 13 -40.57 3.73 -6.22
N LEU D 14 -40.48 2.55 -6.82
CA LEU D 14 -41.64 1.72 -7.07
C LEU D 14 -41.14 0.31 -7.35
N ALA D 15 -41.58 -0.66 -6.58
CA ALA D 15 -41.10 -2.03 -6.72
C ALA D 15 -42.26 -2.99 -6.79
N PHE D 16 -41.93 -4.25 -7.04
CA PHE D 16 -42.87 -5.37 -6.91
C PHE D 16 -42.09 -6.57 -6.41
N GLU D 17 -42.82 -7.54 -5.85
CA GLU D 17 -42.18 -8.80 -5.53
C GLU D 17 -42.17 -9.69 -6.77
N ARG D 18 -41.72 -10.92 -6.59
CA ARG D 18 -41.48 -11.84 -7.69
C ARG D 18 -42.38 -13.06 -7.54
N LYS D 19 -43.45 -13.09 -8.33
CA LYS D 19 -44.29 -14.27 -8.36
C LYS D 19 -43.63 -15.35 -9.21
N LEU D 20 -44.23 -16.54 -9.18
CA LEU D 20 -43.82 -17.73 -9.94
C LEU D 20 -42.32 -18.04 -9.80
N ASP D 21 -41.83 -17.94 -8.58
CA ASP D 21 -40.39 -18.06 -8.31
C ASP D 21 -39.89 -19.49 -8.48
N PRO D 22 -38.94 -19.74 -9.37
CA PRO D 22 -38.42 -21.10 -9.54
C PRO D 22 -37.27 -21.38 -8.58
N SER D 23 -36.83 -22.62 -8.59
CA SER D 23 -35.71 -23.07 -7.81
C SER D 23 -34.48 -23.20 -8.71
N ASP D 24 -33.41 -23.76 -8.16
CA ASP D 24 -32.23 -24.09 -8.96
C ASP D 24 -32.29 -25.55 -9.37
N ALA D 25 -31.93 -25.80 -10.63
CA ALA D 25 -32.29 -27.04 -11.31
C ALA D 25 -31.23 -28.11 -11.09
N LEU D 26 -31.48 -29.04 -10.17
CA LEU D 26 -30.63 -30.20 -10.04
C LEU D 26 -30.81 -31.12 -11.25
N MET D 27 -29.71 -31.67 -11.72
CA MET D 27 -29.71 -32.50 -12.92
C MET D 27 -29.14 -33.86 -12.57
N SER D 28 -29.91 -34.92 -12.86
CA SER D 28 -29.46 -36.28 -12.66
C SER D 28 -29.73 -37.08 -13.92
N ALA D 29 -29.21 -38.30 -13.96
CA ALA D 29 -29.17 -39.06 -15.19
C ALA D 29 -29.42 -40.55 -14.93
N GLY D 30 -30.38 -41.10 -15.67
CA GLY D 30 -30.62 -42.52 -15.75
C GLY D 30 -30.97 -42.89 -17.18
N ALA D 31 -31.76 -43.93 -17.38
CA ALA D 31 -32.29 -44.28 -18.69
C ALA D 31 -33.80 -44.19 -18.64
N TRP D 32 -34.45 -44.64 -19.71
CA TRP D 32 -35.90 -44.73 -19.69
C TRP D 32 -36.33 -46.16 -19.43
N ALA D 33 -37.51 -46.28 -18.81
CA ALA D 33 -38.04 -47.35 -17.94
C ALA D 33 -37.35 -47.37 -16.58
N GLN D 34 -36.32 -46.55 -16.38
CA GLN D 34 -35.86 -46.15 -15.06
C GLN D 34 -36.51 -44.88 -14.57
N ARG D 35 -37.14 -44.11 -15.48
CA ARG D 35 -37.77 -42.86 -15.11
C ARG D 35 -39.11 -43.07 -14.40
N ASP D 36 -39.65 -44.29 -14.46
CA ASP D 36 -40.72 -44.69 -13.55
C ASP D 36 -40.26 -44.58 -12.10
N ALA D 37 -39.02 -44.94 -11.84
CA ALA D 37 -38.48 -45.01 -10.48
C ALA D 37 -37.40 -43.96 -10.28
N SER D 38 -37.67 -42.73 -10.70
CA SER D 38 -36.71 -41.63 -10.58
C SER D 38 -36.83 -41.01 -9.19
N GLN D 39 -36.22 -41.67 -8.21
CA GLN D 39 -36.02 -41.04 -6.91
C GLN D 39 -34.65 -41.34 -6.31
N GLU D 40 -33.79 -42.07 -7.03
CA GLU D 40 -32.49 -42.47 -6.51
C GLU D 40 -31.35 -42.10 -7.42
N TRP D 41 -31.61 -41.33 -8.48
CA TRP D 41 -30.63 -41.17 -9.56
C TRP D 41 -29.41 -40.38 -9.10
N PRO D 42 -28.20 -40.87 -9.38
CA PRO D 42 -27.00 -40.10 -9.07
C PRO D 42 -26.89 -38.90 -10.00
N ALA D 43 -26.73 -37.74 -9.39
CA ALA D 43 -26.70 -36.50 -10.15
C ALA D 43 -25.38 -36.34 -10.88
N VAL D 44 -25.39 -35.47 -11.89
CA VAL D 44 -24.19 -35.18 -12.67
C VAL D 44 -23.24 -34.37 -11.82
N THR D 45 -21.98 -34.26 -12.24
CA THR D 45 -21.04 -33.42 -11.54
C THR D 45 -20.42 -32.39 -12.47
N VAL D 46 -20.05 -31.25 -11.90
CA VAL D 46 -19.22 -30.32 -12.64
C VAL D 46 -17.82 -30.91 -12.75
N ARG D 47 -17.22 -30.80 -13.93
CA ARG D 47 -16.02 -31.57 -14.19
C ARG D 47 -15.07 -30.75 -15.06
N GLU D 48 -13.78 -30.87 -14.77
CA GLU D 48 -12.75 -30.08 -15.41
C GLU D 48 -12.01 -30.91 -16.47
N LYS D 49 -11.43 -30.20 -17.43
CA LYS D 49 -10.56 -30.81 -18.43
C LYS D 49 -9.61 -29.75 -18.94
N SER D 50 -8.59 -30.20 -19.65
CA SER D 50 -7.61 -29.33 -20.27
C SER D 50 -7.97 -29.10 -21.73
N VAL D 51 -7.78 -27.87 -22.19
CA VAL D 51 -8.07 -27.50 -23.57
C VAL D 51 -6.88 -26.71 -24.11
N ARG D 52 -6.30 -27.20 -25.21
CA ARG D 52 -5.30 -26.42 -25.94
C ARG D 52 -6.01 -25.83 -27.15
N GLY D 53 -6.71 -24.73 -26.94
CA GLY D 53 -7.48 -24.14 -28.01
C GLY D 53 -6.62 -23.38 -28.99
N THR D 54 -6.79 -23.67 -30.29
CA THR D 54 -6.11 -22.92 -31.32
C THR D 54 -6.68 -21.51 -31.44
N ILE D 55 -5.97 -20.67 -32.18
CA ILE D 55 -6.36 -19.26 -32.33
C ILE D 55 -7.36 -19.22 -33.48
N SER D 56 -8.62 -19.49 -33.14
CA SER D 56 -9.73 -19.45 -34.09
C SER D 56 -10.42 -18.10 -34.11
N ASN D 57 -9.74 -17.05 -33.69
CA ASN D 57 -10.34 -15.72 -33.65
C ASN D 57 -10.26 -15.08 -35.03
N ARG D 58 -10.73 -13.85 -35.13
CA ARG D 58 -10.63 -13.05 -36.35
C ARG D 58 -9.64 -11.93 -36.05
N LEU D 59 -8.40 -12.11 -36.51
CA LEU D 59 -7.39 -11.07 -36.39
C LEU D 59 -7.50 -10.19 -37.64
N LYS D 60 -6.64 -9.18 -37.75
CA LYS D 60 -6.60 -8.31 -38.91
C LYS D 60 -6.23 -9.09 -40.17
N THR D 61 -7.18 -9.23 -41.08
CA THR D 61 -6.99 -10.06 -42.26
C THR D 61 -6.04 -9.38 -43.25
N LYS D 62 -5.51 -10.21 -44.17
CA LYS D 62 -4.42 -9.84 -45.09
C LYS D 62 -3.20 -9.32 -44.35
N ASP D 63 -2.89 -9.95 -43.22
CA ASP D 63 -1.67 -9.67 -42.48
C ASP D 63 -0.47 -10.18 -43.27
N ARG D 64 0.67 -9.51 -43.10
CA ARG D 64 1.82 -9.73 -43.98
C ARG D 64 2.51 -11.06 -43.69
N ASP D 65 3.06 -11.20 -42.50
CA ASP D 65 3.99 -12.26 -42.19
C ASP D 65 3.29 -13.32 -41.34
N PRO D 66 3.54 -14.61 -41.59
CA PRO D 66 3.16 -15.64 -40.61
C PRO D 66 4.06 -15.73 -39.38
N ALA D 67 4.88 -14.70 -39.10
CA ALA D 67 5.63 -14.62 -37.85
C ALA D 67 4.74 -14.40 -36.64
N LYS D 68 3.46 -14.11 -36.81
CA LYS D 68 2.49 -14.08 -35.73
C LYS D 68 1.41 -15.12 -35.89
N LEU D 69 0.85 -15.26 -37.09
CA LEU D 69 -0.19 -16.25 -37.34
C LEU D 69 0.35 -17.67 -37.27
N ASP D 70 1.59 -17.88 -37.68
CA ASP D 70 2.19 -19.20 -37.57
C ASP D 70 2.78 -19.42 -36.20
N ALA D 71 3.47 -18.41 -35.64
CA ALA D 71 4.03 -18.53 -34.30
C ALA D 71 2.96 -18.65 -33.22
N SER D 72 1.71 -18.32 -33.55
CA SER D 72 0.58 -18.77 -32.75
C SER D 72 0.57 -20.29 -32.58
N ILE D 73 0.88 -21.04 -33.64
CA ILE D 73 0.85 -22.49 -33.52
C ILE D 73 2.19 -23.04 -33.02
N GLN D 74 3.27 -22.26 -33.08
CA GLN D 74 4.48 -22.58 -32.33
C GLN D 74 4.47 -22.00 -30.91
N SER D 75 3.33 -21.47 -30.47
CA SER D 75 3.13 -21.12 -29.07
C SER D 75 2.06 -22.04 -28.51
N PRO D 76 2.40 -22.98 -27.61
CA PRO D 76 1.37 -23.84 -27.01
C PRO D 76 0.41 -23.06 -26.13
N ASN D 77 -0.85 -23.01 -26.54
CA ASN D 77 -1.85 -22.23 -25.82
C ASN D 77 -2.27 -22.98 -24.57
N LEU D 78 -2.77 -22.26 -23.58
CA LEU D 78 -3.14 -22.84 -22.30
C LEU D 78 -4.53 -22.36 -21.89
N GLN D 79 -5.43 -23.30 -21.64
CA GLN D 79 -6.76 -23.01 -21.12
C GLN D 79 -7.15 -24.11 -20.13
N THR D 80 -8.23 -23.85 -19.40
CA THR D 80 -8.85 -24.86 -18.54
C THR D 80 -10.35 -24.59 -18.52
N VAL D 81 -11.13 -25.54 -19.01
CA VAL D 81 -12.55 -25.37 -19.26
C VAL D 81 -13.31 -26.41 -18.46
N ASP D 82 -14.44 -26.02 -17.87
CA ASP D 82 -15.33 -26.92 -17.14
C ASP D 82 -16.46 -27.39 -18.06
N VAL D 83 -16.59 -28.71 -18.20
CA VAL D 83 -17.66 -29.29 -19.00
C VAL D 83 -18.47 -30.26 -18.15
N ALA D 84 -19.77 -30.32 -18.44
CA ALA D 84 -20.69 -31.21 -17.74
C ALA D 84 -21.19 -32.26 -18.72
N ASN D 85 -20.95 -33.52 -18.40
CA ASN D 85 -21.37 -34.63 -19.23
C ASN D 85 -22.22 -35.57 -18.39
N LEU D 86 -23.03 -36.36 -19.08
CA LEU D 86 -23.80 -37.37 -18.39
C LEU D 86 -22.89 -38.54 -18.01
N PRO D 87 -23.30 -39.34 -17.03
CA PRO D 87 -22.70 -40.66 -16.88
C PRO D 87 -22.94 -41.49 -18.14
N SER D 88 -21.93 -42.29 -18.50
CA SER D 88 -21.91 -43.01 -19.77
C SER D 88 -22.61 -44.36 -19.70
N ASP D 89 -23.56 -44.51 -18.77
CA ASP D 89 -24.56 -45.56 -18.81
C ASP D 89 -25.95 -44.99 -18.56
N ALA D 90 -26.17 -43.76 -19.02
CA ALA D 90 -27.40 -43.03 -18.69
C ALA D 90 -27.63 -41.97 -19.76
N ASP D 91 -28.84 -41.95 -20.33
CA ASP D 91 -29.14 -41.09 -21.46
C ASP D 91 -30.42 -40.28 -21.24
N THR D 92 -30.56 -39.71 -20.05
CA THR D 92 -31.66 -38.78 -19.82
C THR D 92 -31.20 -37.70 -18.85
N LEU D 93 -31.97 -36.60 -18.81
CA LEU D 93 -31.61 -35.42 -18.03
C LEU D 93 -32.79 -35.07 -17.13
N LYS D 94 -32.77 -35.59 -15.90
CA LYS D 94 -33.79 -35.27 -14.91
C LYS D 94 -33.50 -33.89 -14.35
N VAL D 95 -34.07 -32.88 -14.98
CA VAL D 95 -34.04 -31.51 -14.46
C VAL D 95 -35.24 -31.36 -13.54
N ARG D 96 -34.98 -31.08 -12.27
CA ARG D 96 -36.00 -31.03 -11.23
C ARG D 96 -35.90 -29.71 -10.50
N PHE D 97 -36.95 -28.91 -10.56
CA PHE D 97 -37.01 -27.69 -9.79
C PHE D 97 -38.46 -27.37 -9.50
N THR D 98 -38.68 -26.63 -8.43
CA THR D 98 -40.01 -26.33 -7.94
C THR D 98 -40.34 -24.87 -8.16
N LEU D 99 -41.63 -24.57 -8.32
CA LEU D 99 -42.08 -23.20 -8.26
C LEU D 99 -43.44 -23.14 -7.60
N ARG D 100 -43.63 -22.09 -6.81
CA ARG D 100 -44.93 -21.71 -6.27
C ARG D 100 -45.33 -20.37 -6.87
N VAL D 101 -46.61 -20.07 -6.86
CA VAL D 101 -47.08 -18.76 -7.26
C VAL D 101 -47.78 -18.14 -6.07
N LEU D 102 -47.67 -16.81 -5.95
CA LEU D 102 -47.99 -16.17 -4.68
C LEU D 102 -49.39 -15.57 -4.67
N GLY D 103 -49.67 -14.68 -5.60
CA GLY D 103 -50.93 -13.97 -5.61
C GLY D 103 -50.78 -12.54 -5.14
N GLY D 104 -51.76 -11.72 -5.47
CA GLY D 104 -51.66 -10.30 -5.26
C GLY D 104 -50.76 -9.68 -6.30
N ALA D 105 -51.15 -9.82 -7.57
CA ALA D 105 -50.26 -9.52 -8.69
C ALA D 105 -49.95 -8.03 -8.82
N GLY D 106 -50.77 -7.16 -8.26
CA GLY D 106 -50.53 -5.73 -8.37
C GLY D 106 -50.42 -5.03 -7.04
N THR D 107 -49.85 -5.71 -6.05
CA THR D 107 -49.55 -5.10 -4.76
C THR D 107 -48.09 -4.65 -4.76
N PRO D 108 -47.82 -3.36 -4.94
CA PRO D 108 -46.42 -2.90 -4.97
C PRO D 108 -45.77 -3.01 -3.60
N SER D 109 -44.49 -3.36 -3.61
CA SER D 109 -43.78 -3.55 -2.34
C SER D 109 -43.51 -2.21 -1.67
N ALA D 110 -42.74 -1.34 -2.31
CA ALA D 110 -42.31 -0.08 -1.71
C ALA D 110 -42.57 1.05 -2.69
N CYS D 111 -43.78 1.60 -2.69
CA CYS D 111 -44.10 2.75 -3.50
C CYS D 111 -44.26 3.97 -2.62
N ASN D 112 -43.96 5.13 -3.19
CA ASN D 112 -44.01 6.37 -2.43
C ASN D 112 -45.45 6.78 -2.14
N ASP D 113 -46.28 6.84 -3.19
CA ASP D 113 -47.59 7.46 -3.09
C ASP D 113 -48.66 6.45 -2.72
N ALA D 114 -49.53 6.87 -1.79
CA ALA D 114 -50.78 6.19 -1.55
C ALA D 114 -51.89 6.68 -2.47
N ALA D 115 -51.58 7.62 -3.37
CA ALA D 115 -52.49 8.08 -4.40
C ALA D 115 -52.13 7.52 -5.77
N TYR D 116 -51.06 6.74 -5.85
CA TYR D 116 -50.71 6.01 -7.06
C TYR D 116 -51.00 4.53 -6.96
N ARG D 117 -50.68 3.91 -5.83
CA ARG D 117 -51.07 2.52 -5.61
C ARG D 117 -52.58 2.40 -5.45
N ASP D 118 -53.25 3.49 -5.07
CA ASP D 118 -54.70 3.50 -4.97
C ASP D 118 -55.36 3.31 -6.34
N LYS D 119 -54.70 3.75 -7.41
CA LYS D 119 -55.22 3.51 -8.75
C LYS D 119 -54.59 2.31 -9.43
N LEU D 120 -53.34 1.95 -9.09
CA LEU D 120 -52.75 0.74 -9.65
C LEU D 120 -53.45 -0.52 -9.12
N LEU D 121 -53.85 -0.50 -7.84
CA LEU D 121 -54.58 -1.63 -7.27
C LEU D 121 -55.93 -1.82 -7.93
N GLN D 122 -56.69 -0.72 -8.14
CA GLN D 122 -57.95 -0.92 -8.82
C GLN D 122 -57.77 -1.16 -10.32
N THR D 123 -56.62 -0.79 -10.89
CA THR D 123 -56.35 -1.11 -12.28
C THR D 123 -56.15 -2.61 -12.47
N VAL D 124 -55.31 -3.22 -11.63
CA VAL D 124 -55.17 -4.68 -11.72
C VAL D 124 -56.44 -5.38 -11.22
N ALA D 125 -57.23 -4.72 -10.35
CA ALA D 125 -58.49 -5.29 -9.90
C ALA D 125 -59.50 -5.36 -11.04
N THR D 126 -59.66 -4.27 -11.80
CA THR D 126 -60.57 -4.31 -12.93
C THR D 126 -60.01 -5.12 -14.09
N TYR D 127 -58.69 -5.33 -14.13
CA TYR D 127 -58.16 -6.30 -15.08
C TYR D 127 -58.59 -7.71 -14.72
N VAL D 128 -58.63 -8.03 -13.42
CA VAL D 128 -59.17 -9.31 -13.01
C VAL D 128 -60.69 -9.36 -13.18
N ASN D 129 -61.35 -8.20 -13.08
CA ASN D 129 -62.80 -8.15 -13.23
C ASN D 129 -63.24 -8.40 -14.68
N ASP D 130 -62.64 -7.71 -15.64
CA ASP D 130 -63.13 -7.86 -17.01
C ASP D 130 -62.59 -9.11 -17.71
N GLN D 131 -61.59 -9.78 -17.14
CA GLN D 131 -60.96 -10.91 -17.80
C GLN D 131 -60.21 -11.72 -16.76
N GLY D 132 -60.11 -13.02 -16.98
CA GLY D 132 -59.40 -13.88 -16.05
C GLY D 132 -57.92 -13.99 -16.35
N PHE D 133 -57.21 -14.63 -15.43
CA PHE D 133 -55.81 -14.94 -15.66
C PHE D 133 -55.61 -16.08 -16.65
N ALA D 134 -56.65 -16.85 -16.94
CA ALA D 134 -56.52 -18.15 -17.61
C ALA D 134 -56.17 -18.06 -19.10
N GLU D 135 -55.80 -16.88 -19.61
CA GLU D 135 -55.07 -16.77 -20.86
C GLU D 135 -53.57 -16.54 -20.63
N LEU D 136 -53.23 -15.59 -19.75
CA LEU D 136 -51.87 -15.52 -19.21
C LEU D 136 -51.49 -16.80 -18.50
N ALA D 137 -52.42 -17.39 -17.75
CA ALA D 137 -52.10 -18.61 -17.02
C ALA D 137 -51.90 -19.78 -17.97
N ARG D 138 -52.65 -19.83 -19.07
CA ARG D 138 -52.41 -20.93 -20.00
C ARG D 138 -51.16 -20.71 -20.84
N ARG D 139 -50.78 -19.45 -21.08
CA ARG D 139 -49.53 -19.25 -21.79
C ARG D 139 -48.30 -19.45 -20.90
N TYR D 140 -48.42 -19.24 -19.57
CA TYR D 140 -47.39 -19.75 -18.68
C TYR D 140 -47.45 -21.26 -18.56
N ALA D 141 -48.66 -21.84 -18.67
CA ALA D 141 -48.82 -23.28 -18.49
C ALA D 141 -48.22 -24.07 -19.64
N HIS D 142 -48.29 -23.54 -20.86
CA HIS D 142 -47.65 -24.22 -21.97
C HIS D 142 -46.14 -24.14 -21.88
N ASN D 143 -45.59 -23.05 -21.34
CA ASN D 143 -44.15 -22.98 -21.13
C ASN D 143 -43.70 -23.89 -20.00
N LEU D 144 -44.56 -24.11 -19.00
CA LEU D 144 -44.29 -25.16 -18.04
C LEU D 144 -44.37 -26.53 -18.71
N ALA D 145 -45.26 -26.67 -19.70
CA ALA D 145 -45.51 -27.96 -20.34
C ALA D 145 -44.34 -28.35 -21.25
N ASN D 146 -44.07 -27.54 -22.28
CA ASN D 146 -42.92 -27.83 -23.12
C ASN D 146 -41.63 -27.50 -22.38
N ALA D 147 -40.51 -27.88 -22.98
CA ALA D 147 -39.23 -27.83 -22.29
C ALA D 147 -38.45 -26.58 -22.62
N ARG D 148 -39.14 -25.43 -22.71
CA ARG D 148 -38.47 -24.17 -23.04
C ARG D 148 -37.48 -23.77 -21.96
N PHE D 149 -37.70 -24.19 -20.71
CA PHE D 149 -36.74 -23.89 -19.65
C PHE D 149 -35.44 -24.67 -19.84
N LEU D 150 -35.50 -25.82 -20.50
CA LEU D 150 -34.32 -26.45 -21.07
C LEU D 150 -33.91 -25.66 -22.30
N TRP D 151 -32.88 -24.82 -22.17
CA TRP D 151 -32.56 -23.87 -23.23
C TRP D 151 -31.99 -24.56 -24.46
N ARG D 152 -30.83 -25.19 -24.31
CA ARG D 152 -30.22 -25.89 -25.43
C ARG D 152 -30.41 -27.40 -25.34
N ASN D 153 -30.66 -27.92 -24.14
CA ASN D 153 -30.84 -29.36 -23.96
C ASN D 153 -32.12 -29.87 -24.60
N ARG D 154 -33.10 -29.00 -24.84
CA ARG D 154 -34.30 -29.42 -25.55
C ARG D 154 -34.01 -29.65 -27.03
N VAL D 155 -33.33 -28.71 -27.67
CA VAL D 155 -33.10 -28.78 -29.11
C VAL D 155 -31.97 -29.75 -29.39
N GLY D 156 -32.13 -30.54 -30.46
CA GLY D 156 -31.25 -31.65 -30.74
C GLY D 156 -31.69 -32.95 -30.11
N ALA D 157 -32.43 -32.89 -28.99
CA ALA D 157 -32.83 -34.08 -28.27
C ALA D 157 -33.91 -34.84 -29.01
N GLU D 158 -33.92 -36.16 -28.82
CA GLU D 158 -34.85 -37.02 -29.55
C GLU D 158 -36.26 -36.94 -28.98
N ALA D 159 -36.42 -37.32 -27.72
CA ALA D 159 -37.74 -37.36 -27.10
C ALA D 159 -37.67 -36.80 -25.69
N VAL D 160 -38.56 -35.88 -25.36
CA VAL D 160 -38.67 -35.30 -24.02
C VAL D 160 -40.09 -35.50 -23.52
N GLU D 161 -40.24 -35.61 -22.20
CA GLU D 161 -41.56 -35.69 -21.57
C GLU D 161 -41.44 -35.23 -20.14
N VAL D 162 -42.48 -34.53 -19.67
CA VAL D 162 -42.41 -33.64 -18.53
C VAL D 162 -43.37 -34.13 -17.44
N ARG D 163 -42.86 -34.26 -16.22
CA ARG D 163 -43.66 -34.66 -15.06
C ARG D 163 -43.90 -33.46 -14.17
N ILE D 164 -45.15 -32.98 -14.13
CA ILE D 164 -45.53 -31.86 -13.28
C ILE D 164 -46.47 -32.38 -12.20
N ASN D 165 -46.21 -32.00 -10.95
CA ASN D 165 -47.07 -32.39 -9.84
C ASN D 165 -47.53 -31.14 -9.09
N HIS D 166 -48.61 -31.29 -8.34
CA HIS D 166 -49.08 -30.30 -7.39
C HIS D 166 -48.92 -30.83 -5.98
N ILE D 167 -48.30 -30.03 -5.12
CA ILE D 167 -47.98 -30.42 -3.76
C ILE D 167 -49.00 -29.77 -2.84
N ARG D 168 -49.92 -30.57 -2.31
CA ARG D 168 -50.81 -30.07 -1.27
C ARG D 168 -50.12 -30.10 0.08
N GLN D 169 -49.66 -31.28 0.49
CA GLN D 169 -48.82 -31.48 1.66
C GLN D 169 -47.71 -32.42 1.21
N GLY D 170 -47.00 -33.02 2.14
CA GLY D 170 -45.89 -33.90 1.81
C GLY D 170 -46.34 -35.19 1.15
N GLU D 171 -46.83 -35.07 -0.07
CA GLU D 171 -47.58 -36.09 -0.80
C GLU D 171 -47.69 -35.62 -2.24
N VAL D 172 -48.51 -36.31 -3.04
CA VAL D 172 -48.81 -35.91 -4.41
C VAL D 172 -50.31 -35.76 -4.55
N ALA D 173 -50.76 -34.60 -5.01
CA ALA D 173 -52.19 -34.32 -5.09
C ALA D 173 -52.78 -34.65 -6.47
N ARG D 174 -52.08 -34.32 -7.54
CA ARG D 174 -52.57 -34.54 -8.90
C ARG D 174 -51.37 -34.69 -9.81
N ALA D 175 -51.48 -35.56 -10.80
CA ALA D 175 -50.38 -35.82 -11.72
C ALA D 175 -50.59 -35.10 -13.04
N TRP D 176 -49.48 -34.89 -13.74
CA TRP D 176 -49.46 -34.39 -15.11
C TRP D 176 -48.31 -35.05 -15.85
N ARG D 177 -48.63 -35.62 -17.02
CA ARG D 177 -47.64 -36.27 -17.87
C ARG D 177 -47.79 -35.67 -19.27
N PHE D 178 -46.76 -34.99 -19.74
CA PHE D 178 -46.84 -34.23 -20.98
C PHE D 178 -45.86 -34.80 -22.00
N ASP D 179 -45.77 -34.12 -23.15
CA ASP D 179 -44.84 -34.48 -24.21
C ASP D 179 -44.66 -33.27 -25.10
N ALA D 180 -43.45 -32.71 -25.12
CA ALA D 180 -43.19 -31.51 -25.90
C ALA D 180 -42.89 -31.81 -27.37
N LEU D 181 -43.01 -33.06 -27.78
CA LEU D 181 -42.93 -33.41 -29.20
C LEU D 181 -44.29 -33.38 -29.87
N ALA D 182 -45.36 -33.18 -29.11
CA ALA D 182 -46.71 -33.05 -29.65
C ALA D 182 -47.32 -31.68 -29.37
N ILE D 183 -46.65 -30.84 -28.60
CA ILE D 183 -46.98 -29.43 -28.48
C ILE D 183 -45.80 -28.64 -29.00
N GLY D 184 -46.07 -27.42 -29.47
CA GLY D 184 -45.07 -26.63 -30.13
C GLY D 184 -44.19 -25.86 -29.16
N LEU D 185 -43.36 -25.00 -29.73
CA LEU D 185 -42.66 -23.97 -29.00
C LEU D 185 -42.95 -22.60 -29.61
N ARG D 186 -43.70 -22.57 -30.72
CA ARG D 186 -44.08 -21.34 -31.40
C ARG D 186 -45.55 -21.00 -31.25
N ASP D 187 -46.43 -22.01 -31.27
CA ASP D 187 -47.85 -21.82 -31.07
C ASP D 187 -48.25 -22.30 -29.68
N PHE D 188 -49.22 -21.61 -29.08
CA PHE D 188 -49.74 -21.92 -27.75
C PHE D 188 -51.20 -22.31 -27.91
N LYS D 189 -51.42 -23.58 -28.21
CA LYS D 189 -52.72 -24.13 -28.58
C LYS D 189 -53.42 -24.73 -27.36
N ALA D 190 -54.74 -24.66 -27.37
CA ALA D 190 -55.53 -25.12 -26.24
C ALA D 190 -55.53 -26.64 -26.17
N ASP D 191 -55.30 -27.19 -24.98
CA ASP D 191 -55.10 -28.61 -24.78
C ASP D 191 -56.19 -29.17 -23.88
N ALA D 192 -56.06 -30.46 -23.57
CA ALA D 192 -57.11 -31.20 -22.88
C ALA D 192 -56.76 -31.65 -21.47
N GLU D 193 -55.48 -31.68 -21.10
CA GLU D 193 -55.11 -31.99 -19.73
C GLU D 193 -54.52 -30.80 -18.98
N LEU D 194 -53.88 -29.86 -19.67
CA LEU D 194 -53.19 -28.77 -19.00
C LEU D 194 -54.02 -27.50 -18.87
N ASP D 195 -55.26 -27.47 -19.36
CA ASP D 195 -56.09 -26.31 -19.05
C ASP D 195 -56.54 -26.34 -17.59
N ALA D 196 -56.64 -27.54 -17.00
CA ALA D 196 -56.88 -27.65 -15.57
C ALA D 196 -55.70 -27.11 -14.77
N LEU D 197 -54.47 -27.35 -15.25
CA LEU D 197 -53.29 -26.77 -14.65
C LEU D 197 -53.23 -25.25 -14.86
N ALA D 198 -53.75 -24.79 -15.99
CA ALA D 198 -53.85 -23.36 -16.23
C ALA D 198 -54.82 -22.70 -15.25
N GLU D 199 -55.96 -23.34 -14.99
CA GLU D 199 -56.88 -22.84 -13.97
C GLU D 199 -56.28 -22.96 -12.57
N LEU D 200 -55.44 -23.98 -12.33
CA LEU D 200 -54.73 -24.11 -11.06
C LEU D 200 -53.82 -22.92 -10.81
N ILE D 201 -52.97 -22.58 -11.78
CA ILE D 201 -52.10 -21.42 -11.54
C ILE D 201 -52.83 -20.11 -11.75
N ALA D 202 -54.03 -20.11 -12.33
CA ALA D 202 -54.84 -18.90 -12.34
C ALA D 202 -55.44 -18.62 -10.97
N SER D 203 -55.87 -19.67 -10.27
CA SER D 203 -56.29 -19.52 -8.89
C SER D 203 -55.11 -19.22 -7.99
N GLY D 204 -53.93 -19.75 -8.33
CA GLY D 204 -52.75 -19.47 -7.53
C GLY D 204 -52.28 -18.04 -7.66
N LEU D 205 -52.30 -17.48 -8.88
CA LEU D 205 -51.89 -16.11 -9.08
C LEU D 205 -52.91 -15.09 -8.60
N SER D 206 -54.13 -15.52 -8.29
CA SER D 206 -55.10 -14.66 -7.62
C SER D 206 -55.09 -14.86 -6.10
N GLY D 207 -54.35 -15.84 -5.61
CA GLY D 207 -54.25 -16.08 -4.19
C GLY D 207 -55.23 -17.09 -3.64
N SER D 208 -56.26 -17.45 -4.40
CA SER D 208 -57.34 -18.31 -3.94
C SER D 208 -56.92 -19.77 -3.82
N GLY D 209 -56.09 -20.10 -2.83
CA GLY D 209 -55.66 -21.45 -2.63
C GLY D 209 -54.33 -21.67 -3.34
N HIS D 210 -53.24 -21.70 -2.58
CA HIS D 210 -51.93 -21.65 -3.19
C HIS D 210 -51.58 -23.00 -3.79
N VAL D 211 -50.47 -23.03 -4.53
CA VAL D 211 -50.06 -24.20 -5.30
C VAL D 211 -48.53 -24.25 -5.36
N LEU D 212 -47.98 -25.39 -4.97
CA LEU D 212 -46.56 -25.66 -5.05
C LEU D 212 -46.35 -26.72 -6.12
N LEU D 213 -45.60 -26.38 -7.16
CA LEU D 213 -45.44 -27.25 -8.32
C LEU D 213 -44.06 -27.91 -8.31
N GLU D 214 -43.96 -29.03 -9.02
CA GLU D 214 -42.67 -29.70 -9.29
C GLU D 214 -42.58 -30.01 -10.78
N VAL D 215 -42.13 -29.04 -11.56
CA VAL D 215 -41.89 -29.26 -12.98
C VAL D 215 -40.60 -30.04 -13.16
N VAL D 216 -40.70 -31.23 -13.76
CA VAL D 216 -39.57 -32.14 -13.93
C VAL D 216 -39.57 -32.61 -15.38
N ALA D 217 -38.46 -32.38 -16.09
CA ALA D 217 -38.33 -32.81 -17.47
C ALA D 217 -37.42 -34.04 -17.56
N PHE D 218 -37.74 -34.92 -18.50
CA PHE D 218 -37.00 -36.15 -18.78
C PHE D 218 -36.54 -36.09 -20.24
N ALA D 219 -35.37 -35.51 -20.48
CA ALA D 219 -34.89 -35.25 -21.84
C ALA D 219 -33.93 -36.34 -22.26
N ARG D 220 -34.37 -37.22 -23.17
CA ARG D 220 -33.46 -38.18 -23.79
C ARG D 220 -32.51 -37.42 -24.70
N ILE D 221 -31.22 -37.42 -24.35
CA ILE D 221 -30.24 -36.60 -25.04
C ILE D 221 -29.13 -37.43 -25.67
N GLY D 222 -28.88 -38.66 -25.21
CA GLY D 222 -27.77 -39.45 -25.69
C GLY D 222 -26.85 -39.85 -24.55
N ASP D 223 -26.35 -41.07 -24.60
CA ASP D 223 -25.60 -41.62 -23.47
C ASP D 223 -24.23 -40.98 -23.41
N GLY D 224 -24.05 -40.06 -22.46
CA GLY D 224 -22.78 -39.40 -22.32
C GLY D 224 -22.61 -38.14 -23.13
N GLN D 225 -23.70 -37.46 -23.47
CA GLN D 225 -23.60 -36.20 -24.21
C GLN D 225 -23.22 -35.06 -23.26
N GLU D 226 -23.30 -33.84 -23.77
CA GLU D 226 -22.76 -32.68 -23.08
C GLU D 226 -23.90 -31.74 -22.72
N VAL D 227 -24.33 -31.78 -21.48
CA VAL D 227 -25.39 -30.92 -20.98
C VAL D 227 -24.87 -29.50 -20.83
N PHE D 228 -25.78 -28.56 -20.62
CA PHE D 228 -25.45 -27.13 -20.58
C PHE D 228 -26.01 -26.48 -19.31
N PRO D 229 -25.31 -26.60 -18.19
CA PRO D 229 -25.61 -25.73 -17.05
C PRO D 229 -25.05 -24.35 -17.29
N SER D 230 -25.43 -23.41 -16.43
CA SER D 230 -25.16 -22.00 -16.71
C SER D 230 -23.72 -21.65 -16.35
N GLN D 231 -23.33 -20.42 -16.67
CA GLN D 231 -21.93 -19.99 -16.68
C GLN D 231 -21.73 -18.76 -15.82
N GLU D 232 -20.70 -18.78 -14.97
CA GLU D 232 -20.41 -17.68 -14.06
C GLU D 232 -19.46 -16.64 -14.65
N LEU D 233 -19.63 -15.41 -14.18
CA LEU D 233 -18.60 -14.39 -14.30
C LEU D 233 -17.37 -14.85 -13.52
N ILE D 234 -16.20 -14.75 -14.15
CA ILE D 234 -14.99 -15.35 -13.65
C ILE D 234 -14.04 -14.23 -13.22
N LEU D 235 -13.53 -14.32 -12.00
CA LEU D 235 -12.51 -13.42 -11.52
C LEU D 235 -11.13 -13.95 -11.90
N ASP D 236 -10.18 -13.03 -12.08
CA ASP D 236 -8.90 -13.34 -12.73
C ASP D 236 -7.86 -13.95 -11.78
N LYS D 237 -8.27 -14.54 -10.65
CA LYS D 237 -7.31 -15.10 -9.70
C LYS D 237 -6.64 -16.38 -10.17
N GLY D 238 -7.13 -17.00 -11.24
CA GLY D 238 -6.60 -18.25 -11.71
C GLY D 238 -5.34 -18.08 -12.56
N ASP D 239 -4.49 -19.11 -12.50
CA ASP D 239 -3.31 -19.20 -13.35
C ASP D 239 -3.69 -19.95 -14.62
N LYS D 240 -2.69 -20.43 -15.37
CA LYS D 240 -2.94 -21.11 -16.65
C LYS D 240 -3.66 -22.45 -16.49
N LYS D 241 -3.70 -23.00 -15.27
CA LYS D 241 -4.56 -24.12 -14.93
C LYS D 241 -5.28 -23.80 -13.64
N GLY D 242 -6.53 -24.27 -13.52
CA GLY D 242 -7.33 -23.85 -12.38
C GLY D 242 -8.67 -23.21 -12.69
N GLN D 243 -9.31 -23.63 -13.78
CA GLN D 243 -10.66 -23.23 -14.21
C GLN D 243 -10.73 -21.72 -14.46
N LYS D 244 -9.99 -21.30 -15.48
CA LYS D 244 -9.91 -19.88 -15.80
C LYS D 244 -10.79 -19.48 -16.99
N SER D 245 -11.11 -20.40 -17.89
CA SER D 245 -11.80 -20.01 -19.12
C SER D 245 -13.31 -20.04 -18.97
N LYS D 246 -13.87 -21.11 -18.44
CA LYS D 246 -15.32 -21.25 -18.33
C LYS D 246 -15.64 -22.19 -17.19
N THR D 247 -16.62 -21.82 -16.37
CA THR D 247 -17.04 -22.63 -15.24
C THR D 247 -18.55 -22.81 -15.25
N LEU D 248 -19.01 -23.85 -14.56
CA LEU D 248 -20.40 -24.26 -14.60
C LEU D 248 -21.00 -24.18 -13.21
N TYR D 249 -22.22 -23.66 -13.15
CA TYR D 249 -22.94 -23.47 -11.89
C TYR D 249 -23.26 -24.81 -11.26
N SER D 250 -22.86 -24.96 -10.00
CA SER D 250 -22.96 -26.26 -9.33
C SER D 250 -23.33 -26.03 -7.88
N VAL D 251 -24.51 -26.48 -7.47
CA VAL D 251 -24.94 -26.21 -6.10
C VAL D 251 -24.42 -27.33 -5.19
N ARG D 252 -23.13 -27.20 -4.86
CA ARG D 252 -22.41 -27.85 -3.76
C ARG D 252 -22.19 -29.36 -3.95
N ASP D 253 -22.92 -30.00 -4.84
CA ASP D 253 -22.72 -31.40 -5.19
C ASP D 253 -22.82 -31.68 -6.68
N ALA D 254 -23.60 -30.88 -7.40
CA ALA D 254 -24.10 -31.28 -8.70
C ALA D 254 -24.30 -30.05 -9.56
N ALA D 255 -24.09 -30.22 -10.86
CA ALA D 255 -24.25 -29.13 -11.82
C ALA D 255 -25.71 -28.68 -11.86
N ALA D 256 -25.89 -27.37 -12.04
CA ALA D 256 -27.23 -26.83 -11.91
C ALA D 256 -27.39 -25.60 -12.79
N ILE D 257 -28.64 -25.21 -12.99
CA ILE D 257 -29.02 -24.04 -13.76
C ILE D 257 -29.48 -22.96 -12.79
N HIS D 258 -29.15 -21.71 -13.09
CA HIS D 258 -29.61 -20.59 -12.27
C HIS D 258 -31.12 -20.47 -12.29
N SER D 259 -31.67 -19.91 -11.21
CA SER D 259 -33.11 -19.72 -11.13
C SER D 259 -33.58 -18.59 -12.02
N GLN D 260 -32.77 -17.55 -12.22
CA GLN D 260 -33.19 -16.48 -13.12
C GLN D 260 -33.13 -16.95 -14.58
N LYS D 261 -32.23 -17.87 -14.90
CA LYS D 261 -32.17 -18.43 -16.25
C LYS D 261 -33.37 -19.32 -16.52
N ILE D 262 -33.83 -20.03 -15.49
CA ILE D 262 -34.94 -20.95 -15.66
C ILE D 262 -36.27 -20.26 -15.43
N GLY D 263 -36.25 -19.01 -14.99
CA GLY D 263 -37.45 -18.21 -14.94
C GLY D 263 -37.49 -17.26 -16.13
N ASN D 264 -36.38 -17.20 -16.87
CA ASN D 264 -36.37 -16.43 -18.12
C ASN D 264 -37.23 -17.09 -19.19
N ALA D 265 -37.27 -18.42 -19.22
CA ALA D 265 -38.07 -19.06 -20.25
C ALA D 265 -39.54 -19.10 -19.90
N LEU D 266 -39.90 -18.85 -18.64
CA LEU D 266 -41.30 -18.87 -18.27
C LEU D 266 -42.02 -17.60 -18.68
N ARG D 267 -41.36 -16.44 -18.67
CA ARG D 267 -42.07 -15.22 -19.00
C ARG D 267 -42.06 -14.93 -20.52
N THR D 268 -41.93 -15.96 -21.35
CA THR D 268 -42.03 -15.82 -22.81
C THR D 268 -43.50 -15.72 -23.24
N ILE D 269 -44.13 -14.63 -22.81
CA ILE D 269 -45.58 -14.47 -22.86
C ILE D 269 -45.89 -13.21 -23.66
N ASP D 270 -45.13 -12.94 -24.73
CA ASP D 270 -45.61 -11.95 -25.70
C ASP D 270 -45.26 -12.36 -27.11
N THR D 271 -46.30 -12.59 -27.91
CA THR D 271 -46.24 -12.49 -29.35
C THR D 271 -47.02 -11.27 -29.81
N TRP D 272 -47.10 -10.26 -28.95
CA TRP D 272 -47.91 -9.08 -29.22
C TRP D 272 -47.09 -7.85 -29.52
N TYR D 273 -45.94 -7.99 -30.16
CA TYR D 273 -45.17 -6.82 -30.54
C TYR D 273 -45.19 -6.65 -32.05
N PRO D 274 -45.32 -5.41 -32.54
CA PRO D 274 -45.61 -5.20 -33.97
C PRO D 274 -44.41 -5.29 -34.89
N ASP D 275 -43.29 -5.84 -34.41
CA ASP D 275 -42.19 -6.15 -35.32
C ASP D 275 -42.52 -7.37 -36.15
N GLU D 276 -42.86 -8.48 -35.49
CA GLU D 276 -43.17 -9.73 -36.17
C GLU D 276 -43.95 -10.62 -35.22
N ASP D 277 -45.18 -10.95 -35.59
CA ASP D 277 -45.91 -12.04 -34.96
C ASP D 277 -45.68 -13.37 -35.68
N GLY D 278 -44.78 -13.39 -36.66
CA GLY D 278 -44.33 -14.63 -37.28
C GLY D 278 -43.20 -15.27 -36.50
N LEU D 279 -42.27 -14.46 -36.00
CA LEU D 279 -41.18 -14.96 -35.17
C LEU D 279 -41.67 -15.48 -33.82
N GLY D 280 -42.82 -15.00 -33.35
CA GLY D 280 -43.40 -15.53 -32.15
C GLY D 280 -42.82 -14.95 -30.87
N PRO D 281 -42.49 -15.82 -29.92
CA PRO D 281 -42.25 -15.37 -28.55
C PRO D 281 -40.89 -14.75 -28.33
N ILE D 282 -40.87 -13.63 -27.62
CA ILE D 282 -39.71 -13.20 -26.85
C ILE D 282 -40.17 -13.31 -25.40
N ALA D 283 -39.30 -12.99 -24.45
CA ALA D 283 -39.73 -12.89 -23.07
C ALA D 283 -40.21 -11.48 -22.79
N VAL D 284 -41.20 -11.35 -21.89
CA VAL D 284 -41.75 -10.04 -21.59
C VAL D 284 -40.73 -9.22 -20.81
N GLU D 285 -40.63 -7.94 -21.14
CA GLU D 285 -39.48 -7.16 -20.72
C GLU D 285 -39.73 -5.67 -20.91
N PRO D 286 -39.34 -4.84 -19.94
CA PRO D 286 -39.25 -3.39 -20.19
C PRO D 286 -38.17 -3.16 -21.24
N TYR D 287 -38.57 -2.54 -22.36
CA TYR D 287 -37.77 -2.39 -23.58
C TYR D 287 -37.35 -3.77 -24.10
N GLY D 288 -38.37 -4.52 -24.56
CA GLY D 288 -38.30 -5.95 -24.81
C GLY D 288 -37.19 -6.46 -25.69
N SER D 289 -36.24 -7.18 -25.08
CA SER D 289 -35.00 -7.54 -25.75
C SER D 289 -34.65 -8.99 -25.47
N VAL D 290 -33.99 -9.61 -26.45
CA VAL D 290 -33.43 -10.94 -26.31
C VAL D 290 -31.91 -10.81 -26.41
N THR D 291 -31.20 -11.41 -25.45
CA THR D 291 -29.75 -11.28 -25.43
C THR D 291 -29.10 -12.12 -26.52
N SER D 292 -29.58 -13.36 -26.71
CA SER D 292 -28.96 -14.25 -27.68
C SER D 292 -29.41 -13.95 -29.11
N GLN D 293 -30.28 -12.97 -29.29
CA GLN D 293 -30.36 -12.30 -30.59
C GLN D 293 -29.49 -11.05 -30.59
N GLY D 294 -29.30 -10.43 -29.43
CA GLY D 294 -28.63 -9.15 -29.37
C GLY D 294 -29.45 -8.02 -29.93
N LYS D 295 -30.77 -8.15 -29.91
CA LYS D 295 -31.67 -7.17 -30.50
C LYS D 295 -32.73 -6.82 -29.47
N ALA D 296 -33.19 -5.57 -29.48
CA ALA D 296 -34.32 -5.15 -28.67
C ALA D 296 -35.49 -4.81 -29.57
N TYR D 297 -36.69 -4.93 -29.05
CA TYR D 297 -37.85 -4.25 -29.61
C TYR D 297 -38.60 -3.61 -28.44
N ARG D 298 -39.77 -3.03 -28.74
CA ARG D 298 -40.58 -2.25 -27.79
C ARG D 298 -39.77 -1.09 -27.21
N GLN D 299 -39.16 -0.34 -28.11
CA GLN D 299 -38.58 0.96 -27.84
C GLN D 299 -39.70 1.98 -27.69
N PRO D 300 -39.48 3.10 -27.00
CA PRO D 300 -40.57 4.06 -26.80
C PRO D 300 -40.93 4.90 -28.03
N LYS D 301 -40.29 4.69 -29.19
CA LYS D 301 -40.77 5.31 -30.42
C LYS D 301 -42.16 4.77 -30.77
N GLN D 302 -42.26 3.46 -30.98
CA GLN D 302 -43.55 2.81 -30.97
C GLN D 302 -44.11 2.78 -29.54
N LYS D 303 -45.42 2.58 -29.44
CA LYS D 303 -46.09 2.80 -28.17
C LYS D 303 -45.84 1.68 -27.16
N LEU D 304 -45.56 0.46 -27.61
CA LEU D 304 -45.64 -0.70 -26.73
C LEU D 304 -44.42 -0.88 -25.82
N ASP D 305 -43.61 0.15 -25.63
CA ASP D 305 -42.78 0.27 -24.44
C ASP D 305 -43.64 0.12 -23.20
N PHE D 306 -43.20 -0.73 -22.27
CA PHE D 306 -43.95 -0.95 -21.04
C PHE D 306 -44.04 0.31 -20.19
N TYR D 307 -42.98 1.10 -20.18
CA TYR D 307 -42.97 2.35 -19.43
C TYR D 307 -43.76 3.44 -20.13
N THR D 308 -44.27 3.17 -21.34
CA THR D 308 -45.20 4.06 -22.02
C THR D 308 -46.65 3.70 -21.73
N LEU D 309 -47.04 2.45 -21.96
CA LEU D 309 -48.45 2.14 -21.79
C LEU D 309 -48.83 1.86 -20.35
N LEU D 310 -47.88 1.49 -19.48
CA LEU D 310 -48.19 1.43 -18.06
C LEU D 310 -48.54 2.81 -17.54
N ASP D 311 -47.80 3.83 -17.97
CA ASP D 311 -48.12 5.18 -17.58
C ASP D 311 -49.34 5.73 -18.33
N ASN D 312 -49.64 5.22 -19.52
CA ASN D 312 -50.87 5.64 -20.18
C ASN D 312 -52.11 4.98 -19.62
N TRP D 313 -51.96 3.86 -18.94
CA TRP D 313 -53.10 3.10 -18.47
C TRP D 313 -53.36 3.26 -16.98
N VAL D 314 -52.31 3.45 -16.18
CA VAL D 314 -52.49 3.65 -14.75
C VAL D 314 -52.82 5.11 -14.46
N LEU D 315 -52.02 6.04 -15.00
CA LEU D 315 -52.18 7.45 -14.68
C LEU D 315 -53.44 8.03 -15.32
N ARG D 316 -53.58 7.88 -16.63
CA ARG D 316 -54.54 8.65 -17.39
C ARG D 316 -55.67 7.83 -17.98
N ASP D 317 -55.67 6.51 -17.77
CA ASP D 317 -56.69 5.57 -18.26
C ASP D 317 -56.90 5.64 -19.77
N GLU D 318 -55.83 5.91 -20.51
CA GLU D 318 -55.83 5.58 -21.92
C GLU D 318 -55.68 4.08 -22.01
N ALA D 319 -56.79 3.37 -21.93
CA ALA D 319 -56.79 1.92 -21.83
C ALA D 319 -56.26 1.32 -23.13
N PRO D 320 -55.15 0.61 -23.10
CA PRO D 320 -54.62 0.01 -24.33
C PRO D 320 -55.50 -1.16 -24.75
N ALA D 321 -55.27 -1.61 -25.99
CA ALA D 321 -56.05 -2.70 -26.54
C ALA D 321 -55.83 -3.98 -25.73
N VAL D 322 -56.90 -4.77 -25.59
CA VAL D 322 -56.87 -5.97 -24.77
C VAL D 322 -56.09 -7.09 -25.44
N GLU D 323 -55.65 -6.88 -26.69
CA GLU D 323 -54.71 -7.76 -27.36
C GLU D 323 -53.44 -7.95 -26.55
N GLN D 324 -52.92 -6.87 -25.99
CA GLN D 324 -51.63 -6.89 -25.32
C GLN D 324 -51.69 -6.32 -23.90
N GLN D 325 -52.88 -6.18 -23.32
CA GLN D 325 -52.97 -5.90 -21.90
C GLN D 325 -52.54 -7.09 -21.05
N HIS D 326 -52.45 -8.29 -21.63
CA HIS D 326 -51.85 -9.41 -20.91
C HIS D 326 -50.39 -9.16 -20.57
N TYR D 327 -49.69 -8.39 -21.42
CA TYR D 327 -48.27 -8.12 -21.23
C TYR D 327 -47.98 -7.28 -19.99
N VAL D 328 -48.85 -6.33 -19.66
CA VAL D 328 -48.57 -5.38 -18.60
C VAL D 328 -49.13 -5.86 -17.27
N ILE D 329 -49.46 -7.14 -17.20
CA ILE D 329 -49.72 -7.84 -15.96
C ILE D 329 -48.71 -8.99 -15.94
N ALA D 330 -48.25 -9.39 -17.13
CA ALA D 330 -47.19 -10.39 -17.20
C ALA D 330 -45.88 -9.85 -16.63
N ASN D 331 -45.50 -8.62 -16.97
CA ASN D 331 -44.30 -8.06 -16.37
C ASN D 331 -44.61 -7.21 -15.13
N LEU D 332 -45.73 -7.50 -14.47
CA LEU D 332 -45.89 -7.24 -13.05
C LEU D 332 -45.77 -8.51 -12.24
N ILE D 333 -46.18 -9.64 -12.82
CA ILE D 333 -45.88 -10.94 -12.25
C ILE D 333 -44.38 -11.21 -12.34
N ARG D 334 -43.71 -10.66 -13.36
CA ARG D 334 -42.25 -10.73 -13.42
C ARG D 334 -41.60 -9.97 -12.27
N GLY D 335 -41.94 -8.71 -12.09
CA GLY D 335 -41.38 -7.92 -11.00
C GLY D 335 -40.08 -7.25 -11.38
N GLY D 336 -39.80 -6.13 -10.70
CA GLY D 336 -38.59 -5.39 -10.98
C GLY D 336 -38.62 -4.04 -10.32
N VAL D 337 -37.52 -3.31 -10.48
CA VAL D 337 -37.47 -1.94 -10.00
C VAL D 337 -38.13 -1.04 -11.02
N PHE D 338 -38.70 0.07 -10.55
CA PHE D 338 -39.36 1.03 -11.41
C PHE D 338 -39.07 2.42 -10.87
N GLY D 339 -39.83 3.41 -11.33
CA GLY D 339 -39.71 4.75 -10.79
C GLY D 339 -38.77 5.64 -11.58
N GLU D 340 -38.13 6.58 -10.89
CA GLU D 340 -37.36 7.63 -11.53
C GLU D 340 -35.89 7.56 -11.18
N ILE E 7 -41.80 26.58 37.09
CA ILE E 7 -40.60 26.41 36.29
C ILE E 7 -40.22 24.94 36.28
N LEU E 8 -40.54 24.24 35.20
CA LEU E 8 -40.26 22.81 35.12
C LEU E 8 -40.11 22.46 33.64
N SER E 9 -38.88 22.31 33.18
CA SER E 9 -38.57 22.07 31.78
C SER E 9 -37.87 20.74 31.61
N THR E 10 -37.65 20.39 30.34
CA THR E 10 -37.08 19.11 29.96
C THR E 10 -35.56 19.11 30.13
N ALA E 11 -34.90 18.09 29.60
CA ALA E 11 -33.46 17.95 29.71
C ALA E 11 -32.79 18.08 28.35
N SER E 12 -31.54 18.51 28.36
CA SER E 12 -30.76 18.59 27.13
C SER E 12 -30.37 17.20 26.66
N VAL E 13 -29.69 16.43 27.50
CA VAL E 13 -29.42 15.02 27.22
C VAL E 13 -30.39 14.18 28.03
N LEU E 14 -30.95 13.17 27.40
CA LEU E 14 -31.97 12.31 28.00
C LEU E 14 -32.07 11.08 27.12
N ALA E 15 -31.85 9.90 27.69
CA ALA E 15 -31.87 8.66 26.93
C ALA E 15 -32.80 7.68 27.61
N PHE E 16 -33.01 6.54 26.96
CA PHE E 16 -33.74 5.41 27.53
C PHE E 16 -33.18 4.15 26.90
N GLU E 17 -32.51 3.31 27.69
CA GLU E 17 -32.05 2.04 27.18
C GLU E 17 -33.23 1.15 26.84
N ARG E 18 -33.11 0.39 25.77
CA ARG E 18 -34.25 -0.31 25.22
C ARG E 18 -34.61 -1.53 26.05
N LYS E 19 -35.90 -1.84 26.05
CA LYS E 19 -36.42 -3.11 26.54
C LYS E 19 -36.78 -3.94 25.32
N LEU E 20 -37.14 -5.21 25.56
CA LEU E 20 -37.41 -6.20 24.50
C LEU E 20 -36.21 -6.36 23.57
N ASP E 21 -35.13 -6.90 24.12
CA ASP E 21 -33.93 -7.19 23.34
C ASP E 21 -34.06 -8.52 22.61
N PRO E 22 -34.03 -8.53 21.28
CA PRO E 22 -34.02 -9.82 20.58
C PRO E 22 -32.62 -10.27 20.22
N SER E 23 -32.47 -11.54 19.87
CA SER E 23 -31.23 -12.04 19.31
C SER E 23 -31.26 -11.85 17.80
N ASP E 24 -30.35 -12.50 17.09
CA ASP E 24 -30.42 -12.54 15.64
C ASP E 24 -31.09 -13.83 15.18
N ALA E 25 -31.50 -13.84 13.92
CA ALA E 25 -32.39 -14.88 13.41
C ALA E 25 -31.60 -15.94 12.65
N LEU E 26 -30.99 -16.86 13.38
CA LEU E 26 -30.24 -17.93 12.75
C LEU E 26 -31.19 -18.91 12.07
N MET E 27 -31.09 -18.98 10.75
CA MET E 27 -31.98 -19.82 9.96
C MET E 27 -31.44 -21.23 9.82
N SER E 28 -32.35 -22.18 9.71
CA SER E 28 -32.01 -23.55 9.36
C SER E 28 -33.17 -24.14 8.57
N ALA E 29 -33.00 -25.38 8.12
CA ALA E 29 -34.01 -25.97 7.24
C ALA E 29 -34.02 -27.48 7.40
N GLY E 30 -35.23 -28.04 7.38
CA GLY E 30 -35.45 -29.46 7.47
C GLY E 30 -36.80 -29.78 6.87
N ALA E 31 -37.23 -31.02 7.03
CA ALA E 31 -38.51 -31.42 6.49
C ALA E 31 -39.63 -31.12 7.49
N TRP E 32 -40.85 -31.05 6.97
CA TRP E 32 -42.01 -30.91 7.85
C TRP E 32 -42.22 -32.22 8.60
N ALA E 33 -42.83 -32.10 9.79
CA ALA E 33 -42.93 -33.13 10.82
C ALA E 33 -41.55 -33.60 11.31
N GLN E 34 -40.52 -32.79 11.08
CA GLN E 34 -39.26 -32.89 11.80
C GLN E 34 -39.07 -31.67 12.70
N ARG E 35 -40.10 -30.83 12.84
CA ARG E 35 -40.05 -29.70 13.73
C ARG E 35 -40.16 -30.10 15.19
N ASP E 36 -40.53 -31.35 15.48
CA ASP E 36 -40.50 -31.85 16.84
C ASP E 36 -39.06 -31.97 17.36
N ALA E 37 -38.23 -32.74 16.67
CA ALA E 37 -36.80 -32.82 16.95
C ALA E 37 -36.01 -31.81 16.14
N SER E 38 -36.36 -30.53 16.27
CA SER E 38 -35.70 -29.46 15.52
C SER E 38 -34.65 -28.78 16.40
N GLN E 39 -33.58 -29.52 16.67
CA GLN E 39 -32.41 -28.95 17.34
C GLN E 39 -31.11 -29.27 16.62
N GLU E 40 -31.17 -29.89 15.45
CA GLU E 40 -29.98 -30.35 14.76
C GLU E 40 -30.02 -30.06 13.26
N TRP E 41 -30.92 -29.19 12.82
CA TRP E 41 -31.08 -28.94 11.40
C TRP E 41 -29.87 -28.20 10.84
N PRO E 42 -29.47 -28.51 9.60
CA PRO E 42 -28.40 -27.73 8.97
C PRO E 42 -28.87 -26.33 8.64
N ALA E 43 -27.98 -25.37 8.84
CA ALA E 43 -28.32 -23.98 8.64
C ALA E 43 -28.26 -23.62 7.16
N VAL E 44 -29.05 -22.61 6.79
CA VAL E 44 -29.07 -22.12 5.41
C VAL E 44 -27.75 -21.38 5.15
N THR E 45 -26.94 -21.92 4.25
CA THR E 45 -25.67 -21.29 3.95
C THR E 45 -25.86 -20.10 3.04
N VAL E 46 -24.80 -19.32 2.88
CA VAL E 46 -24.79 -18.14 2.02
C VAL E 46 -23.88 -18.47 0.84
N ARG E 47 -24.47 -18.57 -0.34
CA ARG E 47 -23.73 -19.00 -1.52
C ARG E 47 -23.95 -17.97 -2.63
N GLU E 48 -22.90 -17.74 -3.42
CA GLU E 48 -22.94 -16.75 -4.47
C GLU E 48 -23.60 -17.30 -5.73
N LYS E 49 -23.97 -16.39 -6.61
CA LYS E 49 -24.35 -16.75 -7.98
C LYS E 49 -24.01 -15.58 -8.88
N SER E 50 -23.77 -15.90 -10.15
CA SER E 50 -23.57 -14.89 -11.17
C SER E 50 -24.90 -14.60 -11.85
N VAL E 51 -25.01 -13.42 -12.43
CA VAL E 51 -26.29 -12.98 -12.99
C VAL E 51 -26.01 -11.85 -13.96
N ARG E 52 -26.81 -11.76 -15.01
CA ARG E 52 -26.83 -10.55 -15.82
C ARG E 52 -28.23 -10.37 -16.36
N GLY E 53 -28.57 -9.14 -16.70
CA GLY E 53 -29.87 -8.83 -17.25
C GLY E 53 -29.77 -7.68 -18.21
N THR E 54 -30.89 -7.35 -18.82
CA THR E 54 -30.98 -6.21 -19.71
C THR E 54 -31.47 -4.99 -18.95
N ILE E 55 -31.39 -3.85 -19.63
CA ILE E 55 -31.58 -2.54 -19.01
C ILE E 55 -33.07 -2.34 -18.78
N SER E 56 -33.52 -2.62 -17.56
CA SER E 56 -34.90 -2.37 -17.15
C SER E 56 -35.05 -1.02 -16.46
N ASN E 57 -34.07 -0.14 -16.61
CA ASN E 57 -34.17 1.19 -16.04
C ASN E 57 -35.18 2.03 -16.79
N ARG E 58 -35.94 2.84 -16.07
CA ARG E 58 -36.72 3.86 -16.76
C ARG E 58 -35.76 4.93 -17.26
N LEU E 59 -35.34 4.80 -18.51
CA LEU E 59 -34.34 5.71 -19.06
C LEU E 59 -34.99 7.05 -19.36
N LYS E 60 -34.32 8.12 -18.93
CA LYS E 60 -34.91 9.44 -18.95
C LYS E 60 -35.04 9.95 -20.39
N THR E 61 -36.26 10.37 -20.75
CA THR E 61 -36.62 10.65 -22.14
C THR E 61 -36.10 11.98 -22.66
N LYS E 62 -35.17 12.63 -21.96
CA LYS E 62 -34.31 13.61 -22.63
C LYS E 62 -33.40 12.91 -23.63
N ASP E 63 -33.06 11.64 -23.36
CA ASP E 63 -32.41 10.74 -24.33
C ASP E 63 -32.93 9.33 -24.03
N ARG E 64 -33.99 8.95 -24.73
CA ARG E 64 -34.52 7.57 -24.71
C ARG E 64 -34.72 7.15 -26.16
N ASP E 65 -33.65 6.67 -26.78
CA ASP E 65 -33.61 6.43 -28.22
C ASP E 65 -33.44 4.95 -28.50
N PRO E 66 -33.92 4.46 -29.67
CA PRO E 66 -33.79 3.03 -29.97
C PRO E 66 -32.36 2.56 -30.18
N ALA E 67 -31.48 3.43 -30.70
CA ALA E 67 -30.11 3.01 -31.00
C ALA E 67 -29.34 2.72 -29.73
N LYS E 68 -29.53 3.52 -28.69
CA LYS E 68 -28.85 3.25 -27.43
C LYS E 68 -29.44 2.05 -26.71
N LEU E 69 -30.74 1.77 -26.92
CA LEU E 69 -31.35 0.57 -26.35
C LEU E 69 -30.81 -0.70 -27.01
N ASP E 70 -30.60 -0.67 -28.33
CA ASP E 70 -29.92 -1.78 -28.97
C ASP E 70 -28.45 -1.84 -28.59
N ALA E 71 -27.83 -0.67 -28.34
CA ALA E 71 -26.40 -0.63 -28.04
C ALA E 71 -26.08 -1.15 -26.64
N SER E 72 -26.98 -0.95 -25.69
CA SER E 72 -26.73 -1.29 -24.30
C SER E 72 -26.96 -2.76 -23.97
N ILE E 73 -27.13 -3.62 -24.97
CA ILE E 73 -27.39 -5.04 -24.73
C ILE E 73 -26.10 -5.85 -24.82
N GLN E 74 -25.29 -5.62 -25.86
CA GLN E 74 -23.99 -6.25 -25.96
C GLN E 74 -22.99 -5.74 -24.93
N SER E 75 -23.32 -4.67 -24.21
CA SER E 75 -22.69 -4.34 -22.93
C SER E 75 -23.51 -5.02 -21.85
N PRO E 76 -23.02 -6.10 -21.24
CA PRO E 76 -23.81 -6.81 -20.24
C PRO E 76 -23.73 -6.16 -18.87
N ASN E 77 -24.32 -6.84 -17.90
CA ASN E 77 -24.31 -6.38 -16.51
C ASN E 77 -23.48 -7.35 -15.70
N LEU E 78 -22.24 -6.97 -15.41
CA LEU E 78 -21.34 -7.78 -14.61
C LEU E 78 -21.82 -7.71 -13.16
N GLN E 79 -22.64 -8.67 -12.77
CA GLN E 79 -23.18 -8.72 -11.41
C GLN E 79 -23.01 -10.12 -10.85
N THR E 80 -22.26 -10.22 -9.75
CA THR E 80 -22.24 -11.44 -8.94
C THR E 80 -22.96 -11.12 -7.65
N VAL E 81 -24.07 -11.82 -7.40
CA VAL E 81 -24.88 -11.56 -6.22
C VAL E 81 -24.86 -12.79 -5.32
N ASP E 82 -25.54 -12.71 -4.19
CA ASP E 82 -25.66 -13.85 -3.30
C ASP E 82 -27.10 -14.32 -3.24
N VAL E 83 -27.25 -15.59 -2.85
CA VAL E 83 -28.55 -16.25 -2.83
C VAL E 83 -28.61 -17.10 -1.57
N ALA E 84 -29.83 -17.35 -1.10
CA ALA E 84 -30.04 -18.19 0.08
C ALA E 84 -31.20 -19.14 -0.22
N ASN E 85 -30.87 -20.37 -0.59
CA ASN E 85 -31.85 -21.40 -0.88
C ASN E 85 -31.95 -22.36 0.29
N LEU E 86 -32.98 -23.19 0.27
CA LEU E 86 -33.01 -24.32 1.17
C LEU E 86 -32.08 -25.40 0.65
N PRO E 87 -31.75 -26.40 1.47
CA PRO E 87 -31.34 -27.69 0.90
C PRO E 87 -32.50 -28.27 0.10
N SER E 88 -32.18 -28.93 -1.00
CA SER E 88 -33.22 -29.50 -1.85
C SER E 88 -33.86 -30.74 -1.26
N ASP E 89 -33.38 -31.23 -0.13
CA ASP E 89 -33.95 -32.36 0.58
C ASP E 89 -34.97 -31.93 1.64
N ALA E 90 -35.29 -30.63 1.69
CA ALA E 90 -36.07 -30.08 2.78
C ALA E 90 -37.13 -29.14 2.24
N ASP E 91 -38.16 -28.89 3.06
CA ASP E 91 -39.22 -27.97 2.65
C ASP E 91 -39.73 -27.06 3.76
N THR E 92 -38.94 -26.81 4.80
CA THR E 92 -39.35 -25.89 5.86
C THR E 92 -38.23 -24.92 6.17
N LEU E 93 -38.59 -23.83 6.86
CA LEU E 93 -37.64 -22.84 7.32
C LEU E 93 -37.79 -22.67 8.82
N LYS E 94 -36.70 -22.88 9.56
CA LYS E 94 -36.69 -22.68 11.00
C LYS E 94 -35.94 -21.40 11.32
N VAL E 95 -36.55 -20.54 12.13
CA VAL E 95 -35.92 -19.31 12.61
C VAL E 95 -36.01 -19.31 14.12
N ARG E 96 -34.85 -19.26 14.78
CA ARG E 96 -34.79 -19.28 16.24
C ARG E 96 -34.02 -18.07 16.75
N PHE E 97 -34.56 -17.43 17.78
CA PHE E 97 -33.84 -16.37 18.47
C PHE E 97 -34.35 -16.31 19.90
N THR E 98 -33.74 -15.45 20.71
CA THR E 98 -34.08 -15.31 22.11
C THR E 98 -34.49 -13.88 22.41
N LEU E 99 -35.57 -13.73 23.17
CA LEU E 99 -36.14 -12.43 23.50
C LEU E 99 -36.26 -12.31 25.01
N ARG E 100 -35.74 -11.23 25.58
CA ARG E 100 -35.91 -10.97 27.00
C ARG E 100 -36.40 -9.55 27.20
N VAL E 101 -37.16 -9.33 28.26
CA VAL E 101 -37.60 -8.01 28.65
C VAL E 101 -36.88 -7.64 29.93
N LEU E 102 -36.92 -6.36 30.27
CA LEU E 102 -36.09 -5.89 31.38
C LEU E 102 -36.88 -5.29 32.52
N GLY E 103 -37.99 -4.63 32.25
CA GLY E 103 -38.79 -4.02 33.29
C GLY E 103 -38.24 -2.64 33.68
N GLY E 104 -39.12 -1.87 34.30
CA GLY E 104 -38.78 -0.51 34.68
C GLY E 104 -38.59 0.37 33.48
N ALA E 105 -39.67 0.57 32.72
CA ALA E 105 -39.58 1.31 31.46
C ALA E 105 -39.38 2.80 31.67
N GLY E 106 -39.76 3.32 32.82
CA GLY E 106 -39.65 4.75 33.04
C GLY E 106 -38.25 5.22 33.40
N THR E 107 -37.42 4.34 33.94
CA THR E 107 -36.11 4.76 34.44
C THR E 107 -35.13 4.92 33.29
N PRO E 108 -34.57 6.11 33.09
CA PRO E 108 -33.69 6.35 31.94
C PRO E 108 -32.30 5.73 32.14
N SER E 109 -31.43 5.99 31.18
CA SER E 109 -30.02 5.68 31.30
C SER E 109 -29.14 6.91 31.42
N ALA E 110 -29.67 8.09 31.14
CA ALA E 110 -28.96 9.35 31.26
C ALA E 110 -29.99 10.46 31.33
N CYS E 111 -29.65 11.54 32.03
CA CYS E 111 -30.53 12.69 32.14
C CYS E 111 -29.71 13.92 32.48
N ASN E 112 -30.41 15.05 32.60
CA ASN E 112 -29.83 16.25 33.19
C ASN E 112 -30.53 16.62 34.49
N ASP E 113 -31.84 16.79 34.45
CA ASP E 113 -32.58 17.30 35.58
C ASP E 113 -33.06 16.13 36.43
N ALA E 114 -32.50 16.01 37.64
CA ALA E 114 -32.85 14.90 38.51
C ALA E 114 -34.22 15.06 39.15
N ALA E 115 -34.82 16.25 39.08
CA ALA E 115 -36.20 16.39 39.55
C ALA E 115 -37.19 16.11 38.43
N TYR E 116 -36.75 16.23 37.18
CA TYR E 116 -37.58 15.87 36.03
C TYR E 116 -37.84 14.37 36.01
N ARG E 117 -36.81 13.57 36.26
CA ARG E 117 -36.99 12.13 36.33
C ARG E 117 -37.79 11.72 37.57
N ASP E 118 -37.74 12.53 38.63
CA ASP E 118 -38.53 12.26 39.83
C ASP E 118 -40.02 12.44 39.62
N LYS E 119 -40.45 13.09 38.54
CA LYS E 119 -41.85 13.06 38.20
C LYS E 119 -42.15 12.26 36.94
N LEU E 120 -41.17 12.03 36.07
CA LEU E 120 -41.42 11.17 34.93
C LEU E 120 -41.57 9.72 35.35
N LEU E 121 -40.74 9.26 36.31
CA LEU E 121 -40.84 7.89 36.75
C LEU E 121 -42.14 7.63 37.52
N GLN E 122 -42.62 8.63 38.26
CA GLN E 122 -43.92 8.44 38.88
C GLN E 122 -45.09 8.79 37.97
N THR E 123 -44.89 9.48 36.85
CA THR E 123 -45.94 9.54 35.82
C THR E 123 -46.13 8.18 35.16
N VAL E 124 -45.02 7.52 34.82
CA VAL E 124 -45.04 6.13 34.39
C VAL E 124 -45.62 5.23 35.47
N ALA E 125 -45.35 5.54 36.75
CA ALA E 125 -45.93 4.74 37.81
C ALA E 125 -47.43 5.00 37.98
N THR E 126 -47.92 6.20 37.66
CA THR E 126 -49.36 6.39 37.65
C THR E 126 -50.02 5.65 36.51
N TYR E 127 -49.33 5.57 35.37
CA TYR E 127 -49.78 4.67 34.29
C TYR E 127 -49.85 3.22 34.78
N VAL E 128 -48.79 2.74 35.41
CA VAL E 128 -48.70 1.32 35.82
C VAL E 128 -49.68 1.00 36.94
N ASN E 129 -49.76 1.87 37.96
CA ASN E 129 -50.67 1.61 39.06
C ASN E 129 -52.12 1.82 38.67
N ASP E 130 -52.39 2.68 37.67
CA ASP E 130 -53.71 2.75 37.10
C ASP E 130 -54.07 1.43 36.40
N GLN E 131 -53.32 1.09 35.36
CA GLN E 131 -53.57 -0.09 34.56
C GLN E 131 -52.25 -0.79 34.27
N GLY E 132 -52.31 -2.09 34.05
CA GLY E 132 -51.08 -2.79 33.74
C GLY E 132 -50.63 -2.52 32.32
N PHE E 133 -49.64 -3.28 31.86
CA PHE E 133 -49.22 -3.20 30.47
C PHE E 133 -50.12 -4.03 29.55
N ALA E 134 -51.31 -4.41 30.03
CA ALA E 134 -52.14 -5.45 29.45
C ALA E 134 -53.00 -4.96 28.29
N GLU E 135 -52.60 -3.88 27.62
CA GLU E 135 -53.00 -3.68 26.25
C GLU E 135 -51.82 -3.67 25.30
N LEU E 136 -50.65 -3.20 25.74
CA LEU E 136 -49.43 -3.45 24.97
C LEU E 136 -49.02 -4.91 25.04
N ALA E 137 -49.42 -5.60 26.12
CA ALA E 137 -48.97 -6.97 26.37
C ALA E 137 -49.48 -7.93 25.32
N ARG E 138 -50.79 -7.95 25.07
CA ARG E 138 -51.28 -8.89 24.07
C ARG E 138 -51.03 -8.42 22.65
N ARG E 139 -50.72 -7.14 22.45
CA ARG E 139 -50.28 -6.71 21.12
C ARG E 139 -48.89 -7.26 20.80
N TYR E 140 -47.94 -7.15 21.74
CA TYR E 140 -46.64 -7.79 21.52
C TYR E 140 -46.75 -9.31 21.54
N ALA E 141 -47.69 -9.86 22.32
CA ALA E 141 -47.86 -11.30 22.33
C ALA E 141 -48.48 -11.82 21.03
N HIS E 142 -49.25 -10.97 20.34
CA HIS E 142 -49.72 -11.37 19.01
C HIS E 142 -48.64 -11.19 17.96
N ASN E 143 -47.81 -10.16 18.07
CA ASN E 143 -46.67 -10.04 17.15
C ASN E 143 -45.61 -11.11 17.39
N LEU E 144 -45.62 -11.75 18.56
CA LEU E 144 -44.80 -12.93 18.78
C LEU E 144 -45.49 -14.22 18.39
N ALA E 145 -46.81 -14.30 18.57
CA ALA E 145 -47.50 -15.58 18.37
C ALA E 145 -47.78 -15.85 16.90
N ASN E 146 -47.90 -14.81 16.08
CA ASN E 146 -47.81 -15.02 14.64
C ASN E 146 -46.34 -14.89 14.26
N ALA E 147 -46.05 -14.78 12.99
CA ALA E 147 -44.65 -14.76 12.57
C ALA E 147 -44.36 -13.55 11.71
N ARG E 148 -44.73 -12.36 12.22
CA ARG E 148 -44.39 -11.13 11.52
C ARG E 148 -42.89 -10.90 11.44
N PHE E 149 -42.12 -11.48 12.37
CA PHE E 149 -40.67 -11.40 12.28
C PHE E 149 -40.10 -12.17 11.09
N LEU E 150 -40.84 -13.14 10.56
CA LEU E 150 -40.60 -13.59 9.20
C LEU E 150 -41.11 -12.50 8.28
N TRP E 151 -40.20 -11.73 7.69
CA TRP E 151 -40.62 -10.57 6.91
C TRP E 151 -41.12 -10.95 5.53
N ARG E 152 -40.26 -11.53 4.71
CA ARG E 152 -40.69 -12.00 3.40
C ARG E 152 -40.85 -13.51 3.36
N ASN E 153 -40.31 -14.22 4.35
CA ASN E 153 -40.46 -15.67 4.38
C ASN E 153 -41.87 -16.08 4.76
N ARG E 154 -42.66 -15.17 5.32
CA ARG E 154 -44.02 -15.51 5.77
C ARG E 154 -44.99 -15.60 4.61
N VAL E 155 -44.92 -14.65 3.67
CA VAL E 155 -45.88 -14.60 2.58
C VAL E 155 -45.63 -15.77 1.62
N GLY E 156 -46.72 -16.39 1.17
CA GLY E 156 -46.64 -17.50 0.25
C GLY E 156 -46.40 -18.85 0.88
N ALA E 157 -46.02 -18.90 2.15
CA ALA E 157 -45.83 -20.17 2.83
C ALA E 157 -47.17 -20.76 3.21
N GLU E 158 -47.16 -22.05 3.55
CA GLU E 158 -48.39 -22.80 3.77
C GLU E 158 -48.74 -22.98 5.25
N ALA E 159 -47.83 -23.54 6.05
CA ALA E 159 -48.11 -23.86 7.44
C ALA E 159 -47.06 -23.18 8.32
N VAL E 160 -47.34 -21.95 8.72
CA VAL E 160 -46.41 -21.16 9.52
C VAL E 160 -46.78 -21.32 10.99
N GLU E 161 -45.78 -21.53 11.84
CA GLU E 161 -46.01 -21.94 13.21
C GLU E 161 -44.96 -21.28 14.10
N VAL E 162 -45.31 -21.04 15.37
CA VAL E 162 -44.45 -20.38 16.33
C VAL E 162 -44.36 -21.23 17.59
N ARG E 163 -43.14 -21.51 18.06
CA ARG E 163 -42.88 -22.31 19.25
C ARG E 163 -42.16 -21.46 20.29
N ILE E 164 -42.91 -20.77 21.14
CA ILE E 164 -42.33 -19.92 22.17
C ILE E 164 -42.13 -20.74 23.44
N ASN E 165 -40.88 -20.82 23.91
CA ASN E 165 -40.55 -21.41 25.19
C ASN E 165 -40.37 -20.31 26.22
N HIS E 166 -39.93 -20.69 27.42
CA HIS E 166 -39.83 -19.75 28.54
C HIS E 166 -38.82 -20.27 29.54
N ILE E 167 -37.75 -19.51 29.76
CA ILE E 167 -36.55 -20.02 30.42
C ILE E 167 -36.32 -19.25 31.71
N ARG E 168 -36.19 -19.98 32.83
CA ARG E 168 -35.75 -19.39 34.09
C ARG E 168 -34.65 -20.18 34.80
N GLN E 169 -34.29 -21.35 34.29
CA GLN E 169 -33.04 -22.05 34.61
C GLN E 169 -32.69 -22.88 33.37
N GLY E 170 -31.86 -23.89 33.53
CA GLY E 170 -31.52 -24.74 32.39
C GLY E 170 -32.59 -25.72 31.94
N GLU E 171 -33.83 -25.23 31.79
CA GLU E 171 -35.01 -25.98 31.35
C GLU E 171 -36.10 -24.93 31.08
N VAL E 172 -37.27 -25.40 30.67
CA VAL E 172 -38.37 -24.54 30.22
C VAL E 172 -39.55 -24.69 31.18
N ALA E 173 -40.05 -23.55 31.66
CA ALA E 173 -41.11 -23.56 32.68
C ALA E 173 -42.43 -24.02 32.08
N ARG E 174 -42.97 -23.28 31.13
CA ARG E 174 -44.14 -23.73 30.40
C ARG E 174 -43.96 -23.37 28.94
N ALA E 175 -44.31 -24.29 28.05
CA ALA E 175 -44.09 -24.12 26.63
C ALA E 175 -45.38 -23.73 25.93
N TRP E 176 -45.32 -22.68 25.13
CA TRP E 176 -46.41 -22.28 24.26
C TRP E 176 -46.24 -22.90 22.87
N ARG E 177 -47.37 -23.16 22.23
CA ARG E 177 -47.40 -23.51 20.81
C ARG E 177 -48.56 -22.75 20.16
N PHE E 178 -48.42 -22.43 18.89
CA PHE E 178 -49.44 -21.64 18.21
C PHE E 178 -49.59 -22.15 16.78
N ASP E 179 -50.31 -21.37 15.98
CA ASP E 179 -50.34 -21.49 14.53
C ASP E 179 -50.47 -20.08 13.99
N ALA E 180 -49.57 -19.71 13.09
CA ALA E 180 -49.32 -18.30 12.81
C ALA E 180 -50.19 -17.71 11.71
N LEU E 181 -50.81 -18.53 10.86
CA LEU E 181 -51.65 -18.00 9.81
C LEU E 181 -53.12 -17.97 10.16
N ALA E 182 -53.52 -18.66 11.24
CA ALA E 182 -54.87 -18.51 11.76
C ALA E 182 -55.06 -17.11 12.33
N ILE E 183 -54.17 -16.69 13.23
CA ILE E 183 -54.17 -15.31 13.68
C ILE E 183 -53.57 -14.42 12.59
N GLY E 184 -54.33 -13.43 12.15
CA GLY E 184 -53.97 -12.64 11.00
C GLY E 184 -53.03 -11.52 11.32
N LEU E 185 -53.18 -10.41 10.61
CA LEU E 185 -52.47 -9.16 10.89
C LEU E 185 -53.42 -8.01 11.13
N ARG E 186 -54.74 -8.26 11.09
CA ARG E 186 -55.76 -7.27 11.39
C ARG E 186 -56.17 -7.31 12.85
N ASP E 187 -56.42 -8.50 13.39
CA ASP E 187 -57.10 -8.67 14.66
C ASP E 187 -56.09 -8.88 15.78
N PHE E 188 -56.41 -8.31 16.94
CA PHE E 188 -55.71 -8.50 18.22
C PHE E 188 -56.75 -9.02 19.21
N LYS E 189 -56.96 -10.34 19.21
CA LYS E 189 -57.98 -10.97 20.04
C LYS E 189 -57.30 -11.97 20.97
N ALA E 190 -57.44 -11.74 22.28
CA ALA E 190 -56.83 -12.62 23.27
C ALA E 190 -57.54 -13.96 23.31
N ASP E 191 -56.82 -14.97 23.79
CA ASP E 191 -57.31 -16.34 23.76
C ASP E 191 -57.25 -16.96 25.15
N ALA E 192 -57.48 -18.26 25.24
CA ALA E 192 -57.29 -18.98 26.49
C ALA E 192 -55.83 -19.33 26.75
N GLU E 193 -54.97 -19.17 25.76
CA GLU E 193 -53.56 -19.48 25.86
C GLU E 193 -52.67 -18.28 25.65
N LEU E 194 -53.03 -17.40 24.72
CA LEU E 194 -52.15 -16.29 24.35
C LEU E 194 -52.16 -15.19 25.39
N ASP E 195 -53.28 -15.02 26.10
CA ASP E 195 -53.33 -13.98 27.11
C ASP E 195 -52.54 -14.37 28.34
N ALA E 196 -52.28 -15.67 28.53
CA ALA E 196 -51.38 -16.14 29.58
C ALA E 196 -49.91 -16.01 29.23
N LEU E 197 -49.60 -15.51 28.03
CA LEU E 197 -48.27 -15.03 27.68
C LEU E 197 -48.21 -13.51 27.67
N ALA E 198 -49.35 -12.88 27.35
CA ALA E 198 -49.48 -11.44 27.55
C ALA E 198 -49.29 -11.06 29.01
N GLU E 199 -49.88 -11.82 29.93
CA GLU E 199 -49.68 -11.57 31.36
C GLU E 199 -48.23 -11.81 31.76
N LEU E 200 -47.56 -12.75 31.09
CA LEU E 200 -46.14 -13.01 31.34
C LEU E 200 -45.28 -11.81 30.99
N ILE E 201 -45.47 -11.25 29.79
CA ILE E 201 -44.63 -10.11 29.44
C ILE E 201 -45.09 -8.83 30.15
N ALA E 202 -46.35 -8.74 30.57
CA ALA E 202 -46.76 -7.56 31.33
C ALA E 202 -46.22 -7.61 32.75
N SER E 203 -46.03 -8.81 33.31
CA SER E 203 -45.35 -8.91 34.59
C SER E 203 -43.84 -8.77 34.43
N GLY E 204 -43.30 -9.16 33.28
CA GLY E 204 -41.89 -8.98 33.03
C GLY E 204 -41.50 -7.53 32.82
N LEU E 205 -42.43 -6.71 32.33
CA LEU E 205 -42.17 -5.28 32.20
C LEU E 205 -42.38 -4.51 33.50
N SER E 206 -42.59 -5.20 34.62
CA SER E 206 -42.75 -4.55 35.92
C SER E 206 -41.78 -5.09 36.97
N GLY E 207 -40.90 -6.02 36.59
CA GLY E 207 -39.90 -6.53 37.50
C GLY E 207 -40.34 -7.69 38.36
N SER E 208 -41.28 -8.50 37.89
CA SER E 208 -41.84 -9.59 38.70
C SER E 208 -41.37 -10.96 38.21
N GLY E 209 -40.12 -11.06 37.83
CA GLY E 209 -39.54 -12.32 37.38
C GLY E 209 -38.66 -12.08 36.16
N HIS E 210 -37.74 -13.01 35.94
CA HIS E 210 -36.85 -12.95 34.79
C HIS E 210 -37.41 -13.86 33.71
N VAL E 211 -37.90 -13.26 32.63
CA VAL E 211 -38.48 -14.02 31.53
C VAL E 211 -37.52 -13.96 30.35
N LEU E 212 -37.49 -15.05 29.59
CA LEU E 212 -36.54 -15.20 28.49
C LEU E 212 -37.25 -16.02 27.42
N LEU E 213 -37.84 -15.34 26.45
CA LEU E 213 -38.65 -15.98 25.43
C LEU E 213 -37.76 -16.48 24.30
N GLU E 214 -37.89 -17.75 23.95
CA GLU E 214 -37.16 -18.37 22.85
C GLU E 214 -38.15 -18.61 21.72
N VAL E 215 -38.19 -17.69 20.78
CA VAL E 215 -39.24 -17.65 19.76
C VAL E 215 -38.74 -18.43 18.54
N VAL E 216 -39.24 -19.64 18.37
CA VAL E 216 -38.85 -20.51 17.27
C VAL E 216 -39.98 -20.53 16.26
N ALA E 217 -39.67 -20.28 14.99
CA ALA E 217 -40.68 -20.29 13.94
C ALA E 217 -40.47 -21.47 13.00
N PHE E 218 -41.52 -21.79 12.24
CA PHE E 218 -41.45 -22.86 11.25
C PHE E 218 -42.32 -22.45 10.06
N ALA E 219 -41.69 -21.92 9.02
CA ALA E 219 -42.37 -21.58 7.78
C ALA E 219 -42.19 -22.74 6.80
N ARG E 220 -43.31 -23.29 6.34
CA ARG E 220 -43.33 -24.39 5.38
C ARG E 220 -43.37 -23.78 4.00
N ILE E 221 -42.24 -23.82 3.28
CA ILE E 221 -42.06 -22.97 2.13
C ILE E 221 -41.91 -23.74 0.81
N GLY E 222 -41.21 -24.86 0.79
CA GLY E 222 -41.15 -25.69 -0.40
C GLY E 222 -39.84 -26.44 -0.60
N ASP E 223 -39.90 -27.48 -1.42
CA ASP E 223 -38.76 -28.36 -1.70
C ASP E 223 -37.69 -27.58 -2.45
N GLY E 224 -36.57 -27.29 -1.78
CA GLY E 224 -35.47 -26.61 -2.42
C GLY E 224 -35.78 -25.19 -2.86
N GLN E 225 -36.64 -24.51 -2.12
CA GLN E 225 -37.07 -23.16 -2.46
C GLN E 225 -36.01 -22.18 -1.95
N GLU E 226 -36.29 -20.89 -1.95
CA GLU E 226 -35.35 -19.88 -1.49
C GLU E 226 -35.93 -19.12 -0.30
N VAL E 227 -35.05 -18.66 0.58
CA VAL E 227 -35.45 -17.90 1.76
C VAL E 227 -34.98 -16.46 1.61
N PHE E 228 -35.29 -15.63 2.60
CA PHE E 228 -34.92 -14.22 2.57
C PHE E 228 -34.35 -13.79 3.91
N PRO E 229 -33.04 -13.89 4.10
CA PRO E 229 -32.40 -13.21 5.22
C PRO E 229 -32.15 -11.75 4.89
N SER E 230 -32.01 -10.96 5.94
CA SER E 230 -31.71 -9.54 5.76
C SER E 230 -30.30 -9.38 5.23
N GLN E 231 -30.04 -8.28 4.55
CA GLN E 231 -28.84 -8.16 3.75
C GLN E 231 -28.03 -6.95 4.15
N GLU E 232 -26.71 -7.12 4.13
CA GLU E 232 -25.78 -6.13 4.67
C GLU E 232 -25.61 -4.96 3.71
N LEU E 233 -24.67 -4.10 4.03
CA LEU E 233 -24.40 -2.87 3.31
C LEU E 233 -23.03 -3.02 2.68
N ILE E 234 -22.99 -3.63 1.50
CA ILE E 234 -21.80 -3.60 0.69
C ILE E 234 -21.94 -2.41 -0.24
N LEU E 235 -20.81 -1.91 -0.75
CA LEU E 235 -20.85 -0.73 -1.60
C LEU E 235 -19.79 -0.89 -2.69
N ASP E 236 -20.24 -0.92 -3.94
CA ASP E 236 -19.35 -0.94 -5.10
C ASP E 236 -18.81 0.47 -5.25
N LYS E 237 -17.65 0.72 -4.63
CA LYS E 237 -17.01 2.04 -4.63
C LYS E 237 -16.03 2.21 -5.78
N GLY E 238 -16.25 1.53 -6.90
CA GLY E 238 -15.26 1.48 -7.95
C GLY E 238 -14.03 0.73 -7.52
N ASP E 239 -14.21 -0.35 -6.75
CA ASP E 239 -13.10 -1.07 -6.15
C ASP E 239 -12.46 -2.02 -7.16
N LYS E 240 -11.60 -2.89 -6.65
CA LYS E 240 -10.89 -3.85 -7.47
C LYS E 240 -11.77 -5.07 -7.74
N LYS E 241 -11.55 -5.70 -8.89
CA LYS E 241 -12.06 -7.02 -9.28
C LYS E 241 -13.56 -7.08 -9.51
N GLY E 242 -14.28 -5.96 -9.44
CA GLY E 242 -15.71 -5.99 -9.71
C GLY E 242 -16.54 -6.67 -8.64
N GLN E 243 -16.70 -6.00 -7.49
CA GLN E 243 -17.30 -6.58 -6.30
C GLN E 243 -18.79 -6.90 -6.50
N LYS E 244 -19.38 -7.48 -5.46
CA LYS E 244 -20.79 -7.85 -5.47
C LYS E 244 -21.67 -6.60 -5.44
N SER E 245 -22.90 -6.78 -5.91
CA SER E 245 -23.92 -5.75 -5.80
C SER E 245 -24.95 -6.06 -4.73
N LYS E 246 -24.97 -7.29 -4.22
CA LYS E 246 -25.92 -7.66 -3.17
C LYS E 246 -25.33 -8.84 -2.40
N THR E 247 -24.79 -8.56 -1.22
CA THR E 247 -24.44 -9.60 -0.27
C THR E 247 -25.43 -9.55 0.89
N LEU E 248 -25.43 -10.61 1.70
CA LEU E 248 -26.45 -10.70 2.72
C LEU E 248 -25.89 -11.20 4.03
N TYR E 249 -26.59 -10.82 5.12
CA TYR E 249 -26.03 -10.86 6.46
C TYR E 249 -25.91 -12.28 6.97
N SER E 250 -24.71 -12.64 7.40
CA SER E 250 -24.47 -13.94 7.96
C SER E 250 -23.86 -13.80 9.35
N VAL E 251 -23.93 -14.90 10.08
CA VAL E 251 -23.23 -15.13 11.33
C VAL E 251 -22.40 -16.33 10.91
N ARG E 252 -21.68 -16.98 11.83
CA ARG E 252 -20.91 -18.19 11.57
C ARG E 252 -21.75 -19.23 10.83
N ASP E 253 -21.34 -19.51 9.57
CA ASP E 253 -21.88 -20.41 8.55
C ASP E 253 -23.41 -20.49 8.51
N ALA E 254 -24.09 -19.35 8.67
CA ALA E 254 -25.54 -19.32 8.74
C ALA E 254 -26.03 -17.93 8.40
N ALA E 255 -27.06 -17.86 7.57
CA ALA E 255 -27.67 -16.57 7.26
C ALA E 255 -28.50 -16.10 8.44
N ALA E 256 -28.82 -14.80 8.45
CA ALA E 256 -29.55 -14.24 9.58
C ALA E 256 -30.27 -12.97 9.19
N ILE E 257 -31.26 -12.63 10.00
CA ILE E 257 -31.91 -11.32 9.97
C ILE E 257 -31.35 -10.54 11.16
N HIS E 258 -31.22 -9.23 10.99
CA HIS E 258 -30.61 -8.42 12.04
C HIS E 258 -31.53 -8.31 13.25
N SER E 259 -30.93 -7.96 14.39
CA SER E 259 -31.70 -7.80 15.62
C SER E 259 -32.62 -6.60 15.54
N GLN E 260 -32.21 -5.54 14.85
CA GLN E 260 -33.05 -4.35 14.79
C GLN E 260 -34.25 -4.57 13.88
N LYS E 261 -34.13 -5.42 12.87
CA LYS E 261 -35.28 -5.70 12.01
C LYS E 261 -36.25 -6.65 12.70
N ILE E 262 -35.72 -7.66 13.41
CA ILE E 262 -36.56 -8.59 14.14
C ILE E 262 -37.11 -7.98 15.42
N GLY E 263 -36.59 -6.83 15.84
CA GLY E 263 -37.18 -6.09 16.93
C GLY E 263 -38.09 -5.00 16.41
N ASN E 264 -37.92 -4.65 15.13
CA ASN E 264 -38.86 -3.76 14.47
C ASN E 264 -40.16 -4.47 14.18
N ALA E 265 -40.09 -5.77 13.90
CA ALA E 265 -41.31 -6.52 13.64
C ALA E 265 -42.17 -6.67 14.88
N LEU E 266 -41.56 -6.79 16.06
CA LEU E 266 -42.32 -6.90 17.30
C LEU E 266 -43.04 -5.60 17.62
N ARG E 267 -42.36 -4.46 17.52
CA ARG E 267 -42.95 -3.20 17.92
C ARG E 267 -43.86 -2.59 16.86
N THR E 268 -44.31 -3.37 15.88
CA THR E 268 -45.45 -2.98 15.06
C THR E 268 -46.71 -3.07 15.91
N ILE E 269 -47.11 -1.96 16.51
CA ILE E 269 -48.15 -1.98 17.53
C ILE E 269 -49.29 -1.06 17.14
N ASP E 270 -48.97 0.22 16.89
CA ASP E 270 -49.98 1.26 17.02
C ASP E 270 -50.95 1.27 15.86
N THR E 271 -52.21 1.00 16.17
CA THR E 271 -53.34 1.33 15.33
C THR E 271 -53.92 2.69 15.70
N TRP E 272 -53.08 3.60 16.22
CA TRP E 272 -53.51 4.88 16.72
C TRP E 272 -52.91 6.03 15.92
N TYR E 273 -52.95 5.93 14.61
CA TYR E 273 -52.34 6.85 13.68
C TYR E 273 -53.43 7.65 12.95
N PRO E 274 -53.16 8.91 12.56
CA PRO E 274 -54.25 9.80 12.13
C PRO E 274 -54.75 9.60 10.72
N ASP E 275 -54.46 8.45 10.09
CA ASP E 275 -54.95 8.20 8.73
C ASP E 275 -56.12 7.22 8.73
N GLU E 276 -55.93 6.02 9.26
CA GLU E 276 -56.95 4.97 9.19
C GLU E 276 -56.67 3.96 10.29
N ASP E 277 -57.28 2.79 10.17
CA ASP E 277 -56.91 1.63 10.99
C ASP E 277 -56.74 0.41 10.10
N GLY E 278 -57.42 0.42 8.94
CA GLY E 278 -57.43 -0.66 7.99
C GLY E 278 -56.22 -0.80 7.10
N LEU E 279 -55.28 0.14 7.17
CA LEU E 279 -54.00 -0.04 6.49
C LEU E 279 -53.03 -0.89 7.29
N GLY E 280 -53.43 -1.33 8.49
CA GLY E 280 -52.61 -2.20 9.28
C GLY E 280 -51.89 -1.48 10.39
N PRO E 281 -51.17 -2.23 11.22
CA PRO E 281 -50.33 -1.59 12.24
C PRO E 281 -49.00 -1.15 11.68
N ILE E 282 -48.39 -0.21 12.40
CA ILE E 282 -47.13 0.43 12.03
C ILE E 282 -46.21 0.22 13.23
N ALA E 283 -44.90 0.20 13.00
CA ALA E 283 -43.94 0.29 14.09
C ALA E 283 -44.15 1.56 14.91
N VAL E 284 -43.87 1.47 16.19
CA VAL E 284 -43.90 2.64 17.06
C VAL E 284 -42.52 3.29 17.05
N GLU E 285 -42.49 4.59 16.76
CA GLU E 285 -41.30 5.41 16.88
C GLU E 285 -41.75 6.86 16.95
N PRO E 286 -40.84 7.79 17.31
CA PRO E 286 -41.15 9.20 17.06
C PRO E 286 -41.35 9.46 15.58
N TYR E 287 -42.45 10.16 15.27
CA TYR E 287 -42.95 10.39 13.92
C TYR E 287 -43.16 9.06 13.20
N GLY E 288 -44.09 8.26 13.74
CA GLY E 288 -44.26 6.85 13.41
C GLY E 288 -44.53 6.53 11.96
N SER E 289 -43.54 5.96 11.28
CA SER E 289 -43.54 5.87 9.83
C SER E 289 -43.25 4.45 9.38
N VAL E 290 -43.47 4.21 8.08
CA VAL E 290 -43.09 2.97 7.43
C VAL E 290 -42.09 3.33 6.35
N THR E 291 -40.94 2.65 6.35
CA THR E 291 -39.90 2.96 5.38
C THR E 291 -40.27 2.45 3.99
N SER E 292 -40.94 1.30 3.93
CA SER E 292 -41.35 0.76 2.63
C SER E 292 -42.47 1.58 2.02
N GLN E 293 -43.55 1.81 2.78
CA GLN E 293 -44.72 2.51 2.25
C GLN E 293 -44.44 3.99 2.00
N GLY E 294 -43.36 4.55 2.54
CA GLY E 294 -42.84 5.83 2.09
C GLY E 294 -43.29 7.10 2.78
N LYS E 295 -44.56 7.19 3.17
CA LYS E 295 -45.03 8.38 3.85
C LYS E 295 -44.98 8.17 5.35
N ALA E 296 -44.83 9.28 6.07
CA ALA E 296 -44.68 9.25 7.52
C ALA E 296 -46.01 9.59 8.17
N TYR E 297 -46.55 8.65 8.95
CA TYR E 297 -47.69 8.96 9.80
C TYR E 297 -47.19 9.69 11.04
N ARG E 298 -48.14 10.05 11.92
CA ARG E 298 -47.91 10.75 13.17
C ARG E 298 -47.16 12.06 12.92
N GLN E 299 -47.74 12.88 12.05
CA GLN E 299 -47.08 14.08 11.57
C GLN E 299 -47.00 15.15 12.67
N PRO E 300 -46.00 16.03 12.60
CA PRO E 300 -45.96 17.18 13.52
C PRO E 300 -46.95 18.29 13.20
N LYS E 301 -47.64 18.23 12.05
CA LYS E 301 -48.81 19.09 11.86
C LYS E 301 -49.87 18.76 12.88
N GLN E 302 -50.24 17.48 12.96
CA GLN E 302 -51.02 16.98 14.06
C GLN E 302 -50.23 17.10 15.36
N LYS E 303 -50.95 17.15 16.47
CA LYS E 303 -50.31 17.16 17.77
C LYS E 303 -50.03 15.76 18.29
N LEU E 304 -49.93 14.78 17.39
CA LEU E 304 -49.84 13.37 17.75
C LEU E 304 -48.47 12.79 17.43
N ASP E 305 -47.41 13.55 17.68
CA ASP E 305 -46.06 13.01 17.68
C ASP E 305 -45.82 12.23 18.96
N PHE E 306 -44.63 11.65 19.06
CA PHE E 306 -44.17 11.23 20.38
C PHE E 306 -43.61 12.42 21.15
N TYR E 307 -42.82 13.25 20.48
CA TYR E 307 -42.20 14.45 21.03
C TYR E 307 -43.19 15.57 21.31
N THR E 308 -44.47 15.38 21.02
CA THR E 308 -45.54 16.27 21.45
C THR E 308 -46.37 15.67 22.58
N LEU E 309 -46.71 14.38 22.49
CA LEU E 309 -47.47 13.73 23.55
C LEU E 309 -46.69 13.64 24.86
N LEU E 310 -45.41 13.27 24.81
CA LEU E 310 -44.69 13.08 26.07
C LEU E 310 -44.38 14.42 26.73
N ASP E 311 -43.98 15.44 25.98
CA ASP E 311 -43.68 16.69 26.66
C ASP E 311 -44.94 17.49 26.99
N ASN E 312 -46.08 17.24 26.33
CA ASN E 312 -47.32 17.82 26.83
C ASN E 312 -47.95 17.00 27.95
N TRP E 313 -47.51 15.76 28.16
CA TRP E 313 -48.03 14.96 29.26
C TRP E 313 -47.18 15.10 30.51
N VAL E 314 -45.91 15.43 30.38
CA VAL E 314 -45.06 15.59 31.54
C VAL E 314 -45.06 17.04 32.01
N LEU E 315 -44.69 17.95 31.10
CA LEU E 315 -44.41 19.33 31.49
C LEU E 315 -45.70 20.09 31.80
N ARG E 316 -46.57 20.22 30.80
CA ARG E 316 -47.86 20.90 30.97
C ARG E 316 -48.91 20.01 31.63
N ASP E 317 -48.61 18.71 31.80
CA ASP E 317 -49.49 17.70 32.39
C ASP E 317 -50.85 17.62 31.66
N GLU E 318 -50.84 17.83 30.34
CA GLU E 318 -52.04 17.68 29.53
C GLU E 318 -52.09 16.23 29.08
N ALA E 319 -52.78 15.41 29.86
CA ALA E 319 -52.77 13.97 29.64
C ALA E 319 -53.54 13.60 28.39
N PRO E 320 -53.03 12.69 27.57
CA PRO E 320 -53.78 12.26 26.38
C PRO E 320 -54.80 11.19 26.73
N ALA E 321 -55.43 10.62 25.70
CA ALA E 321 -56.41 9.56 25.92
C ALA E 321 -55.72 8.29 26.40
N VAL E 322 -56.46 7.51 27.20
CA VAL E 322 -56.00 6.21 27.70
C VAL E 322 -55.76 5.26 26.54
N GLU E 323 -56.52 5.43 25.47
CA GLU E 323 -56.45 4.73 24.20
C GLU E 323 -55.20 5.10 23.39
N GLN E 324 -54.37 6.03 23.87
CA GLN E 324 -53.17 6.44 23.14
C GLN E 324 -51.93 6.58 24.02
N GLN E 325 -52.06 6.44 25.36
CA GLN E 325 -50.89 6.41 26.23
C GLN E 325 -50.03 5.18 25.99
N HIS E 326 -50.64 4.11 25.46
CA HIS E 326 -49.92 2.89 25.12
C HIS E 326 -48.84 3.14 24.09
N TYR E 327 -49.05 4.12 23.19
CA TYR E 327 -48.05 4.52 22.22
C TYR E 327 -46.81 5.09 22.89
N VAL E 328 -47.00 6.01 23.84
CA VAL E 328 -45.88 6.68 24.48
C VAL E 328 -45.11 5.72 25.37
N ILE E 329 -45.83 4.85 26.10
CA ILE E 329 -45.11 3.85 26.88
C ILE E 329 -44.45 2.80 25.96
N ALA E 330 -45.01 2.56 24.78
CA ALA E 330 -44.42 1.59 23.86
C ALA E 330 -43.10 2.09 23.26
N ASN E 331 -43.03 3.37 22.90
CA ASN E 331 -41.73 3.87 22.44
C ASN E 331 -40.92 4.53 23.54
N LEU E 332 -41.31 4.34 24.80
CA LEU E 332 -40.30 4.36 25.87
C LEU E 332 -39.76 2.98 26.16
N ILE E 333 -40.50 1.92 25.82
CA ILE E 333 -39.92 0.58 25.79
C ILE E 333 -38.93 0.47 24.62
N ARG E 334 -39.23 1.13 23.50
CA ARG E 334 -38.28 1.21 22.40
C ARG E 334 -37.03 2.00 22.79
N GLY E 335 -37.20 3.18 23.37
CA GLY E 335 -36.06 3.95 23.82
C GLY E 335 -35.51 4.90 22.79
N GLY E 336 -34.22 5.19 22.87
CA GLY E 336 -33.54 6.03 21.90
C GLY E 336 -33.01 7.31 22.52
N VAL E 337 -32.17 7.98 21.74
CA VAL E 337 -31.62 9.27 22.15
C VAL E 337 -32.69 10.34 22.01
N PHE E 338 -32.97 11.04 23.10
CA PHE E 338 -33.96 12.11 23.13
C PHE E 338 -33.23 13.42 23.42
N GLY E 339 -33.99 14.50 23.59
CA GLY E 339 -33.37 15.79 23.80
C GLY E 339 -32.93 16.42 22.48
N GLU E 340 -32.43 17.64 22.60
CA GLU E 340 -32.12 18.47 21.43
C GLU E 340 -30.86 17.99 20.70
N ILE F 7 1.96 30.41 57.18
CA ILE F 7 3.05 29.44 57.24
C ILE F 7 2.56 28.06 56.86
N LEU F 8 3.46 27.28 56.24
CA LEU F 8 3.23 25.91 55.78
C LEU F 8 2.05 25.83 54.83
N SER F 9 2.20 26.49 53.69
CA SER F 9 1.14 26.56 52.69
C SER F 9 1.16 25.30 51.83
N THR F 10 0.32 25.28 50.80
CA THR F 10 0.10 24.08 50.00
C THR F 10 1.22 23.89 48.98
N ALA F 11 1.21 22.73 48.34
CA ALA F 11 2.15 22.40 47.28
C ALA F 11 1.46 22.66 45.95
N SER F 12 2.07 23.53 45.13
CA SER F 12 1.37 24.05 43.95
C SER F 12 1.29 23.02 42.84
N VAL F 13 2.21 22.06 42.80
CA VAL F 13 2.19 20.95 41.85
C VAL F 13 2.34 19.68 42.68
N LEU F 14 1.31 18.86 42.72
CA LEU F 14 1.31 17.67 43.54
C LEU F 14 0.43 16.60 42.90
N ALA F 15 0.93 15.37 42.88
CA ALA F 15 0.23 14.31 42.15
C ALA F 15 0.50 12.97 42.81
N PHE F 16 -0.52 12.13 42.89
CA PHE F 16 -0.42 10.81 43.49
C PHE F 16 -0.50 9.75 42.40
N GLU F 17 -0.02 8.57 42.74
CA GLU F 17 -0.09 7.44 41.83
C GLU F 17 -1.42 6.72 42.02
N ARG F 18 -1.61 5.60 41.34
CA ARG F 18 -2.77 4.75 41.57
C ARG F 18 -2.60 3.91 42.81
N LYS F 19 -3.70 3.65 43.48
CA LYS F 19 -3.87 2.47 44.30
C LYS F 19 -5.16 1.84 43.81
N LEU F 20 -5.36 0.57 44.21
CA LEU F 20 -6.40 -0.30 43.64
C LEU F 20 -6.25 -0.36 42.12
N ASP F 21 -5.14 -0.95 41.68
CA ASP F 21 -4.76 -0.98 40.28
C ASP F 21 -5.52 -2.07 39.53
N PRO F 22 -6.41 -1.71 38.60
CA PRO F 22 -7.17 -2.74 37.88
C PRO F 22 -6.42 -3.26 36.67
N SER F 23 -7.08 -4.04 35.84
CA SER F 23 -6.55 -4.40 34.53
C SER F 23 -7.63 -4.21 33.48
N ASP F 24 -7.38 -4.66 32.26
CA ASP F 24 -8.44 -4.74 31.26
C ASP F 24 -9.18 -6.05 31.42
N ALA F 25 -10.50 -5.98 31.41
CA ALA F 25 -11.34 -7.14 31.57
C ALA F 25 -11.77 -7.63 30.19
N LEU F 26 -11.26 -8.79 29.78
CA LEU F 26 -11.60 -9.37 28.50
C LEU F 26 -12.71 -10.40 28.68
N MET F 27 -13.49 -10.59 27.63
CA MET F 27 -14.73 -11.35 27.69
C MET F 27 -14.60 -12.72 27.05
N SER F 28 -15.56 -13.58 27.35
CA SER F 28 -15.86 -14.80 26.62
C SER F 28 -17.29 -15.20 26.95
N ALA F 29 -17.70 -16.40 26.55
CA ALA F 29 -19.06 -16.85 26.80
C ALA F 29 -19.09 -18.37 26.81
N GLY F 30 -19.98 -18.93 27.61
CA GLY F 30 -20.14 -20.36 27.69
C GLY F 30 -21.47 -20.76 28.27
N ALA F 31 -21.51 -21.95 28.83
CA ALA F 31 -22.72 -22.51 29.42
C ALA F 31 -22.67 -22.45 30.94
N TRP F 32 -23.82 -22.26 31.55
CA TRP F 32 -23.91 -22.24 33.01
C TRP F 32 -23.69 -23.64 33.55
N ALA F 33 -22.98 -23.70 34.68
CA ALA F 33 -22.44 -24.89 35.38
C ALA F 33 -21.31 -25.57 34.61
N GLN F 34 -21.00 -25.12 33.38
CA GLN F 34 -19.75 -25.41 32.72
C GLN F 34 -18.69 -24.42 33.18
N ARG F 35 -19.10 -23.38 33.91
CA ARG F 35 -18.25 -22.30 34.38
C ARG F 35 -17.11 -22.76 35.30
N ASP F 36 -17.19 -23.96 35.86
CA ASP F 36 -16.18 -24.39 36.82
C ASP F 36 -14.90 -24.84 36.13
N ALA F 37 -15.02 -25.50 34.98
CA ALA F 37 -13.88 -25.93 34.19
C ALA F 37 -13.56 -24.95 33.07
N SER F 38 -13.77 -23.65 33.30
CA SER F 38 -13.75 -22.64 32.26
C SER F 38 -12.44 -21.86 32.32
N GLN F 39 -11.43 -22.36 31.63
CA GLN F 39 -10.23 -21.59 31.31
C GLN F 39 -9.95 -21.60 29.82
N GLU F 40 -10.94 -21.98 29.01
CA GLU F 40 -10.72 -22.19 27.59
C GLU F 40 -11.86 -21.70 26.71
N TRP F 41 -12.79 -20.92 27.25
CA TRP F 41 -13.97 -20.51 26.50
C TRP F 41 -13.59 -19.53 25.38
N PRO F 42 -14.23 -19.63 24.22
CA PRO F 42 -13.92 -18.70 23.13
C PRO F 42 -14.45 -17.31 23.41
N ALA F 43 -13.65 -16.31 23.04
CA ALA F 43 -13.94 -14.94 23.42
C ALA F 43 -15.03 -14.35 22.54
N VAL F 44 -15.88 -13.53 23.14
CA VAL F 44 -16.91 -12.79 22.43
C VAL F 44 -16.22 -11.76 21.55
N THR F 45 -16.25 -11.97 20.24
CA THR F 45 -15.49 -11.13 19.32
C THR F 45 -16.36 -10.06 18.69
N VAL F 46 -15.73 -8.95 18.34
CA VAL F 46 -16.41 -7.81 17.76
C VAL F 46 -16.69 -8.10 16.29
N ARG F 47 -17.96 -8.11 15.92
CA ARG F 47 -18.34 -8.32 14.54
C ARG F 47 -18.72 -6.99 13.90
N GLU F 48 -19.24 -7.06 12.70
CA GLU F 48 -19.78 -5.91 11.99
C GLU F 48 -21.14 -6.28 11.43
N LYS F 49 -22.12 -5.42 11.62
CA LYS F 49 -23.41 -5.60 10.97
C LYS F 49 -23.85 -4.28 10.37
N SER F 50 -24.86 -4.34 9.53
CA SER F 50 -25.36 -3.18 8.81
C SER F 50 -26.67 -2.72 9.43
N VAL F 51 -26.81 -1.41 9.57
CA VAL F 51 -27.96 -0.80 10.25
C VAL F 51 -28.49 0.31 9.36
N ARG F 52 -29.80 0.31 9.11
CA ARG F 52 -30.44 1.37 8.34
C ARG F 52 -31.64 1.88 9.13
N GLY F 53 -31.43 2.94 9.90
CA GLY F 53 -32.48 3.54 10.69
C GLY F 53 -33.01 4.82 10.07
N THR F 54 -33.96 5.43 10.75
CA THR F 54 -34.72 6.56 10.27
C THR F 54 -34.62 7.71 11.28
N ILE F 55 -35.45 8.71 11.09
CA ILE F 55 -35.49 9.85 12.01
C ILE F 55 -36.15 9.40 13.32
N SER F 56 -35.32 9.18 14.35
CA SER F 56 -35.79 9.03 15.72
C SER F 56 -35.25 10.15 16.60
N ASN F 57 -34.87 11.26 15.98
CA ASN F 57 -34.19 12.36 16.65
C ASN F 57 -35.11 13.57 16.70
N ARG F 58 -34.98 14.36 17.76
CA ARG F 58 -35.85 15.52 17.98
C ARG F 58 -35.49 16.62 16.99
N LEU F 59 -36.40 16.90 16.06
CA LEU F 59 -36.24 17.96 15.09
C LEU F 59 -36.89 19.25 15.59
N LYS F 60 -36.25 20.36 15.29
CA LYS F 60 -36.83 21.68 15.56
C LYS F 60 -37.28 22.30 14.25
N THR F 61 -38.53 22.77 14.23
CA THR F 61 -39.14 23.25 13.00
C THR F 61 -38.63 24.67 12.72
N LYS F 62 -37.58 24.72 11.91
CA LYS F 62 -37.18 25.94 11.21
C LYS F 62 -37.13 25.61 9.73
N ASP F 63 -36.96 24.31 9.45
CA ASP F 63 -37.08 23.75 8.12
C ASP F 63 -37.92 22.48 8.06
N ARG F 64 -38.11 21.80 9.19
CA ARG F 64 -38.80 20.51 9.22
C ARG F 64 -40.31 20.74 9.13
N ASP F 65 -40.78 20.96 7.91
CA ASP F 65 -42.17 21.19 7.63
C ASP F 65 -42.97 19.89 7.82
N PRO F 66 -44.30 20.00 7.99
CA PRO F 66 -45.14 18.79 7.92
C PRO F 66 -45.08 18.06 6.58
N ALA F 67 -44.84 18.77 5.48
CA ALA F 67 -44.68 18.16 4.17
C ALA F 67 -43.21 17.91 3.82
N LYS F 68 -42.34 17.87 4.84
CA LYS F 68 -40.91 17.71 4.62
C LYS F 68 -40.38 16.34 5.03
N LEU F 69 -41.00 15.71 6.03
CA LEU F 69 -40.55 14.39 6.49
C LEU F 69 -40.92 13.27 5.51
N ASP F 70 -41.73 13.57 4.49
CA ASP F 70 -42.10 12.56 3.50
C ASP F 70 -40.91 12.13 2.65
N ALA F 71 -39.91 13.00 2.49
CA ALA F 71 -38.75 12.71 1.67
C ALA F 71 -37.62 12.07 2.45
N SER F 72 -37.52 12.36 3.75
CA SER F 72 -36.38 11.95 4.55
C SER F 72 -36.37 10.47 4.89
N ILE F 73 -37.43 9.73 4.57
CA ILE F 73 -37.51 8.33 4.96
C ILE F 73 -37.52 7.41 3.74
N GLN F 74 -37.01 7.88 2.60
CA GLN F 74 -36.68 6.99 1.49
C GLN F 74 -35.20 6.96 1.14
N SER F 75 -34.44 7.99 1.55
CA SER F 75 -32.97 7.96 1.50
C SER F 75 -32.48 8.17 2.92
N PRO F 76 -32.55 7.14 3.78
CA PRO F 76 -32.28 7.34 5.20
C PRO F 76 -30.80 7.39 5.49
N ASN F 77 -30.45 7.44 6.78
CA ASN F 77 -29.04 7.46 7.19
C ASN F 77 -28.61 6.01 7.41
N LEU F 78 -27.68 5.55 6.58
CA LEU F 78 -27.27 4.14 6.54
C LEU F 78 -25.98 4.00 7.33
N GLN F 79 -26.10 3.75 8.63
CA GLN F 79 -24.94 3.58 9.48
C GLN F 79 -24.34 2.19 9.30
N THR F 80 -23.21 1.96 9.97
CA THR F 80 -22.65 0.63 10.12
C THR F 80 -22.03 0.57 11.50
N VAL F 81 -22.43 -0.41 12.30
CA VAL F 81 -22.03 -0.45 13.70
C VAL F 81 -21.19 -1.71 13.92
N ASP F 82 -20.52 -1.74 15.07
CA ASP F 82 -19.86 -2.94 15.57
C ASP F 82 -20.66 -3.48 16.73
N VAL F 83 -21.00 -4.76 16.66
CA VAL F 83 -21.88 -5.39 17.63
C VAL F 83 -21.30 -6.74 18.01
N ALA F 84 -21.16 -6.98 19.32
CA ALA F 84 -20.73 -8.26 19.84
C ALA F 84 -21.91 -8.97 20.47
N ASN F 85 -22.12 -10.22 20.09
CA ASN F 85 -23.15 -11.06 20.68
C ASN F 85 -22.49 -12.36 21.13
N LEU F 86 -23.23 -13.16 21.87
CA LEU F 86 -22.73 -14.47 22.24
C LEU F 86 -22.85 -15.43 21.06
N PRO F 87 -22.15 -16.56 21.11
CA PRO F 87 -22.58 -17.70 20.32
C PRO F 87 -23.93 -18.17 20.81
N SER F 88 -24.76 -18.66 19.89
CA SER F 88 -26.14 -18.98 20.20
C SER F 88 -26.30 -20.33 20.89
N ASP F 89 -25.22 -21.01 21.23
CA ASP F 89 -25.27 -22.20 22.08
C ASP F 89 -24.74 -21.93 23.48
N ALA F 90 -24.50 -20.68 23.83
CA ALA F 90 -23.91 -20.31 25.11
C ALA F 90 -24.80 -19.28 25.78
N ASP F 91 -24.83 -19.31 27.12
CA ASP F 91 -25.70 -18.40 27.85
C ASP F 91 -25.10 -17.81 29.12
N THR F 92 -23.79 -17.61 29.17
CA THR F 92 -23.15 -16.88 30.25
C THR F 92 -22.20 -15.84 29.68
N LEU F 93 -21.61 -15.05 30.56
CA LEU F 93 -20.63 -14.04 30.17
C LEU F 93 -19.46 -14.10 31.15
N LYS F 94 -18.38 -14.76 30.75
CA LYS F 94 -17.16 -14.81 31.55
C LYS F 94 -16.35 -13.54 31.33
N VAL F 95 -16.15 -12.78 32.40
CA VAL F 95 -15.39 -11.54 32.37
C VAL F 95 -14.30 -11.64 33.42
N ARG F 96 -13.04 -11.51 33.00
CA ARG F 96 -11.91 -11.74 33.89
C ARG F 96 -10.96 -10.57 33.85
N PHE F 97 -10.66 -10.01 35.02
CA PHE F 97 -9.63 -9.00 35.16
C PHE F 97 -8.80 -9.34 36.38
N THR F 98 -7.76 -8.56 36.63
CA THR F 98 -6.86 -8.79 37.76
C THR F 98 -6.65 -7.48 38.49
N LEU F 99 -6.71 -7.55 39.82
CA LEU F 99 -6.64 -6.38 40.67
C LEU F 99 -5.45 -6.52 41.61
N ARG F 100 -4.64 -5.47 41.69
CA ARG F 100 -3.59 -5.39 42.69
C ARG F 100 -3.70 -4.07 43.44
N VAL F 101 -3.27 -4.09 44.69
CA VAL F 101 -3.30 -2.93 45.57
C VAL F 101 -1.87 -2.64 45.99
N LEU F 102 -1.44 -1.40 45.84
CA LEU F 102 -0.03 -1.07 46.02
C LEU F 102 0.27 -0.68 47.45
N GLY F 103 -0.34 0.39 47.95
CA GLY F 103 -0.16 0.83 49.31
C GLY F 103 0.62 2.12 49.41
N GLY F 104 0.65 2.66 50.63
CA GLY F 104 1.32 3.92 50.88
C GLY F 104 0.58 5.09 50.27
N ALA F 105 -0.62 5.39 50.80
CA ALA F 105 -1.56 6.25 50.10
C ALA F 105 -1.13 7.71 50.12
N GLY F 106 -0.79 8.23 51.29
CA GLY F 106 -0.51 9.65 51.44
C GLY F 106 0.78 10.13 50.82
N THR F 107 1.68 9.21 50.46
CA THR F 107 2.96 9.60 49.88
C THR F 107 2.75 10.10 48.46
N PRO F 108 3.09 11.35 48.14
CA PRO F 108 2.90 11.84 46.79
C PRO F 108 3.91 11.29 45.79
N SER F 109 3.85 11.77 44.55
CA SER F 109 4.79 11.37 43.53
C SER F 109 5.56 12.52 42.93
N ALA F 110 5.04 13.74 43.00
CA ALA F 110 5.77 14.90 42.50
C ALA F 110 5.35 16.11 43.34
N CYS F 111 6.10 16.38 44.40
CA CYS F 111 5.80 17.48 45.30
C CYS F 111 6.70 18.67 45.02
N ASN F 112 6.30 19.84 45.50
CA ASN F 112 7.15 21.03 45.47
C ASN F 112 7.83 21.27 46.80
N ASP F 113 7.05 21.28 47.89
CA ASP F 113 7.56 21.63 49.19
C ASP F 113 8.27 20.45 49.84
N ALA F 114 8.69 20.63 51.08
CA ALA F 114 9.37 19.61 51.85
C ALA F 114 8.69 19.28 53.16
N ALA F 115 8.10 20.26 53.84
CA ALA F 115 7.39 20.02 55.09
C ALA F 115 5.90 19.85 54.90
N TYR F 116 5.36 20.31 53.77
CA TYR F 116 3.96 20.03 53.42
C TYR F 116 3.71 18.54 53.32
N ARG F 117 4.52 17.84 52.51
CA ARG F 117 4.38 16.40 52.39
C ARG F 117 4.74 15.69 53.67
N ASP F 118 5.62 16.28 54.48
CA ASP F 118 6.05 15.60 55.69
C ASP F 118 5.00 15.72 56.79
N LYS F 119 4.16 16.76 56.75
CA LYS F 119 3.04 16.79 57.68
C LYS F 119 1.82 16.05 57.13
N LEU F 120 1.65 16.03 55.80
CA LEU F 120 0.55 15.29 55.21
C LEU F 120 0.73 13.78 55.40
N LEU F 121 1.97 13.31 55.28
CA LEU F 121 2.26 11.88 55.41
C LEU F 121 2.02 11.38 56.82
N GLN F 122 2.30 12.17 57.84
CA GLN F 122 1.98 11.76 59.20
C GLN F 122 0.56 12.13 59.63
N THR F 123 -0.12 13.01 58.91
CA THR F 123 -1.57 13.14 59.08
C THR F 123 -2.27 11.87 58.61
N VAL F 124 -1.89 11.38 57.43
CA VAL F 124 -2.43 10.10 56.94
C VAL F 124 -1.94 8.94 57.79
N ALA F 125 -0.72 9.04 58.35
CA ALA F 125 -0.22 7.96 59.19
C ALA F 125 -0.91 7.94 60.55
N THR F 126 -1.29 9.09 61.12
CA THR F 126 -2.05 9.04 62.36
C THR F 126 -3.52 8.72 62.12
N TYR F 127 -4.02 9.00 60.91
CA TYR F 127 -5.29 8.44 60.48
C TYR F 127 -5.26 6.92 60.56
N VAL F 128 -4.32 6.29 59.85
CA VAL F 128 -4.14 4.85 59.85
C VAL F 128 -3.83 4.31 61.25
N ASN F 129 -3.13 5.11 62.05
CA ASN F 129 -2.80 4.73 63.42
C ASN F 129 -4.03 4.79 64.32
N ASP F 130 -5.09 5.52 63.93
CA ASP F 130 -6.27 5.53 64.79
C ASP F 130 -7.46 4.80 64.17
N GLN F 131 -7.93 5.22 63.01
CA GLN F 131 -8.98 4.51 62.28
C GLN F 131 -8.44 4.03 60.94
N GLY F 132 -8.35 2.73 60.80
CA GLY F 132 -7.57 2.14 59.73
C GLY F 132 -8.20 2.29 58.35
N PHE F 133 -7.63 1.53 57.43
CA PHE F 133 -8.13 1.45 56.06
C PHE F 133 -9.38 0.57 55.94
N ALA F 134 -9.86 -0.02 57.04
CA ALA F 134 -10.80 -1.13 56.98
C ALA F 134 -12.19 -0.73 56.50
N GLU F 135 -12.62 0.52 56.73
CA GLU F 135 -13.98 0.89 56.35
C GLU F 135 -14.10 1.05 54.84
N LEU F 136 -13.17 1.81 54.24
CA LEU F 136 -13.07 1.81 52.78
C LEU F 136 -12.73 0.44 52.23
N ALA F 137 -11.99 -0.37 52.99
CA ALA F 137 -11.64 -1.70 52.51
C ALA F 137 -12.87 -2.56 52.35
N ARG F 138 -13.81 -2.49 53.30
CA ARG F 138 -15.02 -3.28 53.11
C ARG F 138 -15.98 -2.62 52.13
N ARG F 139 -15.88 -1.31 51.90
CA ARG F 139 -16.67 -0.73 50.83
C ARG F 139 -16.18 -1.15 49.44
N TYR F 140 -14.86 -1.13 49.20
CA TYR F 140 -14.33 -1.68 47.96
C TYR F 140 -14.53 -3.19 47.87
N ALA F 141 -14.55 -3.87 49.02
CA ALA F 141 -14.83 -5.29 49.05
C ALA F 141 -16.27 -5.59 48.67
N HIS F 142 -17.20 -4.69 48.99
CA HIS F 142 -18.56 -4.84 48.51
C HIS F 142 -18.67 -4.54 47.03
N ASN F 143 -17.98 -3.50 46.53
CA ASN F 143 -18.03 -3.24 45.09
C ASN F 143 -17.28 -4.27 44.26
N LEU F 144 -16.44 -5.09 44.86
CA LEU F 144 -15.97 -6.31 44.21
C LEU F 144 -16.87 -7.50 44.47
N ALA F 145 -17.63 -7.47 45.56
CA ALA F 145 -18.40 -8.63 46.00
C ALA F 145 -19.63 -8.84 45.13
N ASN F 146 -20.31 -7.76 44.77
CA ASN F 146 -21.30 -7.81 43.71
C ASN F 146 -20.59 -7.71 42.37
N ALA F 147 -21.33 -7.44 41.31
CA ALA F 147 -20.69 -7.35 40.01
C ALA F 147 -21.02 -6.02 39.36
N ARG F 148 -20.78 -4.93 40.07
CA ARG F 148 -21.08 -3.60 39.52
C ARG F 148 -20.19 -3.29 38.32
N PHE F 149 -19.01 -3.91 38.24
CA PHE F 149 -18.15 -3.69 37.08
C PHE F 149 -18.71 -4.27 35.80
N LEU F 150 -19.64 -5.23 35.89
CA LEU F 150 -20.55 -5.53 34.79
C LEU F 150 -21.56 -4.40 34.74
N TRP F 151 -21.32 -3.42 33.87
CA TRP F 151 -22.11 -2.20 33.89
C TRP F 151 -23.53 -2.41 33.39
N ARG F 152 -23.68 -2.77 32.12
CA ARG F 152 -25.01 -3.09 31.61
C ARG F 152 -25.22 -4.59 31.49
N ASN F 153 -24.14 -5.37 31.61
CA ASN F 153 -24.26 -6.82 31.55
C ASN F 153 -24.90 -7.40 32.80
N ARG F 154 -25.14 -6.60 33.84
CA ARG F 154 -25.77 -7.05 35.08
C ARG F 154 -27.24 -6.67 35.14
N VAL F 155 -27.63 -5.51 34.60
CA VAL F 155 -29.03 -5.12 34.61
C VAL F 155 -29.82 -5.99 33.65
N GLY F 156 -30.90 -6.59 34.15
CA GLY F 156 -31.62 -7.55 33.35
C GLY F 156 -30.95 -8.88 33.21
N ALA F 157 -29.94 -9.17 34.02
CA ALA F 157 -29.34 -10.49 34.03
C ALA F 157 -30.13 -11.38 35.00
N GLU F 158 -29.66 -12.57 35.21
CA GLU F 158 -30.50 -13.56 35.88
C GLU F 158 -29.83 -14.22 37.07
N ALA F 159 -28.53 -14.52 36.97
CA ALA F 159 -27.81 -15.18 38.07
C ALA F 159 -26.33 -14.87 37.88
N VAL F 160 -25.77 -14.07 38.77
CA VAL F 160 -24.39 -13.63 38.66
C VAL F 160 -23.62 -14.19 39.85
N GLU F 161 -22.47 -14.80 39.59
CA GLU F 161 -21.64 -15.33 40.66
C GLU F 161 -20.18 -15.00 40.39
N VAL F 162 -19.59 -14.21 41.26
CA VAL F 162 -18.26 -13.65 41.05
C VAL F 162 -17.23 -14.58 41.68
N ARG F 163 -16.25 -15.00 40.88
CA ARG F 163 -15.14 -15.83 41.32
C ARG F 163 -13.93 -14.95 41.59
N ILE F 164 -13.48 -14.91 42.83
CA ILE F 164 -12.32 -14.10 43.23
C ILE F 164 -11.27 -15.03 43.80
N ASN F 165 -10.04 -14.93 43.29
CA ASN F 165 -8.93 -15.71 43.80
C ASN F 165 -7.83 -14.78 44.27
N HIS F 166 -7.14 -15.16 45.35
CA HIS F 166 -5.99 -14.42 45.87
C HIS F 166 -4.74 -15.13 45.41
N ILE F 167 -4.26 -14.74 44.24
CA ILE F 167 -3.12 -15.38 43.61
C ILE F 167 -1.83 -14.78 44.14
N ARG F 168 -1.13 -15.54 45.00
CA ARG F 168 0.16 -15.11 45.55
C ARG F 168 1.34 -15.79 44.87
N GLN F 169 1.11 -16.88 44.14
CA GLN F 169 2.13 -17.72 43.55
C GLN F 169 1.56 -18.26 42.25
N GLY F 170 2.12 -19.36 41.76
CA GLY F 170 1.44 -20.11 40.72
C GLY F 170 0.08 -20.60 41.16
N GLU F 171 -0.06 -20.97 42.42
CA GLU F 171 -1.31 -21.48 42.97
C GLU F 171 -1.95 -20.44 43.87
N VAL F 172 -3.28 -20.43 43.90
CA VAL F 172 -4.06 -19.45 44.65
C VAL F 172 -3.93 -19.71 46.14
N ALA F 173 -4.39 -18.74 46.95
CA ALA F 173 -4.35 -18.87 48.40
C ALA F 173 -5.71 -19.25 48.97
N ARG F 174 -6.75 -18.45 48.68
CA ARG F 174 -8.11 -18.78 49.08
C ARG F 174 -9.07 -18.10 48.12
N ALA F 175 -10.23 -18.71 47.96
CA ALA F 175 -11.18 -18.31 46.92
C ALA F 175 -12.43 -17.73 47.54
N TRP F 176 -13.24 -17.08 46.71
CA TRP F 176 -14.49 -16.47 47.13
C TRP F 176 -15.53 -16.68 46.05
N ARG F 177 -16.63 -17.35 46.40
CA ARG F 177 -17.81 -17.42 45.56
C ARG F 177 -18.90 -16.55 46.18
N PHE F 178 -19.54 -15.74 45.36
CA PHE F 178 -20.49 -14.74 45.85
C PHE F 178 -21.85 -14.81 45.18
N ASP F 179 -22.67 -13.78 45.38
CA ASP F 179 -23.95 -13.66 44.69
C ASP F 179 -24.19 -12.17 44.49
N ALA F 180 -24.09 -11.69 43.26
CA ALA F 180 -24.22 -10.27 43.02
C ALA F 180 -25.65 -9.76 43.10
N LEU F 181 -26.64 -10.62 43.34
CA LEU F 181 -28.02 -10.18 43.47
C LEU F 181 -28.59 -10.37 44.88
N ALA F 182 -28.00 -11.24 45.70
CA ALA F 182 -28.40 -11.32 47.10
C ALA F 182 -27.95 -10.08 47.85
N ILE F 183 -26.65 -9.86 47.94
CA ILE F 183 -26.13 -8.55 48.29
C ILE F 183 -26.25 -7.67 47.06
N GLY F 184 -26.51 -6.39 47.27
CA GLY F 184 -26.98 -5.60 46.16
C GLY F 184 -26.37 -4.24 45.99
N LEU F 185 -27.06 -3.40 45.24
CA LEU F 185 -26.58 -2.09 44.83
C LEU F 185 -26.87 -1.02 45.88
N ARG F 186 -27.37 -1.42 47.06
CA ARG F 186 -27.80 -0.50 48.10
C ARG F 186 -27.01 -0.67 49.39
N ASP F 187 -26.86 -1.91 49.86
CA ASP F 187 -26.44 -2.19 51.21
C ASP F 187 -24.94 -2.37 51.32
N PHE F 188 -24.33 -1.68 52.28
CA PHE F 188 -22.95 -1.91 52.69
C PHE F 188 -23.00 -2.41 54.12
N LYS F 189 -23.02 -3.74 54.29
CA LYS F 189 -23.02 -4.38 55.58
C LYS F 189 -22.39 -5.75 55.42
N ALA F 190 -21.55 -6.13 56.38
CA ALA F 190 -20.59 -7.20 56.17
C ALA F 190 -21.24 -8.58 56.18
N ASP F 191 -20.42 -9.59 55.91
CA ASP F 191 -20.76 -11.01 55.94
C ASP F 191 -19.76 -11.74 56.82
N ALA F 192 -19.82 -13.07 56.79
CA ALA F 192 -18.84 -13.90 57.47
C ALA F 192 -17.64 -14.22 56.61
N GLU F 193 -17.71 -13.94 55.31
CA GLU F 193 -16.63 -14.21 54.38
C GLU F 193 -16.10 -12.96 53.71
N LEU F 194 -16.95 -11.94 53.50
CA LEU F 194 -16.50 -10.65 52.99
C LEU F 194 -15.64 -9.92 54.02
N ASP F 195 -15.76 -10.28 55.30
CA ASP F 195 -14.86 -9.85 56.36
C ASP F 195 -13.39 -10.06 56.00
N ALA F 196 -13.06 -11.26 55.54
CA ALA F 196 -11.66 -11.58 55.28
C ALA F 196 -11.14 -10.88 54.03
N LEU F 197 -11.99 -10.67 53.03
CA LEU F 197 -11.53 -9.94 51.85
C LEU F 197 -11.39 -8.46 52.14
N ALA F 198 -12.22 -7.93 53.03
CA ALA F 198 -12.03 -6.58 53.54
C ALA F 198 -10.70 -6.46 54.28
N GLU F 199 -10.38 -7.43 55.12
CA GLU F 199 -9.10 -7.43 55.83
C GLU F 199 -7.93 -7.58 54.87
N LEU F 200 -8.12 -8.30 53.77
CA LEU F 200 -7.05 -8.47 52.80
C LEU F 200 -6.78 -7.19 52.03
N ILE F 201 -7.83 -6.49 51.59
CA ILE F 201 -7.63 -5.20 50.94
C ILE F 201 -7.12 -4.17 51.95
N ALA F 202 -7.48 -4.30 53.23
CA ALA F 202 -6.97 -3.40 54.25
C ALA F 202 -5.47 -3.59 54.45
N SER F 203 -5.01 -4.83 54.56
CA SER F 203 -3.59 -5.09 54.72
C SER F 203 -2.81 -4.86 53.43
N GLY F 204 -3.50 -4.81 52.28
CA GLY F 204 -2.84 -4.44 51.06
C GLY F 204 -2.69 -2.94 50.89
N LEU F 205 -3.67 -2.19 51.38
CA LEU F 205 -3.61 -0.73 51.28
C LEU F 205 -2.62 -0.14 52.27
N SER F 206 -2.42 -0.78 53.42
CA SER F 206 -1.48 -0.26 54.40
C SER F 206 -0.04 -0.47 53.98
N GLY F 207 0.25 -1.59 53.32
CA GLY F 207 1.59 -1.89 52.87
C GLY F 207 2.22 -3.11 53.50
N SER F 208 1.46 -3.89 54.27
CA SER F 208 2.00 -5.02 55.01
C SER F 208 1.82 -6.34 54.27
N GLY F 209 1.94 -6.30 52.95
CA GLY F 209 1.82 -7.49 52.13
C GLY F 209 1.22 -7.17 50.79
N HIS F 210 1.84 -7.65 49.72
CA HIS F 210 1.38 -7.35 48.37
C HIS F 210 0.30 -8.34 47.95
N VAL F 211 -0.84 -7.83 47.50
CA VAL F 211 -1.97 -8.65 47.11
C VAL F 211 -2.17 -8.57 45.62
N LEU F 212 -2.56 -9.69 45.02
CA LEU F 212 -2.98 -9.75 43.63
C LEU F 212 -4.24 -10.59 43.57
N LEU F 213 -5.29 -10.03 43.00
CA LEU F 213 -6.62 -10.64 43.05
C LEU F 213 -7.14 -10.81 41.63
N GLU F 214 -7.18 -12.03 41.13
CA GLU F 214 -7.86 -12.27 39.88
C GLU F 214 -9.33 -12.51 40.19
N VAL F 215 -10.19 -11.90 39.37
CA VAL F 215 -11.58 -11.65 39.71
C VAL F 215 -12.43 -11.95 38.47
N VAL F 216 -13.15 -13.07 38.50
CA VAL F 216 -13.85 -13.60 37.33
C VAL F 216 -15.34 -13.48 37.58
N ALA F 217 -16.06 -12.92 36.62
CA ALA F 217 -17.50 -12.71 36.74
C ALA F 217 -18.24 -13.57 35.73
N PHE F 218 -19.37 -14.11 36.16
CA PHE F 218 -20.18 -15.02 35.35
C PHE F 218 -21.60 -14.47 35.29
N ALA F 219 -21.84 -13.56 34.35
CA ALA F 219 -23.17 -12.99 34.18
C ALA F 219 -23.99 -13.90 33.29
N ARG F 220 -25.12 -14.39 33.81
CA ARG F 220 -26.01 -15.22 33.00
C ARG F 220 -26.92 -14.26 32.23
N ILE F 221 -26.34 -13.68 31.18
CA ILE F 221 -26.98 -12.65 30.39
C ILE F 221 -28.11 -13.21 29.52
N GLY F 222 -28.11 -14.51 29.27
CA GLY F 222 -29.05 -15.13 28.36
C GLY F 222 -28.34 -15.66 27.13
N ASP F 223 -29.15 -16.22 26.22
CA ASP F 223 -28.63 -16.94 25.07
C ASP F 223 -28.62 -16.02 23.85
N GLY F 224 -27.46 -15.95 23.18
CA GLY F 224 -27.31 -15.19 21.95
C GLY F 224 -27.53 -13.71 22.09
N GLN F 225 -27.41 -13.17 23.30
CA GLN F 225 -27.87 -11.82 23.59
C GLN F 225 -26.77 -10.79 23.36
N GLU F 226 -27.15 -9.53 23.50
CA GLU F 226 -26.25 -8.41 23.31
C GLU F 226 -25.39 -8.25 24.56
N VAL F 227 -24.10 -8.50 24.45
CA VAL F 227 -23.17 -8.07 25.49
C VAL F 227 -22.86 -6.61 25.23
N PHE F 228 -22.21 -5.94 26.18
CA PHE F 228 -21.86 -4.54 26.04
C PHE F 228 -20.42 -4.32 26.44
N PRO F 229 -19.48 -4.59 25.54
CA PRO F 229 -18.11 -4.16 25.78
C PRO F 229 -18.01 -2.65 25.62
N SER F 230 -17.08 -2.07 26.36
CA SER F 230 -16.83 -0.64 26.27
C SER F 230 -16.28 -0.29 24.90
N GLN F 231 -16.58 0.91 24.43
CA GLN F 231 -16.34 1.26 23.04
C GLN F 231 -15.42 2.46 22.91
N GLU F 232 -14.75 2.53 21.77
CA GLU F 232 -13.77 3.57 21.47
C GLU F 232 -14.42 4.70 20.71
N LEU F 233 -13.59 5.60 20.19
CA LEU F 233 -14.05 6.84 19.58
C LEU F 233 -13.91 6.77 18.06
N ILE F 234 -14.62 7.67 17.40
CA ILE F 234 -14.97 7.56 15.99
C ILE F 234 -14.42 8.74 15.18
N LEU F 235 -13.22 9.22 15.54
CA LEU F 235 -12.65 10.38 14.86
C LEU F 235 -12.23 10.01 13.45
N ASP F 236 -12.80 10.75 12.48
CA ASP F 236 -12.48 10.67 11.05
C ASP F 236 -12.73 9.27 10.47
N LYS F 237 -13.65 8.52 11.07
CA LYS F 237 -14.05 7.22 10.53
C LYS F 237 -15.50 7.20 10.06
N GLY F 238 -16.31 8.18 10.43
CA GLY F 238 -17.58 8.45 9.80
C GLY F 238 -17.54 9.63 8.86
N ASP F 239 -16.36 10.13 8.51
CA ASP F 239 -16.20 11.27 7.61
C ASP F 239 -15.30 10.90 6.45
N LYS F 240 -14.36 9.98 6.69
CA LYS F 240 -13.49 9.50 5.62
C LYS F 240 -14.24 8.56 4.68
N LYS F 241 -14.79 7.49 5.24
CA LYS F 241 -15.62 6.57 4.48
C LYS F 241 -17.10 6.67 4.82
N GLY F 242 -17.43 7.19 6.00
CA GLY F 242 -18.81 7.54 6.33
C GLY F 242 -19.67 6.40 6.83
N GLN F 243 -19.36 5.16 6.46
CA GLN F 243 -20.27 4.08 6.77
C GLN F 243 -20.17 3.62 8.23
N LYS F 244 -18.97 3.37 8.75
CA LYS F 244 -18.85 2.92 10.13
C LYS F 244 -18.95 4.09 11.08
N SER F 245 -19.83 3.97 12.07
CA SER F 245 -20.08 5.02 13.04
C SER F 245 -20.13 4.50 14.47
N LYS F 246 -19.64 3.29 14.71
CA LYS F 246 -19.53 2.76 16.06
C LYS F 246 -18.42 1.73 16.10
N THR F 247 -17.39 1.99 16.90
CA THR F 247 -16.30 1.06 17.13
C THR F 247 -16.54 0.33 18.45
N LEU F 248 -15.68 -0.63 18.75
CA LEU F 248 -15.66 -1.28 20.06
C LEU F 248 -14.21 -1.52 20.44
N TYR F 249 -13.92 -1.40 21.72
CA TYR F 249 -12.57 -1.68 22.23
C TYR F 249 -12.29 -3.17 22.14
N SER F 250 -11.05 -3.51 21.82
CA SER F 250 -10.71 -4.91 21.57
C SER F 250 -9.27 -5.18 21.93
N VAL F 251 -8.99 -6.44 22.26
CA VAL F 251 -7.67 -6.98 22.53
C VAL F 251 -7.62 -8.15 21.53
N ARG F 252 -6.62 -9.02 21.61
CA ARG F 252 -6.37 -10.06 20.61
C ARG F 252 -7.51 -11.06 20.52
N ASP F 253 -8.35 -10.90 19.49
CA ASP F 253 -9.53 -11.71 19.20
C ASP F 253 -10.47 -11.76 20.42
N ALA F 254 -10.76 -10.58 20.97
CA ALA F 254 -11.64 -10.48 22.13
C ALA F 254 -12.20 -9.07 22.19
N ALA F 255 -13.38 -8.95 22.78
CA ALA F 255 -13.94 -7.66 23.15
C ALA F 255 -13.72 -7.47 24.64
N ALA F 256 -13.38 -6.24 25.04
CA ALA F 256 -12.93 -6.05 26.41
C ALA F 256 -13.51 -4.77 27.00
N ILE F 257 -13.50 -4.73 28.32
CA ILE F 257 -13.85 -3.56 29.10
C ILE F 257 -12.58 -2.78 29.39
N HIS F 258 -12.64 -1.45 29.27
CA HIS F 258 -11.51 -0.60 29.62
C HIS F 258 -11.13 -0.74 31.09
N SER F 259 -9.88 -0.41 31.39
CA SER F 259 -9.43 -0.46 32.78
C SER F 259 -9.93 0.73 33.59
N GLN F 260 -10.17 1.87 32.94
CA GLN F 260 -10.56 3.02 33.73
C GLN F 260 -12.03 2.96 34.14
N LYS F 261 -12.89 2.29 33.36
CA LYS F 261 -14.27 2.21 33.81
C LYS F 261 -14.49 1.06 34.77
N ILE F 262 -13.66 0.02 34.70
CA ILE F 262 -13.74 -0.98 35.74
C ILE F 262 -13.14 -0.44 37.04
N GLY F 263 -12.19 0.49 36.93
CA GLY F 263 -11.76 1.23 38.11
C GLY F 263 -12.80 2.21 38.60
N ASN F 264 -13.62 2.73 37.69
CA ASN F 264 -14.74 3.59 38.08
C ASN F 264 -15.79 2.82 38.86
N ALA F 265 -16.09 1.61 38.42
CA ALA F 265 -17.05 0.80 39.16
C ALA F 265 -16.45 0.23 40.44
N LEU F 266 -15.12 0.17 40.55
CA LEU F 266 -14.52 -0.17 41.84
C LEU F 266 -14.78 0.91 42.90
N ARG F 267 -14.78 2.18 42.53
CA ARG F 267 -14.78 3.25 43.51
C ARG F 267 -16.09 4.05 43.55
N THR F 268 -17.22 3.38 43.30
CA THR F 268 -18.50 3.95 43.69
C THR F 268 -18.66 3.62 45.17
N ILE F 269 -18.19 4.53 46.02
CA ILE F 269 -18.03 4.27 47.44
C ILE F 269 -18.90 5.18 48.29
N ASP F 270 -18.81 6.49 48.06
CA ASP F 270 -19.25 7.45 49.07
C ASP F 270 -20.77 7.57 49.11
N THR F 271 -21.34 7.11 50.22
CA THR F 271 -22.69 7.47 50.62
C THR F 271 -22.73 8.83 51.32
N TRP F 272 -21.60 9.52 51.41
CA TRP F 272 -21.47 10.73 52.21
C TRP F 272 -21.67 11.99 51.39
N TYR F 273 -22.33 11.89 50.24
CA TYR F 273 -22.68 13.08 49.48
C TYR F 273 -23.82 13.83 50.18
N PRO F 274 -23.85 15.16 50.09
CA PRO F 274 -24.74 15.93 50.96
C PRO F 274 -26.15 16.15 50.43
N ASP F 275 -26.41 15.91 49.15
CA ASP F 275 -27.72 16.21 48.59
C ASP F 275 -28.77 15.22 49.09
N GLU F 276 -28.42 13.95 49.19
CA GLU F 276 -29.30 12.92 49.73
C GLU F 276 -28.42 11.80 50.29
N ASP F 277 -29.04 10.67 50.61
CA ASP F 277 -28.29 9.45 50.84
C ASP F 277 -28.90 8.21 50.23
N GLY F 278 -30.18 8.23 49.85
CA GLY F 278 -30.85 7.10 49.26
C GLY F 278 -30.82 7.05 47.75
N LEU F 279 -30.18 8.02 47.11
CA LEU F 279 -30.14 8.10 45.65
C LEU F 279 -28.95 7.37 45.06
N GLY F 280 -28.37 6.43 45.78
CA GLY F 280 -27.28 5.63 45.28
C GLY F 280 -25.93 6.31 45.45
N PRO F 281 -24.94 5.56 45.92
CA PRO F 281 -23.59 6.12 46.04
C PRO F 281 -22.95 6.31 44.67
N ILE F 282 -22.21 7.41 44.53
CA ILE F 282 -21.57 7.77 43.29
C ILE F 282 -20.10 7.43 43.39
N ALA F 283 -19.39 7.60 42.28
CA ALA F 283 -17.94 7.44 42.30
C ALA F 283 -17.29 8.55 43.12
N VAL F 284 -16.13 8.24 43.71
CA VAL F 284 -15.38 9.24 44.46
C VAL F 284 -14.50 10.03 43.51
N GLU F 285 -14.76 11.34 43.42
CA GLU F 285 -13.90 12.25 42.68
C GLU F 285 -13.81 13.57 43.44
N PRO F 286 -12.72 14.31 43.23
CA PRO F 286 -12.78 15.75 43.49
C PRO F 286 -13.82 16.35 42.58
N TYR F 287 -14.70 17.17 43.16
CA TYR F 287 -16.00 17.53 42.59
C TYR F 287 -16.78 16.27 42.24
N GLY F 288 -17.16 15.53 43.30
CA GLY F 288 -17.79 14.24 43.16
C GLY F 288 -19.06 14.27 42.33
N SER F 289 -18.97 13.74 41.12
CA SER F 289 -19.96 14.03 40.10
C SER F 289 -20.12 12.85 39.17
N VAL F 290 -21.24 12.85 38.46
CA VAL F 290 -21.58 11.80 37.52
C VAL F 290 -21.92 12.44 36.18
N THR F 291 -21.44 11.82 35.11
CA THR F 291 -21.76 12.24 33.75
C THR F 291 -23.05 11.60 33.27
N SER F 292 -23.57 10.62 34.02
CA SER F 292 -24.89 10.09 33.71
C SER F 292 -25.98 11.10 34.04
N GLN F 293 -26.07 11.52 35.30
CA GLN F 293 -27.12 12.43 35.72
C GLN F 293 -26.88 13.87 35.35
N GLY F 294 -25.67 14.24 34.99
CA GLY F 294 -25.42 15.62 34.60
C GLY F 294 -24.98 16.58 35.69
N LYS F 295 -25.62 16.52 36.85
CA LYS F 295 -25.29 17.44 37.92
C LYS F 295 -23.99 17.02 38.61
N ALA F 296 -23.55 17.84 39.55
CA ALA F 296 -22.33 17.59 40.30
C ALA F 296 -22.64 17.74 41.77
N TYR F 297 -22.48 16.65 42.53
CA TYR F 297 -22.47 16.76 43.98
C TYR F 297 -21.13 17.35 44.41
N ARG F 298 -20.98 17.55 45.72
CA ARG F 298 -19.74 17.99 46.37
C ARG F 298 -19.27 19.33 45.81
N GLN F 299 -20.20 20.28 45.69
CA GLN F 299 -19.90 21.54 45.05
C GLN F 299 -19.06 22.45 45.95
N PRO F 300 -18.22 23.32 45.36
CA PRO F 300 -17.47 24.29 46.16
C PRO F 300 -18.25 25.52 46.55
N LYS F 301 -19.55 25.56 46.25
CA LYS F 301 -20.43 26.55 46.87
C LYS F 301 -20.81 26.16 48.30
N GLN F 302 -20.42 24.97 48.72
CA GLN F 302 -20.42 24.55 50.11
C GLN F 302 -19.01 24.12 50.48
N LYS F 303 -18.72 24.04 51.77
CA LYS F 303 -17.36 23.69 52.17
C LYS F 303 -17.05 22.21 51.99
N LEU F 304 -18.05 21.40 51.69
CA LEU F 304 -17.93 19.94 51.79
C LEU F 304 -17.30 19.31 50.56
N ASP F 305 -16.79 20.11 49.63
CA ASP F 305 -15.98 19.63 48.51
C ASP F 305 -14.64 19.07 49.02
N PHE F 306 -14.00 18.27 48.18
CA PHE F 306 -12.72 17.64 48.55
C PHE F 306 -11.60 18.67 48.69
N TYR F 307 -11.49 19.59 47.73
CA TYR F 307 -10.39 20.55 47.74
C TYR F 307 -10.46 21.53 48.90
N THR F 308 -11.61 21.68 49.53
CA THR F 308 -11.74 22.44 50.75
C THR F 308 -11.46 21.57 51.98
N LEU F 309 -11.90 20.30 51.95
CA LEU F 309 -11.68 19.38 53.07
C LEU F 309 -10.20 19.07 53.29
N LEU F 310 -9.48 18.73 52.23
CA LEU F 310 -8.07 18.35 52.38
C LEU F 310 -7.22 19.53 52.85
N ASP F 311 -7.49 20.72 52.30
CA ASP F 311 -6.75 21.90 52.71
C ASP F 311 -7.07 22.30 54.15
N ASN F 312 -8.34 22.27 54.53
CA ASN F 312 -8.67 22.56 55.93
C ASN F 312 -8.16 21.49 56.88
N TRP F 313 -7.93 20.26 56.38
CA TRP F 313 -7.41 19.20 57.22
C TRP F 313 -5.88 19.18 57.26
N VAL F 314 -5.21 19.90 56.36
CA VAL F 314 -3.75 19.98 56.35
C VAL F 314 -3.26 21.40 56.61
N LEU F 315 -3.83 22.39 55.92
CA LEU F 315 -3.31 23.76 56.05
C LEU F 315 -3.89 24.45 57.28
N ARG F 316 -5.22 24.54 57.36
CA ARG F 316 -5.89 25.21 58.46
C ARG F 316 -5.81 24.40 59.76
N ASP F 317 -5.52 23.10 59.66
CA ASP F 317 -5.39 22.16 60.78
C ASP F 317 -6.69 22.05 61.57
N GLU F 318 -7.79 21.80 60.87
CA GLU F 318 -9.04 21.39 61.50
C GLU F 318 -9.50 20.08 60.87
N ALA F 319 -9.77 19.13 61.70
CA ALA F 319 -10.08 17.83 61.14
C ALA F 319 -11.57 17.71 60.87
N PRO F 320 -11.97 17.27 59.69
CA PRO F 320 -13.40 17.05 59.43
C PRO F 320 -13.96 15.84 60.16
N ALA F 321 -15.24 15.57 59.94
CA ALA F 321 -15.97 14.56 60.71
C ALA F 321 -15.42 13.16 60.45
N VAL F 322 -15.72 12.25 61.38
CA VAL F 322 -15.18 10.90 61.38
C VAL F 322 -15.66 10.13 60.15
N GLU F 323 -16.88 10.42 59.68
CA GLU F 323 -17.41 9.78 58.49
C GLU F 323 -16.60 10.15 57.26
N GLN F 324 -16.30 11.44 57.09
CA GLN F 324 -16.01 11.99 55.78
C GLN F 324 -14.52 12.27 55.60
N GLN F 325 -13.67 11.77 56.49
CA GLN F 325 -12.26 11.58 56.20
C GLN F 325 -12.04 10.38 55.30
N HIS F 326 -12.99 9.44 55.28
CA HIS F 326 -12.94 8.29 54.40
C HIS F 326 -12.92 8.72 52.93
N TYR F 327 -13.73 9.72 52.60
CA TYR F 327 -13.77 10.22 51.23
C TYR F 327 -12.44 10.87 50.83
N VAL F 328 -11.81 11.58 51.77
CA VAL F 328 -10.56 12.26 51.47
C VAL F 328 -9.44 11.26 51.23
N ILE F 329 -9.34 10.22 52.07
CA ILE F 329 -8.32 9.26 51.73
C ILE F 329 -8.75 8.34 50.60
N ALA F 330 -10.05 8.30 50.25
CA ALA F 330 -10.49 7.52 49.10
C ALA F 330 -10.02 8.14 47.80
N ASN F 331 -10.16 9.45 47.65
CA ASN F 331 -9.59 10.05 46.46
C ASN F 331 -8.14 10.49 46.65
N LEU F 332 -7.51 10.13 47.77
CA LEU F 332 -6.06 9.97 47.73
C LEU F 332 -5.67 8.61 47.14
N ILE F 333 -6.46 7.57 47.45
CA ILE F 333 -6.23 6.23 46.89
C ILE F 333 -6.45 6.22 45.39
N ARG F 334 -7.41 7.00 44.89
CA ARG F 334 -7.64 7.13 43.45
C ARG F 334 -6.41 7.68 42.74
N GLY F 335 -5.89 8.80 43.23
CA GLY F 335 -4.74 9.42 42.61
C GLY F 335 -5.12 10.30 41.44
N GLY F 336 -4.53 11.48 41.36
CA GLY F 336 -4.83 12.37 40.26
C GLY F 336 -3.82 13.48 40.18
N VAL F 337 -4.19 14.52 39.43
CA VAL F 337 -3.38 15.73 39.32
C VAL F 337 -4.00 16.79 40.24
N PHE F 338 -3.24 17.19 41.25
CA PHE F 338 -3.70 18.17 42.22
C PHE F 338 -2.86 19.43 42.07
N GLY F 339 -3.17 20.44 42.86
CA GLY F 339 -2.47 21.70 42.74
C GLY F 339 -2.91 22.49 41.52
N GLU F 340 -2.27 23.65 41.35
CA GLU F 340 -2.58 24.51 40.22
C GLU F 340 -2.05 23.85 38.94
N ALA F 341 -2.96 23.27 38.17
CA ALA F 341 -2.59 22.54 36.97
C ALA F 341 -2.29 23.48 35.81
N LEU G 8 44.87 31.66 38.76
CA LEU G 8 44.84 30.94 37.50
C LEU G 8 43.44 30.95 36.90
N SER G 9 43.38 31.11 35.57
CA SER G 9 42.12 31.13 34.86
C SER G 9 41.50 29.73 34.79
N THR G 10 40.26 29.68 34.35
CA THR G 10 39.56 28.43 34.05
C THR G 10 39.32 28.35 32.55
N ALA G 11 38.65 27.28 32.13
CA ALA G 11 38.31 27.09 30.73
C ALA G 11 36.92 27.62 30.45
N SER G 12 36.78 28.33 29.32
CA SER G 12 35.48 28.84 28.92
C SER G 12 34.66 27.85 28.12
N VAL G 13 35.31 26.86 27.48
CA VAL G 13 34.63 25.77 26.79
C VAL G 13 35.33 24.48 27.19
N LEU G 14 34.58 23.54 27.76
CA LEU G 14 35.13 22.29 28.24
C LEU G 14 34.02 21.24 28.24
N ALA G 15 34.39 19.97 28.08
CA ALA G 15 33.40 18.91 27.96
C ALA G 15 34.01 17.59 28.41
N PHE G 16 33.18 16.55 28.44
CA PHE G 16 33.62 15.20 28.73
C PHE G 16 32.76 14.22 27.94
N GLU G 17 33.32 13.06 27.67
CA GLU G 17 32.50 11.94 27.25
C GLU G 17 31.67 11.47 28.44
N ARG G 18 30.54 10.83 28.16
CA ARG G 18 29.96 9.99 29.19
C ARG G 18 30.77 8.70 29.19
N LYS G 19 31.07 8.20 30.39
CA LYS G 19 31.90 7.02 30.49
C LYS G 19 31.12 5.78 30.84
N LEU G 20 29.86 5.93 31.22
CA LEU G 20 28.96 4.83 31.51
C LEU G 20 27.80 4.98 30.54
N ASP G 21 27.82 4.24 29.44
CA ASP G 21 26.91 4.46 28.33
C ASP G 21 26.04 3.23 28.11
N PRO G 22 24.76 3.27 28.48
CA PRO G 22 23.88 2.12 28.23
C PRO G 22 23.13 2.23 26.91
N SER G 23 22.27 1.26 26.63
CA SER G 23 21.45 1.23 25.42
C SER G 23 20.00 1.57 25.77
N ASP G 24 19.13 1.52 24.76
CA ASP G 24 17.72 1.46 25.06
C ASP G 24 17.38 0.10 25.63
N ALA G 25 16.23 0.02 26.30
CA ALA G 25 15.82 -1.19 27.01
C ALA G 25 14.46 -1.59 26.46
N LEU G 26 14.45 -2.53 25.52
CA LEU G 26 13.21 -2.93 24.89
C LEU G 26 12.52 -4.00 25.74
N MET G 27 11.23 -3.79 26.01
CA MET G 27 10.54 -4.64 26.96
C MET G 27 9.62 -5.62 26.27
N SER G 28 9.37 -6.72 26.97
CA SER G 28 8.63 -7.86 26.47
C SER G 28 8.19 -8.68 27.66
N ALA G 29 7.03 -9.32 27.55
CA ALA G 29 6.42 -10.00 28.68
C ALA G 29 6.50 -11.50 28.50
N GLY G 30 6.06 -12.22 29.54
CA GLY G 30 6.08 -13.67 29.51
C GLY G 30 5.75 -14.20 30.90
N ALA G 31 5.71 -15.53 30.98
CA ALA G 31 5.35 -16.18 32.22
C ALA G 31 6.59 -16.48 33.06
N TRP G 32 6.40 -16.47 34.38
CA TRP G 32 7.46 -16.81 35.32
C TRP G 32 7.79 -18.29 35.23
N ALA G 33 9.03 -18.62 35.61
CA ALA G 33 9.60 -19.96 35.78
C ALA G 33 9.82 -20.70 34.46
N GLN G 34 9.32 -20.16 33.36
CA GLN G 34 9.85 -20.45 32.03
C GLN G 34 10.65 -19.26 31.52
N ARG G 35 11.03 -18.38 32.44
CA ARG G 35 11.85 -17.20 32.17
C ARG G 35 13.25 -17.54 31.68
N ASP G 36 13.72 -18.77 31.91
CA ASP G 36 15.07 -19.13 31.52
C ASP G 36 15.20 -19.23 30.02
N ALA G 37 14.12 -19.57 29.33
CA ALA G 37 14.09 -19.69 27.88
C ALA G 37 13.61 -18.42 27.19
N SER G 38 13.85 -17.26 27.80
CA SER G 38 13.29 -16.01 27.31
C SER G 38 14.18 -15.37 26.25
N GLN G 39 14.36 -16.08 25.14
CA GLN G 39 14.99 -15.50 23.97
C GLN G 39 13.97 -15.13 22.90
N GLU G 40 12.74 -15.62 23.01
CA GLU G 40 11.72 -15.47 21.98
C GLU G 40 10.41 -14.94 22.53
N TRP G 41 10.44 -14.24 23.66
CA TRP G 41 9.21 -13.65 24.18
C TRP G 41 8.75 -12.51 23.28
N PRO G 42 7.46 -12.42 23.01
CA PRO G 42 6.97 -11.36 22.12
C PRO G 42 6.96 -10.03 22.83
N ALA G 43 7.19 -8.98 22.05
CA ALA G 43 7.33 -7.65 22.63
C ALA G 43 6.00 -7.10 23.08
N VAL G 44 6.03 -6.32 24.16
CA VAL G 44 4.86 -5.60 24.64
C VAL G 44 4.57 -4.48 23.64
N THR G 45 3.50 -4.64 22.87
CA THR G 45 3.20 -3.71 21.80
C THR G 45 2.33 -2.57 22.30
N VAL G 46 2.71 -1.36 21.91
CA VAL G 46 1.94 -0.18 22.24
C VAL G 46 0.62 -0.22 21.48
N ARG G 47 -0.47 -0.31 22.21
CA ARG G 47 -1.81 -0.17 21.68
C ARG G 47 -2.29 1.25 21.96
N GLU G 48 -3.57 1.51 21.69
CA GLU G 48 -4.17 2.74 22.18
C GLU G 48 -5.56 2.42 22.70
N LYS G 49 -6.10 3.35 23.48
CA LYS G 49 -7.47 3.25 23.93
C LYS G 49 -8.03 4.64 24.09
N SER G 50 -9.34 4.73 24.17
CA SER G 50 -10.06 6.00 24.22
C SER G 50 -10.59 6.17 25.63
N VAL G 51 -10.06 7.17 26.35
CA VAL G 51 -10.52 7.46 27.68
C VAL G 51 -11.43 8.68 27.62
N ARG G 52 -12.17 8.90 28.70
CA ARG G 52 -13.09 10.02 28.79
C ARG G 52 -12.77 10.82 30.03
N GLY G 53 -12.35 12.07 29.84
CA GLY G 53 -11.94 12.89 30.96
C GLY G 53 -13.11 13.36 31.81
N THR G 54 -12.77 13.89 32.97
CA THR G 54 -13.74 14.44 33.91
C THR G 54 -13.14 15.74 34.46
N ILE G 55 -13.69 16.23 35.56
CA ILE G 55 -13.19 17.41 36.25
C ILE G 55 -12.57 16.96 37.55
N SER G 56 -11.24 17.00 37.63
CA SER G 56 -10.54 16.74 38.89
C SER G 56 -9.39 17.71 39.06
N ASN G 57 -9.63 18.99 38.79
CA ASN G 57 -8.60 20.02 38.80
C ASN G 57 -9.04 21.15 39.71
N ARG G 58 -8.09 21.89 40.25
CA ARG G 58 -8.44 23.02 41.12
C ARG G 58 -9.08 24.14 40.34
N LEU G 59 -10.06 24.79 40.96
CA LEU G 59 -10.71 25.97 40.40
C LEU G 59 -10.66 27.08 41.43
N LYS G 60 -10.10 28.21 41.03
CA LYS G 60 -9.84 29.38 41.87
C LYS G 60 -11.06 30.25 42.08
N THR G 61 -12.22 29.83 41.57
CA THR G 61 -13.51 30.53 41.64
C THR G 61 -13.42 31.94 41.06
N LYS G 62 -13.05 32.00 39.79
CA LYS G 62 -13.29 33.19 38.99
C LYS G 62 -14.47 33.02 38.04
N ASP G 63 -14.89 31.78 37.81
CA ASP G 63 -16.11 31.49 37.06
C ASP G 63 -16.88 30.31 37.63
N ARG G 64 -16.54 29.82 38.82
CA ARG G 64 -17.13 28.60 39.37
C ARG G 64 -18.57 28.81 39.84
N ASP G 65 -19.46 29.06 38.89
CA ASP G 65 -20.86 29.43 39.07
C ASP G 65 -21.68 28.19 39.42
N PRO G 66 -23.00 28.31 39.70
CA PRO G 66 -23.84 27.10 39.79
C PRO G 66 -24.21 26.46 38.46
N ALA G 67 -23.54 26.84 37.37
CA ALA G 67 -23.76 26.20 36.08
C ALA G 67 -22.50 25.68 35.41
N LYS G 68 -21.31 26.18 35.78
CA LYS G 68 -20.11 25.85 35.03
C LYS G 68 -19.67 24.40 35.26
N LEU G 69 -19.79 23.92 36.51
CA LEU G 69 -19.34 22.56 36.82
C LEU G 69 -20.27 21.51 36.23
N ASP G 70 -21.58 21.65 36.44
CA ASP G 70 -22.55 20.76 35.84
C ASP G 70 -22.88 21.11 34.39
N ALA G 71 -22.14 22.04 33.78
CA ALA G 71 -22.02 22.12 32.33
C ALA G 71 -20.78 21.40 31.81
N SER G 72 -19.63 21.60 32.45
CA SER G 72 -18.39 20.99 32.02
C SER G 72 -18.31 19.50 32.31
N ILE G 73 -19.15 18.99 33.22
CA ILE G 73 -19.27 17.54 33.34
C ILE G 73 -19.94 16.97 32.08
N GLN G 74 -21.03 17.60 31.65
CA GLN G 74 -21.69 17.12 30.44
C GLN G 74 -20.94 17.54 29.18
N SER G 75 -20.13 18.58 29.23
CA SER G 75 -19.25 18.87 28.12
C SER G 75 -18.16 17.81 28.08
N PRO G 76 -18.04 17.05 27.00
CA PRO G 76 -17.04 15.98 26.97
C PRO G 76 -15.65 16.52 26.69
N ASN G 77 -14.66 15.82 27.23
CA ASN G 77 -13.25 16.00 26.93
C ASN G 77 -12.59 14.64 26.75
N LEU G 78 -13.24 13.81 25.94
CA LEU G 78 -12.76 12.47 25.62
C LEU G 78 -11.44 12.52 24.85
N GLN G 79 -10.55 11.59 25.16
CA GLN G 79 -9.19 11.62 24.65
C GLN G 79 -8.79 10.22 24.19
N THR G 80 -7.66 10.15 23.51
CA THR G 80 -7.05 8.89 23.10
C THR G 80 -5.67 8.83 23.73
N VAL G 81 -5.46 7.85 24.61
CA VAL G 81 -4.16 7.66 25.22
C VAL G 81 -3.53 6.42 24.63
N ASP G 82 -2.23 6.29 24.84
CA ASP G 82 -1.49 5.09 24.49
C ASP G 82 -1.18 4.34 25.77
N VAL G 83 -1.35 3.03 25.76
CA VAL G 83 -1.13 2.22 26.95
C VAL G 83 -0.51 0.90 26.49
N ALA G 84 0.20 0.26 27.40
CA ALA G 84 0.90 -0.99 27.10
C ALA G 84 0.63 -1.97 28.23
N ASN G 85 -0.22 -2.96 27.97
CA ASN G 85 -0.48 -4.03 28.90
C ASN G 85 0.32 -5.27 28.53
N LEU G 86 0.37 -6.21 29.46
CA LEU G 86 0.95 -7.51 29.18
C LEU G 86 -0.03 -8.34 28.36
N PRO G 87 0.44 -9.41 27.72
CA PRO G 87 -0.48 -10.49 27.33
C PRO G 87 -1.18 -11.07 28.56
N SER G 88 -2.41 -11.53 28.34
CA SER G 88 -3.29 -11.88 29.45
C SER G 88 -2.81 -13.13 30.19
N ASP G 89 -2.10 -14.02 29.51
CA ASP G 89 -1.50 -15.18 30.14
C ASP G 89 -0.03 -14.95 30.50
N ALA G 90 0.33 -13.71 30.82
CA ALA G 90 1.69 -13.36 31.21
C ALA G 90 1.64 -12.52 32.48
N ASP G 91 2.59 -12.74 33.38
CA ASP G 91 2.65 -11.98 34.61
C ASP G 91 4.00 -11.32 34.88
N THR G 92 4.99 -11.48 34.00
CA THR G 92 6.31 -10.91 34.21
C THR G 92 6.62 -9.92 33.10
N LEU G 93 7.56 -9.02 33.38
CA LEU G 93 8.08 -8.08 32.40
C LEU G 93 9.57 -8.28 32.27
N LYS G 94 10.05 -8.48 31.05
CA LYS G 94 11.47 -8.57 30.77
C LYS G 94 11.95 -7.25 30.18
N VAL G 95 12.93 -6.63 30.84
CA VAL G 95 13.55 -5.42 30.35
C VAL G 95 15.05 -5.70 30.22
N ARG G 96 15.57 -5.57 29.00
CA ARG G 96 16.90 -6.04 28.66
C ARG G 96 17.64 -4.95 27.90
N PHE G 97 18.67 -4.37 28.53
CA PHE G 97 19.52 -3.40 27.90
C PHE G 97 20.98 -3.85 28.01
N THR G 98 21.84 -3.20 27.24
CA THR G 98 23.27 -3.47 27.27
C THR G 98 24.00 -2.26 27.80
N LEU G 99 24.95 -2.50 28.72
CA LEU G 99 25.74 -1.45 29.34
C LEU G 99 27.20 -1.65 28.98
N ARG G 100 27.84 -0.59 28.48
CA ARG G 100 29.26 -0.65 28.23
C ARG G 100 29.95 0.58 28.81
N VAL G 101 31.11 0.35 29.41
CA VAL G 101 31.89 1.37 30.10
C VAL G 101 33.11 1.67 29.23
N LEU G 102 33.42 2.95 29.07
CA LEU G 102 34.50 3.33 28.17
C LEU G 102 35.86 3.31 28.86
N GLY G 103 36.03 4.12 29.90
CA GLY G 103 37.29 4.22 30.60
C GLY G 103 38.07 5.48 30.21
N GLY G 104 39.13 5.73 30.95
CA GLY G 104 39.84 6.98 30.85
C GLY G 104 38.95 8.10 31.33
N ALA G 105 38.67 8.11 32.64
CA ALA G 105 37.47 8.76 33.17
C ALA G 105 37.57 10.27 33.13
N GLY G 106 38.76 10.81 33.40
CA GLY G 106 38.84 12.25 33.57
C GLY G 106 39.45 13.01 32.41
N THR G 107 39.90 12.32 31.38
CA THR G 107 40.51 12.96 30.22
C THR G 107 39.45 13.66 29.39
N PRO G 108 39.42 15.00 29.34
CA PRO G 108 38.28 15.70 28.77
C PRO G 108 38.29 15.64 27.24
N SER G 109 37.13 15.97 26.66
CA SER G 109 36.97 15.88 25.22
C SER G 109 37.62 17.05 24.51
N ALA G 110 37.12 18.26 24.75
CA ALA G 110 37.57 19.45 24.03
C ALA G 110 37.72 20.58 25.05
N CYS G 111 38.96 21.00 25.29
CA CYS G 111 39.25 22.04 26.26
C CYS G 111 40.16 23.10 25.65
N ASN G 112 39.90 24.36 26.00
CA ASN G 112 40.67 25.48 25.46
C ASN G 112 42.12 25.44 25.90
N ASP G 113 42.36 25.59 27.20
CA ASP G 113 43.70 25.83 27.70
C ASP G 113 44.50 24.53 27.79
N ALA G 114 45.78 24.62 27.46
CA ALA G 114 46.69 23.51 27.69
C ALA G 114 47.21 23.46 29.11
N ALA G 115 46.99 24.52 29.90
CA ALA G 115 47.48 24.59 31.27
C ALA G 115 46.47 24.06 32.27
N TYR G 116 45.18 24.30 32.02
CA TYR G 116 44.12 23.82 32.90
C TYR G 116 44.00 22.30 32.82
N ARG G 117 44.14 21.76 31.61
CA ARG G 117 43.85 20.35 31.38
C ARG G 117 44.91 19.43 32.01
N ASP G 118 46.15 19.89 32.13
CA ASP G 118 47.19 19.01 32.66
C ASP G 118 47.05 18.86 34.16
N LYS G 119 46.72 19.95 34.85
CA LYS G 119 46.49 19.84 36.27
C LYS G 119 45.14 19.22 36.59
N LEU G 120 44.15 19.30 35.69
CA LEU G 120 42.92 18.54 35.91
C LEU G 120 43.18 17.04 35.75
N LEU G 121 43.96 16.66 34.73
CA LEU G 121 44.28 15.26 34.54
C LEU G 121 45.13 14.72 35.67
N GLN G 122 46.03 15.55 36.21
CA GLN G 122 46.82 15.08 37.35
C GLN G 122 46.02 15.12 38.64
N THR G 123 45.00 15.97 38.71
CA THR G 123 44.05 15.93 39.84
C THR G 123 43.30 14.61 39.85
N VAL G 124 42.80 14.20 38.68
CA VAL G 124 42.12 12.91 38.58
C VAL G 124 43.09 11.76 38.82
N ALA G 125 44.34 11.89 38.39
CA ALA G 125 45.30 10.81 38.58
C ALA G 125 45.76 10.68 40.02
N THR G 126 45.91 11.80 40.73
CA THR G 126 46.23 11.70 42.15
C THR G 126 45.02 11.25 42.95
N TYR G 127 43.81 11.50 42.44
CA TYR G 127 42.64 10.85 43.02
C TYR G 127 42.72 9.34 42.85
N VAL G 128 43.02 8.88 41.64
CA VAL G 128 42.96 7.45 41.33
C VAL G 128 44.04 6.67 42.07
N ASN G 129 45.29 7.14 42.05
CA ASN G 129 46.25 6.38 42.85
C ASN G 129 46.18 6.71 44.33
N ASP G 130 45.48 7.79 44.71
CA ASP G 130 45.10 7.97 46.11
C ASP G 130 44.12 6.89 46.54
N GLN G 131 43.00 6.77 45.83
CA GLN G 131 42.02 5.73 46.08
C GLN G 131 41.37 5.36 44.75
N GLY G 132 41.10 4.07 44.56
CA GLY G 132 40.59 3.61 43.30
C GLY G 132 39.15 4.03 43.06
N PHE G 133 38.58 3.46 42.01
CA PHE G 133 37.17 3.67 41.72
C PHE G 133 36.27 2.70 42.47
N ALA G 134 36.75 2.11 43.55
CA ALA G 134 36.11 0.94 44.14
C ALA G 134 34.80 1.31 44.83
N GLU G 135 34.81 2.37 45.63
CA GLU G 135 33.59 2.80 46.31
C GLU G 135 32.56 3.32 45.31
N LEU G 136 33.03 4.02 44.28
CA LEU G 136 32.12 4.57 43.29
C LEU G 136 31.57 3.47 42.38
N ALA G 137 32.37 2.45 42.09
CA ALA G 137 31.87 1.32 41.32
C ALA G 137 30.90 0.46 42.13
N ARG G 138 31.11 0.35 43.45
CA ARG G 138 30.11 -0.29 44.30
C ARG G 138 28.80 0.49 44.30
N ARG G 139 28.89 1.81 44.33
CA ARG G 139 27.68 2.62 44.33
C ARG G 139 26.96 2.61 42.98
N TYR G 140 27.68 2.38 41.87
CA TYR G 140 26.97 2.10 40.62
C TYR G 140 26.45 0.67 40.55
N ALA G 141 27.13 -0.28 41.19
CA ALA G 141 26.68 -1.67 41.18
C ALA G 141 25.41 -1.87 41.98
N HIS G 142 25.21 -1.04 43.00
CA HIS G 142 23.96 -1.10 43.76
C HIS G 142 22.79 -0.44 43.05
N ASN G 143 22.98 0.06 41.83
CA ASN G 143 21.86 0.51 41.00
C ASN G 143 21.61 -0.44 39.84
N LEU G 144 22.34 -1.54 39.76
CA LEU G 144 22.01 -2.64 38.88
C LEU G 144 21.61 -3.89 39.65
N ALA G 145 22.17 -4.09 40.83
CA ALA G 145 21.72 -5.18 41.69
C ALA G 145 20.34 -4.89 42.25
N ASN G 146 20.16 -3.70 42.83
CA ASN G 146 18.84 -3.15 43.08
C ASN G 146 18.33 -2.61 41.76
N ALA G 147 17.31 -3.26 41.20
CA ALA G 147 16.87 -2.90 39.86
C ALA G 147 16.10 -1.59 39.87
N ARG G 148 16.80 -0.48 40.09
CA ARG G 148 16.14 0.81 40.13
C ARG G 148 15.68 1.25 38.75
N PHE G 149 16.34 0.75 37.70
CA PHE G 149 16.07 1.18 36.33
C PHE G 149 14.68 0.80 35.85
N LEU G 150 14.06 -0.21 36.47
CA LEU G 150 12.61 -0.37 36.39
C LEU G 150 12.02 0.72 37.27
N TRP G 151 11.52 1.79 36.65
CA TRP G 151 11.12 2.97 37.42
C TRP G 151 9.81 2.78 38.16
N ARG G 152 8.71 2.66 37.42
CA ARG G 152 7.43 2.40 38.03
C ARG G 152 7.01 0.95 37.86
N ASN G 153 7.74 0.21 37.02
CA ASN G 153 7.50 -1.21 36.85
C ASN G 153 8.03 -2.04 38.02
N ARG G 154 8.65 -1.40 39.01
CA ARG G 154 9.20 -2.08 40.18
C ARG G 154 8.28 -1.99 41.37
N VAL G 155 7.55 -0.87 41.52
CA VAL G 155 6.71 -0.68 42.69
C VAL G 155 5.48 -1.57 42.58
N GLY G 156 5.19 -2.29 43.66
CA GLY G 156 4.12 -3.26 43.63
C GLY G 156 4.42 -4.52 42.85
N ALA G 157 5.67 -4.74 42.46
CA ALA G 157 6.06 -6.03 41.92
C ALA G 157 6.28 -7.01 43.05
N GLU G 158 5.84 -8.24 42.85
CA GLU G 158 6.05 -9.25 43.88
C GLU G 158 7.50 -9.67 43.96
N ALA G 159 8.13 -9.92 42.81
CA ALA G 159 9.51 -10.40 42.80
C ALA G 159 10.21 -9.86 41.57
N VAL G 160 11.26 -9.06 41.79
CA VAL G 160 12.13 -8.57 40.72
C VAL G 160 13.46 -9.31 40.85
N GLU G 161 14.03 -9.72 39.72
CA GLU G 161 15.35 -10.33 39.74
C GLU G 161 16.13 -9.84 38.53
N VAL G 162 17.46 -9.93 38.62
CA VAL G 162 18.36 -9.34 37.63
C VAL G 162 19.36 -10.38 37.17
N ARG G 163 19.41 -10.62 35.87
CA ARG G 163 20.45 -11.43 35.24
C ARG G 163 21.46 -10.49 34.59
N ILE G 164 22.73 -10.62 34.94
CA ILE G 164 23.82 -9.88 34.29
C ILE G 164 24.89 -10.88 33.88
N ASN G 165 25.08 -11.04 32.58
CA ASN G 165 26.19 -11.81 32.03
C ASN G 165 27.27 -10.84 31.59
N HIS G 166 28.43 -11.39 31.22
CA HIS G 166 29.55 -10.59 30.74
C HIS G 166 29.94 -11.03 29.34
N ILE G 167 29.89 -10.10 28.39
CA ILE G 167 30.20 -10.35 26.99
C ILE G 167 31.52 -9.66 26.65
N ARG G 168 32.48 -10.44 26.16
CA ARG G 168 33.65 -9.91 25.48
C ARG G 168 33.73 -10.36 24.03
N GLN G 169 33.36 -11.61 23.76
CA GLN G 169 33.07 -12.13 22.44
C GLN G 169 31.67 -12.72 22.52
N GLY G 170 31.28 -13.49 21.50
CA GLY G 170 29.95 -14.09 21.53
C GLY G 170 29.82 -15.23 22.51
N GLU G 171 30.00 -14.95 23.80
CA GLU G 171 30.16 -15.93 24.87
C GLU G 171 29.61 -15.32 26.15
N VAL G 172 29.85 -16.00 27.27
CA VAL G 172 29.55 -15.50 28.62
C VAL G 172 30.75 -15.79 29.50
N ALA G 173 31.31 -14.74 30.10
CA ALA G 173 32.43 -14.94 31.01
C ALA G 173 31.96 -15.34 32.41
N ARG G 174 31.21 -14.46 33.08
CA ARG G 174 30.60 -14.79 34.35
C ARG G 174 29.18 -14.24 34.40
N ALA G 175 28.34 -14.88 35.21
CA ALA G 175 26.97 -14.48 35.39
C ALA G 175 26.75 -13.95 36.81
N TRP G 176 25.64 -13.24 36.98
CA TRP G 176 25.24 -12.72 38.28
C TRP G 176 23.72 -12.76 38.38
N ARG G 177 23.21 -13.35 39.44
CA ARG G 177 21.77 -13.38 39.69
C ARG G 177 21.48 -12.60 40.96
N PHE G 178 20.66 -11.57 40.84
CA PHE G 178 20.45 -10.59 41.90
C PHE G 178 18.97 -10.48 42.21
N ASP G 179 18.58 -10.94 43.40
CA ASP G 179 17.22 -10.77 43.91
C ASP G 179 17.04 -9.34 44.39
N ALA G 180 16.47 -8.51 43.51
CA ALA G 180 16.52 -7.05 43.68
C ALA G 180 15.58 -6.52 44.75
N LEU G 181 14.86 -7.39 45.46
CA LEU G 181 14.05 -6.97 46.59
C LEU G 181 14.59 -7.43 47.93
N ALA G 182 15.38 -8.52 47.94
CA ALA G 182 16.00 -8.97 49.18
C ALA G 182 17.04 -7.96 49.65
N ILE G 183 17.99 -7.61 48.78
CA ILE G 183 18.71 -6.36 48.96
C ILE G 183 17.79 -5.21 48.61
N GLY G 184 17.92 -4.12 49.33
CA GLY G 184 16.98 -3.03 49.23
C GLY G 184 17.55 -1.83 48.53
N LEU G 185 16.65 -0.95 48.10
CA LEU G 185 17.03 0.32 47.51
C LEU G 185 17.67 1.26 48.53
N ARG G 186 17.46 1.03 49.82
CA ARG G 186 17.85 2.01 50.84
C ARG G 186 19.34 1.95 51.15
N ASP G 187 19.82 0.82 51.69
CA ASP G 187 21.15 0.74 52.25
C ASP G 187 22.15 0.13 51.27
N PHE G 188 23.35 0.69 51.22
CA PHE G 188 24.44 0.13 50.45
C PHE G 188 25.19 -0.87 51.32
N LYS G 189 25.12 -2.15 50.93
CA LYS G 189 25.83 -3.21 51.64
C LYS G 189 26.55 -4.06 50.61
N ALA G 190 27.69 -4.60 50.98
CA ALA G 190 28.53 -5.35 50.08
C ALA G 190 28.23 -6.84 50.16
N ASP G 191 28.33 -7.50 49.01
CA ASP G 191 28.23 -8.95 48.90
C ASP G 191 29.46 -9.45 48.17
N ALA G 192 29.84 -10.70 48.45
CA ALA G 192 31.04 -11.25 47.83
C ALA G 192 30.87 -11.46 46.33
N GLU G 193 29.64 -11.65 45.88
CA GLU G 193 29.36 -11.75 44.45
C GLU G 193 29.11 -10.38 43.83
N LEU G 194 28.64 -9.42 44.63
CA LEU G 194 28.42 -8.06 44.13
C LEU G 194 29.73 -7.30 44.03
N ASP G 195 30.69 -7.58 44.90
CA ASP G 195 31.97 -6.89 44.80
C ASP G 195 32.80 -7.39 43.63
N ALA G 196 32.50 -8.56 43.07
CA ALA G 196 33.15 -8.98 41.83
C ALA G 196 32.65 -8.13 40.66
N LEU G 197 31.36 -7.83 40.63
CA LEU G 197 30.81 -6.94 39.61
C LEU G 197 31.31 -5.51 39.84
N ALA G 198 31.49 -5.14 41.11
CA ALA G 198 32.13 -3.86 41.42
C ALA G 198 33.57 -3.84 40.95
N GLU G 199 34.27 -4.98 41.03
CA GLU G 199 35.62 -5.09 40.50
C GLU G 199 35.64 -4.96 38.99
N LEU G 200 34.62 -5.51 38.33
CA LEU G 200 34.57 -5.44 36.87
C LEU G 200 34.31 -4.03 36.37
N ILE G 201 33.37 -3.32 36.99
CA ILE G 201 33.17 -1.91 36.64
C ILE G 201 34.35 -1.05 37.08
N ALA G 202 35.01 -1.41 38.19
CA ALA G 202 36.18 -0.66 38.64
C ALA G 202 37.38 -0.87 37.73
N SER G 203 37.44 -2.01 37.04
CA SER G 203 38.50 -2.21 36.06
C SER G 203 38.15 -1.54 34.74
N GLY G 204 36.87 -1.54 34.36
CA GLY G 204 36.48 -0.91 33.12
C GLY G 204 36.50 0.60 33.17
N LEU G 205 36.34 1.18 34.36
CA LEU G 205 36.47 2.61 34.54
C LEU G 205 37.90 3.06 34.75
N SER G 206 38.76 2.17 35.24
CA SER G 206 40.18 2.50 35.35
C SER G 206 40.82 2.59 33.98
N GLY G 207 40.67 1.55 33.17
CA GLY G 207 41.26 1.50 31.84
C GLY G 207 41.74 0.10 31.52
N SER G 208 41.85 -0.73 32.56
CA SER G 208 42.32 -2.11 32.40
C SER G 208 41.21 -3.02 31.90
N GLY G 209 41.00 -3.06 30.59
CA GLY G 209 40.05 -3.98 30.01
C GLY G 209 38.68 -3.37 29.80
N HIS G 210 38.23 -3.35 28.54
CA HIS G 210 36.89 -2.92 28.21
C HIS G 210 35.87 -3.91 28.76
N VAL G 211 34.65 -3.43 29.00
CA VAL G 211 33.62 -4.25 29.61
C VAL G 211 32.27 -3.97 28.96
N LEU G 212 31.63 -5.02 28.44
CA LEU G 212 30.26 -4.98 27.95
C LEU G 212 29.40 -5.88 28.83
N LEU G 213 28.32 -5.33 29.35
CA LEU G 213 27.39 -6.08 30.17
C LEU G 213 26.00 -5.94 29.58
N GLU G 214 25.20 -7.00 29.68
CA GLU G 214 23.79 -6.95 29.37
C GLU G 214 23.02 -7.28 30.63
N VAL G 215 21.92 -6.58 30.84
CA VAL G 215 21.20 -6.60 32.11
C VAL G 215 19.77 -7.01 31.82
N VAL G 216 19.41 -8.22 32.21
CA VAL G 216 18.06 -8.76 32.05
C VAL G 216 17.31 -8.55 33.35
N ALA G 217 16.07 -8.06 33.27
CA ALA G 217 15.29 -7.71 34.46
C ALA G 217 13.93 -8.38 34.39
N PHE G 218 13.72 -9.41 35.19
CA PHE G 218 12.49 -10.20 35.20
C PHE G 218 11.59 -9.76 36.36
N ALA G 219 10.89 -8.65 36.15
CA ALA G 219 9.97 -8.12 37.16
C ALA G 219 8.59 -8.74 36.97
N ARG G 220 8.19 -9.62 37.89
CA ARG G 220 6.84 -10.17 37.80
C ARG G 220 5.86 -9.15 38.38
N ILE G 221 4.72 -9.00 37.71
CA ILE G 221 3.74 -8.00 38.11
C ILE G 221 2.41 -8.68 38.39
N GLY G 222 1.86 -9.32 37.37
CA GLY G 222 0.54 -9.92 37.48
C GLY G 222 -0.07 -10.13 36.12
N ASP G 223 -1.15 -10.91 36.12
CA ASP G 223 -1.75 -11.42 34.89
C ASP G 223 -2.43 -10.29 34.13
N GLY G 224 -1.84 -9.86 33.03
CA GLY G 224 -2.46 -8.84 32.20
C GLY G 224 -2.48 -7.47 32.83
N GLN G 225 -1.46 -7.13 33.61
CA GLN G 225 -1.41 -5.87 34.33
C GLN G 225 -0.87 -4.80 33.37
N GLU G 226 -0.47 -3.65 33.88
CA GLU G 226 -0.10 -2.52 33.05
C GLU G 226 1.33 -2.12 33.39
N VAL G 227 2.20 -2.12 32.38
CA VAL G 227 3.59 -1.74 32.57
C VAL G 227 3.78 -0.29 32.15
N PHE G 228 4.92 0.29 32.51
CA PHE G 228 5.17 1.71 32.34
C PHE G 228 6.44 1.91 31.53
N PRO G 229 6.33 1.94 30.20
CA PRO G 229 7.48 2.32 29.39
C PRO G 229 7.60 3.83 29.31
N SER G 230 8.53 4.31 28.49
CA SER G 230 8.81 5.73 28.49
C SER G 230 7.84 6.48 27.59
N GLN G 231 7.74 7.78 27.85
CA GLN G 231 6.73 8.65 27.27
C GLN G 231 7.40 9.80 26.55
N GLU G 232 7.05 10.02 25.28
CA GLU G 232 7.60 11.14 24.54
C GLU G 232 6.95 12.45 24.97
N LEU G 233 7.47 13.53 24.38
CA LEU G 233 6.83 14.83 24.49
C LEU G 233 5.43 14.78 23.92
N ILE G 234 4.45 15.06 24.77
CA ILE G 234 3.06 15.00 24.37
C ILE G 234 2.71 16.21 23.51
N LEU G 235 1.94 15.98 22.47
CA LEU G 235 1.42 17.05 21.63
C LEU G 235 -0.08 17.11 21.88
N ASP G 236 -0.47 17.93 22.86
CA ASP G 236 -1.87 18.22 23.14
C ASP G 236 -2.29 19.41 22.27
N LYS G 237 -2.44 19.12 20.98
CA LYS G 237 -2.51 20.13 19.93
C LYS G 237 -3.95 20.60 19.72
N GLY G 238 -4.16 21.32 18.62
CA GLY G 238 -5.45 21.88 18.25
C GLY G 238 -6.36 20.83 17.65
N ASP G 239 -6.98 20.03 18.51
CA ASP G 239 -7.71 18.84 18.10
C ASP G 239 -8.95 19.15 17.27
N LYS G 240 -9.43 18.10 16.60
CA LYS G 240 -10.80 18.03 16.13
C LYS G 240 -11.64 17.28 17.17
N LYS G 241 -11.68 17.86 18.37
CA LYS G 241 -12.41 17.37 19.55
C LYS G 241 -11.94 15.97 19.96
N GLY G 242 -10.71 15.95 20.48
CA GLY G 242 -10.18 14.73 21.07
C GLY G 242 -9.00 14.13 20.35
N GLN G 243 -7.79 14.36 20.87
CA GLN G 243 -6.55 13.99 20.18
C GLN G 243 -5.68 13.19 21.15
N LYS G 244 -4.54 12.74 20.62
CA LYS G 244 -3.58 11.99 21.42
C LYS G 244 -3.03 12.86 22.54
N SER G 245 -3.07 12.33 23.76
CA SER G 245 -2.64 13.07 24.93
C SER G 245 -1.47 12.44 25.67
N LYS G 246 -1.16 11.17 25.42
CA LYS G 246 0.11 10.61 25.86
C LYS G 246 0.55 9.57 24.84
N THR G 247 1.85 9.52 24.59
CA THR G 247 2.41 8.59 23.62
C THR G 247 3.61 7.88 24.21
N LEU G 248 3.89 6.69 23.70
CA LEU G 248 4.82 5.77 24.32
C LEU G 248 5.99 5.48 23.38
N TYR G 249 7.14 5.19 23.97
CA TYR G 249 8.37 5.03 23.22
C TYR G 249 8.41 3.66 22.57
N SER G 250 8.35 3.64 21.24
CA SER G 250 8.37 2.41 20.48
C SER G 250 9.64 2.31 19.63
N VAL G 251 10.04 1.07 19.37
CA VAL G 251 11.21 0.69 18.59
C VAL G 251 10.55 -0.24 17.56
N ARG G 252 11.32 -1.12 16.90
CA ARG G 252 10.80 -1.99 15.85
C ARG G 252 9.77 -2.95 16.41
N ASP G 253 8.53 -2.44 16.54
CA ASP G 253 7.39 -3.14 17.13
C ASP G 253 7.67 -3.59 18.56
N ALA G 254 8.14 -2.67 19.38
CA ALA G 254 8.49 -2.97 20.77
C ALA G 254 8.46 -1.69 21.58
N ALA G 255 7.71 -1.69 22.67
CA ALA G 255 7.79 -0.58 23.62
C ALA G 255 9.10 -0.66 24.38
N ALA G 256 9.61 0.50 24.78
CA ALA G 256 10.94 0.53 25.39
C ALA G 256 11.10 1.77 26.26
N ILE G 257 12.22 1.78 26.98
CA ILE G 257 12.61 2.88 27.85
C ILE G 257 13.78 3.58 27.18
N HIS G 258 13.83 4.92 27.28
CA HIS G 258 14.96 5.68 26.75
C HIS G 258 16.25 5.30 27.47
N SER G 259 17.38 5.53 26.79
CA SER G 259 18.66 5.21 27.39
C SER G 259 19.04 6.21 28.46
N GLN G 260 18.59 7.46 28.35
CA GLN G 260 18.95 8.44 29.37
C GLN G 260 18.20 8.20 30.66
N LYS G 261 17.02 7.56 30.58
CA LYS G 261 16.27 7.27 31.80
C LYS G 261 16.93 6.15 32.60
N ILE G 262 17.35 5.07 31.93
CA ILE G 262 18.05 4.01 32.65
C ILE G 262 19.54 4.29 32.76
N GLY G 263 19.99 5.45 32.33
CA GLY G 263 21.27 5.95 32.79
C GLY G 263 21.05 6.74 34.07
N ASN G 264 19.98 7.54 34.09
CA ASN G 264 19.66 8.37 35.24
C ASN G 264 19.34 7.55 36.46
N ALA G 265 18.68 6.42 36.28
CA ALA G 265 18.45 5.54 37.42
C ALA G 265 19.71 4.80 37.83
N LEU G 266 20.73 4.74 36.97
CA LEU G 266 21.92 3.99 37.32
C LEU G 266 22.93 4.84 38.08
N ARG G 267 22.92 6.16 37.86
CA ARG G 267 23.85 7.05 38.55
C ARG G 267 23.21 7.75 39.74
N THR G 268 22.27 7.09 40.41
CA THR G 268 21.77 7.58 41.69
C THR G 268 22.76 7.18 42.77
N ILE G 269 23.69 8.07 43.07
CA ILE G 269 24.87 7.75 43.86
C ILE G 269 24.85 8.46 45.20
N ASP G 270 24.75 9.79 45.20
CA ASP G 270 25.21 10.58 46.34
C ASP G 270 24.23 10.60 47.49
N THR G 271 24.75 10.33 48.69
CA THR G 271 24.06 10.60 49.93
C THR G 271 24.77 11.70 50.72
N TRP G 272 25.72 12.39 50.10
CA TRP G 272 26.56 13.33 50.80
C TRP G 272 26.01 14.75 50.77
N TYR G 273 24.79 14.94 50.27
CA TYR G 273 24.21 16.27 50.18
C TYR G 273 23.80 16.77 51.56
N PRO G 274 23.92 18.07 51.84
CA PRO G 274 23.90 18.54 53.23
C PRO G 274 22.53 18.49 53.91
N ASP G 275 21.43 18.47 53.15
CA ASP G 275 20.12 18.55 53.76
C ASP G 275 19.77 17.25 54.50
N GLU G 276 20.04 16.10 53.89
CA GLU G 276 19.78 14.82 54.52
C GLU G 276 20.72 13.78 53.94
N ASP G 277 20.82 12.65 54.61
CA ASP G 277 21.71 11.59 54.12
C ASP G 277 21.05 10.22 54.06
N GLY G 278 20.11 9.94 54.96
CA GLY G 278 19.47 8.65 55.02
C GLY G 278 18.09 8.59 54.41
N LEU G 279 17.56 9.73 53.94
CA LEU G 279 16.23 9.75 53.33
C LEU G 279 16.21 9.08 51.96
N GLY G 280 17.38 8.90 51.35
CA GLY G 280 17.47 8.25 50.07
C GLY G 280 18.52 8.93 49.20
N PRO G 281 19.28 8.14 48.46
CA PRO G 281 20.23 8.74 47.51
C PRO G 281 19.49 9.30 46.31
N ILE G 282 20.12 10.27 45.65
CA ILE G 282 19.59 10.87 44.44
C ILE G 282 20.66 10.79 43.36
N ALA G 283 20.35 11.36 42.20
CA ALA G 283 21.23 11.26 41.04
C ALA G 283 22.23 12.40 41.00
N VAL G 284 23.47 12.08 40.65
CA VAL G 284 24.56 13.04 40.68
C VAL G 284 24.45 14.00 39.49
N GLU G 285 24.25 15.28 39.78
CA GLU G 285 24.18 16.34 38.80
C GLU G 285 24.79 17.59 39.40
N PRO G 286 25.22 18.55 38.56
CA PRO G 286 25.54 19.88 39.09
C PRO G 286 24.27 20.54 39.61
N TYR G 287 24.38 21.14 40.79
CA TYR G 287 23.25 21.60 41.62
C TYR G 287 22.25 20.46 41.78
N GLY G 288 22.71 19.41 42.47
CA GLY G 288 22.09 18.09 42.43
C GLY G 288 20.63 18.05 42.81
N SER G 289 19.79 17.90 41.79
CA SER G 289 18.38 18.20 41.90
C SER G 289 17.54 17.00 41.51
N VAL G 290 16.28 17.02 41.94
CA VAL G 290 15.32 15.98 41.67
C VAL G 290 14.15 16.62 40.92
N THR G 291 13.65 15.94 39.90
CA THR G 291 12.46 16.43 39.21
C THR G 291 11.20 16.18 40.04
N SER G 292 11.13 15.03 40.70
CA SER G 292 9.93 14.69 41.47
C SER G 292 9.85 15.52 42.74
N GLN G 293 10.95 15.61 43.49
CA GLN G 293 10.96 16.42 44.71
C GLN G 293 10.84 17.91 44.42
N GLY G 294 11.14 18.33 43.20
CA GLY G 294 10.99 19.71 42.80
C GLY G 294 11.94 20.68 43.43
N LYS G 295 13.03 20.19 44.01
CA LYS G 295 14.00 21.04 44.69
C LYS G 295 15.38 20.75 44.12
N ALA G 296 16.36 21.51 44.60
CA ALA G 296 17.76 21.23 44.34
C ALA G 296 18.46 21.12 45.67
N TYR G 297 18.88 19.92 46.02
CA TYR G 297 19.90 19.79 47.05
C TYR G 297 21.21 20.35 46.51
N ARG G 298 22.09 20.73 47.43
CA ARG G 298 23.39 21.33 47.14
C ARG G 298 23.23 22.61 46.33
N GLN G 299 22.61 23.61 46.97
CA GLN G 299 22.47 24.92 46.37
C GLN G 299 23.84 25.57 46.18
N PRO G 300 23.98 26.48 45.20
CA PRO G 300 25.23 27.26 45.11
C PRO G 300 25.39 28.30 46.21
N LYS G 301 24.34 28.54 47.02
CA LYS G 301 24.54 29.19 48.32
C LYS G 301 25.49 28.38 49.19
N GLN G 302 25.31 27.06 49.20
CA GLN G 302 26.24 26.19 49.90
C GLN G 302 27.52 26.01 49.09
N LYS G 303 28.50 25.40 49.73
CA LYS G 303 29.73 25.05 49.05
C LYS G 303 29.56 23.79 48.22
N LEU G 304 28.71 22.88 48.66
CA LEU G 304 28.89 21.45 48.40
C LEU G 304 28.43 20.99 47.02
N ASP G 305 28.17 21.86 46.06
CA ASP G 305 27.79 21.43 44.71
C ASP G 305 29.02 21.05 43.90
N PHE G 306 28.85 20.94 42.58
CA PHE G 306 29.96 20.57 41.70
C PHE G 306 30.77 21.76 41.23
N TYR G 307 30.09 22.83 40.83
CA TYR G 307 30.73 23.99 40.22
C TYR G 307 31.55 24.83 41.21
N THR G 308 31.46 24.54 42.51
CA THR G 308 32.34 25.14 43.50
C THR G 308 33.47 24.20 43.90
N LEU G 309 33.16 22.92 44.10
CA LEU G 309 34.19 21.93 44.43
C LEU G 309 35.21 21.79 43.30
N LEU G 310 34.76 21.91 42.04
CA LEU G 310 35.68 21.74 40.92
C LEU G 310 36.67 22.88 40.82
N ASP G 311 36.20 24.11 40.82
CA ASP G 311 37.15 25.21 40.68
C ASP G 311 37.78 25.63 42.00
N ASN G 312 37.42 25.01 43.12
CA ASN G 312 38.19 25.17 44.34
C ASN G 312 39.02 23.93 44.67
N TRP G 313 39.01 22.92 43.81
CA TRP G 313 39.94 21.81 43.93
C TRP G 313 40.96 21.74 42.82
N VAL G 314 40.59 22.15 41.61
CA VAL G 314 41.59 22.32 40.56
C VAL G 314 42.38 23.60 40.79
N LEU G 315 41.69 24.75 40.80
CA LEU G 315 42.35 26.05 40.81
C LEU G 315 42.85 26.41 42.20
N ARG G 316 41.96 26.48 43.18
CA ARG G 316 42.28 26.98 44.51
C ARG G 316 42.89 25.90 45.40
N ASP G 317 43.11 24.70 44.87
CA ASP G 317 43.96 23.65 45.42
C ASP G 317 43.48 23.10 46.77
N GLU G 318 42.22 23.33 47.13
CA GLU G 318 41.68 22.86 48.39
C GLU G 318 41.10 21.46 48.21
N ALA G 319 41.29 20.63 49.23
CA ALA G 319 40.73 19.29 49.20
C ALA G 319 39.23 19.32 49.47
N PRO G 320 38.42 18.64 48.68
CA PRO G 320 36.96 18.65 48.89
C PRO G 320 36.45 17.70 49.94
N ALA G 321 37.28 17.28 50.91
CA ALA G 321 36.87 16.42 52.03
C ALA G 321 36.39 15.06 51.56
N VAL G 322 37.33 14.13 51.36
CA VAL G 322 37.31 12.86 50.63
C VAL G 322 35.98 12.09 50.70
N GLU G 323 35.27 12.24 51.81
CA GLU G 323 33.83 11.99 51.94
C GLU G 323 33.01 12.43 50.73
N GLN G 324 33.33 13.58 50.16
CA GLN G 324 32.56 14.14 49.06
C GLN G 324 33.43 14.36 47.81
N GLN G 325 34.67 13.87 47.79
CA GLN G 325 35.44 13.90 46.56
C GLN G 325 34.90 12.91 45.52
N HIS G 326 34.14 11.91 45.96
CA HIS G 326 33.60 10.93 45.03
C HIS G 326 32.53 11.53 44.12
N TYR G 327 31.87 12.58 44.61
CA TYR G 327 30.83 13.25 43.83
C TYR G 327 31.40 13.93 42.60
N VAL G 328 32.54 14.59 42.73
CA VAL G 328 33.14 15.31 41.61
C VAL G 328 33.53 14.34 40.51
N ILE G 329 34.12 13.21 40.88
CA ILE G 329 34.52 12.19 39.91
C ILE G 329 33.31 11.50 39.30
N ALA G 330 32.27 11.26 40.09
CA ALA G 330 31.04 10.68 39.53
C ALA G 330 30.35 11.63 38.58
N ASN G 331 30.43 12.93 38.84
CA ASN G 331 29.87 13.88 37.91
C ASN G 331 30.77 14.07 36.68
N LEU G 332 32.05 13.71 36.78
CA LEU G 332 32.87 13.66 35.58
C LEU G 332 32.53 12.43 34.75
N ILE G 333 32.24 11.30 35.40
CA ILE G 333 31.81 10.10 34.70
C ILE G 333 30.46 10.31 34.04
N ARG G 334 29.61 11.17 34.62
CA ARG G 334 28.41 11.65 33.94
C ARG G 334 28.74 12.34 32.64
N GLY G 335 29.61 13.35 32.68
CA GLY G 335 29.98 14.06 31.48
C GLY G 335 28.96 15.10 31.07
N GLY G 336 29.40 16.24 30.56
CA GLY G 336 28.48 17.28 30.21
C GLY G 336 29.19 18.46 29.59
N VAL G 337 28.54 19.61 29.67
CA VAL G 337 29.06 20.85 29.08
C VAL G 337 29.48 21.79 30.21
N PHE G 338 30.77 22.05 30.30
CA PHE G 338 31.37 22.77 31.41
C PHE G 338 32.08 24.01 30.88
N GLY G 339 32.26 25.00 31.75
CA GLY G 339 32.82 26.25 31.33
C GLY G 339 31.75 27.31 31.16
N GLU G 340 32.20 28.48 30.71
CA GLU G 340 31.34 29.66 30.63
C GLU G 340 30.39 29.61 29.43
N LEU H 8 58.76 37.94 -10.57
CA LEU H 8 57.97 36.84 -10.03
C LEU H 8 57.51 37.14 -8.59
N SER H 9 56.20 37.29 -8.44
CA SER H 9 55.55 37.66 -7.20
C SER H 9 54.50 36.62 -6.85
N THR H 10 53.78 36.86 -5.77
CA THR H 10 52.68 35.96 -5.41
C THR H 10 51.52 36.10 -6.39
N ALA H 11 51.04 34.98 -6.88
CA ALA H 11 49.88 34.98 -7.77
C ALA H 11 48.64 35.18 -6.91
N SER H 12 48.00 36.34 -7.03
CA SER H 12 47.01 36.73 -6.04
C SER H 12 45.62 36.17 -6.29
N VAL H 13 45.46 35.22 -7.21
CA VAL H 13 44.32 34.32 -7.26
C VAL H 13 44.91 32.92 -7.40
N LEU H 14 44.96 32.19 -6.29
CA LEU H 14 45.72 30.96 -6.25
C LEU H 14 44.90 29.91 -5.51
N ALA H 15 44.86 28.69 -6.06
CA ALA H 15 43.96 27.66 -5.56
C ALA H 15 44.51 26.29 -5.94
N PHE H 16 43.96 25.25 -5.30
CA PHE H 16 44.29 23.86 -5.59
C PHE H 16 43.05 23.01 -5.35
N GLU H 17 43.05 21.80 -5.91
CA GLU H 17 41.90 20.92 -5.78
C GLU H 17 42.09 19.88 -4.67
N ARG H 18 41.00 19.19 -4.36
CA ARG H 18 41.05 18.05 -3.45
C ARG H 18 41.70 16.86 -4.13
N LYS H 19 42.68 16.29 -3.47
CA LYS H 19 43.19 14.96 -3.79
C LYS H 19 43.15 14.15 -2.51
N LEU H 20 42.82 12.86 -2.65
CA LEU H 20 42.23 12.03 -1.59
C LEU H 20 40.94 12.67 -1.09
N ASP H 21 39.93 12.70 -1.97
CA ASP H 21 38.61 13.23 -1.61
C ASP H 21 37.60 12.11 -1.47
N PRO H 22 37.39 11.58 -0.27
CA PRO H 22 36.48 10.44 -0.12
C PRO H 22 35.03 10.84 -0.20
N SER H 23 34.15 9.84 -0.17
CA SER H 23 32.71 10.05 -0.22
C SER H 23 32.12 9.85 1.16
N ASP H 24 30.90 10.32 1.34
CA ASP H 24 30.18 10.18 2.60
C ASP H 24 29.81 8.71 2.82
N ALA H 25 30.26 8.16 3.94
CA ALA H 25 30.15 6.73 4.17
C ALA H 25 28.80 6.38 4.78
N LEU H 26 28.11 5.44 4.16
CA LEU H 26 26.90 4.91 4.76
C LEU H 26 27.27 4.01 5.93
N MET H 27 26.30 3.78 6.81
CA MET H 27 26.48 2.88 7.92
C MET H 27 25.40 1.82 7.91
N SER H 28 25.77 0.63 8.37
CA SER H 28 24.88 -0.51 8.41
C SER H 28 25.45 -1.50 9.42
N ALA H 29 24.56 -2.26 10.06
CA ALA H 29 24.97 -3.06 11.21
C ALA H 29 24.56 -4.51 11.04
N GLY H 30 25.31 -5.36 11.72
CA GLY H 30 25.07 -6.79 11.70
C GLY H 30 25.91 -7.47 12.75
N ALA H 31 25.93 -8.80 12.72
CA ALA H 31 26.66 -9.55 13.73
C ALA H 31 28.05 -9.91 13.24
N TRP H 32 28.97 -10.05 14.18
CA TRP H 32 30.33 -10.48 13.87
C TRP H 32 30.29 -11.95 13.45
N ALA H 33 31.26 -12.32 12.60
CA ALA H 33 31.47 -13.62 11.95
C ALA H 33 30.41 -13.93 10.89
N GLN H 34 29.40 -13.07 10.74
CA GLN H 34 28.67 -12.91 9.50
C GLN H 34 29.16 -11.67 8.76
N ARG H 35 30.41 -11.28 9.01
CA ARG H 35 30.93 -10.02 8.52
C ARG H 35 31.38 -10.09 7.07
N ASP H 36 31.72 -11.26 6.57
CA ASP H 36 32.27 -11.40 5.23
C ASP H 36 31.19 -11.56 4.16
N ALA H 37 29.92 -11.49 4.54
CA ALA H 37 28.79 -11.44 3.61
C ALA H 37 28.05 -10.13 3.76
N SER H 38 28.80 -9.03 3.87
CA SER H 38 28.23 -7.73 4.22
C SER H 38 27.94 -6.92 2.96
N GLN H 39 26.97 -7.39 2.20
CA GLN H 39 26.45 -6.64 1.06
C GLN H 39 24.96 -6.35 1.20
N GLU H 40 24.32 -6.88 2.24
CA GLU H 40 22.88 -6.78 2.40
C GLU H 40 22.46 -6.38 3.80
N TRP H 41 23.40 -5.85 4.60
CA TRP H 41 23.10 -5.46 5.97
C TRP H 41 22.13 -4.29 6.00
N PRO H 42 21.17 -4.29 6.94
CA PRO H 42 20.16 -3.23 6.95
C PRO H 42 20.73 -1.89 7.37
N ALA H 43 20.17 -0.84 6.79
CA ALA H 43 20.60 0.52 7.08
C ALA H 43 20.20 0.93 8.49
N VAL H 44 21.17 1.44 9.24
CA VAL H 44 20.87 1.96 10.58
C VAL H 44 20.34 3.39 10.45
N THR H 45 19.04 3.50 10.29
CA THR H 45 18.42 4.79 10.03
C THR H 45 18.37 5.63 11.31
N VAL H 46 18.30 6.94 11.10
CA VAL H 46 18.14 7.84 12.22
C VAL H 46 16.70 7.76 12.71
N ARG H 47 16.53 7.75 14.02
CA ARG H 47 15.21 7.60 14.60
C ARG H 47 14.92 8.80 15.49
N GLU H 48 13.82 8.73 16.21
CA GLU H 48 13.34 9.84 17.03
C GLU H 48 13.15 9.37 18.46
N LYS H 49 13.63 10.17 19.40
CA LYS H 49 13.22 10.06 20.79
C LYS H 49 13.13 11.48 21.31
N SER H 50 12.91 11.62 22.62
CA SER H 50 12.73 12.94 23.19
C SER H 50 13.20 12.92 24.63
N VAL H 51 13.94 13.94 25.02
CA VAL H 51 14.54 14.01 26.34
C VAL H 51 13.88 15.13 27.14
N ARG H 52 13.86 14.96 28.45
CA ARG H 52 13.48 16.02 29.37
C ARG H 52 14.75 16.46 30.09
N GLY H 53 15.14 17.70 29.88
CA GLY H 53 16.39 18.19 30.43
C GLY H 53 16.24 18.64 31.87
N THR H 54 17.24 19.41 32.30
CA THR H 54 17.28 20.00 33.63
C THR H 54 18.18 21.22 33.55
N ILE H 55 18.57 21.73 34.72
CA ILE H 55 19.52 22.83 34.80
C ILE H 55 20.83 22.26 35.32
N SER H 56 21.76 22.01 34.41
CA SER H 56 23.11 21.64 34.78
C SER H 56 24.13 22.59 34.18
N ASN H 57 23.68 23.71 33.63
CA ASN H 57 24.58 24.71 33.05
C ASN H 57 25.36 25.41 34.15
N ARG H 58 26.54 25.91 33.78
CA ARG H 58 27.30 26.76 34.70
C ARG H 58 26.64 28.12 34.77
N LEU H 59 25.70 28.29 35.70
CA LEU H 59 25.03 29.56 35.81
C LEU H 59 25.95 30.59 36.47
N LYS H 60 25.52 31.85 36.44
CA LYS H 60 26.39 32.99 36.65
C LYS H 60 26.85 33.08 38.10
N THR H 61 27.91 33.85 38.31
CA THR H 61 28.65 33.83 39.56
C THR H 61 27.86 34.47 40.69
N LYS H 62 27.19 35.59 40.41
CA LYS H 62 26.34 36.24 41.40
C LYS H 62 24.92 36.46 40.91
N ASP H 63 24.35 35.50 40.17
CA ASP H 63 22.95 35.48 39.81
C ASP H 63 22.27 34.20 40.29
N ARG H 64 22.69 33.69 41.45
CA ARG H 64 22.44 32.30 41.78
C ARG H 64 21.04 32.08 42.35
N ASP H 65 20.66 32.86 43.40
CA ASP H 65 19.31 32.96 43.95
C ASP H 65 18.69 31.63 44.34
N PRO H 66 19.05 31.07 45.51
CA PRO H 66 18.68 29.68 45.85
C PRO H 66 17.19 29.35 45.99
N ALA H 67 16.29 30.29 45.72
CA ALA H 67 14.88 29.98 45.52
C ALA H 67 14.48 30.00 44.06
N LYS H 68 15.08 30.88 43.26
CA LYS H 68 14.84 30.93 41.82
C LYS H 68 15.32 29.65 41.14
N LEU H 69 16.38 29.03 41.66
CA LEU H 69 16.86 27.78 41.11
C LEU H 69 15.85 26.66 41.28
N ASP H 70 15.26 26.55 42.48
CA ASP H 70 14.22 25.57 42.70
C ASP H 70 12.96 25.89 41.91
N ALA H 71 12.66 27.18 41.72
CA ALA H 71 11.51 27.56 40.92
C ALA H 71 11.71 27.30 39.44
N SER H 72 12.96 27.21 38.97
CA SER H 72 13.24 26.97 37.57
C SER H 72 13.56 25.52 37.23
N ILE H 73 13.95 24.70 38.21
CA ILE H 73 14.17 23.29 37.94
C ILE H 73 12.84 22.56 37.76
N GLN H 74 11.78 23.04 38.42
CA GLN H 74 10.46 22.42 38.30
C GLN H 74 9.85 22.60 36.91
N SER H 75 10.33 23.58 36.13
CA SER H 75 9.90 23.78 34.75
C SER H 75 11.11 23.55 33.85
N PRO H 76 11.36 22.31 33.45
CA PRO H 76 12.57 22.00 32.68
C PRO H 76 12.42 22.35 31.21
N ASN H 77 13.51 22.16 30.49
CA ASN H 77 13.49 22.36 29.04
C ASN H 77 13.27 21.04 28.32
N LEU H 78 12.70 21.14 27.13
CA LEU H 78 12.13 20.02 26.40
C LEU H 78 12.81 19.92 25.05
N GLN H 79 13.53 18.82 24.83
CA GLN H 79 14.24 18.63 23.58
C GLN H 79 13.83 17.30 22.98
N THR H 80 13.62 17.27 21.68
CA THR H 80 13.41 16.03 20.95
C THR H 80 14.62 15.80 20.05
N VAL H 81 15.64 15.18 20.64
CA VAL H 81 16.89 14.94 19.95
C VAL H 81 16.81 13.58 19.26
N ASP H 82 17.68 13.39 18.29
CA ASP H 82 17.68 12.17 17.50
C ASP H 82 18.74 11.20 18.01
N VAL H 83 18.75 10.01 17.42
CA VAL H 83 19.65 8.95 17.82
C VAL H 83 19.76 8.00 16.65
N ALA H 84 20.82 7.18 16.64
CA ALA H 84 20.97 6.11 15.66
C ALA H 84 21.47 4.89 16.41
N ASN H 85 20.54 4.08 16.93
CA ASN H 85 20.96 2.86 17.59
C ASN H 85 21.15 1.74 16.57
N LEU H 86 21.92 0.74 16.97
CA LEU H 86 21.89 -0.55 16.33
C LEU H 86 20.59 -1.26 16.64
N PRO H 87 20.21 -2.26 15.87
CA PRO H 87 19.13 -3.16 16.29
C PRO H 87 19.57 -4.03 17.44
N SER H 88 18.58 -4.68 18.08
CA SER H 88 18.88 -5.57 19.20
C SER H 88 19.57 -6.86 18.76
N ASP H 89 19.53 -7.17 17.46
CA ASP H 89 20.23 -8.33 16.94
C ASP H 89 21.66 -8.02 16.51
N ALA H 90 21.93 -6.76 16.18
CA ALA H 90 23.21 -6.39 15.60
C ALA H 90 24.31 -6.35 16.65
N ASP H 91 25.54 -6.54 16.20
CA ASP H 91 26.70 -6.47 17.08
C ASP H 91 27.87 -5.68 16.49
N THR H 92 27.88 -5.42 15.18
CA THR H 92 28.97 -4.72 14.54
C THR H 92 28.46 -3.44 13.87
N LEU H 93 29.34 -2.80 13.11
CA LEU H 93 28.99 -1.59 12.37
C LEU H 93 29.84 -1.56 11.12
N LYS H 94 29.21 -1.48 9.96
CA LYS H 94 29.91 -1.36 8.68
C LYS H 94 30.00 0.11 8.31
N VAL H 95 31.19 0.54 7.92
CA VAL H 95 31.41 1.90 7.41
C VAL H 95 32.09 1.76 6.06
N ARG H 96 31.40 2.17 5.00
CA ARG H 96 31.88 1.95 3.64
C ARG H 96 31.88 3.26 2.87
N PHE H 97 33.04 3.66 2.36
CA PHE H 97 33.10 4.80 1.46
C PHE H 97 34.05 4.51 0.31
N THR H 98 34.04 5.40 -0.68
CA THR H 98 34.85 5.28 -1.87
C THR H 98 35.82 6.44 -1.95
N LEU H 99 37.07 6.14 -2.28
CA LEU H 99 38.15 7.11 -2.25
C LEU H 99 38.83 7.17 -3.61
N ARG H 100 39.27 8.36 -4.00
CA ARG H 100 39.98 8.54 -5.25
C ARG H 100 41.02 9.65 -5.13
N VAL H 101 42.06 9.56 -5.97
CA VAL H 101 43.06 10.60 -6.12
C VAL H 101 42.99 11.09 -7.56
N LEU H 102 43.08 12.40 -7.76
CA LEU H 102 42.81 12.96 -9.06
C LEU H 102 44.07 13.19 -9.91
N GLY H 103 45.26 13.20 -9.32
CA GLY H 103 46.48 13.40 -10.08
C GLY H 103 46.73 14.83 -10.54
N GLY H 104 47.99 15.18 -10.75
CA GLY H 104 48.35 16.55 -11.05
C GLY H 104 48.46 17.37 -9.80
N ALA H 105 49.38 16.97 -8.91
CA ALA H 105 49.39 17.45 -7.53
C ALA H 105 49.80 18.91 -7.44
N GLY H 106 50.95 19.25 -7.99
CA GLY H 106 51.43 20.61 -7.92
C GLY H 106 50.69 21.60 -8.79
N THR H 107 49.95 21.11 -9.78
CA THR H 107 49.30 21.99 -10.73
C THR H 107 48.12 22.72 -10.10
N PRO H 108 48.12 24.04 -10.06
CA PRO H 108 46.98 24.78 -9.52
C PRO H 108 45.84 24.81 -10.52
N SER H 109 44.63 24.83 -9.98
CA SER H 109 43.46 25.05 -10.80
C SER H 109 43.13 26.52 -10.96
N ALA H 110 43.96 27.40 -10.38
CA ALA H 110 43.78 28.84 -10.50
C ALA H 110 45.12 29.47 -10.19
N CYS H 111 45.70 30.18 -11.16
CA CYS H 111 46.98 30.85 -10.93
C CYS H 111 47.12 31.98 -11.94
N ASN H 112 47.42 33.18 -11.43
CA ASN H 112 47.65 34.31 -12.34
C ASN H 112 49.04 34.26 -12.93
N ASP H 113 50.06 34.35 -12.09
CA ASP H 113 51.43 34.51 -12.56
C ASP H 113 51.91 33.23 -13.23
N ALA H 114 52.28 33.34 -14.50
CA ALA H 114 53.04 32.31 -15.17
C ALA H 114 54.53 32.39 -14.86
N ALA H 115 54.91 33.25 -13.92
CA ALA H 115 56.25 33.28 -13.34
C ALA H 115 56.30 32.52 -12.02
N TYR H 116 55.33 32.80 -11.13
CA TYR H 116 55.23 32.06 -9.88
C TYR H 116 54.89 30.60 -10.14
N ARG H 117 53.98 30.34 -11.09
CA ARG H 117 53.68 28.98 -11.49
C ARG H 117 54.87 28.32 -12.16
N ASP H 118 55.68 29.10 -12.89
CA ASP H 118 56.89 28.57 -13.51
C ASP H 118 57.90 28.13 -12.46
N LYS H 119 58.09 28.93 -11.41
CA LYS H 119 58.97 28.51 -10.32
C LYS H 119 58.42 27.31 -9.58
N LEU H 120 57.10 27.28 -9.35
CA LEU H 120 56.48 26.18 -8.62
C LEU H 120 56.49 24.88 -9.41
N LEU H 121 56.57 24.96 -10.76
CA LEU H 121 56.73 23.78 -11.60
C LEU H 121 57.97 22.97 -11.20
N GLN H 122 59.15 23.57 -11.31
CA GLN H 122 60.34 22.83 -10.93
C GLN H 122 60.51 22.71 -9.42
N THR H 123 59.79 23.52 -8.62
CA THR H 123 59.73 23.27 -7.18
C THR H 123 59.16 21.89 -6.88
N VAL H 124 57.91 21.65 -7.32
CA VAL H 124 57.31 20.33 -7.06
C VAL H 124 57.99 19.25 -7.90
N ALA H 125 58.59 19.62 -9.04
CA ALA H 125 59.23 18.63 -9.90
C ALA H 125 60.51 18.10 -9.27
N THR H 126 61.36 18.97 -8.73
CA THR H 126 62.54 18.47 -8.07
C THR H 126 62.23 17.94 -6.68
N TYR H 127 61.07 18.28 -6.12
CA TYR H 127 60.65 17.60 -4.89
C TYR H 127 60.30 16.14 -5.17
N VAL H 128 59.55 15.89 -6.23
CA VAL H 128 59.20 14.50 -6.57
C VAL H 128 60.42 13.75 -7.08
N ASN H 129 61.27 14.41 -7.88
CA ASN H 129 62.44 13.76 -8.44
C ASN H 129 63.50 13.50 -7.36
N ASP H 130 63.58 14.37 -6.35
CA ASP H 130 64.46 14.13 -5.21
C ASP H 130 64.02 12.89 -4.44
N GLN H 131 62.82 12.93 -3.86
CA GLN H 131 62.32 11.84 -3.05
C GLN H 131 60.86 11.59 -3.41
N GLY H 132 60.42 10.38 -3.14
CA GLY H 132 59.04 10.02 -3.40
C GLY H 132 58.12 10.51 -2.32
N PHE H 133 56.84 10.21 -2.50
CA PHE H 133 55.81 10.52 -1.52
C PHE H 133 55.69 9.46 -0.45
N ALA H 134 56.70 8.60 -0.27
CA ALA H 134 56.58 7.45 0.64
C ALA H 134 56.40 7.87 2.09
N GLU H 135 56.95 9.03 2.47
CA GLU H 135 56.61 9.64 3.75
C GLU H 135 55.13 9.96 3.81
N LEU H 136 54.64 10.73 2.83
CA LEU H 136 53.21 11.03 2.79
C LEU H 136 52.38 9.81 2.40
N ALA H 137 52.96 8.81 1.73
CA ALA H 137 52.20 7.58 1.45
C ALA H 137 51.93 6.82 2.74
N ARG H 138 52.94 6.65 3.58
CA ARG H 138 52.70 5.95 4.84
C ARG H 138 51.88 6.83 5.79
N ARG H 139 51.98 8.15 5.68
CA ARG H 139 51.20 8.99 6.58
C ARG H 139 49.73 9.06 6.18
N TYR H 140 49.40 9.08 4.88
CA TYR H 140 48.00 8.96 4.50
C TYR H 140 47.52 7.51 4.49
N ALA H 141 48.43 6.54 4.61
CA ALA H 141 48.02 5.16 4.76
C ALA H 141 47.80 4.78 6.21
N HIS H 142 48.33 5.55 7.16
CA HIS H 142 47.99 5.34 8.55
C HIS H 142 46.76 6.14 8.99
N ASN H 143 46.00 6.69 8.06
CA ASN H 143 44.65 7.16 8.34
C ASN H 143 43.60 6.39 7.57
N LEU H 144 44.02 5.33 6.88
CA LEU H 144 43.15 4.27 6.43
C LEU H 144 43.47 2.94 7.06
N ALA H 145 44.71 2.75 7.52
CA ALA H 145 45.12 1.46 8.04
C ALA H 145 44.69 1.27 9.48
N ASN H 146 44.52 2.35 10.22
CA ASN H 146 43.71 2.32 11.42
C ASN H 146 42.30 2.73 11.03
N ALA H 147 41.46 3.05 12.01
CA ALA H 147 40.10 3.45 11.67
C ALA H 147 39.78 4.82 12.25
N ARG H 148 40.64 5.79 11.99
CA ARG H 148 40.41 7.14 12.48
C ARG H 148 39.17 7.78 11.85
N PHE H 149 38.75 7.31 10.66
CA PHE H 149 37.67 7.96 9.94
C PHE H 149 36.31 7.72 10.60
N LEU H 150 36.14 6.58 11.26
CA LEU H 150 35.09 6.47 12.26
C LEU H 150 35.60 7.16 13.52
N TRP H 151 35.01 8.30 13.85
CA TRP H 151 35.61 9.21 14.84
C TRP H 151 35.32 8.81 16.28
N ARG H 152 34.07 8.91 16.69
CA ARG H 152 33.72 8.55 18.06
C ARG H 152 33.38 7.08 18.17
N ASN H 153 33.15 6.42 17.04
CA ASN H 153 32.91 4.98 17.04
C ASN H 153 34.16 4.16 17.33
N ARG H 154 35.34 4.81 17.43
CA ARG H 154 36.57 4.07 17.69
C ARG H 154 36.77 3.83 19.18
N VAL H 155 36.41 4.80 20.02
CA VAL H 155 36.66 4.66 21.45
C VAL H 155 35.66 3.68 22.04
N GLY H 156 36.16 2.76 22.87
CA GLY H 156 35.32 1.76 23.47
C GLY H 156 34.94 0.61 22.56
N ALA H 157 35.33 0.64 21.30
CA ALA H 157 35.15 -0.52 20.44
C ALA H 157 36.11 -1.62 20.88
N GLU H 158 35.60 -2.84 20.96
CA GLU H 158 36.41 -3.95 21.45
C GLU H 158 37.16 -4.66 20.34
N ALA H 159 36.74 -4.50 19.09
CA ALA H 159 37.52 -4.97 17.93
C ALA H 159 37.08 -4.16 16.72
N VAL H 160 37.93 -3.23 16.28
CA VAL H 160 37.66 -2.44 15.09
C VAL H 160 38.75 -2.74 14.06
N GLU H 161 38.34 -3.01 12.83
CA GLU H 161 39.28 -3.36 11.78
C GLU H 161 38.76 -2.85 10.44
N VAL H 162 39.70 -2.57 9.54
CA VAL H 162 39.41 -1.94 8.27
C VAL H 162 39.87 -2.85 7.14
N ARG H 163 38.97 -3.12 6.19
CA ARG H 163 39.27 -3.94 5.03
C ARG H 163 39.32 -3.03 3.81
N ILE H 164 40.52 -2.86 3.25
CA ILE H 164 40.75 -2.04 2.07
C ILE H 164 41.00 -2.95 0.88
N ASN H 165 40.45 -2.59 -0.27
CA ASN H 165 40.64 -3.38 -1.49
C ASN H 165 40.62 -2.49 -2.71
N HIS H 166 41.76 -2.40 -3.40
CA HIS H 166 41.90 -1.58 -4.59
C HIS H 166 41.32 -2.25 -5.81
N ILE H 167 40.62 -1.48 -6.64
CA ILE H 167 39.98 -1.97 -7.85
C ILE H 167 40.56 -1.23 -9.06
N ARG H 168 40.91 -1.98 -10.11
CA ARG H 168 41.20 -1.41 -11.41
C ARG H 168 40.06 -1.67 -12.39
N GLN H 169 39.69 -2.94 -12.57
CA GLN H 169 38.44 -3.31 -13.19
C GLN H 169 37.32 -3.20 -12.17
N GLY H 170 36.16 -3.77 -12.48
CA GLY H 170 35.09 -3.82 -11.50
C GLY H 170 35.24 -4.96 -10.50
N GLU H 171 36.44 -5.12 -9.96
CA GLU H 171 36.82 -6.23 -9.10
C GLU H 171 38.12 -5.86 -8.41
N VAL H 172 38.38 -6.53 -7.30
CA VAL H 172 39.50 -6.21 -6.43
C VAL H 172 40.81 -6.59 -7.10
N ALA H 173 41.70 -5.61 -7.24
CA ALA H 173 43.05 -5.92 -7.73
C ALA H 173 43.89 -6.53 -6.61
N ARG H 174 44.17 -5.77 -5.56
CA ARG H 174 44.88 -6.28 -4.39
C ARG H 174 44.20 -5.76 -3.13
N ALA H 175 43.84 -6.68 -2.24
CA ALA H 175 43.14 -6.36 -1.00
C ALA H 175 44.07 -6.50 0.19
N TRP H 176 43.83 -5.68 1.22
CA TRP H 176 44.57 -5.76 2.47
C TRP H 176 43.59 -5.68 3.63
N ARG H 177 43.83 -6.48 4.66
CA ARG H 177 42.94 -6.55 5.81
C ARG H 177 43.75 -6.35 7.08
N PHE H 178 43.21 -5.56 8.00
CA PHE H 178 43.98 -4.91 9.05
C PHE H 178 43.40 -5.25 10.43
N ASP H 179 43.96 -4.60 11.45
CA ASP H 179 43.41 -4.58 12.80
C ASP H 179 43.69 -3.18 13.34
N ALA H 180 42.66 -2.33 13.34
CA ALA H 180 42.84 -0.89 13.45
C ALA H 180 43.27 -0.44 14.84
N LEU H 181 43.14 -1.28 15.86
CA LEU H 181 43.59 -0.90 17.19
C LEU H 181 44.97 -1.47 17.51
N ALA H 182 45.63 -2.10 16.54
CA ALA H 182 47.02 -2.51 16.74
C ALA H 182 47.95 -1.32 16.53
N ILE H 183 47.96 -0.76 15.32
CA ILE H 183 48.53 0.55 15.15
C ILE H 183 47.61 1.60 15.78
N GLY H 184 48.23 2.63 16.34
CA GLY H 184 47.47 3.61 17.08
C GLY H 184 47.00 4.76 16.23
N LEU H 185 46.37 5.71 16.91
CA LEU H 185 46.02 7.01 16.37
C LEU H 185 47.19 7.98 16.45
N ARG H 186 48.30 7.55 17.04
CA ARG H 186 49.39 8.38 17.54
C ARG H 186 50.73 8.07 16.88
N ASP H 187 51.02 6.81 16.61
CA ASP H 187 52.32 6.41 16.08
C ASP H 187 52.24 6.07 14.59
N PHE H 188 53.34 6.32 13.89
CA PHE H 188 53.49 6.00 12.47
C PHE H 188 54.61 5.00 12.31
N LYS H 189 54.26 3.78 11.90
CA LYS H 189 55.20 2.68 11.81
C LYS H 189 54.98 1.94 10.49
N ALA H 190 56.06 1.47 9.90
CA ALA H 190 56.03 0.78 8.62
C ALA H 190 55.80 -0.72 8.82
N ASP H 191 55.01 -1.31 7.91
CA ASP H 191 54.69 -2.73 8.00
C ASP H 191 55.02 -3.46 6.71
N ALA H 192 54.62 -4.72 6.61
CA ALA H 192 54.79 -5.49 5.39
C ALA H 192 53.52 -5.62 4.58
N GLU H 193 52.35 -5.49 5.21
CA GLU H 193 51.08 -5.39 4.50
C GLU H 193 50.72 -3.95 4.18
N LEU H 194 51.69 -3.04 4.26
CA LEU H 194 51.44 -1.61 4.19
C LEU H 194 52.27 -0.89 3.13
N ASP H 195 53.51 -1.33 2.90
CA ASP H 195 54.36 -0.60 1.98
C ASP H 195 53.99 -0.86 0.53
N ALA H 196 53.37 -2.00 0.23
CA ALA H 196 52.80 -2.21 -1.10
C ALA H 196 51.62 -1.28 -1.34
N LEU H 197 50.80 -1.07 -0.31
CA LEU H 197 49.73 -0.08 -0.36
C LEU H 197 50.31 1.33 -0.49
N ALA H 198 51.46 1.56 0.14
CA ALA H 198 52.10 2.87 0.10
C ALA H 198 52.62 3.18 -1.30
N GLU H 199 53.21 2.18 -1.98
CA GLU H 199 53.66 2.40 -3.35
C GLU H 199 52.49 2.61 -4.30
N LEU H 200 51.36 1.95 -4.02
CA LEU H 200 50.15 2.15 -4.82
C LEU H 200 49.63 3.58 -4.68
N ILE H 201 49.43 4.04 -3.44
CA ILE H 201 48.90 5.38 -3.22
C ILE H 201 49.93 6.44 -3.62
N ALA H 202 51.22 6.13 -3.56
CA ALA H 202 52.24 7.08 -3.96
C ALA H 202 52.28 7.24 -5.47
N SER H 203 52.44 6.13 -6.19
CA SER H 203 52.54 6.19 -7.64
C SER H 203 51.21 6.51 -8.32
N GLY H 204 50.09 6.41 -7.61
CA GLY H 204 48.85 6.92 -8.16
C GLY H 204 48.61 8.34 -7.75
N LEU H 205 49.26 8.79 -6.67
CA LEU H 205 49.02 10.12 -6.15
C LEU H 205 49.79 11.19 -6.90
N SER H 206 50.77 10.82 -7.71
CA SER H 206 51.51 11.77 -8.52
C SER H 206 50.67 12.15 -9.74
N GLY H 207 51.27 12.83 -10.70
CA GLY H 207 50.48 13.18 -11.87
C GLY H 207 50.49 12.08 -12.91
N SER H 208 49.50 11.21 -12.85
CA SER H 208 49.33 10.21 -13.89
C SER H 208 47.90 10.08 -14.39
N GLY H 209 46.92 10.18 -13.49
CA GLY H 209 45.57 9.77 -13.79
C GLY H 209 44.78 9.64 -12.51
N HIS H 210 44.09 8.52 -12.30
CA HIS H 210 43.34 8.35 -11.06
C HIS H 210 43.54 6.96 -10.49
N VAL H 211 43.12 6.82 -9.22
CA VAL H 211 43.13 5.57 -8.48
C VAL H 211 41.80 5.51 -7.76
N LEU H 212 41.39 4.31 -7.35
CA LEU H 212 40.07 4.12 -6.74
C LEU H 212 40.18 3.06 -5.66
N LEU H 213 39.80 3.39 -4.43
CA LEU H 213 39.88 2.48 -3.31
C LEU H 213 38.59 2.52 -2.52
N GLU H 214 38.06 1.34 -2.21
CA GLU H 214 36.85 1.17 -1.41
C GLU H 214 37.26 0.74 0.00
N VAL H 215 36.81 1.48 1.01
CA VAL H 215 37.26 1.27 2.38
C VAL H 215 36.09 0.76 3.20
N VAL H 216 36.26 -0.40 3.83
CA VAL H 216 35.21 -1.03 4.62
C VAL H 216 35.77 -1.25 6.02
N ALA H 217 35.08 -0.73 7.03
CA ALA H 217 35.51 -0.82 8.42
C ALA H 217 34.45 -1.47 9.28
N PHE H 218 34.88 -2.37 10.17
CA PHE H 218 33.97 -3.14 11.02
C PHE H 218 34.26 -2.82 12.48
N ALA H 219 33.58 -1.81 13.01
CA ALA H 219 33.73 -1.41 14.41
C ALA H 219 32.71 -2.16 15.25
N ARG H 220 33.20 -3.12 16.05
CA ARG H 220 32.32 -3.92 16.92
C ARG H 220 32.00 -3.08 18.15
N ILE H 221 30.99 -2.22 17.99
CA ILE H 221 30.69 -1.18 18.98
C ILE H 221 29.90 -1.71 20.16
N GLY H 222 29.34 -2.90 20.06
CA GLY H 222 28.52 -3.47 21.11
C GLY H 222 27.19 -3.93 20.56
N ASP H 223 26.21 -4.06 21.44
CA ASP H 223 24.92 -4.65 21.12
C ASP H 223 23.83 -3.62 21.38
N GLY H 224 23.26 -3.06 20.32
CA GLY H 224 22.23 -2.06 20.48
C GLY H 224 22.72 -0.68 20.87
N GLN H 225 23.99 -0.52 21.17
CA GLN H 225 24.60 0.73 21.59
C GLN H 225 24.62 1.71 20.41
N GLU H 226 24.49 3.00 20.70
CA GLU H 226 24.32 3.98 19.64
C GLU H 226 25.63 4.23 18.89
N VAL H 227 25.49 4.71 17.67
CA VAL H 227 26.60 5.20 16.89
C VAL H 227 26.46 6.70 16.77
N PHE H 228 27.44 7.34 16.15
CA PHE H 228 27.51 8.80 16.08
C PHE H 228 27.68 9.24 14.64
N PRO H 229 26.58 9.35 13.89
CA PRO H 229 26.65 10.06 12.62
C PRO H 229 26.81 11.54 12.87
N SER H 230 27.39 12.22 11.91
CA SER H 230 27.64 13.64 12.06
C SER H 230 26.35 14.42 11.92
N GLN H 231 26.14 15.39 12.79
CA GLN H 231 24.95 16.21 12.71
C GLN H 231 25.21 17.39 11.79
N GLU H 232 24.20 18.25 11.60
CA GLU H 232 24.38 19.45 10.79
C GLU H 232 24.14 20.70 11.62
N LEU H 233 24.79 21.78 11.20
CA LEU H 233 24.43 23.10 11.69
C LEU H 233 23.03 23.46 11.26
N ILE H 234 22.34 24.22 12.11
CA ILE H 234 21.04 24.80 11.81
C ILE H 234 21.01 26.23 12.33
N LEU H 235 20.16 27.04 11.71
CA LEU H 235 19.72 28.27 12.33
C LEU H 235 18.53 27.97 13.24
N ASP H 236 18.14 28.96 14.04
CA ASP H 236 17.15 28.74 15.09
C ASP H 236 15.77 28.54 14.47
N LYS H 237 15.03 27.56 14.99
CA LYS H 237 13.66 27.34 14.55
C LYS H 237 12.70 28.17 15.40
N GLY H 238 11.59 28.56 14.79
CA GLY H 238 10.62 29.43 15.43
C GLY H 238 9.69 28.75 16.43
N ASP H 239 10.28 28.10 17.44
CA ASP H 239 9.53 27.46 18.51
C ASP H 239 10.47 27.27 19.70
N LYS H 240 9.93 27.30 20.90
CA LYS H 240 10.69 26.99 22.10
C LYS H 240 10.32 25.65 22.72
N LYS H 241 9.61 24.80 21.96
CA LYS H 241 9.35 23.43 22.37
C LYS H 241 9.98 22.41 21.43
N GLY H 242 10.10 22.73 20.15
CA GLY H 242 10.88 21.93 19.23
C GLY H 242 12.11 22.70 18.78
N GLN H 243 12.70 23.43 19.72
CA GLN H 243 13.85 24.30 19.42
C GLN H 243 15.08 23.48 19.06
N LYS H 244 15.56 22.65 19.99
CA LYS H 244 16.64 21.72 19.71
C LYS H 244 16.07 20.46 19.07
N SER H 245 16.75 19.95 18.05
CA SER H 245 16.35 18.69 17.44
C SER H 245 17.48 17.71 17.24
N LYS H 246 18.75 18.16 17.23
CA LYS H 246 19.94 17.35 16.95
C LYS H 246 19.76 16.54 15.66
N THR H 247 19.67 17.28 14.57
CA THR H 247 19.36 16.64 13.29
C THR H 247 20.61 15.97 12.73
N LEU H 248 20.51 14.66 12.50
CA LEU H 248 21.64 13.88 12.02
C LEU H 248 21.67 13.91 10.49
N TYR H 249 22.52 13.09 9.88
CA TYR H 249 22.76 13.13 8.45
C TYR H 249 22.41 11.79 7.82
N SER H 250 21.62 11.81 6.75
CA SER H 250 21.17 10.60 6.09
C SER H 250 21.40 10.69 4.59
N VAL H 251 21.81 9.58 3.97
CA VAL H 251 22.03 9.54 2.53
C VAL H 251 20.88 8.88 1.79
N ARG H 252 20.62 7.60 2.03
CA ARG H 252 19.45 6.92 1.48
C ARG H 252 18.73 6.30 2.67
N ASP H 253 17.99 7.15 3.40
CA ASP H 253 17.39 6.84 4.69
C ASP H 253 18.33 6.09 5.62
N ALA H 254 19.59 6.53 5.70
CA ALA H 254 20.64 5.76 6.34
C ALA H 254 21.68 6.71 6.91
N ALA H 255 22.00 6.56 8.18
CA ALA H 255 22.88 7.48 8.88
C ALA H 255 24.28 7.45 8.32
N ALA H 256 24.80 8.62 7.97
CA ALA H 256 26.07 8.72 7.26
C ALA H 256 26.94 9.81 7.87
N ILE H 257 28.25 9.61 7.77
CA ILE H 257 29.23 10.62 8.16
C ILE H 257 29.48 11.51 6.95
N HIS H 258 29.68 12.81 7.19
CA HIS H 258 29.94 13.75 6.11
C HIS H 258 31.25 13.42 5.39
N SER H 259 31.37 13.93 4.16
CA SER H 259 32.57 13.72 3.38
C SER H 259 33.75 14.53 3.92
N GLN H 260 33.50 15.76 4.35
CA GLN H 260 34.60 16.59 4.80
C GLN H 260 35.15 16.13 6.14
N LYS H 261 34.32 15.52 7.00
CA LYS H 261 34.84 14.98 8.25
C LYS H 261 35.64 13.71 8.01
N ILE H 262 35.17 12.86 7.10
CA ILE H 262 35.85 11.61 6.82
C ILE H 262 37.07 11.83 5.94
N GLY H 263 37.22 13.02 5.35
CA GLY H 263 38.45 13.39 4.70
C GLY H 263 39.37 14.15 5.63
N ASN H 264 38.77 14.77 6.66
CA ASN H 264 39.55 15.42 7.70
C ASN H 264 40.30 14.39 8.53
N ALA H 265 39.68 13.25 8.76
CA ALA H 265 40.39 12.18 9.45
C ALA H 265 41.49 11.56 8.60
N LEU H 266 41.40 11.66 7.27
CA LEU H 266 42.53 11.30 6.44
C LEU H 266 43.69 12.26 6.62
N ARG H 267 43.38 13.52 6.90
CA ARG H 267 44.33 14.62 6.77
C ARG H 267 45.16 14.83 8.03
N THR H 268 44.98 14.00 9.05
CA THR H 268 45.82 14.07 10.25
C THR H 268 47.18 13.48 9.91
N ILE H 269 48.14 14.35 9.64
CA ILE H 269 49.43 13.92 9.10
C ILE H 269 50.55 14.44 9.99
N ASP H 270 50.62 15.75 10.15
CA ASP H 270 51.86 16.41 10.57
C ASP H 270 52.11 16.23 12.07
N THR H 271 53.28 15.69 12.40
CA THR H 271 53.82 15.78 13.74
C THR H 271 54.90 16.85 13.85
N TRP H 272 55.01 17.72 12.85
CA TRP H 272 56.13 18.65 12.76
C TRP H 272 55.80 20.03 13.32
N TYR H 273 54.59 20.22 13.85
CA TYR H 273 54.23 21.48 14.46
C TYR H 273 55.07 21.70 15.72
N PRO H 274 55.56 22.92 15.95
CA PRO H 274 56.73 23.11 16.82
C PRO H 274 56.45 23.00 18.31
N ASP H 275 55.19 22.83 18.73
CA ASP H 275 54.85 22.92 20.14
C ASP H 275 55.38 21.72 20.93
N GLU H 276 54.86 20.53 20.63
CA GLU H 276 55.27 19.31 21.32
C GLU H 276 54.76 18.13 20.52
N ASP H 277 55.43 16.98 20.71
CA ASP H 277 54.95 15.71 20.21
C ASP H 277 54.09 14.98 21.24
N GLY H 278 53.10 15.67 21.80
CA GLY H 278 52.22 15.07 22.79
C GLY H 278 50.83 14.81 22.27
N LEU H 279 50.30 15.73 21.47
CA LEU H 279 48.94 15.61 20.96
C LEU H 279 48.86 14.58 19.84
N GLY H 280 50.00 14.26 19.23
CA GLY H 280 50.00 13.48 18.03
C GLY H 280 49.78 14.38 16.84
N PRO H 281 49.44 13.80 15.70
CA PRO H 281 49.19 14.62 14.51
C PRO H 281 47.88 15.39 14.61
N ILE H 282 47.84 16.52 13.92
CA ILE H 282 46.64 17.33 13.78
C ILE H 282 46.28 17.36 12.30
N ALA H 283 45.16 17.99 11.96
CA ALA H 283 44.81 18.18 10.56
C ALA H 283 45.76 19.20 9.93
N VAL H 284 46.29 18.86 8.75
CA VAL H 284 47.21 19.75 8.05
C VAL H 284 46.41 20.91 7.47
N GLU H 285 46.62 22.10 8.04
CA GLU H 285 45.86 23.28 7.67
C GLU H 285 46.79 24.47 7.49
N PRO H 286 46.45 25.39 6.59
CA PRO H 286 47.06 26.72 6.64
C PRO H 286 46.69 27.39 7.96
N TYR H 287 47.72 27.81 8.70
CA TYR H 287 47.63 28.29 10.08
C TYR H 287 46.99 27.20 10.95
N GLY H 288 47.77 26.12 11.12
CA GLY H 288 47.28 24.82 11.58
C GLY H 288 46.52 24.82 12.90
N SER H 289 45.22 24.64 12.79
CA SER H 289 44.28 24.93 13.86
C SER H 289 43.38 23.73 14.10
N VAL H 290 43.11 23.46 15.37
CA VAL H 290 42.33 22.29 15.78
C VAL H 290 41.06 22.79 16.47
N THR H 291 39.93 22.16 16.14
CA THR H 291 38.68 22.49 16.83
C THR H 291 38.69 21.95 18.25
N SER H 292 39.26 20.76 18.44
CA SER H 292 39.33 20.14 19.77
C SER H 292 40.55 20.61 20.57
N GLN H 293 41.12 21.76 20.23
CA GLN H 293 42.14 22.38 21.07
C GLN H 293 41.89 23.86 21.30
N GLY H 294 41.17 24.55 20.41
CA GLY H 294 40.74 25.91 20.68
C GLY H 294 41.45 26.99 19.90
N LYS H 295 42.77 26.88 19.74
CA LYS H 295 43.56 27.97 19.19
C LYS H 295 44.44 27.49 18.05
N ALA H 296 44.72 28.41 17.13
CA ALA H 296 45.47 28.12 15.91
C ALA H 296 46.96 28.04 16.23
N TYR H 297 47.52 26.84 16.19
CA TYR H 297 48.96 26.70 16.29
C TYR H 297 49.61 27.18 15.00
N ARG H 298 50.93 27.36 15.06
CA ARG H 298 51.76 27.95 14.00
C ARG H 298 51.26 29.36 13.64
N GLN H 299 51.41 30.25 14.62
CA GLN H 299 51.11 31.68 14.50
C GLN H 299 51.90 32.31 13.35
N PRO H 300 51.38 33.37 12.74
CA PRO H 300 52.20 34.17 11.82
C PRO H 300 53.47 34.78 12.43
N LYS H 301 53.58 34.86 13.76
CA LYS H 301 54.83 35.31 14.36
C LYS H 301 55.95 34.31 14.10
N GLN H 302 55.71 33.03 14.43
CA GLN H 302 56.68 32.01 14.08
C GLN H 302 56.67 31.76 12.58
N LYS H 303 57.75 31.17 12.10
CA LYS H 303 57.97 30.99 10.68
C LYS H 303 57.09 29.91 10.07
N LEU H 304 56.63 28.94 10.87
CA LEU H 304 56.16 27.67 10.34
C LEU H 304 54.75 27.70 9.75
N ASP H 305 54.12 28.86 9.60
CA ASP H 305 52.86 28.90 8.90
C ASP H 305 53.08 28.76 7.39
N PHE H 306 51.98 28.59 6.65
CA PHE H 306 52.08 28.02 5.31
C PHE H 306 52.60 28.99 4.26
N TYR H 307 52.09 30.22 4.24
CA TYR H 307 52.42 31.17 3.18
C TYR H 307 53.89 31.56 3.21
N THR H 308 54.49 31.65 4.41
CA THR H 308 55.90 31.95 4.52
C THR H 308 56.77 30.83 3.94
N LEU H 309 56.43 29.58 4.28
CA LEU H 309 57.17 28.43 3.73
C LEU H 309 57.04 28.34 2.22
N LEU H 310 55.82 28.52 1.70
CA LEU H 310 55.61 28.40 0.27
C LEU H 310 56.29 29.54 -0.49
N ASP H 311 56.25 30.76 0.07
CA ASP H 311 56.85 31.89 -0.62
C ASP H 311 58.37 31.81 -0.59
N ASN H 312 58.99 31.48 0.54
CA ASN H 312 60.45 31.43 0.47
C ASN H 312 60.97 30.14 -0.14
N TRP H 313 60.12 29.12 -0.30
CA TRP H 313 60.53 27.95 -1.07
C TRP H 313 60.20 28.09 -2.55
N VAL H 314 59.51 29.16 -2.94
CA VAL H 314 59.26 29.41 -4.36
C VAL H 314 59.83 30.76 -4.82
N LEU H 315 59.46 31.86 -4.14
CA LEU H 315 59.94 33.17 -4.56
C LEU H 315 61.41 33.38 -4.21
N ARG H 316 61.72 33.33 -2.92
CA ARG H 316 63.05 33.62 -2.40
C ARG H 316 64.01 32.44 -2.53
N ASP H 317 63.50 31.27 -2.96
CA ASP H 317 64.27 30.06 -3.26
C ASP H 317 65.04 29.51 -2.07
N GLU H 318 64.73 29.95 -0.85
CA GLU H 318 65.38 29.44 0.35
C GLU H 318 64.55 28.27 0.85
N ALA H 319 65.04 27.07 0.64
CA ALA H 319 64.29 25.88 0.98
C ALA H 319 64.27 25.69 2.50
N PRO H 320 63.11 25.39 3.09
CA PRO H 320 63.09 24.93 4.48
C PRO H 320 63.61 23.50 4.56
N ALA H 321 63.83 23.06 5.79
CA ALA H 321 64.33 21.71 6.01
C ALA H 321 63.26 20.68 5.64
N VAL H 322 63.73 19.51 5.19
CA VAL H 322 62.86 18.45 4.68
C VAL H 322 61.97 17.87 5.77
N GLU H 323 62.29 18.13 7.04
CA GLU H 323 61.42 17.78 8.16
C GLU H 323 60.07 18.46 8.05
N GLN H 324 60.05 19.76 7.73
CA GLN H 324 58.80 20.51 7.63
C GLN H 324 58.44 20.88 6.20
N GLN H 325 59.11 20.32 5.20
CA GLN H 325 58.69 20.56 3.82
C GLN H 325 57.40 19.83 3.50
N HIS H 326 57.14 18.71 4.18
CA HIS H 326 56.01 17.86 3.83
C HIS H 326 54.69 18.49 4.18
N TYR H 327 54.68 19.42 5.13
CA TYR H 327 53.49 20.22 5.44
C TYR H 327 52.97 20.94 4.21
N VAL H 328 53.88 21.52 3.42
CA VAL H 328 53.48 22.28 2.23
C VAL H 328 52.86 21.37 1.18
N ILE H 329 53.44 20.19 0.96
CA ILE H 329 52.87 19.30 -0.04
C ILE H 329 51.59 18.65 0.50
N ALA H 330 51.49 18.48 1.82
CA ALA H 330 50.28 17.91 2.41
C ALA H 330 49.09 18.86 2.32
N ASN H 331 49.28 20.17 2.48
CA ASN H 331 48.16 21.06 2.22
C ASN H 331 48.17 21.61 0.78
N LEU H 332 49.04 21.09 -0.07
CA LEU H 332 48.71 21.10 -1.50
C LEU H 332 47.70 20.00 -1.81
N ILE H 333 47.92 18.81 -1.26
CA ILE H 333 47.00 17.68 -1.46
C ILE H 333 45.64 17.99 -0.84
N ARG H 334 45.63 18.68 0.31
CA ARG H 334 44.40 19.26 0.83
C ARG H 334 43.82 20.28 -0.14
N GLY H 335 44.65 21.23 -0.55
CA GLY H 335 44.17 22.31 -1.38
C GLY H 335 43.42 23.37 -0.60
N GLY H 336 43.30 24.53 -1.19
CA GLY H 336 42.57 25.61 -0.56
C GLY H 336 42.29 26.71 -1.53
N VAL H 337 41.92 27.86 -0.99
CA VAL H 337 41.96 29.11 -1.73
C VAL H 337 43.02 29.99 -1.08
N PHE H 338 43.93 30.51 -1.89
CA PHE H 338 45.12 31.17 -1.40
C PHE H 338 45.13 32.60 -1.90
N GLY H 339 46.22 33.30 -1.60
CA GLY H 339 46.23 34.73 -1.72
C GLY H 339 45.61 35.36 -0.49
N GLU H 340 45.56 36.69 -0.49
CA GLU H 340 45.01 37.39 0.66
C GLU H 340 43.48 37.35 0.62
N MET I 1 27.90 -48.93 -49.35
CA MET I 1 29.26 -49.44 -49.24
C MET I 1 29.30 -50.86 -49.78
N ALA I 2 28.27 -51.63 -49.44
CA ALA I 2 28.15 -53.01 -49.89
C ALA I 2 26.74 -53.42 -50.31
N MET I 3 25.76 -52.53 -50.25
CA MET I 3 24.41 -52.88 -50.62
C MET I 3 24.29 -53.04 -52.14
N ASP I 4 23.28 -53.83 -52.53
CA ASP I 4 22.95 -54.06 -53.94
C ASP I 4 21.44 -53.96 -54.13
N HIS I 5 20.79 -53.25 -53.21
CA HIS I 5 19.35 -53.03 -53.24
C HIS I 5 19.04 -51.80 -52.40
N TYR I 6 17.76 -51.50 -52.24
CA TYR I 6 17.37 -50.33 -51.45
C TYR I 6 15.85 -50.26 -51.40
N LEU I 7 15.36 -49.30 -50.62
CA LEU I 7 13.94 -49.03 -50.50
C LEU I 7 13.76 -47.61 -50.00
N ASP I 8 12.83 -46.89 -50.61
CA ASP I 8 12.52 -45.51 -50.25
C ASP I 8 11.37 -45.49 -49.26
N ILE I 9 11.30 -44.41 -48.48
CA ILE I 9 10.26 -44.24 -47.48
C ILE I 9 10.19 -42.78 -47.10
N ARG I 10 8.97 -42.28 -46.95
CA ARG I 10 8.73 -40.91 -46.50
C ARG I 10 7.28 -40.82 -46.06
N LEU I 11 7.06 -40.47 -44.79
CA LEU I 11 5.71 -40.37 -44.28
C LEU I 11 5.01 -39.16 -44.86
N ARG I 12 3.68 -39.24 -44.94
CA ARG I 12 2.88 -38.16 -45.49
C ARG I 12 2.57 -37.15 -44.41
N PRO I 13 2.08 -35.98 -44.79
CA PRO I 13 1.69 -34.98 -43.79
C PRO I 13 0.38 -35.38 -43.11
N ASP I 14 0.13 -34.77 -41.97
CA ASP I 14 -1.02 -35.13 -41.15
C ASP I 14 -1.28 -34.04 -40.13
N PRO I 15 -2.34 -34.16 -39.32
CA PRO I 15 -2.62 -33.12 -38.32
C PRO I 15 -1.93 -33.32 -36.98
N GLU I 16 -1.59 -34.56 -36.62
CA GLU I 16 -1.45 -34.95 -35.22
C GLU I 16 -0.24 -34.32 -34.53
N PHE I 17 0.97 -34.64 -34.99
CA PHE I 17 2.15 -34.16 -34.28
C PHE I 17 3.42 -34.25 -35.14
N PRO I 18 4.54 -33.74 -34.65
CA PRO I 18 5.73 -33.64 -35.49
C PRO I 18 6.50 -34.95 -35.54
N PRO I 19 7.69 -34.95 -36.16
CA PRO I 19 8.41 -36.20 -36.37
C PRO I 19 9.34 -36.66 -35.25
N ALA I 20 9.18 -36.11 -34.04
CA ALA I 20 10.04 -36.54 -32.93
C ALA I 20 9.69 -37.95 -32.46
N GLN I 21 8.43 -38.15 -32.03
CA GLN I 21 7.98 -39.49 -31.66
C GLN I 21 7.89 -40.41 -32.87
N LEU I 22 7.73 -39.84 -34.07
CA LEU I 22 7.79 -40.64 -35.28
C LEU I 22 9.19 -41.15 -35.54
N MET I 23 10.21 -40.34 -35.21
CA MET I 23 11.59 -40.81 -35.34
C MET I 23 11.95 -41.82 -34.26
N SER I 24 11.39 -41.66 -33.06
CA SER I 24 11.61 -42.65 -32.01
C SER I 24 10.92 -43.98 -32.35
N VAL I 25 9.71 -43.92 -32.91
CA VAL I 25 9.02 -45.12 -33.36
C VAL I 25 9.72 -45.73 -34.57
N LEU I 26 10.37 -44.90 -35.39
CA LEU I 26 11.16 -45.42 -36.50
C LEU I 26 12.42 -46.12 -36.00
N PHE I 27 13.02 -45.61 -34.92
CA PHE I 27 14.18 -46.27 -34.34
C PHE I 27 13.79 -47.58 -33.68
N GLY I 28 12.61 -47.62 -33.03
CA GLY I 28 12.10 -48.87 -32.49
C GLY I 28 11.72 -49.86 -33.57
N LYS I 29 11.16 -49.37 -34.68
CA LYS I 29 10.83 -50.22 -35.81
C LYS I 29 12.07 -50.70 -36.54
N LEU I 30 13.15 -49.92 -36.51
CA LEU I 30 14.42 -50.38 -37.10
C LEU I 30 15.08 -51.40 -36.20
N HIS I 31 14.97 -51.23 -34.88
CA HIS I 31 15.48 -52.23 -33.94
C HIS I 31 14.62 -53.48 -33.92
N GLN I 32 13.39 -53.40 -34.43
CA GLN I 32 12.54 -54.58 -34.65
C GLN I 32 12.63 -55.11 -36.08
N ALA I 33 13.19 -54.35 -37.02
CA ALA I 33 13.38 -54.78 -38.40
C ALA I 33 14.69 -55.52 -38.57
N LEU I 34 15.81 -54.89 -38.20
CA LEU I 34 17.08 -55.60 -38.20
C LEU I 34 17.21 -56.56 -37.03
N VAL I 35 16.74 -56.18 -35.84
CA VAL I 35 16.97 -56.94 -34.61
C VAL I 35 15.88 -57.98 -34.37
N ALA I 36 14.62 -57.64 -34.66
CA ALA I 36 13.49 -58.50 -34.28
C ALA I 36 13.40 -59.78 -35.11
N GLN I 37 14.24 -59.95 -36.14
CA GLN I 37 14.32 -61.18 -36.89
C GLN I 37 15.74 -61.71 -37.06
N GLY I 38 16.76 -60.85 -36.92
CA GLY I 38 18.14 -61.29 -37.10
C GLY I 38 18.55 -61.34 -38.56
N GLY I 39 19.71 -60.75 -38.86
CA GLY I 39 20.20 -60.73 -40.23
C GLY I 39 21.25 -59.66 -40.45
N ASP I 40 22.27 -59.96 -41.26
CA ASP I 40 23.41 -59.09 -41.46
C ASP I 40 23.51 -58.54 -42.88
N ARG I 41 22.67 -59.03 -43.79
CA ARG I 41 22.64 -58.54 -45.17
C ARG I 41 21.62 -57.41 -45.30
N ILE I 42 21.95 -56.28 -44.67
CA ILE I 42 21.06 -55.12 -44.65
C ILE I 42 21.81 -53.87 -44.22
N GLY I 43 21.26 -52.71 -44.54
CA GLY I 43 21.75 -51.46 -44.00
C GLY I 43 20.71 -50.79 -43.14
N VAL I 44 21.14 -49.84 -42.32
CA VAL I 44 20.23 -49.07 -41.48
C VAL I 44 20.94 -47.77 -41.12
N SER I 45 20.24 -46.65 -41.27
CA SER I 45 20.79 -45.37 -40.87
C SER I 45 19.82 -44.23 -41.12
N PHE I 46 20.03 -43.11 -40.45
CA PHE I 46 19.30 -41.88 -40.71
C PHE I 46 20.29 -40.88 -41.32
N PRO I 47 20.56 -40.97 -42.63
CA PRO I 47 21.44 -40.01 -43.28
C PRO I 47 20.77 -38.70 -43.67
N ASP I 48 19.48 -38.55 -43.39
CA ASP I 48 18.76 -37.29 -43.56
C ASP I 48 18.60 -36.56 -42.24
N LEU I 49 19.60 -36.66 -41.36
CA LEU I 49 19.56 -36.01 -40.06
C LEU I 49 20.35 -34.71 -40.11
N ASP I 50 20.17 -33.89 -39.07
CA ASP I 50 20.81 -32.58 -38.94
C ASP I 50 21.47 -32.53 -37.57
N GLU I 51 22.74 -32.95 -37.51
CA GLU I 51 23.51 -32.85 -36.27
C GLU I 51 23.81 -31.39 -35.92
N SER I 52 23.90 -30.53 -36.93
CA SER I 52 24.02 -29.09 -36.73
C SER I 52 22.68 -28.38 -36.71
N ARG I 53 21.58 -29.14 -36.67
CA ARG I 53 20.23 -28.58 -36.66
C ARG I 53 19.35 -29.07 -35.52
N SER I 54 19.67 -30.20 -34.87
CA SER I 54 18.92 -30.70 -33.73
C SER I 54 17.54 -31.23 -34.15
N ARG I 55 17.48 -31.98 -35.25
CA ARG I 55 16.25 -32.55 -35.75
C ARG I 55 16.55 -33.94 -36.28
N LEU I 56 15.54 -34.58 -36.87
CA LEU I 56 15.66 -35.96 -37.34
C LEU I 56 15.47 -36.07 -38.84
N GLY I 57 14.42 -35.48 -39.39
CA GLY I 57 14.20 -35.52 -40.82
C GLY I 57 12.76 -35.72 -41.23
N GLU I 58 12.50 -35.66 -42.54
CA GLU I 58 11.18 -35.90 -43.11
C GLU I 58 11.24 -36.98 -44.18
N ARG I 59 12.28 -37.80 -44.15
CA ARG I 59 12.45 -38.89 -45.09
C ARG I 59 13.26 -39.98 -44.40
N LEU I 60 13.23 -41.18 -44.99
CA LEU I 60 13.92 -42.33 -44.44
C LEU I 60 14.44 -43.20 -45.57
N ARG I 61 15.52 -43.94 -45.29
CA ARG I 61 16.14 -44.86 -46.24
C ARG I 61 16.58 -46.09 -45.47
N ILE I 62 15.71 -47.10 -45.41
CA ILE I 62 16.02 -48.38 -44.74
C ILE I 62 16.09 -49.43 -45.84
N HIS I 63 17.29 -49.64 -46.39
CA HIS I 63 17.51 -50.54 -47.51
C HIS I 63 18.58 -51.55 -47.13
N ALA I 64 18.88 -52.45 -48.05
CA ALA I 64 19.76 -53.57 -47.76
C ALA I 64 20.48 -53.97 -49.03
N SER I 65 21.01 -55.19 -49.06
CA SER I 65 21.70 -55.73 -50.22
C SER I 65 20.69 -56.17 -51.28
N ALA I 66 21.16 -56.87 -52.31
CA ALA I 66 20.27 -57.32 -53.37
C ALA I 66 19.38 -58.46 -52.90
N ASP I 67 19.98 -59.60 -52.54
CA ASP I 67 19.21 -60.76 -52.10
C ASP I 67 18.61 -60.58 -50.72
N ASP I 68 19.21 -59.72 -49.89
CA ASP I 68 18.64 -59.45 -48.57
C ASP I 68 17.48 -58.47 -48.67
N LEU I 69 17.71 -57.30 -49.28
CA LEU I 69 16.71 -56.25 -49.40
C LEU I 69 15.83 -56.40 -50.64
N ARG I 70 15.78 -57.58 -51.25
CA ARG I 70 14.81 -57.84 -52.30
C ARG I 70 13.50 -58.43 -51.78
N ALA I 71 13.46 -58.88 -50.52
CA ALA I 71 12.26 -59.49 -49.96
C ALA I 71 12.02 -59.09 -48.51
N LEU I 72 12.38 -57.86 -48.13
CA LEU I 72 12.30 -57.45 -46.73
C LEU I 72 11.37 -56.26 -46.49
N LEU I 73 11.35 -55.31 -47.42
CA LEU I 73 10.63 -54.06 -47.24
C LEU I 73 9.25 -54.05 -47.89
N ALA I 74 8.55 -55.17 -47.91
CA ALA I 74 7.22 -55.27 -48.50
C ALA I 74 6.29 -56.11 -47.62
N ARG I 75 6.38 -55.94 -46.31
CA ARG I 75 5.60 -56.72 -45.35
C ARG I 75 5.04 -55.80 -44.29
N PRO I 76 4.22 -56.34 -43.38
CA PRO I 76 3.61 -55.50 -42.34
C PRO I 76 4.44 -55.38 -41.07
N TRP I 77 5.73 -55.75 -41.15
CA TRP I 77 6.62 -55.57 -40.00
C TRP I 77 6.81 -54.10 -39.66
N LEU I 78 6.86 -53.23 -40.67
CA LEU I 78 6.81 -51.79 -40.48
C LEU I 78 5.46 -51.22 -40.89
N GLU I 79 4.40 -51.98 -40.62
CA GLU I 79 3.05 -51.65 -41.07
C GLU I 79 2.41 -50.59 -40.17
N GLY I 80 1.15 -50.30 -40.45
CA GLY I 80 0.45 -49.18 -39.85
C GLY I 80 0.62 -47.88 -40.59
N LEU I 81 1.48 -47.85 -41.61
CA LEU I 81 1.81 -46.63 -42.35
C LEU I 81 1.86 -46.92 -43.84
N ARG I 82 0.86 -47.63 -44.36
CA ARG I 82 0.75 -47.90 -45.79
C ARG I 82 -0.44 -47.20 -46.44
N ASP I 83 -1.16 -46.37 -45.70
CA ASP I 83 -2.27 -45.62 -46.25
C ASP I 83 -1.96 -44.14 -46.47
N HIS I 84 -1.24 -43.53 -45.53
CA HIS I 84 -0.78 -42.15 -45.66
C HIS I 84 0.73 -42.07 -45.88
N LEU I 85 1.29 -42.98 -46.67
CA LEU I 85 2.71 -43.09 -46.89
C LEU I 85 2.94 -43.98 -48.11
N GLN I 86 4.19 -44.39 -48.32
CA GLN I 86 4.51 -45.27 -49.43
C GLN I 86 5.93 -45.81 -49.25
N PHE I 87 6.11 -47.08 -49.59
CA PHE I 87 7.43 -47.70 -49.62
C PHE I 87 8.04 -47.54 -51.01
N GLY I 88 9.30 -47.93 -51.12
CA GLY I 88 10.06 -47.79 -52.35
C GLY I 88 9.72 -48.84 -53.39
N GLU I 89 10.72 -49.19 -54.20
CA GLU I 89 10.53 -50.15 -55.28
C GLU I 89 11.87 -50.84 -55.53
N PRO I 90 11.88 -51.90 -56.33
CA PRO I 90 13.12 -52.63 -56.58
C PRO I 90 13.97 -51.90 -57.61
N ALA I 91 15.13 -51.41 -57.16
CA ALA I 91 16.07 -50.74 -58.05
C ALA I 91 17.48 -51.19 -57.69
N VAL I 92 18.40 -50.95 -58.60
CA VAL I 92 19.81 -51.34 -58.43
C VAL I 92 20.53 -50.30 -57.59
N VAL I 93 21.72 -50.63 -57.11
CA VAL I 93 22.55 -49.70 -56.35
C VAL I 93 23.38 -48.88 -57.32
N PRO I 94 24.15 -47.92 -56.85
CA PRO I 94 25.00 -47.14 -57.76
C PRO I 94 26.33 -47.83 -58.00
N HIS I 95 27.00 -47.38 -59.07
CA HIS I 95 28.33 -47.92 -59.37
C HIS I 95 29.35 -47.52 -58.31
N PRO I 96 29.44 -46.25 -57.90
CA PRO I 96 30.23 -45.93 -56.70
C PRO I 96 29.37 -46.02 -55.46
N THR I 97 29.79 -46.80 -54.48
CA THR I 97 29.01 -46.95 -53.26
C THR I 97 29.42 -45.89 -52.24
N PRO I 98 28.46 -45.17 -51.65
CA PRO I 98 28.80 -44.26 -50.55
C PRO I 98 29.01 -45.06 -49.27
N TYR I 99 30.27 -45.24 -48.89
CA TYR I 99 30.65 -46.13 -47.80
C TYR I 99 30.59 -45.37 -46.47
N ARG I 100 29.41 -45.43 -45.84
CA ARG I 100 29.15 -44.82 -44.55
C ARG I 100 27.78 -45.24 -44.07
N GLN I 101 27.57 -45.19 -42.75
CA GLN I 101 26.30 -45.59 -42.16
C GLN I 101 26.23 -45.24 -40.68
N VAL I 102 25.05 -44.83 -40.23
CA VAL I 102 24.85 -44.35 -38.85
C VAL I 102 24.11 -45.44 -38.06
N SER I 103 24.55 -45.64 -36.83
CA SER I 103 23.95 -46.64 -35.95
C SER I 103 23.73 -46.00 -34.58
N ARG I 104 23.42 -46.83 -33.58
CA ARG I 104 23.15 -46.34 -32.24
C ARG I 104 24.41 -45.84 -31.54
N VAL I 105 24.62 -44.53 -31.54
CA VAL I 105 25.74 -43.88 -30.88
C VAL I 105 25.18 -42.83 -29.93
N GLN I 106 25.68 -42.83 -28.70
CA GLN I 106 25.22 -41.91 -27.67
C GLN I 106 26.15 -42.05 -26.46
N ALA I 107 25.81 -41.38 -25.36
CA ALA I 107 26.60 -41.46 -24.15
C ALA I 107 25.69 -41.40 -22.93
N LYS I 108 26.29 -41.61 -21.76
CA LYS I 108 25.62 -41.46 -20.47
C LYS I 108 26.59 -40.71 -19.56
N SER I 109 26.19 -39.54 -19.10
CA SER I 109 27.06 -38.72 -18.26
C SER I 109 26.30 -38.13 -17.08
N ASN I 110 25.49 -38.94 -16.42
CA ASN I 110 24.65 -38.51 -15.31
C ASN I 110 25.04 -39.20 -14.01
N PRO I 111 24.44 -38.79 -12.88
CA PRO I 111 24.80 -39.40 -11.59
C PRO I 111 23.89 -40.55 -11.19
N GLU I 112 23.07 -41.04 -12.11
CA GLU I 112 22.13 -42.12 -11.83
C GLU I 112 22.55 -43.46 -12.44
N ARG I 113 23.36 -43.43 -13.51
CA ARG I 113 23.90 -44.67 -14.06
C ARG I 113 25.30 -44.93 -13.52
N LEU I 114 26.23 -44.01 -13.80
CA LEU I 114 27.58 -44.15 -13.25
C LEU I 114 27.60 -43.92 -11.74
N ARG I 115 26.97 -42.83 -11.28
CA ARG I 115 26.84 -42.62 -9.84
C ARG I 115 25.91 -43.64 -9.21
N ARG I 116 25.02 -44.23 -10.00
CA ARG I 116 24.20 -45.34 -9.50
C ARG I 116 25.06 -46.57 -9.21
N ARG I 117 26.00 -46.89 -10.09
CA ARG I 117 26.94 -47.98 -9.80
C ARG I 117 27.88 -47.62 -8.67
N LEU I 118 28.32 -46.37 -8.61
CA LEU I 118 29.21 -45.92 -7.55
C LEU I 118 28.51 -45.71 -6.21
N MET I 119 27.18 -45.81 -6.17
CA MET I 119 26.44 -45.83 -4.92
C MET I 119 25.85 -47.20 -4.59
N ARG I 120 25.73 -48.09 -5.57
CA ARG I 120 25.31 -49.47 -5.33
C ARG I 120 26.50 -50.42 -5.17
N ARG I 121 27.72 -49.93 -5.34
CA ARG I 121 28.91 -50.69 -4.98
C ARG I 121 29.76 -49.96 -3.95
N HIS I 122 30.04 -48.68 -4.16
CA HIS I 122 30.84 -47.90 -3.22
C HIS I 122 30.06 -47.56 -1.97
N ASP I 123 28.78 -47.25 -2.13
CA ASP I 123 27.81 -47.09 -1.04
C ASP I 123 27.98 -45.81 -0.24
N LEU I 124 28.82 -44.88 -0.69
CA LEU I 124 29.08 -43.66 0.05
C LEU I 124 28.02 -42.61 -0.27
N SER I 125 28.23 -41.39 0.22
CA SER I 125 27.33 -40.28 -0.04
C SER I 125 27.69 -39.61 -1.36
N GLU I 126 27.16 -38.40 -1.59
CA GLU I 126 27.41 -37.66 -2.81
C GLU I 126 28.74 -36.93 -2.83
N GLU I 127 29.56 -37.05 -1.79
CA GLU I 127 30.84 -36.34 -1.73
C GLU I 127 31.85 -36.93 -2.69
N GLU I 128 32.09 -38.25 -2.60
CA GLU I 128 33.06 -38.89 -3.48
C GLU I 128 32.54 -38.97 -4.91
N ALA I 129 31.23 -39.17 -5.06
CA ALA I 129 30.63 -39.21 -6.39
C ALA I 129 30.47 -37.83 -7.00
N ARG I 130 30.62 -36.76 -6.21
CA ARG I 130 30.67 -35.42 -6.76
C ARG I 130 32.09 -35.00 -7.07
N LYS I 131 33.06 -35.50 -6.29
CA LYS I 131 34.46 -35.21 -6.56
C LYS I 131 35.01 -36.04 -7.71
N ARG I 132 34.41 -37.20 -8.00
CA ARG I 132 34.82 -38.03 -9.13
C ARG I 132 33.86 -37.95 -10.31
N ILE I 133 32.98 -36.96 -10.33
CA ILE I 133 32.05 -36.76 -11.45
C ILE I 133 31.93 -35.26 -11.67
N PRO I 134 32.74 -34.67 -12.56
CA PRO I 134 32.69 -33.22 -12.77
C PRO I 134 31.57 -32.85 -13.75
N ASP I 135 31.51 -31.56 -14.08
CA ASP I 135 30.54 -31.03 -15.02
C ASP I 135 31.14 -30.78 -16.40
N THR I 136 32.35 -31.27 -16.66
CA THR I 136 33.04 -31.07 -17.93
C THR I 136 33.56 -32.39 -18.47
N VAL I 137 32.75 -33.44 -18.40
CA VAL I 137 33.10 -34.73 -18.98
C VAL I 137 31.97 -35.21 -19.87
N ALA I 138 30.75 -34.73 -19.59
CA ALA I 138 29.60 -35.05 -20.42
C ALA I 138 28.38 -34.27 -19.93
N ARG I 139 27.47 -34.00 -20.84
CA ARG I 139 26.24 -33.27 -20.54
C ARG I 139 25.12 -33.91 -21.36
N ALA I 140 23.99 -33.20 -21.45
CA ALA I 140 22.91 -33.63 -22.31
C ALA I 140 23.35 -33.57 -23.78
N LEU I 141 22.86 -34.51 -24.57
CA LEU I 141 23.32 -34.68 -25.94
C LEU I 141 22.19 -34.40 -26.92
N ASP I 142 22.55 -34.19 -28.19
CA ASP I 142 21.57 -33.98 -29.26
C ASP I 142 21.97 -34.81 -30.47
N LEU I 143 21.46 -36.04 -30.50
CA LEU I 143 21.81 -37.03 -31.50
C LEU I 143 20.92 -36.84 -32.71
N PRO I 144 21.08 -37.68 -33.74
CA PRO I 144 20.24 -37.60 -34.94
C PRO I 144 18.97 -38.43 -34.79
N PHE I 145 18.25 -38.22 -33.70
CA PHE I 145 17.01 -38.93 -33.41
C PHE I 145 16.15 -38.01 -32.55
N VAL I 146 15.04 -38.55 -32.06
CA VAL I 146 14.05 -37.80 -31.31
C VAL I 146 13.65 -38.60 -30.07
N THR I 147 12.68 -38.05 -29.34
CA THR I 147 12.13 -38.70 -28.15
C THR I 147 11.38 -39.96 -28.60
N LEU I 148 11.70 -41.09 -27.97
CA LEU I 148 11.08 -42.36 -28.31
C LEU I 148 10.04 -42.74 -27.26
N ARG I 149 9.04 -43.50 -27.70
CA ARG I 149 7.96 -43.95 -26.83
C ARG I 149 8.47 -45.11 -25.98
N SER I 150 9.17 -44.79 -24.89
CA SER I 150 9.63 -45.78 -23.93
C SER I 150 9.31 -45.24 -22.55
N GLN I 151 8.40 -45.91 -21.84
CA GLN I 151 7.84 -45.35 -20.61
C GLN I 151 8.71 -45.59 -19.38
N SER I 152 10.00 -45.25 -19.47
CA SER I 152 10.86 -45.17 -18.30
C SER I 152 11.10 -43.73 -17.87
N THR I 153 10.76 -42.78 -18.73
CA THR I 153 10.78 -41.36 -18.44
C THR I 153 9.69 -40.72 -19.28
N GLY I 154 8.95 -39.78 -18.70
CA GLY I 154 7.72 -39.31 -19.32
C GLY I 154 7.95 -38.43 -20.54
N GLN I 155 8.60 -37.28 -20.36
CA GLN I 155 8.87 -36.39 -21.47
C GLN I 155 9.94 -36.98 -22.38
N HIS I 156 9.89 -36.59 -23.66
CA HIS I 156 10.84 -37.10 -24.64
C HIS I 156 12.25 -36.58 -24.35
N PHE I 157 13.24 -37.31 -24.84
CA PHE I 157 14.63 -37.00 -24.56
C PHE I 157 15.44 -37.11 -25.85
N ARG I 158 16.75 -37.10 -25.72
CA ARG I 158 17.64 -37.16 -26.87
C ARG I 158 17.57 -38.54 -27.54
N LEU I 159 17.64 -38.53 -28.87
CA LEU I 159 17.61 -39.75 -29.65
C LEU I 159 19.00 -40.36 -29.73
N PHE I 160 19.12 -41.43 -30.51
CA PHE I 160 20.37 -42.18 -30.65
C PHE I 160 20.77 -42.10 -32.12
N ILE I 161 21.71 -41.20 -32.42
CA ILE I 161 22.18 -41.03 -33.79
C ILE I 161 23.58 -40.41 -33.77
N ARG I 162 24.49 -40.99 -34.53
CA ARG I 162 25.86 -40.50 -34.61
C ARG I 162 26.53 -41.14 -35.83
N HIS I 163 27.15 -40.32 -36.66
CA HIS I 163 27.77 -40.78 -37.91
C HIS I 163 29.12 -41.43 -37.62
N GLY I 164 29.88 -41.70 -38.67
CA GLY I 164 31.17 -42.33 -38.53
C GLY I 164 32.15 -41.89 -39.60
N PRO I 165 32.87 -42.86 -40.18
CA PRO I 165 33.80 -42.54 -41.27
C PRO I 165 33.06 -42.53 -42.60
N LEU I 166 33.13 -41.40 -43.31
CA LEU I 166 32.48 -41.27 -44.61
C LEU I 166 33.52 -41.57 -45.69
N GLN I 167 33.37 -42.74 -46.29
CA GLN I 167 34.28 -43.22 -47.32
C GLN I 167 33.58 -43.26 -48.68
N VAL I 168 34.27 -43.81 -49.68
CA VAL I 168 33.70 -44.04 -50.99
C VAL I 168 34.02 -45.47 -51.40
N THR I 169 34.89 -46.13 -50.63
CA THR I 169 35.33 -47.48 -50.95
C THR I 169 34.26 -48.50 -50.56
N ALA I 170 34.48 -49.75 -50.98
CA ALA I 170 33.56 -50.82 -50.65
C ALA I 170 33.91 -51.41 -49.29
N GLU I 171 32.88 -51.78 -48.53
CA GLU I 171 33.04 -52.36 -47.19
C GLU I 171 32.59 -53.81 -47.28
N GLU I 172 33.54 -54.73 -47.43
CA GLU I 172 33.25 -56.16 -47.54
C GLU I 172 33.34 -56.80 -46.16
N GLY I 173 32.62 -56.21 -45.21
CA GLY I 173 32.46 -56.78 -43.89
C GLY I 173 31.01 -56.97 -43.55
N GLY I 174 30.57 -58.22 -43.41
CA GLY I 174 29.15 -58.49 -43.19
C GLY I 174 28.71 -58.06 -41.82
N PHE I 175 27.69 -57.21 -41.77
CA PHE I 175 27.29 -56.54 -40.54
C PHE I 175 26.59 -57.51 -39.59
N THR I 176 26.22 -57.00 -38.42
CA THR I 176 25.55 -57.78 -37.39
C THR I 176 24.04 -57.75 -37.60
N CYS I 177 23.30 -58.16 -36.58
CA CYS I 177 21.84 -58.19 -36.62
C CYS I 177 21.21 -56.86 -36.24
N TYR I 178 21.91 -55.74 -36.39
CA TYR I 178 21.36 -54.43 -36.12
C TYR I 178 21.31 -53.54 -37.36
N GLY I 179 21.98 -53.92 -38.44
CA GLY I 179 22.07 -53.07 -39.60
C GLY I 179 23.00 -51.88 -39.45
N LEU I 180 23.83 -51.87 -38.40
CA LEU I 180 24.74 -50.78 -38.13
C LEU I 180 26.09 -51.04 -38.81
N SER I 181 27.10 -50.26 -38.43
CA SER I 181 28.45 -50.40 -38.96
C SER I 181 29.38 -50.76 -37.81
N LYS I 182 30.31 -51.69 -38.09
CA LYS I 182 31.33 -52.09 -37.12
C LYS I 182 32.73 -51.64 -37.52
N GLY I 183 32.87 -50.92 -38.63
CA GLY I 183 34.17 -50.50 -39.11
C GLY I 183 34.28 -50.46 -40.62
N GLY I 184 33.37 -51.14 -41.31
CA GLY I 184 33.32 -51.15 -42.76
C GLY I 184 32.26 -50.24 -43.31
N PHE I 185 31.90 -50.48 -44.56
CA PHE I 185 30.92 -49.65 -45.27
C PHE I 185 29.59 -50.37 -45.41
N VAL I 186 28.51 -49.60 -45.27
CA VAL I 186 27.15 -50.10 -45.48
C VAL I 186 26.47 -49.19 -46.51
N PRO I 187 25.24 -49.49 -46.95
CA PRO I 187 24.57 -48.61 -47.92
C PRO I 187 23.96 -47.38 -47.26
N TRP I 188 24.61 -46.22 -47.42
CA TRP I 188 24.19 -44.98 -46.77
C TRP I 188 24.80 -43.80 -47.53
N PHE I 189 23.94 -43.03 -48.19
CA PHE I 189 24.36 -41.84 -48.93
C PHE I 189 23.58 -40.63 -48.43
#